data_3ZBE
#
_entry.id   3ZBE
#
_cell.length_a   1.000
_cell.length_b   1.000
_cell.length_c   1.000
_cell.angle_alpha   90.00
_cell.angle_beta   90.00
_cell.angle_gamma   90.00
#
_symmetry.space_group_name_H-M   'P 1'
#
_entity_poly.entity_id   1
_entity_poly.type   'polypeptide(L)'
_entity_poly.pdbx_seq_one_letter_code
;MDYKDDDDKNRALSPMVSEFETIEQENSYNEWLRAKVATSLADPRPAIPHDEVERRMAERFAKMRKERSKQ
;
_entity_poly.pdbx_strand_id   A
#
# COMPACT_ATOMS: atom_id res chain seq x y z
N MET A 1 16.48 3.56 21.06
CA MET A 1 17.06 3.61 19.71
C MET A 1 16.36 2.58 18.80
N ASP A 2 15.31 3.02 18.12
CA ASP A 2 14.57 2.14 17.22
C ASP A 2 13.58 2.95 16.39
N TYR A 3 13.32 2.51 15.17
CA TYR A 3 12.42 3.22 14.26
C TYR A 3 11.67 2.23 13.36
N LYS A 4 10.86 2.77 12.45
CA LYS A 4 10.15 1.98 11.44
C LYS A 4 9.13 1.04 12.09
N ASP A 5 8.28 1.57 12.95
CA ASP A 5 7.28 0.74 13.63
C ASP A 5 6.13 1.57 14.19
N ASP A 6 6.26 2.90 14.20
CA ASP A 6 5.23 3.77 14.76
C ASP A 6 3.90 3.52 14.07
N ASP A 7 3.82 3.87 12.79
CA ASP A 7 2.64 3.59 11.99
C ASP A 7 3.03 2.79 10.77
N ASP A 8 3.44 1.55 10.98
CA ASP A 8 3.86 0.70 9.87
C ASP A 8 2.63 0.15 9.14
N LYS A 9 1.70 -0.41 9.89
CA LYS A 9 0.44 -0.86 9.30
C LYS A 9 -0.50 0.33 9.14
N ASN A 10 -0.33 1.31 10.02
CA ASN A 10 -0.97 2.62 9.90
C ASN A 10 -2.49 2.52 9.73
N ARG A 11 -3.19 2.41 10.86
CA ARG A 11 -4.65 2.37 10.87
C ARG A 11 -5.19 1.24 10.01
N ALA A 12 -4.72 0.04 10.27
CA ALA A 12 -5.14 -1.14 9.53
C ALA A 12 -6.43 -1.72 10.09
N LEU A 13 -7.41 -0.85 10.31
CA LEU A 13 -8.73 -1.27 10.80
C LEU A 13 -9.52 -1.85 9.63
N SER A 14 -9.17 -3.07 9.25
CA SER A 14 -9.72 -3.72 8.07
C SER A 14 -9.34 -2.90 6.83
N PRO A 15 -8.09 -3.03 6.37
CA PRO A 15 -7.57 -2.27 5.22
C PRO A 15 -8.13 -2.78 3.90
N MET A 16 -9.46 -2.69 3.76
CA MET A 16 -10.18 -3.15 2.57
C MET A 16 -10.23 -4.68 2.53
N VAL A 17 -11.37 -5.20 2.09
CA VAL A 17 -11.56 -6.64 1.99
C VAL A 17 -10.51 -7.27 1.08
N SER A 18 -9.83 -8.27 1.60
CA SER A 18 -8.76 -8.94 0.90
C SER A 18 -8.34 -10.18 1.71
N GLU A 19 -7.16 -10.72 1.42
CA GLU A 19 -6.63 -11.83 2.19
C GLU A 19 -6.33 -11.39 3.62
N PHE A 20 -7.25 -11.66 4.53
CA PHE A 20 -7.14 -11.21 5.91
C PHE A 20 -6.07 -11.97 6.68
N GLU A 21 -5.53 -13.01 6.06
CA GLU A 21 -4.48 -13.80 6.69
C GLU A 21 -3.13 -13.09 6.64
N THR A 22 -3.00 -12.13 5.74
CA THR A 22 -1.73 -11.45 5.57
C THR A 22 -1.92 -9.95 5.33
N ILE A 23 -1.54 -9.17 6.33
CA ILE A 23 -1.56 -7.72 6.22
C ILE A 23 -0.26 -7.24 5.58
N GLU A 24 0.83 -7.91 5.95
CA GLU A 24 2.17 -7.53 5.48
C GLU A 24 2.26 -7.55 3.96
N GLN A 25 1.76 -8.61 3.33
CA GLN A 25 1.80 -8.70 1.88
C GLN A 25 0.97 -7.60 1.24
N GLU A 26 -0.23 -7.38 1.76
CA GLU A 26 -1.11 -6.34 1.24
C GLU A 26 -0.46 -4.97 1.39
N ASN A 27 0.18 -4.75 2.54
CA ASN A 27 0.92 -3.51 2.77
C ASN A 27 2.02 -3.36 1.74
N SER A 28 2.76 -4.44 1.49
CA SER A 28 3.86 -4.43 0.54
C SER A 28 3.35 -4.05 -0.86
N TYR A 29 2.21 -4.62 -1.24
CA TYR A 29 1.61 -4.33 -2.53
C TYR A 29 1.16 -2.87 -2.61
N ASN A 30 0.57 -2.38 -1.52
CA ASN A 30 0.07 -1.01 -1.49
C ASN A 30 1.21 -0.01 -1.49
N GLU A 31 2.18 -0.22 -0.60
CA GLU A 31 3.33 0.70 -0.49
C GLU A 31 4.07 0.83 -1.81
N TRP A 32 4.35 -0.30 -2.44
CA TRP A 32 5.09 -0.31 -3.69
C TRP A 32 4.27 0.30 -4.82
N LEU A 33 2.99 -0.06 -4.88
CA LEU A 33 2.13 0.42 -5.96
C LEU A 33 1.90 1.91 -5.84
N ARG A 34 1.61 2.38 -4.63
CA ARG A 34 1.34 3.79 -4.39
C ARG A 34 2.57 4.64 -4.71
N ALA A 35 3.76 4.09 -4.47
CA ALA A 35 5.00 4.79 -4.76
C ALA A 35 5.24 4.85 -6.26
N LYS A 36 4.98 3.74 -6.92
CA LYS A 36 5.23 3.62 -8.36
C LYS A 36 4.16 4.35 -9.16
N VAL A 37 2.92 4.30 -8.70
CA VAL A 37 1.80 4.94 -9.39
C VAL A 37 1.89 6.46 -9.26
N ALA A 38 2.79 6.93 -8.40
CA ALA A 38 3.03 8.36 -8.26
C ALA A 38 3.82 8.86 -9.47
N THR A 39 4.49 7.93 -10.14
CA THR A 39 5.21 8.24 -11.37
C THR A 39 4.28 8.04 -12.56
N SER A 40 3.21 7.28 -12.36
CA SER A 40 2.24 6.99 -13.41
C SER A 40 1.41 8.22 -13.74
N LEU A 41 1.30 8.53 -15.04
CA LEU A 41 0.51 9.66 -15.52
C LEU A 41 1.05 10.99 -15.01
N ALA A 42 2.32 10.99 -14.63
CA ALA A 42 2.96 12.19 -14.12
C ALA A 42 4.42 12.22 -14.54
N ASP A 43 4.88 13.38 -14.99
CA ASP A 43 6.28 13.54 -15.35
C ASP A 43 6.86 14.77 -14.65
N PRO A 44 7.06 14.67 -13.32
CA PRO A 44 7.63 15.74 -12.53
C PRO A 44 9.16 15.64 -12.44
N ARG A 45 9.64 14.60 -11.75
CA ARG A 45 11.07 14.34 -11.64
C ARG A 45 11.36 12.85 -11.79
N PRO A 46 11.15 12.28 -12.98
CA PRO A 46 11.47 10.87 -13.23
C PRO A 46 12.97 10.65 -13.29
N ALA A 47 13.52 10.07 -12.22
CA ALA A 47 14.95 9.86 -12.12
C ALA A 47 15.43 8.76 -13.04
N ILE A 48 15.51 9.09 -14.32
CA ILE A 48 16.04 8.18 -15.33
C ILE A 48 17.44 8.63 -15.73
N PRO A 49 18.46 8.01 -15.15
CA PRO A 49 19.85 8.41 -15.37
C PRO A 49 20.45 7.75 -16.62
N HIS A 50 20.84 8.55 -17.61
CA HIS A 50 21.49 8.00 -18.79
C HIS A 50 23.02 8.04 -18.68
N ASP A 51 23.61 9.24 -18.75
CA ASP A 51 25.08 9.35 -18.79
C ASP A 51 25.67 9.77 -17.46
N GLU A 52 25.43 11.01 -17.08
CA GLU A 52 26.10 11.61 -15.94
C GLU A 52 25.39 11.31 -14.65
N VAL A 53 24.08 11.18 -14.72
CA VAL A 53 23.31 10.86 -13.54
C VAL A 53 23.50 9.39 -13.18
N GLU A 54 23.65 8.55 -14.20
CA GLU A 54 23.82 7.11 -13.98
C GLU A 54 25.15 6.83 -13.31
N ARG A 55 26.18 7.54 -13.73
CA ARG A 55 27.50 7.37 -13.14
C ARG A 55 27.50 7.85 -11.69
N ARG A 56 26.55 8.73 -11.36
CA ARG A 56 26.39 9.21 -9.99
C ARG A 56 25.66 8.16 -9.16
N MET A 57 24.61 7.58 -9.74
CA MET A 57 23.89 6.48 -9.11
C MET A 57 24.80 5.26 -8.95
N ALA A 58 25.69 5.08 -9.93
CA ALA A 58 26.67 4.01 -9.91
C ALA A 58 27.55 4.11 -8.68
N GLU A 59 27.85 5.34 -8.26
CA GLU A 59 28.65 5.58 -7.06
C GLU A 59 27.95 4.99 -5.85
N ARG A 60 26.64 5.17 -5.80
CA ARG A 60 25.83 4.65 -4.70
C ARG A 60 25.84 3.13 -4.70
N PHE A 61 25.61 2.54 -5.86
CA PHE A 61 25.59 1.08 -5.99
C PHE A 61 26.97 0.49 -5.67
N ALA A 62 28.01 1.24 -6.02
CA ALA A 62 29.37 0.81 -5.76
C ALA A 62 29.65 0.67 -4.27
N LYS A 63 29.30 1.69 -3.49
CA LYS A 63 29.53 1.66 -2.06
C LYS A 63 28.49 0.78 -1.35
N MET A 64 27.40 0.51 -2.06
CA MET A 64 26.36 -0.38 -1.55
C MET A 64 26.77 -1.83 -1.73
N ARG A 65 27.76 -2.04 -2.59
CA ARG A 65 28.30 -3.36 -2.85
C ARG A 65 29.02 -3.87 -1.61
N LYS A 66 29.58 -2.94 -0.84
CA LYS A 66 30.26 -3.27 0.41
C LYS A 66 29.30 -3.11 1.57
N GLU A 67 29.15 -4.18 2.37
CA GLU A 67 28.28 -4.19 3.54
C GLU A 67 26.81 -4.04 3.15
N ARG A 68 26.08 -5.14 3.21
CA ARG A 68 24.67 -5.13 2.85
C ARG A 68 23.80 -4.65 4.01
N SER A 69 23.83 -5.39 5.10
CA SER A 69 23.01 -5.05 6.26
C SER A 69 23.60 -5.66 7.54
N LYS A 70 24.48 -4.92 8.20
CA LYS A 70 25.08 -5.39 9.43
C LYS A 70 24.15 -5.09 10.60
N GLN A 71 23.17 -5.95 10.79
CA GLN A 71 22.21 -5.79 11.87
C GLN A 71 21.79 -7.16 12.40
N MET A 1 -32.81 3.17 20.03
CA MET A 1 -32.30 2.12 20.95
C MET A 1 -31.07 1.44 20.36
N ASP A 2 -29.99 2.20 20.25
CA ASP A 2 -28.73 1.66 19.75
C ASP A 2 -27.84 1.29 20.93
N TYR A 3 -26.97 0.31 20.73
CA TYR A 3 -26.10 -0.17 21.78
C TYR A 3 -24.68 -0.35 21.26
N LYS A 4 -24.00 0.78 21.06
CA LYS A 4 -22.62 0.82 20.59
C LYS A 4 -22.50 0.41 19.12
N ASP A 5 -21.52 0.99 18.43
CA ASP A 5 -21.30 0.70 17.02
C ASP A 5 -20.53 -0.61 16.87
N ASP A 6 -21.28 -1.69 16.76
CA ASP A 6 -20.70 -3.01 16.53
C ASP A 6 -20.58 -3.28 15.04
N ASP A 7 -21.74 -3.25 14.38
CA ASP A 7 -21.83 -3.50 12.94
C ASP A 7 -21.30 -4.89 12.60
N ASP A 8 -22.20 -5.86 12.58
CA ASP A 8 -21.86 -7.27 12.41
C ASP A 8 -21.06 -7.53 11.13
N LYS A 9 -21.33 -6.76 10.09
CA LYS A 9 -20.72 -7.00 8.78
C LYS A 9 -19.24 -6.61 8.73
N ASN A 10 -18.69 -6.15 9.86
CA ASN A 10 -17.28 -5.84 9.94
C ASN A 10 -16.45 -7.10 9.67
N ARG A 11 -15.30 -6.94 9.04
CA ARG A 11 -14.52 -8.08 8.58
C ARG A 11 -13.69 -8.70 9.70
N ALA A 12 -14.36 -9.40 10.62
CA ALA A 12 -13.69 -10.15 11.67
C ALA A 12 -14.24 -11.56 11.76
N LEU A 13 -14.87 -12.00 10.67
CA LEU A 13 -15.52 -13.30 10.65
C LEU A 13 -14.53 -14.39 10.25
N SER A 14 -13.76 -14.85 11.22
CA SER A 14 -12.82 -15.95 10.99
C SER A 14 -12.84 -16.93 12.17
N PRO A 15 -13.99 -17.56 12.45
CA PRO A 15 -14.14 -18.49 13.56
C PRO A 15 -13.60 -19.88 13.23
N MET A 16 -14.33 -20.62 12.40
CA MET A 16 -13.90 -21.96 12.00
C MET A 16 -13.10 -21.88 10.72
N VAL A 17 -13.52 -21.00 9.83
CA VAL A 17 -12.79 -20.77 8.59
C VAL A 17 -11.59 -19.87 8.85
N SER A 18 -10.44 -20.28 8.33
CA SER A 18 -9.22 -19.52 8.48
C SER A 18 -8.52 -19.41 7.14
N GLU A 19 -9.08 -18.59 6.27
CA GLU A 19 -8.53 -18.37 4.95
C GLU A 19 -7.41 -17.35 5.01
N PHE A 20 -6.49 -17.42 4.06
CA PHE A 20 -5.39 -16.48 3.99
C PHE A 20 -5.73 -15.35 3.04
N GLU A 21 -6.85 -14.71 3.28
CA GLU A 21 -7.30 -13.58 2.49
C GLU A 21 -6.50 -12.33 2.86
N THR A 22 -6.09 -12.27 4.11
CA THR A 22 -5.28 -11.17 4.60
C THR A 22 -3.81 -11.39 4.24
N ILE A 23 -3.40 -10.81 3.13
CA ILE A 23 -2.03 -10.95 2.65
C ILE A 23 -1.18 -9.79 3.15
N GLU A 24 -0.21 -10.09 3.99
CA GLU A 24 0.67 -9.08 4.56
C GLU A 24 1.53 -8.45 3.47
N GLN A 25 1.89 -9.25 2.47
CA GLN A 25 2.64 -8.77 1.32
C GLN A 25 1.85 -7.72 0.56
N GLU A 26 0.53 -7.83 0.63
CA GLU A 26 -0.36 -6.87 -0.02
C GLU A 26 -0.49 -5.60 0.81
N ASN A 27 -0.63 -5.78 2.12
CA ASN A 27 -0.74 -4.66 3.05
C ASN A 27 0.47 -3.74 2.92
N SER A 28 1.65 -4.34 2.87
CA SER A 28 2.89 -3.57 2.78
C SER A 28 3.17 -3.15 1.34
N TYR A 29 2.44 -3.74 0.39
CA TYR A 29 2.67 -3.48 -1.03
C TYR A 29 2.16 -2.09 -1.41
N ASN A 30 1.32 -1.51 -0.56
CA ASN A 30 0.81 -0.16 -0.79
C ASN A 30 1.95 0.82 -0.98
N GLU A 31 3.07 0.56 -0.32
CA GLU A 31 4.25 1.41 -0.45
C GLU A 31 4.82 1.34 -1.87
N TRP A 32 4.73 0.17 -2.48
CA TRP A 32 5.18 0.01 -3.86
C TRP A 32 4.17 0.62 -4.82
N LEU A 33 2.90 0.58 -4.44
CA LEU A 33 1.84 1.19 -5.22
C LEU A 33 2.03 2.71 -5.26
N ARG A 34 2.48 3.26 -4.15
CA ARG A 34 2.76 4.69 -4.05
C ARG A 34 3.88 5.08 -5.00
N ALA A 35 4.85 4.19 -5.16
CA ALA A 35 5.99 4.45 -6.03
C ALA A 35 5.65 4.21 -7.49
N LYS A 36 4.60 3.43 -7.72
CA LYS A 36 4.19 3.04 -9.07
C LYS A 36 3.59 4.22 -9.83
N VAL A 37 3.26 5.28 -9.12
CA VAL A 37 2.66 6.47 -9.74
C VAL A 37 3.57 7.02 -10.84
N ALA A 38 4.89 7.00 -10.59
CA ALA A 38 5.86 7.50 -11.56
C ALA A 38 7.30 7.33 -11.06
N THR A 39 7.45 6.73 -9.87
CA THR A 39 8.75 6.62 -9.21
C THR A 39 9.34 8.02 -8.98
N SER A 40 8.44 8.99 -8.85
CA SER A 40 8.81 10.39 -8.67
C SER A 40 7.57 11.17 -8.27
N LEU A 41 7.76 12.27 -7.57
CA LEU A 41 6.64 13.05 -7.06
C LEU A 41 6.42 14.30 -7.91
N ALA A 42 5.23 14.37 -8.52
CA ALA A 42 4.82 15.53 -9.30
C ALA A 42 5.81 15.86 -10.40
N ASP A 43 5.98 14.95 -11.35
CA ASP A 43 6.82 15.19 -12.50
C ASP A 43 6.17 16.20 -13.43
N PRO A 44 6.87 17.33 -13.69
CA PRO A 44 6.35 18.40 -14.55
C PRO A 44 6.01 17.91 -15.94
N ARG A 45 6.81 16.95 -16.43
CA ARG A 45 6.59 16.34 -17.75
C ARG A 45 6.37 17.40 -18.83
N PRO A 46 7.46 18.02 -19.32
CA PRO A 46 7.37 19.03 -20.37
C PRO A 46 6.70 18.50 -21.64
N ALA A 47 5.69 19.22 -22.11
CA ALA A 47 4.95 18.82 -23.29
C ALA A 47 5.83 18.85 -24.52
N ILE A 48 5.78 17.78 -25.31
CA ILE A 48 6.58 17.66 -26.50
C ILE A 48 5.80 18.09 -27.73
N PRO A 49 6.48 18.72 -28.69
CA PRO A 49 5.86 19.13 -29.96
C PRO A 49 5.40 17.93 -30.78
N HIS A 50 4.46 18.18 -31.68
CA HIS A 50 3.80 17.12 -32.43
C HIS A 50 4.77 16.41 -33.37
N ASP A 51 5.91 17.05 -33.63
CA ASP A 51 6.96 16.43 -34.43
C ASP A 51 7.55 15.23 -33.71
N GLU A 52 7.69 15.35 -32.39
CA GLU A 52 8.21 14.27 -31.57
C GLU A 52 7.21 13.13 -31.51
N VAL A 53 5.95 13.49 -31.34
CA VAL A 53 4.87 12.51 -31.27
C VAL A 53 4.71 11.78 -32.60
N GLU A 54 4.79 12.54 -33.68
CA GLU A 54 4.65 11.96 -35.02
C GLU A 54 5.76 10.95 -35.28
N ARG A 55 6.98 11.27 -34.89
CA ARG A 55 8.10 10.35 -35.04
C ARG A 55 7.91 9.15 -34.12
N ARG A 56 7.44 9.42 -32.90
CA ARG A 56 7.23 8.36 -31.92
C ARG A 56 6.31 7.30 -32.50
N MET A 57 5.23 7.74 -33.11
CA MET A 57 4.24 6.83 -33.70
C MET A 57 4.84 6.05 -34.86
N ALA A 58 5.65 6.74 -35.68
CA ALA A 58 6.26 6.11 -36.83
C ALA A 58 7.18 4.97 -36.42
N GLU A 59 7.93 5.20 -35.35
CA GLU A 59 8.85 4.21 -34.80
C GLU A 59 8.07 3.14 -34.03
N ARG A 60 6.94 3.54 -33.48
CA ARG A 60 6.10 2.67 -32.66
C ARG A 60 5.30 1.69 -33.52
N PHE A 61 4.68 2.21 -34.59
CA PHE A 61 3.84 1.38 -35.46
C PHE A 61 4.68 0.43 -36.29
N ALA A 62 5.99 0.61 -36.27
CA ALA A 62 6.90 -0.28 -36.98
C ALA A 62 6.78 -1.71 -36.45
N LYS A 63 6.36 -1.84 -35.19
CA LYS A 63 6.20 -3.14 -34.56
C LYS A 63 5.05 -3.92 -35.20
N MET A 64 4.16 -3.20 -35.87
CA MET A 64 3.02 -3.82 -36.54
C MET A 64 3.50 -4.67 -37.71
N ARG A 65 4.61 -4.26 -38.30
CA ARG A 65 5.22 -5.01 -39.39
C ARG A 65 6.34 -5.90 -38.85
N LYS A 66 7.33 -5.28 -38.23
CA LYS A 66 8.45 -5.98 -37.63
C LYS A 66 9.46 -4.98 -37.08
N GLU A 67 9.61 -4.96 -35.76
CA GLU A 67 10.55 -4.05 -35.12
C GLU A 67 11.13 -4.71 -33.88
N ARG A 68 12.34 -4.33 -33.53
CA ARG A 68 13.03 -4.88 -32.37
C ARG A 68 12.37 -4.41 -31.08
N SER A 69 12.42 -5.25 -30.07
CA SER A 69 11.94 -4.89 -28.75
C SER A 69 12.93 -3.95 -28.06
N LYS A 70 12.95 -2.70 -28.50
CA LYS A 70 13.87 -1.71 -27.98
C LYS A 70 13.54 -1.40 -26.52
N GLN A 71 14.29 -2.00 -25.62
CA GLN A 71 14.07 -1.82 -24.20
C GLN A 71 15.41 -1.88 -23.47
N MET A 1 -32.27 3.83 37.55
CA MET A 1 -32.23 2.73 36.55
C MET A 1 -32.70 1.43 37.19
N ASP A 2 -34.01 1.25 37.21
CA ASP A 2 -34.61 0.06 37.80
C ASP A 2 -34.61 -1.10 36.81
N TYR A 3 -34.84 -0.77 35.55
CA TYR A 3 -34.81 -1.77 34.48
C TYR A 3 -33.42 -1.82 33.86
N LYS A 4 -32.88 -3.02 33.73
CA LYS A 4 -31.51 -3.19 33.27
C LYS A 4 -31.47 -3.99 31.97
N ASP A 5 -31.45 -3.28 30.85
CA ASP A 5 -31.28 -3.90 29.54
C ASP A 5 -29.93 -3.50 28.96
N ASP A 6 -29.21 -2.67 29.71
CA ASP A 6 -27.92 -2.14 29.28
C ASP A 6 -26.88 -2.33 30.39
N ASP A 7 -27.03 -3.44 31.13
CA ASP A 7 -26.16 -3.74 32.27
C ASP A 7 -24.70 -3.40 32.01
N ASP A 8 -24.18 -2.44 32.76
CA ASP A 8 -22.79 -2.07 32.67
C ASP A 8 -21.93 -3.04 33.48
N LYS A 9 -22.60 -3.97 34.15
CA LYS A 9 -21.93 -5.05 34.85
C LYS A 9 -21.55 -6.15 33.86
N ASN A 10 -22.30 -6.25 32.78
CA ASN A 10 -22.02 -7.22 31.75
C ASN A 10 -20.89 -6.71 30.86
N ARG A 11 -19.68 -7.09 31.18
CA ARG A 11 -18.53 -6.65 30.43
C ARG A 11 -17.68 -7.85 30.02
N ALA A 12 -16.81 -7.64 29.04
CA ALA A 12 -15.98 -8.72 28.48
C ALA A 12 -16.86 -9.84 27.94
N LEU A 13 -17.93 -9.45 27.26
CA LEU A 13 -18.86 -10.40 26.68
C LEU A 13 -18.56 -10.57 25.21
N SER A 14 -17.29 -10.73 24.91
CA SER A 14 -16.84 -10.85 23.53
C SER A 14 -16.45 -12.29 23.21
N PRO A 15 -17.03 -12.85 22.13
CA PRO A 15 -16.73 -14.23 21.70
C PRO A 15 -15.27 -14.38 21.28
N MET A 16 -14.78 -15.62 21.28
CA MET A 16 -13.39 -15.91 20.94
C MET A 16 -13.20 -15.86 19.43
N VAL A 17 -13.23 -14.66 18.88
CA VAL A 17 -13.02 -14.44 17.46
C VAL A 17 -12.05 -13.29 17.27
N SER A 18 -11.22 -13.37 16.24
CA SER A 18 -10.21 -12.35 16.00
C SER A 18 -10.03 -12.11 14.50
N GLU A 19 -10.22 -10.88 14.06
CA GLU A 19 -10.08 -10.53 12.65
C GLU A 19 -8.62 -10.28 12.31
N PHE A 20 -7.89 -11.34 12.00
CA PHE A 20 -6.48 -11.23 11.66
C PHE A 20 -6.30 -10.88 10.19
N GLU A 21 -6.96 -9.80 9.76
CA GLU A 21 -6.98 -9.40 8.37
C GLU A 21 -5.81 -8.48 8.05
N THR A 22 -4.66 -8.80 8.61
CA THR A 22 -3.46 -8.02 8.39
C THR A 22 -2.59 -8.66 7.32
N ILE A 23 -2.99 -8.50 6.06
CA ILE A 23 -2.25 -9.07 4.95
C ILE A 23 -0.95 -8.30 4.76
N GLU A 24 0.15 -8.93 5.17
CA GLU A 24 1.47 -8.30 5.14
C GLU A 24 1.89 -7.99 3.71
N GLN A 25 1.55 -8.89 2.78
CA GLN A 25 1.84 -8.69 1.37
C GLN A 25 1.16 -7.44 0.85
N GLU A 26 -0.12 -7.30 1.21
CA GLU A 26 -0.94 -6.18 0.74
C GLU A 26 -0.39 -4.87 1.29
N ASN A 27 -0.04 -4.88 2.56
CA ASN A 27 0.46 -3.67 3.23
C ASN A 27 1.88 -3.34 2.79
N SER A 28 2.54 -4.30 2.17
CA SER A 28 3.85 -4.03 1.57
C SER A 28 3.70 -3.58 0.13
N TYR A 29 2.78 -4.22 -0.58
CA TYR A 29 2.60 -3.96 -2.00
C TYR A 29 1.92 -2.63 -2.25
N ASN A 30 0.99 -2.24 -1.38
CA ASN A 30 0.27 -0.97 -1.56
C ASN A 30 1.25 0.19 -1.50
N GLU A 31 2.30 0.03 -0.69
CA GLU A 31 3.36 1.02 -0.59
C GLU A 31 4.15 1.09 -1.90
N TRP A 32 4.32 -0.05 -2.54
CA TRP A 32 5.00 -0.12 -3.82
C TRP A 32 4.09 0.45 -4.92
N LEU A 33 2.80 0.20 -4.78
CA LEU A 33 1.81 0.71 -5.72
C LEU A 33 1.79 2.22 -5.70
N ARG A 34 1.93 2.79 -4.50
CA ARG A 34 1.99 4.24 -4.32
C ARG A 34 3.33 4.78 -4.83
N ALA A 35 4.38 4.00 -4.64
CA ALA A 35 5.72 4.39 -5.08
C ALA A 35 5.81 4.43 -6.60
N LYS A 36 5.06 3.56 -7.24
CA LYS A 36 5.01 3.52 -8.70
C LYS A 36 4.42 4.82 -9.24
N VAL A 37 3.59 5.46 -8.44
CA VAL A 37 3.01 6.75 -8.80
C VAL A 37 3.91 7.89 -8.35
N ALA A 38 4.20 7.92 -7.06
CA ALA A 38 5.01 8.97 -6.49
C ALA A 38 5.97 8.40 -5.44
N THR A 39 7.19 8.09 -5.87
CA THR A 39 8.17 7.53 -4.97
C THR A 39 8.86 8.65 -4.18
N SER A 40 8.84 9.85 -4.77
CA SER A 40 9.39 11.05 -4.15
C SER A 40 10.84 10.85 -3.75
N LEU A 41 11.59 10.16 -4.59
CA LEU A 41 12.97 9.83 -4.30
C LEU A 41 13.91 10.83 -4.97
N ALA A 42 13.46 11.40 -6.07
CA ALA A 42 14.25 12.36 -6.82
C ALA A 42 13.36 13.47 -7.37
N ASP A 43 12.62 14.10 -6.48
CA ASP A 43 11.73 15.18 -6.86
C ASP A 43 12.40 16.54 -6.58
N PRO A 44 12.50 17.39 -7.61
CA PRO A 44 13.02 18.75 -7.44
C PRO A 44 11.98 19.66 -6.81
N ARG A 45 11.60 19.32 -5.59
CA ARG A 45 10.56 20.02 -4.88
C ARG A 45 11.10 20.56 -3.55
N PRO A 46 11.55 21.82 -3.53
CA PRO A 46 12.07 22.44 -2.33
C PRO A 46 10.96 22.96 -1.41
N ALA A 47 10.04 22.08 -1.09
CA ALA A 47 8.91 22.43 -0.25
C ALA A 47 8.56 21.30 0.70
N ILE A 48 9.60 20.69 1.26
CA ILE A 48 9.42 19.61 2.22
C ILE A 48 8.94 20.16 3.55
N PRO A 49 7.72 19.77 3.98
CA PRO A 49 7.09 20.32 5.18
C PRO A 49 7.93 20.08 6.43
N HIS A 50 8.31 21.17 7.09
CA HIS A 50 9.06 21.10 8.33
C HIS A 50 8.17 20.57 9.45
N ASP A 51 6.86 20.69 9.23
CA ASP A 51 5.88 20.16 10.18
C ASP A 51 5.98 18.65 10.27
N GLU A 52 6.48 18.03 9.20
CA GLU A 52 6.63 16.58 9.15
C GLU A 52 7.63 16.11 10.20
N VAL A 53 8.65 16.93 10.43
CA VAL A 53 9.67 16.63 11.41
C VAL A 53 9.11 16.74 12.82
N GLU A 54 8.33 17.80 13.05
CA GLU A 54 7.67 18.01 14.33
C GLU A 54 6.65 16.89 14.59
N ARG A 55 6.01 16.45 13.51
CA ARG A 55 5.08 15.34 13.58
C ARG A 55 5.78 14.05 13.98
N ARG A 56 7.01 13.87 13.49
CA ARG A 56 7.79 12.69 13.84
C ARG A 56 8.25 12.78 15.28
N MET A 57 8.52 13.98 15.76
CA MET A 57 8.87 14.18 17.16
C MET A 57 7.66 13.92 18.06
N ALA A 58 6.48 14.11 17.47
CA ALA A 58 5.23 13.90 18.16
C ALA A 58 4.87 12.42 18.23
N GLU A 59 5.66 11.57 17.55
CA GLU A 59 5.38 10.14 17.45
C GLU A 59 5.01 9.51 18.78
N ARG A 60 5.60 10.01 19.86
CA ARG A 60 5.29 9.53 21.20
C ARG A 60 3.81 9.69 21.52
N PHE A 61 3.31 10.91 21.34
CA PHE A 61 1.91 11.22 21.61
C PHE A 61 1.03 10.70 20.48
N ALA A 62 1.62 10.57 19.30
CA ALA A 62 0.92 10.08 18.14
C ALA A 62 0.56 8.60 18.27
N LYS A 63 1.18 7.91 19.23
CA LYS A 63 0.83 6.53 19.50
C LYS A 63 -0.62 6.44 19.98
N MET A 64 -1.08 7.52 20.60
CA MET A 64 -2.42 7.58 21.17
C MET A 64 -3.44 8.11 20.17
N ARG A 65 -3.05 8.23 18.90
CA ARG A 65 -3.95 8.78 17.88
C ARG A 65 -5.19 7.89 17.71
N LYS A 66 -5.02 6.59 17.88
CA LYS A 66 -6.12 5.67 17.68
C LYS A 66 -6.68 5.16 19.01
N GLU A 67 -7.28 6.06 19.77
CA GLU A 67 -7.95 5.69 21.01
C GLU A 67 -9.33 5.14 20.69
N ARG A 68 -10.08 5.91 19.92
CA ARG A 68 -11.38 5.48 19.43
C ARG A 68 -11.38 5.52 17.91
N SER A 69 -11.02 6.67 17.37
CA SER A 69 -10.92 6.85 15.94
C SER A 69 -9.52 6.45 15.46
N LYS A 70 -9.44 5.92 14.24
CA LYS A 70 -8.15 5.58 13.66
C LYS A 70 -7.55 6.80 12.96
N GLN A 71 -8.29 7.89 13.02
CA GLN A 71 -7.82 9.18 12.52
C GLN A 71 -7.82 10.18 13.66
N MET A 1 -2.30 -40.55 35.35
CA MET A 1 -1.43 -41.48 36.12
C MET A 1 -0.06 -41.58 35.48
N ASP A 2 -0.01 -42.17 34.29
CA ASP A 2 1.24 -42.35 33.57
C ASP A 2 1.26 -41.47 32.34
N TYR A 3 2.41 -40.86 32.06
CA TYR A 3 2.52 -39.92 30.95
C TYR A 3 3.53 -40.40 29.92
N LYS A 4 3.38 -39.89 28.71
CA LYS A 4 4.29 -40.24 27.61
C LYS A 4 4.17 -39.23 26.48
N ASP A 5 3.07 -38.51 26.45
CA ASP A 5 2.78 -37.54 25.41
C ASP A 5 1.64 -36.65 25.88
N ASP A 6 1.88 -36.00 27.00
CA ASP A 6 0.81 -35.36 27.75
C ASP A 6 1.05 -33.86 27.90
N ASP A 7 1.70 -33.29 26.92
CA ASP A 7 1.95 -31.85 26.93
C ASP A 7 0.64 -31.09 26.76
N ASP A 8 0.21 -30.43 27.82
CA ASP A 8 -1.04 -29.67 27.81
C ASP A 8 -0.77 -28.22 27.41
N LYS A 9 0.49 -27.92 27.13
CA LYS A 9 0.92 -26.54 26.91
C LYS A 9 0.77 -26.13 25.44
N ASN A 10 0.55 -27.10 24.56
CA ASN A 10 0.33 -26.80 23.15
C ASN A 10 -1.17 -26.68 22.87
N ARG A 11 -1.52 -26.36 21.62
CA ARG A 11 -2.90 -26.07 21.22
C ARG A 11 -3.31 -24.68 21.70
N ALA A 12 -4.07 -23.97 20.87
CA ALA A 12 -4.50 -22.61 21.18
C ALA A 12 -3.31 -21.70 21.43
N LEU A 13 -2.21 -21.98 20.75
CA LEU A 13 -0.99 -21.20 20.91
C LEU A 13 -0.54 -20.66 19.55
N SER A 14 -1.22 -19.63 19.11
CA SER A 14 -0.90 -19.00 17.85
C SER A 14 -0.12 -17.70 18.09
N PRO A 15 1.15 -17.65 17.65
CA PRO A 15 1.96 -16.44 17.74
C PRO A 15 1.26 -15.28 17.05
N MET A 16 1.30 -14.11 17.68
CA MET A 16 0.56 -12.94 17.23
C MET A 16 -0.93 -13.17 17.44
N VAL A 17 -1.36 -13.07 18.69
CA VAL A 17 -2.75 -13.28 19.06
C VAL A 17 -3.67 -12.32 18.33
N SER A 18 -4.80 -12.84 17.84
CA SER A 18 -5.79 -12.05 17.12
C SER A 18 -5.21 -11.50 15.81
N GLU A 19 -4.17 -12.17 15.32
CA GLU A 19 -3.52 -11.77 14.08
C GLU A 19 -3.09 -13.01 13.30
N PHE A 20 -4.01 -13.93 13.12
CA PHE A 20 -3.74 -15.13 12.34
C PHE A 20 -3.84 -14.80 10.86
N GLU A 21 -2.88 -15.31 10.09
CA GLU A 21 -2.82 -15.06 8.65
C GLU A 21 -2.72 -13.55 8.39
N THR A 22 -1.56 -12.99 8.66
CA THR A 22 -1.33 -11.57 8.47
C THR A 22 -0.19 -11.33 7.49
N ILE A 23 -0.49 -11.49 6.22
CA ILE A 23 0.50 -11.35 5.17
C ILE A 23 0.85 -9.88 4.95
N GLU A 24 2.08 -9.52 5.31
CA GLU A 24 2.53 -8.14 5.21
C GLU A 24 2.59 -7.69 3.76
N GLN A 25 2.96 -8.60 2.88
CA GLN A 25 3.09 -8.30 1.45
C GLN A 25 1.76 -7.75 0.90
N GLU A 26 0.66 -8.26 1.41
CA GLU A 26 -0.66 -7.87 0.95
C GLU A 26 -1.00 -6.45 1.43
N ASN A 27 -0.54 -6.12 2.63
CA ASN A 27 -0.84 -4.82 3.24
C ASN A 27 0.19 -3.78 2.81
N SER A 28 1.39 -4.23 2.47
CA SER A 28 2.46 -3.33 2.06
C SER A 28 2.44 -3.09 0.56
N TYR A 29 1.66 -3.88 -0.16
CA TYR A 29 1.56 -3.77 -1.61
C TYR A 29 1.13 -2.36 -2.02
N ASN A 30 0.28 -1.75 -1.21
CA ASN A 30 -0.20 -0.39 -1.49
C ASN A 30 0.94 0.61 -1.46
N GLU A 31 1.98 0.31 -0.70
CA GLU A 31 3.16 1.15 -0.62
C GLU A 31 4.00 0.98 -1.88
N TRP A 32 4.09 -0.26 -2.35
CA TRP A 32 4.80 -0.55 -3.60
C TRP A 32 4.04 0.04 -4.79
N LEU A 33 2.74 0.19 -4.61
CA LEU A 33 1.89 0.80 -5.63
C LEU A 33 2.18 2.29 -5.72
N ARG A 34 2.43 2.91 -4.56
CA ARG A 34 2.73 4.33 -4.50
C ARG A 34 4.07 4.63 -5.18
N ALA A 35 4.88 3.59 -5.34
CA ALA A 35 6.18 3.71 -5.97
C ALA A 35 6.07 3.99 -7.46
N LYS A 36 4.87 3.79 -8.01
CA LYS A 36 4.64 4.08 -9.42
C LYS A 36 4.51 5.59 -9.64
N VAL A 37 4.24 6.30 -8.57
CA VAL A 37 4.12 7.76 -8.63
C VAL A 37 5.50 8.39 -8.55
N ALA A 38 6.36 7.79 -7.75
CA ALA A 38 7.74 8.21 -7.63
C ALA A 38 8.56 7.58 -8.75
N THR A 39 9.79 8.05 -8.95
CA THR A 39 10.65 7.49 -9.99
C THR A 39 11.30 6.19 -9.49
N SER A 40 10.46 5.27 -9.06
CA SER A 40 10.90 3.97 -8.58
C SER A 40 10.24 2.87 -9.42
N LEU A 41 10.42 2.97 -10.72
CA LEU A 41 9.80 2.03 -11.65
C LEU A 41 10.78 0.92 -11.99
N ALA A 42 10.33 -0.32 -11.87
CA ALA A 42 11.15 -1.47 -12.24
C ALA A 42 11.07 -1.71 -13.74
N ASP A 43 12.00 -1.10 -14.47
CA ASP A 43 12.02 -1.20 -15.93
C ASP A 43 12.17 -2.66 -16.36
N PRO A 44 11.61 -3.02 -17.53
CA PRO A 44 11.66 -4.40 -18.03
C PRO A 44 13.06 -4.82 -18.43
N ARG A 45 13.86 -5.15 -17.42
CA ARG A 45 15.20 -5.64 -17.64
C ARG A 45 15.34 -7.04 -17.06
N PRO A 46 15.83 -7.99 -17.87
CA PRO A 46 15.97 -9.39 -17.45
C PRO A 46 17.19 -9.61 -16.56
N ALA A 47 17.33 -8.74 -15.57
CA ALA A 47 18.45 -8.80 -14.65
C ALA A 47 18.17 -7.93 -13.43
N ILE A 48 17.64 -8.53 -12.39
CA ILE A 48 17.37 -7.83 -11.15
C ILE A 48 18.45 -8.13 -10.13
N PRO A 49 19.23 -7.11 -9.73
CA PRO A 49 20.35 -7.30 -8.82
C PRO A 49 19.91 -7.81 -7.46
N HIS A 50 20.40 -8.98 -7.08
CA HIS A 50 20.02 -9.59 -5.81
C HIS A 50 20.53 -8.74 -4.65
N ASP A 51 21.63 -8.02 -4.90
CA ASP A 51 22.23 -7.15 -3.88
C ASP A 51 21.25 -6.07 -3.43
N GLU A 52 20.34 -5.73 -4.32
CA GLU A 52 19.34 -4.71 -4.05
C GLU A 52 18.36 -5.21 -2.98
N VAL A 53 18.08 -6.50 -3.04
CA VAL A 53 17.10 -7.12 -2.15
C VAL A 53 17.77 -7.67 -0.88
N GLU A 54 19.05 -8.03 -1.00
CA GLU A 54 19.82 -8.60 0.12
C GLU A 54 19.71 -7.76 1.39
N ARG A 55 19.62 -6.45 1.22
CA ARG A 55 19.57 -5.53 2.36
C ARG A 55 18.40 -5.86 3.29
N ARG A 56 17.32 -6.38 2.72
CA ARG A 56 16.15 -6.75 3.49
C ARG A 56 16.25 -8.20 3.93
N MET A 57 16.74 -9.05 3.04
CA MET A 57 16.84 -10.48 3.30
C MET A 57 17.82 -10.76 4.44
N ALA A 58 18.93 -10.05 4.46
CA ALA A 58 19.94 -10.23 5.50
C ALA A 58 19.37 -9.95 6.88
N GLU A 59 18.38 -9.08 6.92
CA GLU A 59 17.69 -8.75 8.16
C GLU A 59 16.65 -9.81 8.51
N ARG A 60 15.87 -10.20 7.51
CA ARG A 60 14.80 -11.17 7.72
C ARG A 60 15.36 -12.55 8.03
N PHE A 61 16.36 -12.97 7.27
CA PHE A 61 16.95 -14.29 7.44
C PHE A 61 17.79 -14.36 8.70
N ALA A 62 18.19 -13.20 9.22
CA ALA A 62 18.95 -13.14 10.46
C ALA A 62 18.17 -13.77 11.59
N LYS A 63 16.85 -13.54 11.59
CA LYS A 63 15.98 -14.10 12.59
C LYS A 63 15.78 -15.60 12.37
N MET A 64 15.88 -16.02 11.12
CA MET A 64 15.68 -17.41 10.73
C MET A 64 16.98 -18.20 10.76
N ARG A 65 18.05 -17.57 11.22
CA ARG A 65 19.37 -18.22 11.24
C ARG A 65 19.59 -19.02 12.51
N LYS A 66 18.85 -18.72 13.56
CA LYS A 66 19.04 -19.40 14.83
C LYS A 66 17.82 -19.24 15.71
N GLU A 67 17.49 -20.30 16.44
CA GLU A 67 16.36 -20.30 17.35
C GLU A 67 16.81 -19.90 18.76
N ARG A 68 15.89 -19.34 19.52
CA ARG A 68 16.18 -18.92 20.89
C ARG A 68 15.83 -20.03 21.86
N SER A 69 16.47 -20.02 23.02
CA SER A 69 16.18 -21.00 24.05
C SER A 69 14.89 -20.64 24.78
N LYS A 70 13.81 -20.50 24.00
CA LYS A 70 12.51 -20.17 24.55
C LYS A 70 11.78 -21.43 24.97
N GLN A 71 11.68 -21.63 26.27
CA GLN A 71 11.02 -22.79 26.82
C GLN A 71 10.33 -22.41 28.13
N MET A 1 -36.64 -23.55 7.03
CA MET A 1 -35.94 -22.32 6.58
C MET A 1 -34.48 -22.36 6.97
N ASP A 2 -34.20 -22.55 8.26
CA ASP A 2 -32.83 -22.64 8.75
C ASP A 2 -32.70 -23.75 9.77
N TYR A 3 -32.21 -24.90 9.35
CA TYR A 3 -32.02 -26.04 10.24
C TYR A 3 -30.62 -26.62 10.04
N LYS A 4 -29.66 -26.10 10.79
CA LYS A 4 -28.27 -26.53 10.69
C LYS A 4 -27.76 -26.33 9.27
N ASP A 5 -27.31 -25.12 8.98
CA ASP A 5 -26.89 -24.76 7.63
C ASP A 5 -25.75 -25.62 7.12
N ASP A 6 -26.03 -26.34 6.05
CA ASP A 6 -25.01 -27.10 5.33
C ASP A 6 -24.86 -26.50 3.93
N ASP A 7 -25.90 -25.79 3.52
CA ASP A 7 -25.99 -25.19 2.19
C ASP A 7 -24.92 -24.12 2.00
N ASP A 8 -24.87 -23.15 2.92
CA ASP A 8 -23.91 -22.06 2.84
C ASP A 8 -22.53 -22.53 3.28
N LYS A 9 -22.53 -23.49 4.20
CA LYS A 9 -21.29 -24.05 4.72
C LYS A 9 -20.49 -24.72 3.61
N ASN A 10 -21.18 -25.37 2.69
CA ASN A 10 -20.56 -26.08 1.56
C ASN A 10 -19.75 -27.28 2.05
N ARG A 11 -19.49 -28.20 1.13
CA ARG A 11 -18.72 -29.40 1.46
C ARG A 11 -17.54 -29.57 0.51
N ALA A 12 -16.42 -30.00 1.07
CA ALA A 12 -15.19 -30.25 0.31
C ALA A 12 -14.59 -28.97 -0.27
N LEU A 13 -15.14 -28.49 -1.37
CA LEU A 13 -14.59 -27.33 -2.06
C LEU A 13 -15.67 -26.28 -2.31
N SER A 14 -15.44 -25.09 -1.81
CA SER A 14 -16.33 -23.97 -2.08
C SER A 14 -15.88 -23.26 -3.35
N PRO A 15 -16.80 -22.55 -4.05
CA PRO A 15 -16.48 -21.82 -5.29
C PRO A 15 -15.61 -20.59 -5.04
N MET A 16 -14.52 -20.79 -4.32
CA MET A 16 -13.61 -19.73 -3.94
C MET A 16 -12.35 -20.34 -3.32
N VAL A 17 -11.72 -21.22 -4.05
CA VAL A 17 -10.53 -21.91 -3.56
C VAL A 17 -9.26 -21.12 -3.88
N SER A 18 -8.36 -21.06 -2.90
CA SER A 18 -7.06 -20.43 -3.06
C SER A 18 -7.21 -18.94 -3.38
N GLU A 19 -8.11 -18.27 -2.66
CA GLU A 19 -8.29 -16.83 -2.81
C GLU A 19 -7.14 -16.09 -2.14
N PHE A 20 -6.20 -15.61 -2.93
CA PHE A 20 -5.04 -14.91 -2.41
C PHE A 20 -5.36 -13.45 -2.12
N GLU A 21 -6.07 -13.22 -1.02
CA GLU A 21 -6.33 -11.86 -0.58
C GLU A 21 -5.02 -11.23 -0.11
N THR A 22 -4.35 -11.95 0.80
CA THR A 22 -3.02 -11.58 1.30
C THR A 22 -2.90 -10.09 1.62
N ILE A 23 -3.77 -9.61 2.51
CA ILE A 23 -3.81 -8.19 2.83
C ILE A 23 -2.51 -7.75 3.51
N GLU A 24 -1.88 -8.67 4.23
CA GLU A 24 -0.62 -8.38 4.91
C GLU A 24 0.47 -8.10 3.88
N GLN A 25 0.51 -8.93 2.85
CA GLN A 25 1.48 -8.77 1.78
C GLN A 25 1.17 -7.52 0.98
N GLU A 26 -0.11 -7.27 0.73
CA GLU A 26 -0.53 -6.14 -0.06
C GLU A 26 -0.29 -4.82 0.67
N ASN A 27 -0.26 -4.86 1.99
CA ASN A 27 0.08 -3.67 2.77
C ASN A 27 1.53 -3.26 2.51
N SER A 28 2.40 -4.25 2.40
CA SER A 28 3.81 -3.99 2.12
C SER A 28 4.01 -3.71 0.62
N TYR A 29 3.21 -4.36 -0.21
CA TYR A 29 3.23 -4.13 -1.65
C TYR A 29 2.74 -2.71 -1.94
N ASN A 30 1.79 -2.26 -1.14
CA ASN A 30 1.20 -0.93 -1.29
C ASN A 30 2.26 0.16 -1.17
N GLU A 31 3.21 -0.04 -0.27
CA GLU A 31 4.30 0.92 -0.07
C GLU A 31 5.15 1.02 -1.33
N TRP A 32 5.40 -0.12 -1.95
CA TRP A 32 6.14 -0.16 -3.20
C TRP A 32 5.29 0.40 -4.34
N LEU A 33 3.99 0.14 -4.25
CA LEU A 33 3.03 0.57 -5.26
C LEU A 33 2.84 2.09 -5.23
N ARG A 34 3.37 2.73 -4.18
CA ARG A 34 3.28 4.18 -4.03
C ARG A 34 4.12 4.88 -5.10
N ALA A 35 5.04 4.14 -5.71
CA ALA A 35 5.84 4.68 -6.78
C ALA A 35 5.05 4.72 -8.08
N LYS A 36 4.03 3.88 -8.16
CA LYS A 36 3.22 3.76 -9.37
C LYS A 36 2.25 4.94 -9.50
N VAL A 37 1.92 5.56 -8.38
CA VAL A 37 1.02 6.70 -8.41
C VAL A 37 1.78 7.97 -8.81
N ALA A 38 3.10 7.85 -8.86
CA ALA A 38 3.97 8.99 -9.17
C ALA A 38 4.77 8.75 -10.44
N THR A 39 4.47 7.66 -11.14
CA THR A 39 5.20 7.30 -12.35
C THR A 39 4.63 8.07 -13.54
N SER A 40 5.01 7.66 -14.75
CA SER A 40 4.49 8.28 -15.97
C SER A 40 2.96 8.22 -15.98
N LEU A 41 2.33 9.31 -16.42
CA LEU A 41 0.89 9.43 -16.36
C LEU A 41 0.22 8.39 -17.25
N ALA A 42 -0.59 7.55 -16.63
CA ALA A 42 -1.38 6.56 -17.34
C ALA A 42 -2.79 6.53 -16.76
N ASP A 43 -3.79 6.37 -17.61
CA ASP A 43 -5.17 6.35 -17.16
C ASP A 43 -5.79 4.97 -17.35
N PRO A 44 -5.72 4.12 -16.32
CA PRO A 44 -6.39 2.81 -16.34
C PRO A 44 -7.89 2.98 -16.20
N ARG A 45 -8.64 2.42 -17.16
CA ARG A 45 -10.10 2.54 -17.27
C ARG A 45 -10.55 4.01 -17.28
N PRO A 46 -11.15 4.46 -18.40
CA PRO A 46 -11.52 5.86 -18.60
C PRO A 46 -12.68 6.33 -17.71
N ALA A 47 -13.15 5.42 -16.85
CA ALA A 47 -14.21 5.71 -15.89
C ALA A 47 -15.50 6.13 -16.59
N ILE A 48 -15.80 5.45 -17.69
CA ILE A 48 -16.99 5.76 -18.47
C ILE A 48 -18.21 5.02 -17.93
N PRO A 49 -19.33 5.74 -17.77
CA PRO A 49 -20.59 5.16 -17.31
C PRO A 49 -21.08 4.09 -18.29
N HIS A 50 -21.21 2.86 -17.81
CA HIS A 50 -21.53 1.74 -18.68
C HIS A 50 -23.03 1.61 -18.91
N ASP A 51 -23.82 1.84 -17.86
CA ASP A 51 -25.27 1.71 -17.96
C ASP A 51 -25.84 2.71 -18.96
N GLU A 52 -25.41 3.96 -18.85
CA GLU A 52 -25.89 5.02 -19.73
C GLU A 52 -25.66 4.67 -21.20
N VAL A 53 -24.45 4.18 -21.50
CA VAL A 53 -24.09 3.82 -22.86
C VAL A 53 -24.87 2.60 -23.33
N GLU A 54 -24.98 1.61 -22.43
CA GLU A 54 -25.65 0.34 -22.75
C GLU A 54 -27.10 0.55 -23.16
N ARG A 55 -27.78 1.46 -22.48
CA ARG A 55 -29.19 1.71 -22.77
C ARG A 55 -29.36 2.46 -24.09
N ARG A 56 -28.37 3.27 -24.43
CA ARG A 56 -28.38 3.99 -25.70
C ARG A 56 -28.12 3.03 -26.85
N MET A 57 -27.16 2.14 -26.64
CA MET A 57 -26.81 1.14 -27.65
C MET A 57 -27.94 0.15 -27.84
N ALA A 58 -28.73 -0.05 -26.79
CA ALA A 58 -29.87 -0.95 -26.84
C ALA A 58 -30.85 -0.56 -27.94
N GLU A 59 -31.08 0.74 -28.07
CA GLU A 59 -32.02 1.24 -29.07
C GLU A 59 -31.44 1.06 -30.48
N ARG A 60 -30.12 1.08 -30.55
CA ARG A 60 -29.43 0.89 -31.83
C ARG A 60 -29.46 -0.57 -32.22
N PHE A 61 -29.18 -1.43 -31.25
CA PHE A 61 -29.14 -2.87 -31.45
C PHE A 61 -30.53 -3.41 -31.76
N ALA A 62 -31.55 -2.68 -31.33
CA ALA A 62 -32.93 -3.07 -31.57
C ALA A 62 -33.19 -3.28 -33.06
N LYS A 63 -32.65 -2.39 -33.88
CA LYS A 63 -32.81 -2.49 -35.32
C LYS A 63 -31.76 -3.42 -35.91
N MET A 64 -30.69 -3.63 -35.16
CA MET A 64 -29.62 -4.52 -35.59
C MET A 64 -30.03 -5.97 -35.42
N ARG A 65 -31.15 -6.18 -34.74
CA ARG A 65 -31.71 -7.52 -34.57
C ARG A 65 -32.31 -8.02 -35.88
N LYS A 66 -32.34 -7.14 -36.88
CA LYS A 66 -32.77 -7.47 -38.23
C LYS A 66 -34.28 -7.66 -38.32
N GLU A 67 -34.78 -7.76 -39.54
CA GLU A 67 -36.20 -7.89 -39.79
C GLU A 67 -36.56 -9.35 -40.08
N ARG A 68 -37.44 -9.91 -39.25
CA ARG A 68 -37.90 -11.28 -39.43
C ARG A 68 -38.72 -11.40 -40.71
N SER A 69 -39.52 -10.38 -40.97
CA SER A 69 -40.33 -10.36 -42.18
C SER A 69 -39.47 -9.93 -43.36
N LYS A 70 -39.24 -10.85 -44.29
CA LYS A 70 -38.45 -10.56 -45.48
C LYS A 70 -39.35 -10.12 -46.62
N GLN A 71 -39.12 -8.91 -47.11
CA GLN A 71 -39.93 -8.35 -48.18
C GLN A 71 -39.30 -8.64 -49.54
N MET A 1 8.38 9.71 23.25
CA MET A 1 7.55 9.31 24.40
C MET A 1 8.24 8.21 25.19
N ASP A 2 8.59 8.50 26.44
CA ASP A 2 9.30 7.55 27.28
C ASP A 2 8.31 6.60 27.96
N TYR A 3 7.67 5.77 27.15
CA TYR A 3 6.73 4.77 27.63
C TYR A 3 6.74 3.55 26.72
N LYS A 4 7.33 2.47 27.19
CA LYS A 4 7.35 1.22 26.43
C LYS A 4 6.28 0.28 26.97
N ASP A 5 5.71 0.67 28.11
CA ASP A 5 4.68 -0.12 28.80
C ASP A 5 5.23 -1.47 29.26
N ASP A 6 4.38 -2.26 29.88
CA ASP A 6 4.73 -3.62 30.22
C ASP A 6 4.16 -4.55 29.14
N ASP A 7 2.98 -4.20 28.66
CA ASP A 7 2.33 -4.87 27.54
C ASP A 7 2.17 -6.38 27.78
N ASP A 8 1.03 -6.74 28.33
CA ASP A 8 0.73 -8.13 28.64
C ASP A 8 0.18 -8.86 27.41
N LYS A 9 0.00 -8.11 26.33
CA LYS A 9 -0.52 -8.68 25.09
C LYS A 9 0.59 -9.36 24.30
N ASN A 10 1.84 -9.03 24.66
CA ASN A 10 3.02 -9.57 24.02
C ASN A 10 3.11 -9.13 22.57
N ARG A 11 3.03 -7.82 22.37
CA ARG A 11 3.06 -7.22 21.03
C ARG A 11 4.26 -7.70 20.21
N ALA A 12 5.43 -7.74 20.84
CA ALA A 12 6.66 -8.10 20.15
C ALA A 12 6.72 -9.60 19.86
N LEU A 13 5.89 -10.38 20.56
CA LEU A 13 5.83 -11.81 20.34
C LEU A 13 4.58 -12.19 19.57
N SER A 14 3.96 -11.20 18.97
CA SER A 14 2.73 -11.42 18.22
C SER A 14 2.84 -10.79 16.83
N PRO A 15 3.32 -11.56 15.85
CA PRO A 15 3.41 -11.11 14.46
C PRO A 15 2.03 -10.92 13.84
N MET A 16 1.05 -11.61 14.44
CA MET A 16 -0.36 -11.54 14.04
C MET A 16 -0.61 -12.21 12.70
N VAL A 17 -1.82 -12.72 12.53
CA VAL A 17 -2.23 -13.41 11.32
C VAL A 17 -3.75 -13.38 11.19
N SER A 18 -4.23 -13.03 10.01
CA SER A 18 -5.67 -12.99 9.75
C SER A 18 -5.93 -13.23 8.27
N GLU A 19 -6.95 -14.04 7.98
CA GLU A 19 -7.27 -14.41 6.60
C GLU A 19 -7.83 -13.22 5.84
N PHE A 20 -7.07 -12.75 4.86
CA PHE A 20 -7.48 -11.63 4.01
C PHE A 20 -7.59 -10.34 4.84
N GLU A 21 -7.84 -9.22 4.14
CA GLU A 21 -8.10 -7.89 4.71
C GLU A 21 -6.89 -7.29 5.43
N THR A 22 -6.20 -8.06 6.23
CA THR A 22 -5.02 -7.58 6.93
C THR A 22 -3.84 -8.50 6.70
N ILE A 23 -3.32 -8.47 5.49
CA ILE A 23 -2.14 -9.23 5.13
C ILE A 23 -0.93 -8.30 4.97
N GLU A 24 0.12 -8.59 5.72
CA GLU A 24 1.32 -7.77 5.75
C GLU A 24 1.96 -7.61 4.37
N GLN A 25 2.12 -8.71 3.65
CA GLN A 25 2.74 -8.64 2.33
C GLN A 25 1.83 -7.94 1.34
N GLU A 26 0.52 -8.02 1.57
CA GLU A 26 -0.46 -7.35 0.73
C GLU A 26 -0.35 -5.84 0.95
N ASN A 27 -0.24 -5.46 2.21
CA ASN A 27 -0.09 -4.04 2.57
C ASN A 27 1.22 -3.49 2.01
N SER A 28 2.18 -4.40 1.79
CA SER A 28 3.47 -4.01 1.24
C SER A 28 3.32 -3.64 -0.24
N TYR A 29 2.32 -4.23 -0.90
CA TYR A 29 2.06 -3.93 -2.31
C TYR A 29 1.36 -2.59 -2.45
N ASN A 30 0.67 -2.17 -1.39
CA ASN A 30 0.12 -0.82 -1.34
C ASN A 30 1.25 0.20 -1.41
N GLU A 31 2.36 -0.16 -0.77
CA GLU A 31 3.53 0.70 -0.73
C GLU A 31 4.16 0.81 -2.12
N TRP A 32 4.23 -0.31 -2.83
CA TRP A 32 4.74 -0.32 -4.18
C TRP A 32 3.80 0.41 -5.13
N LEU A 33 2.51 0.36 -4.82
CA LEU A 33 1.50 1.08 -5.61
C LEU A 33 1.71 2.58 -5.50
N ARG A 34 1.97 3.05 -4.29
CA ARG A 34 2.25 4.46 -4.06
C ARG A 34 3.60 4.84 -4.64
N ALA A 35 4.49 3.85 -4.73
CA ALA A 35 5.81 4.06 -5.30
C ALA A 35 5.75 4.15 -6.82
N LYS A 36 4.62 3.71 -7.39
CA LYS A 36 4.44 3.73 -8.84
C LYS A 36 4.27 5.17 -9.35
N VAL A 37 4.12 6.10 -8.42
CA VAL A 37 4.03 7.52 -8.78
C VAL A 37 5.39 8.03 -9.25
N ALA A 38 6.45 7.49 -8.67
CA ALA A 38 7.81 7.91 -9.00
C ALA A 38 8.79 6.75 -8.86
N THR A 39 8.60 5.71 -9.67
CA THR A 39 9.45 4.54 -9.61
C THR A 39 10.74 4.76 -10.41
N SER A 40 11.58 5.65 -9.92
CA SER A 40 12.83 5.98 -10.58
C SER A 40 13.95 5.07 -10.09
N LEU A 41 13.96 3.83 -10.57
CA LEU A 41 14.99 2.88 -10.20
C LEU A 41 16.05 2.75 -11.29
N ALA A 42 15.92 3.64 -12.28
CA ALA A 42 16.89 3.75 -13.37
C ALA A 42 16.91 2.51 -14.24
N ASP A 43 15.80 2.22 -14.90
CA ASP A 43 15.74 1.11 -15.83
C ASP A 43 15.68 1.63 -17.26
N PRO A 44 16.75 1.43 -18.04
CA PRO A 44 16.82 1.87 -19.43
C PRO A 44 16.09 0.92 -20.38
N ARG A 45 15.70 -0.24 -19.86
CA ARG A 45 15.03 -1.24 -20.66
C ARG A 45 13.70 -1.64 -20.04
N PRO A 46 12.61 -1.57 -20.80
CA PRO A 46 11.30 -2.05 -20.35
C PRO A 46 11.26 -3.58 -20.31
N ALA A 47 11.59 -4.14 -19.17
CA ALA A 47 11.66 -5.58 -19.02
C ALA A 47 10.41 -6.12 -18.34
N ILE A 48 9.92 -7.24 -18.84
CA ILE A 48 8.76 -7.89 -18.24
C ILE A 48 9.15 -8.55 -16.94
N PRO A 49 8.55 -8.14 -15.82
CA PRO A 49 8.88 -8.68 -14.50
C PRO A 49 8.58 -10.17 -14.41
N HIS A 50 9.61 -10.95 -14.16
CA HIS A 50 9.47 -12.41 -14.09
C HIS A 50 8.73 -12.80 -12.81
N ASP A 51 8.81 -11.94 -11.81
CA ASP A 51 8.15 -12.19 -10.52
C ASP A 51 6.64 -12.26 -10.71
N GLU A 52 6.15 -11.52 -11.70
CA GLU A 52 4.74 -11.54 -12.04
C GLU A 52 4.36 -12.89 -12.63
N VAL A 53 5.24 -13.40 -13.48
CA VAL A 53 5.03 -14.68 -14.14
C VAL A 53 5.09 -15.81 -13.13
N GLU A 54 5.97 -15.68 -12.15
CA GLU A 54 6.17 -16.71 -11.12
C GLU A 54 4.87 -17.02 -10.39
N ARG A 55 4.01 -16.01 -10.22
CA ARG A 55 2.74 -16.21 -9.54
C ARG A 55 1.78 -17.03 -10.39
N ARG A 56 1.96 -16.99 -11.70
CA ARG A 56 1.16 -17.76 -12.63
C ARG A 56 1.80 -19.12 -12.86
N MET A 57 3.12 -19.11 -13.01
CA MET A 57 3.90 -20.31 -13.25
C MET A 57 3.87 -21.22 -12.02
N ALA A 58 3.50 -20.63 -10.88
CA ALA A 58 3.37 -21.35 -9.62
C ALA A 58 2.49 -22.59 -9.77
N GLU A 59 1.44 -22.47 -10.58
CA GLU A 59 0.53 -23.60 -10.80
C GLU A 59 1.26 -24.77 -11.44
N ARG A 60 2.18 -24.47 -12.34
CA ARG A 60 2.94 -25.51 -13.02
C ARG A 60 4.00 -26.09 -12.09
N PHE A 61 4.63 -25.21 -11.31
CA PHE A 61 5.62 -25.64 -10.34
C PHE A 61 4.98 -26.55 -9.30
N ALA A 62 3.81 -26.16 -8.81
CA ALA A 62 3.09 -26.92 -7.81
C ALA A 62 2.72 -28.31 -8.32
N LYS A 63 2.26 -28.38 -9.56
CA LYS A 63 1.88 -29.66 -10.16
C LYS A 63 3.09 -30.55 -10.39
N MET A 64 4.22 -29.93 -10.70
CA MET A 64 5.46 -30.67 -10.91
C MET A 64 6.06 -31.11 -9.58
N ARG A 65 5.96 -30.23 -8.59
CA ARG A 65 6.47 -30.49 -7.26
C ARG A 65 5.60 -31.52 -6.54
N LYS A 66 4.37 -31.64 -7.05
CA LYS A 66 3.43 -32.69 -6.63
C LYS A 66 3.11 -32.60 -5.14
N GLU A 67 2.89 -31.37 -4.67
CA GLU A 67 2.53 -31.11 -3.26
C GLU A 67 3.74 -31.26 -2.34
N ARG A 68 4.14 -30.15 -1.74
CA ARG A 68 5.28 -30.13 -0.82
C ARG A 68 4.95 -30.85 0.48
N SER A 69 3.66 -30.90 0.81
CA SER A 69 3.23 -31.57 2.04
C SER A 69 2.24 -32.69 1.72
N LYS A 70 2.53 -33.43 0.65
CA LYS A 70 1.68 -34.52 0.20
C LYS A 70 1.54 -35.60 1.26
N GLN A 71 0.31 -36.05 1.48
CA GLN A 71 0.07 -37.14 2.41
C GLN A 71 0.30 -38.48 1.72
N MET A 1 -0.52 -13.47 33.12
CA MET A 1 -1.22 -14.26 32.08
C MET A 1 -1.19 -13.54 30.73
N ASP A 2 -0.10 -13.73 29.99
CA ASP A 2 0.08 -13.12 28.66
C ASP A 2 -0.10 -11.62 28.71
N TYR A 3 0.89 -10.92 29.25
CA TYR A 3 0.86 -9.47 29.29
C TYR A 3 1.26 -8.89 27.94
N LYS A 4 0.29 -8.74 27.06
CA LYS A 4 0.51 -8.17 25.74
C LYS A 4 -0.37 -6.94 25.54
N ASP A 5 0.23 -5.85 25.10
CA ASP A 5 -0.50 -4.60 24.91
C ASP A 5 0.32 -3.64 24.07
N ASP A 6 1.56 -3.41 24.48
CA ASP A 6 2.47 -2.54 23.74
C ASP A 6 3.27 -3.36 22.76
N ASP A 7 4.12 -4.23 23.31
CA ASP A 7 4.88 -5.22 22.55
C ASP A 7 5.92 -4.58 21.63
N ASP A 8 5.98 -3.26 21.61
CA ASP A 8 6.93 -2.54 20.79
C ASP A 8 8.21 -2.26 21.58
N LYS A 9 8.03 -1.93 22.85
CA LYS A 9 9.16 -1.64 23.74
C LYS A 9 9.71 -2.92 24.35
N ASN A 10 9.03 -4.02 24.09
CA ASN A 10 9.44 -5.33 24.56
C ASN A 10 9.44 -6.33 23.41
N ARG A 11 9.38 -7.62 23.74
CA ARG A 11 9.49 -8.70 22.76
C ARG A 11 10.90 -8.70 22.17
N ALA A 12 11.88 -8.53 23.05
CA ALA A 12 13.26 -8.43 22.66
C ALA A 12 13.86 -9.82 22.40
N LEU A 13 15.03 -9.84 21.77
CA LEU A 13 15.71 -11.10 21.43
C LEU A 13 14.81 -11.97 20.56
N SER A 14 14.16 -11.32 19.61
CA SER A 14 13.30 -12.01 18.68
C SER A 14 13.79 -11.80 17.25
N PRO A 15 14.08 -12.88 16.52
CA PRO A 15 14.56 -12.81 15.14
C PRO A 15 13.53 -12.20 14.20
N MET A 16 12.25 -12.42 14.52
CA MET A 16 11.15 -11.87 13.73
C MET A 16 11.34 -12.18 12.25
N VAL A 17 11.42 -13.47 11.95
CA VAL A 17 11.64 -13.92 10.59
C VAL A 17 10.51 -14.83 10.14
N SER A 18 10.54 -15.22 8.87
CA SER A 18 9.54 -16.11 8.30
C SER A 18 8.15 -15.48 8.36
N GLU A 19 8.06 -14.23 7.93
CA GLU A 19 6.79 -13.51 7.87
C GLU A 19 6.08 -13.81 6.56
N PHE A 20 5.57 -15.02 6.47
CA PHE A 20 4.92 -15.50 5.25
C PHE A 20 3.47 -15.02 5.20
N GLU A 21 3.06 -14.55 4.02
CA GLU A 21 1.71 -14.05 3.79
C GLU A 21 1.44 -12.81 4.65
N THR A 22 0.87 -13.03 5.84
CA THR A 22 0.53 -11.96 6.78
C THR A 22 -0.25 -10.84 6.10
N ILE A 23 -0.26 -9.66 6.70
CA ILE A 23 -0.81 -8.49 6.05
C ILE A 23 0.31 -7.77 5.30
N GLU A 24 1.53 -7.99 5.75
CA GLU A 24 2.72 -7.32 5.24
C GLU A 24 2.82 -7.39 3.71
N GLN A 25 2.59 -8.57 3.16
CA GLN A 25 2.75 -8.80 1.73
C GLN A 25 1.81 -7.88 0.93
N GLU A 26 0.56 -7.78 1.37
CA GLU A 26 -0.42 -6.96 0.67
C GLU A 26 -0.23 -5.48 1.00
N ASN A 27 0.10 -5.21 2.24
CA ASN A 27 0.29 -3.83 2.70
C ASN A 27 1.46 -3.17 1.98
N SER A 28 2.54 -3.93 1.80
CA SER A 28 3.71 -3.42 1.11
C SER A 28 3.44 -3.30 -0.38
N TYR A 29 2.45 -4.04 -0.87
CA TYR A 29 2.05 -3.95 -2.27
C TYR A 29 1.32 -2.63 -2.51
N ASN A 30 0.54 -2.21 -1.52
CA ASN A 30 -0.13 -0.92 -1.58
C ASN A 30 0.91 0.20 -1.52
N GLU A 31 1.94 0.00 -0.71
CA GLU A 31 3.05 0.94 -0.62
C GLU A 31 3.81 0.94 -1.95
N TRP A 32 3.91 -0.23 -2.57
CA TRP A 32 4.55 -0.36 -3.88
C TRP A 32 3.72 0.33 -4.96
N LEU A 33 2.41 0.32 -4.79
CA LEU A 33 1.51 1.01 -5.71
C LEU A 33 1.71 2.52 -5.60
N ARG A 34 2.09 2.96 -4.41
CA ARG A 34 2.43 4.37 -4.19
C ARG A 34 3.85 4.65 -4.68
N ALA A 35 4.67 3.60 -4.71
CA ALA A 35 6.01 3.69 -5.24
C ALA A 35 5.97 3.73 -6.76
N LYS A 36 4.83 3.36 -7.32
CA LYS A 36 4.61 3.50 -8.75
C LYS A 36 4.44 4.97 -9.08
N VAL A 37 3.88 5.71 -8.13
CA VAL A 37 3.71 7.15 -8.26
C VAL A 37 5.05 7.86 -8.07
N ALA A 38 5.74 7.52 -7.00
CA ALA A 38 7.05 8.06 -6.72
C ALA A 38 8.07 6.93 -6.66
N THR A 39 8.63 6.59 -7.82
CA THR A 39 9.50 5.44 -7.94
C THR A 39 10.94 5.76 -7.50
N SER A 40 11.22 7.05 -7.34
CA SER A 40 12.52 7.48 -6.87
C SER A 40 12.44 7.84 -5.39
N LEU A 41 11.59 7.11 -4.68
CA LEU A 41 11.40 7.32 -3.24
C LEU A 41 12.70 6.99 -2.50
N ALA A 42 13.40 5.97 -3.01
CA ALA A 42 14.71 5.55 -2.51
C ALA A 42 14.63 4.95 -1.11
N ASP A 43 14.53 5.81 -0.11
CA ASP A 43 14.51 5.34 1.28
C ASP A 43 13.26 5.85 1.98
N PRO A 44 12.59 4.99 2.75
CA PRO A 44 11.38 5.36 3.48
C PRO A 44 11.67 6.23 4.70
N ARG A 45 12.92 6.70 4.78
CA ARG A 45 13.41 7.54 5.87
C ARG A 45 13.53 6.73 7.16
N PRO A 46 14.74 6.25 7.47
CA PRO A 46 15.00 5.45 8.68
C PRO A 46 15.04 6.32 9.94
N ALA A 47 14.10 7.25 10.01
CA ALA A 47 13.97 8.18 11.10
C ALA A 47 12.66 8.93 10.96
N ILE A 48 11.57 8.25 11.31
CA ILE A 48 10.24 8.80 11.15
C ILE A 48 9.94 9.79 12.28
N PRO A 49 9.69 11.06 11.92
CA PRO A 49 9.41 12.12 12.91
C PRO A 49 8.11 11.87 13.65
N HIS A 50 8.06 12.31 14.91
CA HIS A 50 6.97 11.96 15.81
C HIS A 50 5.63 12.52 15.36
N ASP A 51 5.67 13.59 14.56
CA ASP A 51 4.46 14.16 13.99
C ASP A 51 3.84 13.21 12.98
N GLU A 52 4.71 12.59 12.18
CA GLU A 52 4.27 11.67 11.14
C GLU A 52 3.96 10.29 11.75
N VAL A 53 4.70 9.93 12.79
CA VAL A 53 4.45 8.67 13.51
C VAL A 53 3.00 8.61 13.97
N GLU A 54 2.54 9.70 14.57
CA GLU A 54 1.17 9.80 15.05
C GLU A 54 0.19 9.64 13.88
N ARG A 55 0.48 10.31 12.78
CA ARG A 55 -0.36 10.23 11.60
C ARG A 55 -0.41 8.80 11.08
N ARG A 56 0.75 8.16 11.02
CA ARG A 56 0.86 6.79 10.54
C ARG A 56 0.10 5.83 11.45
N MET A 57 0.17 6.08 12.76
CA MET A 57 -0.51 5.23 13.72
C MET A 57 -2.02 5.43 13.67
N ALA A 58 -2.44 6.66 13.41
CA ALA A 58 -3.85 6.96 13.22
C ALA A 58 -4.35 6.25 11.97
N GLU A 59 -3.55 6.30 10.91
CA GLU A 59 -3.88 5.63 9.66
C GLU A 59 -3.83 4.12 9.84
N ARG A 60 -2.98 3.67 10.74
CA ARG A 60 -2.85 2.25 11.07
C ARG A 60 -4.17 1.73 11.61
N PHE A 61 -4.70 2.40 12.61
CA PHE A 61 -5.93 1.97 13.26
C PHE A 61 -7.13 2.17 12.34
N ALA A 62 -7.04 3.18 11.47
CA ALA A 62 -8.13 3.51 10.57
C ALA A 62 -8.42 2.39 9.58
N LYS A 63 -7.48 2.14 8.68
CA LYS A 63 -7.68 1.16 7.62
C LYS A 63 -7.59 -0.27 8.16
N MET A 64 -6.61 -0.52 8.99
CA MET A 64 -6.38 -1.86 9.52
C MET A 64 -7.26 -2.15 10.72
N ARG A 65 -8.24 -1.28 10.94
CA ARG A 65 -9.26 -1.51 11.97
C ARG A 65 -9.84 -2.91 11.80
N LYS A 66 -10.05 -3.28 10.55
CA LYS A 66 -10.58 -4.59 10.22
C LYS A 66 -9.73 -5.25 9.13
N GLU A 67 -9.27 -4.46 8.17
CA GLU A 67 -8.37 -4.94 7.13
C GLU A 67 -7.83 -3.78 6.30
N ARG A 68 -8.63 -3.28 5.37
CA ARG A 68 -8.24 -2.13 4.56
C ARG A 68 -9.26 -1.01 4.67
N SER A 69 -10.55 -1.36 4.62
CA SER A 69 -11.60 -0.36 4.73
C SER A 69 -12.94 -1.01 5.04
N LYS A 70 -13.31 -1.02 6.33
CA LYS A 70 -14.59 -1.56 6.79
C LYS A 70 -14.83 -2.97 6.25
N GLN A 71 -14.15 -3.94 6.83
CA GLN A 71 -14.25 -5.32 6.36
C GLN A 71 -14.36 -6.28 7.54
N MET A 1 -2.68 -19.28 16.13
CA MET A 1 -3.87 -19.80 15.42
C MET A 1 -3.45 -20.56 14.17
N ASP A 2 -4.02 -21.74 13.99
CA ASP A 2 -3.67 -22.60 12.86
C ASP A 2 -4.87 -23.44 12.44
N TYR A 3 -5.06 -24.58 13.11
CA TYR A 3 -6.21 -25.45 12.85
C TYR A 3 -6.68 -26.06 14.16
N LYS A 4 -6.96 -25.21 15.14
CA LYS A 4 -7.31 -25.69 16.47
C LYS A 4 -8.81 -25.98 16.56
N ASP A 5 -9.62 -24.95 16.68
CA ASP A 5 -11.07 -25.11 16.79
C ASP A 5 -11.76 -24.42 15.63
N ASP A 6 -11.48 -24.89 14.44
CA ASP A 6 -11.94 -24.26 13.20
C ASP A 6 -13.45 -24.12 13.18
N ASP A 7 -14.16 -25.24 13.20
CA ASP A 7 -15.61 -25.22 13.15
C ASP A 7 -16.20 -25.25 14.54
N ASP A 8 -15.38 -25.62 15.51
CA ASP A 8 -15.83 -25.70 16.91
C ASP A 8 -16.12 -24.33 17.50
N LYS A 9 -15.08 -23.53 17.66
CA LYS A 9 -15.22 -22.24 18.36
C LYS A 9 -15.76 -21.15 17.45
N ASN A 10 -15.71 -21.36 16.14
CA ASN A 10 -16.22 -20.36 15.20
C ASN A 10 -17.69 -20.61 14.92
N ARG A 11 -18.00 -21.74 14.29
CA ARG A 11 -19.36 -22.10 13.89
C ARG A 11 -19.89 -21.16 12.82
N ALA A 12 -21.12 -21.43 12.36
CA ALA A 12 -21.76 -20.66 11.29
C ALA A 12 -21.03 -20.87 9.96
N LEU A 13 -21.57 -20.32 8.90
CA LEU A 13 -20.99 -20.49 7.57
C LEU A 13 -20.46 -19.16 7.03
N SER A 14 -19.38 -18.70 7.65
CA SER A 14 -18.74 -17.46 7.23
C SER A 14 -17.35 -17.77 6.65
N PRO A 15 -17.28 -17.95 5.32
CA PRO A 15 -16.03 -18.32 4.65
C PRO A 15 -15.05 -17.16 4.53
N MET A 16 -14.01 -17.35 3.71
CA MET A 16 -12.95 -16.36 3.54
C MET A 16 -12.19 -16.17 4.84
N VAL A 17 -11.88 -17.28 5.48
CA VAL A 17 -11.06 -17.25 6.68
C VAL A 17 -9.59 -17.11 6.30
N SER A 18 -9.08 -15.89 6.42
CA SER A 18 -7.72 -15.60 6.02
C SER A 18 -7.05 -14.64 7.00
N GLU A 19 -7.78 -14.20 8.00
CA GLU A 19 -7.24 -13.25 8.97
C GLU A 19 -6.44 -13.98 10.03
N PHE A 20 -5.25 -14.42 9.67
CA PHE A 20 -4.34 -15.07 10.59
C PHE A 20 -3.18 -14.15 10.93
N GLU A 21 -3.45 -12.84 10.84
CA GLU A 21 -2.44 -11.81 11.06
C GLU A 21 -1.28 -11.99 10.09
N THR A 22 -1.62 -12.33 8.86
CA THR A 22 -0.64 -12.50 7.80
C THR A 22 -1.12 -11.80 6.53
N ILE A 23 -1.64 -10.59 6.69
CA ILE A 23 -2.17 -9.83 5.58
C ILE A 23 -1.23 -8.69 5.22
N GLU A 24 -0.39 -8.31 6.18
CA GLU A 24 0.55 -7.19 6.00
C GLU A 24 1.47 -7.45 4.80
N GLN A 25 1.81 -8.73 4.60
CA GLN A 25 2.64 -9.12 3.48
C GLN A 25 2.00 -8.77 2.13
N GLU A 26 0.68 -8.84 2.08
CA GLU A 26 -0.06 -8.55 0.86
C GLU A 26 -0.30 -7.06 0.74
N ASN A 27 -0.42 -6.40 1.88
CA ASN A 27 -0.66 -4.96 1.93
C ASN A 27 0.57 -4.19 1.45
N SER A 28 1.70 -4.90 1.39
CA SER A 28 2.96 -4.32 0.92
C SER A 28 2.85 -3.75 -0.49
N TYR A 29 1.76 -4.06 -1.18
CA TYR A 29 1.53 -3.53 -2.52
C TYR A 29 1.39 -2.00 -2.49
N ASN A 30 0.96 -1.49 -1.35
CA ASN A 30 0.78 -0.04 -1.18
C ASN A 30 2.12 0.67 -1.27
N GLU A 31 3.16 0.01 -0.78
CA GLU A 31 4.51 0.56 -0.81
C GLU A 31 4.96 0.81 -2.25
N TRP A 32 4.76 -0.18 -3.11
CA TRP A 32 5.18 -0.06 -4.49
C TRP A 32 4.18 0.80 -5.26
N LEU A 33 2.95 0.83 -4.79
CA LEU A 33 1.91 1.63 -5.42
C LEU A 33 2.28 3.11 -5.34
N ARG A 34 2.67 3.57 -4.15
CA ARG A 34 3.03 4.97 -3.98
C ARG A 34 4.38 5.27 -4.63
N ALA A 35 5.09 4.22 -5.03
CA ALA A 35 6.32 4.39 -5.77
C ALA A 35 6.02 4.56 -7.27
N LYS A 36 4.94 3.94 -7.71
CA LYS A 36 4.54 3.98 -9.10
C LYS A 36 3.60 5.16 -9.38
N VAL A 37 3.04 5.73 -8.32
CA VAL A 37 2.22 6.93 -8.47
C VAL A 37 3.11 8.12 -8.82
N ALA A 38 4.40 7.96 -8.52
CA ALA A 38 5.39 8.97 -8.85
C ALA A 38 6.62 8.30 -9.46
N THR A 39 6.44 7.74 -10.64
CA THR A 39 7.51 7.00 -11.31
C THR A 39 8.13 7.84 -12.43
N SER A 40 8.21 9.15 -12.18
CA SER A 40 8.76 10.10 -13.14
C SER A 40 7.79 10.33 -14.31
N LEU A 41 7.82 11.53 -14.87
CA LEU A 41 6.96 11.88 -15.99
C LEU A 41 7.78 12.15 -17.24
N ALA A 42 9.07 12.40 -17.05
CA ALA A 42 9.97 12.64 -18.17
C ALA A 42 10.59 11.33 -18.63
N ASP A 43 11.33 11.38 -19.73
CA ASP A 43 11.95 10.18 -20.28
C ASP A 43 13.47 10.35 -20.33
N PRO A 44 14.17 9.94 -19.26
CA PRO A 44 15.63 10.00 -19.21
C PRO A 44 16.29 8.89 -20.03
N ARG A 45 15.47 7.97 -20.50
CA ARG A 45 15.94 6.84 -21.29
C ARG A 45 15.10 6.70 -22.55
N PRO A 46 15.68 6.19 -23.65
CA PRO A 46 14.96 5.94 -24.88
C PRO A 46 14.10 4.68 -24.78
N ALA A 47 13.16 4.73 -23.85
CA ALA A 47 12.29 3.59 -23.57
C ALA A 47 10.93 3.78 -24.21
N ILE A 48 10.45 2.72 -24.85
CA ILE A 48 9.15 2.72 -25.48
C ILE A 48 8.07 2.80 -24.42
N PRO A 49 7.25 3.87 -24.46
CA PRO A 49 6.25 4.14 -23.43
C PRO A 49 5.22 3.02 -23.32
N HIS A 50 5.16 2.38 -22.15
CA HIS A 50 4.15 1.37 -21.89
C HIS A 50 2.80 2.04 -21.73
N ASP A 51 2.85 3.30 -21.29
CA ASP A 51 1.63 4.09 -21.11
C ASP A 51 0.85 4.18 -22.40
N GLU A 52 1.58 4.19 -23.51
CA GLU A 52 0.97 4.29 -24.84
C GLU A 52 -0.02 3.16 -25.08
N VAL A 53 0.36 1.96 -24.66
CA VAL A 53 -0.50 0.79 -24.80
C VAL A 53 -1.68 0.88 -23.85
N GLU A 54 -1.41 1.38 -22.66
CA GLU A 54 -2.41 1.47 -21.61
C GLU A 54 -3.40 2.61 -21.88
N ARG A 55 -3.01 3.55 -22.74
CA ARG A 55 -3.88 4.67 -23.11
C ARG A 55 -5.23 4.17 -23.61
N ARG A 56 -5.18 3.15 -24.47
CA ARG A 56 -6.39 2.59 -25.05
C ARG A 56 -7.23 1.89 -24.00
N MET A 57 -6.57 1.44 -22.94
CA MET A 57 -7.26 0.78 -21.84
C MET A 57 -7.85 1.83 -20.90
N ALA A 58 -7.06 2.86 -20.63
CA ALA A 58 -7.48 3.97 -19.79
C ALA A 58 -8.68 4.68 -20.36
N GLU A 59 -8.85 4.60 -21.67
CA GLU A 59 -10.00 5.18 -22.34
C GLU A 59 -11.31 4.65 -21.77
N ARG A 60 -11.31 3.39 -21.37
CA ARG A 60 -12.50 2.78 -20.79
C ARG A 60 -12.53 2.92 -19.28
N PHE A 61 -11.39 2.72 -18.63
CA PHE A 61 -11.34 2.67 -17.18
C PHE A 61 -11.13 4.05 -16.56
N ALA A 62 -10.12 4.77 -17.03
CA ALA A 62 -9.75 6.05 -16.45
C ALA A 62 -10.67 7.16 -16.91
N LYS A 63 -11.43 6.91 -17.95
CA LYS A 63 -12.41 7.88 -18.42
C LYS A 63 -13.77 7.65 -17.73
N MET A 64 -13.93 6.47 -17.14
CA MET A 64 -15.18 6.13 -16.47
C MET A 64 -15.15 6.58 -15.00
N ARG A 65 -14.21 6.02 -14.24
CA ARG A 65 -14.09 6.38 -12.83
C ARG A 65 -12.88 7.28 -12.60
N LYS A 66 -11.79 6.97 -13.31
CA LYS A 66 -10.56 7.77 -13.28
C LYS A 66 -9.76 7.56 -11.99
N GLU A 67 -10.45 7.46 -10.86
CA GLU A 67 -9.80 7.33 -9.56
C GLU A 67 -9.37 5.87 -9.32
N ARG A 68 -8.77 5.27 -10.35
CA ARG A 68 -8.25 3.91 -10.29
C ARG A 68 -7.60 3.56 -11.62
N SER A 69 -7.02 2.37 -11.71
CA SER A 69 -6.45 1.88 -12.95
C SER A 69 -5.33 2.78 -13.46
N LYS A 70 -4.43 3.16 -12.55
CA LYS A 70 -3.29 4.00 -12.91
C LYS A 70 -2.18 3.14 -13.48
N GLN A 71 -2.33 1.82 -13.31
CA GLN A 71 -1.35 0.85 -13.80
C GLN A 71 -0.07 0.92 -12.99
N MET A 1 -34.96 -8.21 11.95
CA MET A 1 -33.94 -7.34 11.31
C MET A 1 -33.74 -6.05 12.10
N ASP A 2 -34.48 -5.91 13.20
CA ASP A 2 -34.40 -4.71 14.02
C ASP A 2 -34.84 -5.00 15.45
N TYR A 3 -35.88 -5.81 15.60
CA TYR A 3 -36.39 -6.17 16.92
C TYR A 3 -37.00 -7.57 16.85
N LYS A 4 -36.41 -8.40 16.03
CA LYS A 4 -36.83 -9.79 15.87
C LYS A 4 -35.84 -10.68 16.60
N ASP A 5 -35.59 -10.36 17.87
CA ASP A 5 -34.60 -11.04 18.69
C ASP A 5 -33.22 -10.92 18.05
N ASP A 6 -33.03 -9.85 17.28
CA ASP A 6 -31.78 -9.64 16.54
C ASP A 6 -30.70 -9.13 17.48
N ASP A 7 -30.88 -7.90 17.95
CA ASP A 7 -29.95 -7.28 18.89
C ASP A 7 -28.52 -7.29 18.38
N ASP A 8 -28.22 -6.41 17.44
CA ASP A 8 -26.87 -6.30 16.89
C ASP A 8 -25.91 -5.77 17.93
N LYS A 9 -26.42 -4.91 18.79
CA LYS A 9 -25.63 -4.33 19.88
C LYS A 9 -25.67 -5.23 21.12
N ASN A 10 -26.55 -6.23 21.08
CA ASN A 10 -26.80 -7.10 22.23
C ASN A 10 -27.28 -6.29 23.43
N ARG A 11 -26.34 -5.79 24.20
CA ARG A 11 -26.66 -4.89 25.31
C ARG A 11 -25.71 -3.70 25.31
N ALA A 12 -24.41 -4.00 25.29
CA ALA A 12 -23.38 -2.97 25.24
C ALA A 12 -22.23 -3.41 24.34
N LEU A 13 -22.53 -4.28 23.39
CA LEU A 13 -21.53 -4.82 22.50
C LEU A 13 -21.61 -4.11 21.15
N SER A 14 -20.55 -3.38 20.80
CA SER A 14 -20.50 -2.67 19.53
C SER A 14 -20.42 -3.67 18.37
N PRO A 15 -21.43 -3.68 17.49
CA PRO A 15 -21.48 -4.60 16.35
C PRO A 15 -20.36 -4.31 15.34
N MET A 16 -19.31 -5.10 15.41
CA MET A 16 -18.16 -4.90 14.54
C MET A 16 -17.51 -6.24 14.22
N VAL A 17 -17.12 -6.43 12.96
CA VAL A 17 -16.49 -7.66 12.54
C VAL A 17 -15.16 -7.88 13.24
N SER A 18 -15.16 -8.78 14.22
CA SER A 18 -13.96 -9.08 14.99
C SER A 18 -13.06 -10.04 14.22
N GLU A 19 -13.62 -10.66 13.19
CA GLU A 19 -12.85 -11.60 12.38
C GLU A 19 -12.06 -10.86 11.30
N PHE A 20 -11.58 -9.69 11.65
CA PHE A 20 -10.81 -8.88 10.73
C PHE A 20 -9.35 -9.31 10.75
N GLU A 21 -8.64 -9.09 9.66
CA GLU A 21 -7.27 -9.51 9.54
C GLU A 21 -6.46 -8.49 8.75
N THR A 22 -5.15 -8.46 8.95
CA THR A 22 -4.28 -7.58 8.23
C THR A 22 -3.06 -8.34 7.71
N ILE A 23 -2.80 -8.21 6.41
CA ILE A 23 -1.70 -8.92 5.78
C ILE A 23 -0.62 -7.93 5.36
N GLU A 24 0.59 -8.16 5.89
CA GLU A 24 1.73 -7.30 5.60
C GLU A 24 2.07 -7.33 4.12
N GLN A 25 1.90 -8.49 3.50
CA GLN A 25 2.21 -8.68 2.09
C GLN A 25 1.28 -7.83 1.20
N GLU A 26 0.07 -7.62 1.68
CA GLU A 26 -0.90 -6.83 0.94
C GLU A 26 -0.60 -5.34 1.06
N ASN A 27 -0.15 -4.94 2.25
CA ASN A 27 0.15 -3.53 2.50
C ASN A 27 1.50 -3.16 1.90
N SER A 28 2.42 -4.11 1.83
CA SER A 28 3.72 -3.86 1.21
C SER A 28 3.57 -3.76 -0.30
N TYR A 29 2.63 -4.53 -0.85
CA TYR A 29 2.32 -4.46 -2.27
C TYR A 29 1.64 -3.14 -2.59
N ASN A 30 0.79 -2.69 -1.68
CA ASN A 30 0.14 -1.39 -1.83
C ASN A 30 1.19 -0.29 -1.72
N GLU A 31 2.15 -0.51 -0.83
CA GLU A 31 3.27 0.42 -0.65
C GLU A 31 4.10 0.48 -1.93
N TRP A 32 4.24 -0.67 -2.58
CA TRP A 32 4.91 -0.77 -3.86
C TRP A 32 4.14 0.01 -4.93
N LEU A 33 2.82 0.03 -4.79
CA LEU A 33 1.96 0.72 -5.73
C LEU A 33 1.99 2.23 -5.47
N ARG A 34 2.08 2.60 -4.19
CA ARG A 34 2.17 4.00 -3.80
C ARG A 34 3.42 4.64 -4.39
N ALA A 35 4.44 3.82 -4.64
CA ALA A 35 5.67 4.29 -5.26
C ALA A 35 5.43 4.76 -6.68
N LYS A 36 4.41 4.19 -7.32
CA LYS A 36 4.08 4.55 -8.68
C LYS A 36 3.23 5.81 -8.70
N VAL A 37 2.38 5.96 -7.69
CA VAL A 37 1.54 7.14 -7.56
C VAL A 37 2.36 8.35 -7.16
N ALA A 38 3.14 8.20 -6.10
CA ALA A 38 3.94 9.28 -5.57
C ALA A 38 5.43 8.91 -5.56
N THR A 39 6.04 8.93 -6.73
CA THR A 39 7.44 8.58 -6.86
C THR A 39 8.34 9.65 -6.25
N SER A 40 8.06 10.90 -6.56
CA SER A 40 8.81 12.02 -6.00
C SER A 40 7.92 13.26 -5.95
N LEU A 41 6.86 13.19 -5.16
CA LEU A 41 5.89 14.28 -5.08
C LEU A 41 5.99 15.01 -3.75
N ALA A 42 7.11 14.87 -3.08
CA ALA A 42 7.34 15.55 -1.81
C ALA A 42 7.63 17.02 -2.05
N ASP A 43 6.58 17.82 -2.13
CA ASP A 43 6.70 19.24 -2.42
C ASP A 43 5.91 20.06 -1.42
N PRO A 44 6.56 20.98 -0.71
CA PRO A 44 5.93 21.78 0.34
C PRO A 44 5.31 23.09 -0.17
N ARG A 45 5.10 23.20 -1.47
CA ARG A 45 4.53 24.42 -2.03
C ARG A 45 3.56 24.12 -3.17
N PRO A 46 2.27 23.92 -2.83
CA PRO A 46 1.22 23.70 -3.83
C PRO A 46 1.13 24.88 -4.80
N ALA A 47 1.55 24.65 -6.02
CA ALA A 47 1.61 25.69 -7.03
C ALA A 47 0.21 26.11 -7.47
N ILE A 48 -0.18 27.31 -7.11
CA ILE A 48 -1.49 27.84 -7.46
C ILE A 48 -1.38 28.73 -8.69
N PRO A 49 -1.93 28.29 -9.82
CA PRO A 49 -1.95 29.07 -11.04
C PRO A 49 -3.04 30.15 -10.96
N HIS A 50 -2.66 31.39 -11.23
CA HIS A 50 -3.60 32.51 -11.14
C HIS A 50 -4.71 32.35 -12.17
N ASP A 51 -4.43 31.59 -13.23
CA ASP A 51 -5.42 31.30 -14.25
C ASP A 51 -6.56 30.47 -13.68
N GLU A 52 -6.23 29.61 -12.72
CA GLU A 52 -7.23 28.79 -12.04
C GLU A 52 -8.14 29.69 -11.20
N VAL A 53 -7.53 30.67 -10.53
CA VAL A 53 -8.26 31.60 -9.69
C VAL A 53 -9.17 32.49 -10.54
N GLU A 54 -8.60 33.09 -11.56
CA GLU A 54 -9.33 34.03 -12.41
C GLU A 54 -10.39 33.33 -13.25
N ARG A 55 -10.17 32.05 -13.52
CA ARG A 55 -11.16 31.27 -14.27
C ARG A 55 -12.22 30.71 -13.34
N ARG A 56 -11.80 29.81 -12.45
CA ARG A 56 -12.73 29.04 -11.64
C ARG A 56 -13.22 29.85 -10.44
N MET A 57 -12.29 30.29 -9.61
CA MET A 57 -12.63 30.96 -8.36
C MET A 57 -13.40 32.25 -8.61
N ALA A 58 -13.07 32.95 -9.69
CA ALA A 58 -13.77 34.17 -10.07
C ALA A 58 -15.25 33.90 -10.29
N GLU A 59 -15.55 32.80 -10.96
CA GLU A 59 -16.94 32.42 -11.22
C GLU A 59 -17.60 31.95 -9.92
N ARG A 60 -16.78 31.53 -8.97
CA ARG A 60 -17.29 31.13 -7.67
C ARG A 60 -17.60 32.37 -6.83
N PHE A 61 -16.74 33.38 -6.94
CA PHE A 61 -16.94 34.65 -6.25
C PHE A 61 -18.20 35.32 -6.77
N ALA A 62 -18.47 35.13 -8.05
CA ALA A 62 -19.65 35.69 -8.68
C ALA A 62 -20.92 35.23 -7.98
N LYS A 63 -20.95 33.96 -7.59
CA LYS A 63 -22.10 33.37 -6.93
C LYS A 63 -22.17 33.80 -5.47
N MET A 64 -21.15 34.52 -5.02
CA MET A 64 -21.13 35.07 -3.67
C MET A 64 -21.73 36.48 -3.69
N ARG A 65 -21.65 37.12 -4.85
CA ARG A 65 -22.20 38.47 -5.01
C ARG A 65 -23.61 38.41 -5.59
N LYS A 66 -23.78 37.54 -6.58
CA LYS A 66 -25.06 37.40 -7.25
C LYS A 66 -25.81 36.18 -6.72
N GLU A 67 -27.12 36.36 -6.51
CA GLU A 67 -28.03 35.29 -6.09
C GLU A 67 -27.42 34.36 -5.03
N ARG A 68 -26.81 34.96 -4.02
CA ARG A 68 -26.17 34.18 -2.97
C ARG A 68 -27.18 33.77 -1.91
N SER A 69 -26.75 32.89 -1.00
CA SER A 69 -27.58 32.43 0.10
C SER A 69 -28.85 31.75 -0.40
N LYS A 70 -28.77 31.15 -1.58
CA LYS A 70 -29.91 30.47 -2.17
C LYS A 70 -29.62 28.98 -2.31
N GLN A 71 -29.93 28.24 -1.26
CA GLN A 71 -29.73 26.80 -1.24
C GLN A 71 -30.66 26.16 -0.23
N MET A 1 -5.80 -43.92 22.84
CA MET A 1 -6.90 -43.47 21.96
C MET A 1 -6.34 -42.67 20.78
N ASP A 2 -6.03 -43.37 19.69
CA ASP A 2 -5.47 -42.73 18.51
C ASP A 2 -6.34 -43.00 17.29
N TYR A 3 -7.42 -42.23 17.16
CA TYR A 3 -8.34 -42.38 16.05
C TYR A 3 -8.78 -41.01 15.55
N LYS A 4 -7.82 -40.18 15.18
CA LYS A 4 -8.12 -38.82 14.75
C LYS A 4 -7.21 -38.38 13.61
N ASP A 5 -7.70 -37.47 12.79
CA ASP A 5 -6.93 -36.96 11.66
C ASP A 5 -6.86 -35.43 11.73
N ASP A 6 -7.82 -34.85 12.44
CA ASP A 6 -7.90 -33.40 12.55
C ASP A 6 -7.28 -32.92 13.85
N ASP A 7 -7.67 -33.56 14.95
CA ASP A 7 -7.18 -33.23 16.30
C ASP A 7 -7.80 -31.92 16.78
N ASP A 8 -8.59 -32.02 17.84
CA ASP A 8 -9.45 -30.92 18.30
C ASP A 8 -8.68 -29.81 19.00
N LYS A 9 -7.36 -29.97 19.11
CA LYS A 9 -6.55 -28.93 19.72
C LYS A 9 -6.11 -27.93 18.66
N ASN A 10 -6.55 -28.18 17.42
CA ASN A 10 -6.20 -27.34 16.28
C ASN A 10 -4.70 -27.32 16.07
N ARG A 11 -4.08 -28.44 16.39
CA ARG A 11 -2.65 -28.58 16.30
C ARG A 11 -2.25 -29.00 14.88
N ALA A 12 -2.08 -28.02 14.01
CA ALA A 12 -1.66 -28.28 12.65
C ALA A 12 -0.13 -28.30 12.58
N LEU A 13 0.42 -29.29 11.87
CA LEU A 13 1.86 -29.44 11.78
C LEU A 13 2.38 -28.86 10.47
N SER A 14 1.57 -28.00 9.86
CA SER A 14 1.94 -27.36 8.62
C SER A 14 1.94 -25.84 8.78
N PRO A 15 3.05 -25.18 8.40
CA PRO A 15 3.17 -23.72 8.51
C PRO A 15 2.21 -22.98 7.58
N MET A 16 1.35 -22.17 8.16
CA MET A 16 0.38 -21.40 7.39
C MET A 16 1.00 -20.13 6.84
N VAL A 17 2.01 -20.30 6.01
CA VAL A 17 2.72 -19.18 5.41
C VAL A 17 2.07 -18.77 4.09
N SER A 18 2.20 -17.49 3.75
CA SER A 18 1.67 -16.92 2.51
C SER A 18 0.19 -17.26 2.30
N GLU A 19 -0.67 -16.54 3.00
CA GLU A 19 -2.10 -16.74 2.88
C GLU A 19 -2.66 -15.93 1.73
N PHE A 20 -3.74 -16.43 1.12
CA PHE A 20 -4.41 -15.73 0.03
C PHE A 20 -5.06 -14.46 0.56
N GLU A 21 -5.37 -14.46 1.85
CA GLU A 21 -5.82 -13.27 2.54
C GLU A 21 -4.60 -12.49 3.01
N THR A 22 -4.01 -11.75 2.07
CA THR A 22 -2.77 -11.03 2.32
C THR A 22 -2.96 -9.87 3.28
N ILE A 23 -2.20 -9.88 4.37
CA ILE A 23 -2.23 -8.79 5.33
C ILE A 23 -1.00 -7.90 5.15
N GLU A 24 0.15 -8.38 5.61
CA GLU A 24 1.40 -7.64 5.48
C GLU A 24 1.85 -7.60 4.03
N GLN A 25 1.59 -8.69 3.33
CA GLN A 25 1.93 -8.79 1.92
C GLN A 25 1.12 -7.78 1.11
N GLU A 26 -0.07 -7.45 1.59
CA GLU A 26 -0.91 -6.46 0.94
C GLU A 26 -0.37 -5.06 1.21
N ASN A 27 0.11 -4.85 2.43
CA ASN A 27 0.65 -3.57 2.82
C ASN A 27 1.93 -3.25 2.06
N SER A 28 2.75 -4.28 1.82
CA SER A 28 3.99 -4.10 1.08
C SER A 28 3.70 -3.83 -0.41
N TYR A 29 2.79 -4.60 -0.99
CA TYR A 29 2.41 -4.39 -2.38
C TYR A 29 1.72 -3.03 -2.57
N ASN A 30 0.99 -2.58 -1.56
CA ASN A 30 0.34 -1.28 -1.62
C ASN A 30 1.38 -0.16 -1.53
N GLU A 31 2.42 -0.40 -0.73
CA GLU A 31 3.51 0.54 -0.59
C GLU A 31 4.19 0.77 -1.94
N TRP A 32 4.34 -0.31 -2.70
CA TRP A 32 4.91 -0.22 -4.04
C TRP A 32 3.93 0.47 -4.99
N LEU A 33 2.65 0.17 -4.84
CA LEU A 33 1.62 0.77 -5.68
C LEU A 33 1.60 2.28 -5.52
N ARG A 34 1.66 2.72 -4.26
CA ARG A 34 1.62 4.14 -3.92
C ARG A 34 2.81 4.87 -4.54
N ALA A 35 3.95 4.20 -4.62
CA ALA A 35 5.16 4.82 -5.15
C ALA A 35 5.21 4.71 -6.67
N LYS A 36 4.77 3.57 -7.19
CA LYS A 36 4.83 3.33 -8.62
C LYS A 36 3.82 4.21 -9.36
N VAL A 37 2.58 4.20 -8.90
CA VAL A 37 1.54 5.00 -9.54
C VAL A 37 1.69 6.46 -9.17
N ALA A 38 2.21 6.69 -7.97
CA ALA A 38 2.43 8.04 -7.44
C ALA A 38 1.13 8.82 -7.36
N THR A 39 0.72 9.44 -8.46
CA THR A 39 -0.54 10.16 -8.49
C THR A 39 -1.45 9.59 -9.57
N SER A 40 -0.98 9.56 -10.81
CA SER A 40 -1.80 9.09 -11.92
C SER A 40 -0.97 8.31 -12.94
N LEU A 41 0.13 7.71 -12.51
CA LEU A 41 0.97 6.92 -13.40
C LEU A 41 0.49 5.48 -13.43
N ALA A 42 -0.77 5.30 -13.80
CA ALA A 42 -1.38 3.99 -13.89
C ALA A 42 -1.20 3.40 -15.28
N ASP A 43 0.04 3.07 -15.61
CA ASP A 43 0.36 2.47 -16.90
C ASP A 43 -0.38 1.15 -17.07
N PRO A 44 -0.82 0.85 -18.30
CA PRO A 44 -1.53 -0.40 -18.61
C PRO A 44 -0.60 -1.62 -18.52
N ARG A 45 -0.28 -2.02 -17.30
CA ARG A 45 0.62 -3.14 -17.05
C ARG A 45 0.03 -4.44 -17.57
N PRO A 46 0.83 -5.24 -18.30
CA PRO A 46 0.43 -6.56 -18.75
C PRO A 46 0.25 -7.52 -17.57
N ALA A 47 -0.84 -8.29 -17.60
CA ALA A 47 -1.16 -9.25 -16.54
C ALA A 47 -1.37 -8.55 -15.20
N ILE A 48 -2.56 -7.97 -15.03
CA ILE A 48 -2.94 -7.34 -13.79
C ILE A 48 -4.28 -7.86 -13.30
N PRO A 49 -4.42 -8.05 -11.98
CA PRO A 49 -5.65 -8.58 -11.39
C PRO A 49 -6.82 -7.61 -11.55
N HIS A 50 -7.85 -8.05 -12.25
CA HIS A 50 -9.00 -7.20 -12.54
C HIS A 50 -10.04 -7.30 -11.42
N ASP A 51 -10.09 -8.45 -10.77
CA ASP A 51 -11.09 -8.68 -9.73
C ASP A 51 -10.83 -7.82 -8.52
N GLU A 52 -9.55 -7.58 -8.24
CA GLU A 52 -9.16 -6.75 -7.11
C GLU A 52 -9.59 -5.31 -7.35
N VAL A 53 -9.40 -4.86 -8.59
CA VAL A 53 -9.77 -3.52 -8.97
C VAL A 53 -11.29 -3.38 -9.01
N GLU A 54 -11.94 -4.34 -9.66
CA GLU A 54 -13.41 -4.33 -9.82
C GLU A 54 -14.10 -4.27 -8.46
N ARG A 55 -13.59 -5.01 -7.49
CA ARG A 55 -14.16 -5.05 -6.15
C ARG A 55 -14.14 -3.66 -5.52
N ARG A 56 -13.07 -2.91 -5.78
CA ARG A 56 -12.90 -1.58 -5.23
C ARG A 56 -13.60 -0.55 -6.11
N MET A 57 -13.56 -0.78 -7.41
CA MET A 57 -14.15 0.11 -8.39
C MET A 57 -15.66 0.19 -8.21
N ALA A 58 -16.26 -0.97 -7.89
CA ALA A 58 -17.69 -1.04 -7.63
C ALA A 58 -18.08 -0.11 -6.49
N GLU A 59 -17.24 -0.07 -5.46
CA GLU A 59 -17.46 0.80 -4.31
C GLU A 59 -17.41 2.27 -4.74
N ARG A 60 -16.40 2.60 -5.53
CA ARG A 60 -16.22 3.97 -6.00
C ARG A 60 -17.34 4.37 -6.95
N PHE A 61 -17.74 3.44 -7.80
CA PHE A 61 -18.82 3.68 -8.75
C PHE A 61 -20.14 3.90 -8.02
N ALA A 62 -20.32 3.20 -6.91
CA ALA A 62 -21.52 3.36 -6.10
C ALA A 62 -21.63 4.79 -5.58
N LYS A 63 -20.50 5.42 -5.37
CA LYS A 63 -20.45 6.82 -4.94
C LYS A 63 -20.66 7.74 -6.14
N MET A 64 -19.97 7.44 -7.24
CA MET A 64 -20.04 8.23 -8.46
C MET A 64 -21.46 8.26 -9.02
N ARG A 65 -22.15 7.13 -8.89
CA ARG A 65 -23.50 6.98 -9.42
C ARG A 65 -24.50 7.88 -8.70
N LYS A 66 -24.19 8.22 -7.45
CA LYS A 66 -25.06 9.11 -6.68
C LYS A 66 -24.71 10.57 -6.98
N GLU A 67 -23.57 10.77 -7.61
CA GLU A 67 -23.09 12.10 -7.93
C GLU A 67 -23.49 12.46 -9.35
N ARG A 68 -23.20 13.70 -9.73
CA ARG A 68 -23.39 14.14 -11.10
C ARG A 68 -22.12 13.85 -11.88
N SER A 69 -21.96 12.61 -12.30
CA SER A 69 -20.74 12.18 -12.97
C SER A 69 -21.05 11.13 -14.04
N LYS A 70 -21.85 11.54 -15.04
CA LYS A 70 -22.19 10.69 -16.18
C LYS A 70 -22.90 9.41 -15.71
N GLN A 71 -24.22 9.49 -15.59
CA GLN A 71 -25.01 8.37 -15.14
C GLN A 71 -25.51 7.57 -16.34
N MET A 1 -31.20 -15.07 25.56
CA MET A 1 -31.08 -16.32 24.78
C MET A 1 -30.42 -16.06 23.44
N ASP A 2 -29.44 -16.90 23.10
CA ASP A 2 -28.79 -16.87 21.79
C ASP A 2 -28.11 -15.54 21.51
N TYR A 3 -27.34 -15.06 22.49
CA TYR A 3 -26.54 -13.86 22.28
C TYR A 3 -25.08 -14.24 22.11
N LYS A 4 -24.57 -14.02 20.90
CA LYS A 4 -23.19 -14.35 20.58
C LYS A 4 -22.26 -13.34 21.22
N ASP A 5 -22.57 -12.07 21.01
CA ASP A 5 -21.84 -10.97 21.63
C ASP A 5 -22.78 -9.81 21.84
N ASP A 6 -22.80 -9.27 23.05
CA ASP A 6 -23.70 -8.18 23.37
C ASP A 6 -22.93 -7.05 24.03
N ASP A 7 -22.42 -7.29 25.24
CA ASP A 7 -21.56 -6.36 25.96
C ASP A 7 -22.10 -4.93 25.95
N ASP A 8 -22.87 -4.59 26.98
CA ASP A 8 -23.43 -3.24 27.10
C ASP A 8 -22.34 -2.21 27.31
N LYS A 9 -21.17 -2.67 27.75
CA LYS A 9 -20.02 -1.79 27.93
C LYS A 9 -19.28 -1.60 26.61
N ASN A 10 -19.66 -2.40 25.61
CA ASN A 10 -19.04 -2.37 24.28
C ASN A 10 -17.57 -2.80 24.33
N ARG A 11 -16.92 -2.75 23.17
CA ARG A 11 -15.51 -3.07 23.02
C ARG A 11 -15.22 -4.57 23.16
N ALA A 12 -14.50 -5.09 22.19
CA ALA A 12 -14.04 -6.47 22.23
C ALA A 12 -12.86 -6.57 23.20
N LEU A 13 -12.73 -7.70 23.89
CA LEU A 13 -11.67 -7.88 24.87
C LEU A 13 -10.35 -8.28 24.21
N SER A 14 -10.21 -7.87 22.95
CA SER A 14 -9.03 -8.17 22.15
C SER A 14 -8.75 -9.68 22.08
N PRO A 15 -9.58 -10.42 21.34
CA PRO A 15 -9.38 -11.87 21.18
C PRO A 15 -8.27 -12.18 20.18
N MET A 16 -8.14 -11.34 19.16
CA MET A 16 -7.12 -11.50 18.14
C MET A 16 -7.00 -10.20 17.35
N VAL A 17 -6.53 -9.17 18.02
CA VAL A 17 -6.39 -7.86 17.39
C VAL A 17 -4.93 -7.56 17.10
N SER A 18 -4.66 -7.00 15.94
CA SER A 18 -3.31 -6.68 15.53
C SER A 18 -3.33 -5.59 14.46
N GLU A 19 -3.69 -4.38 14.89
CA GLU A 19 -3.78 -3.25 13.98
C GLU A 19 -2.39 -2.68 13.69
N PHE A 20 -1.57 -3.49 13.06
CA PHE A 20 -0.23 -3.11 12.67
C PHE A 20 -0.17 -2.90 11.17
N GLU A 21 0.43 -1.80 10.73
CA GLU A 21 0.53 -1.50 9.32
C GLU A 21 1.76 -2.17 8.72
N THR A 22 1.92 -3.44 9.05
CA THR A 22 3.04 -4.24 8.59
C THR A 22 2.96 -4.49 7.08
N ILE A 23 4.11 -4.67 6.45
CA ILE A 23 4.17 -4.86 5.01
C ILE A 23 4.10 -6.33 4.64
N GLU A 24 3.10 -7.02 5.17
CA GLU A 24 2.93 -8.44 4.87
C GLU A 24 2.01 -8.66 3.67
N GLN A 25 0.73 -8.35 3.82
CA GLN A 25 -0.23 -8.62 2.76
C GLN A 25 -0.36 -7.46 1.79
N GLU A 26 -0.96 -6.38 2.26
CA GLU A 26 -1.29 -5.26 1.40
C GLU A 26 -0.16 -4.25 1.33
N ASN A 27 0.37 -3.88 2.49
CA ASN A 27 1.39 -2.84 2.57
C ASN A 27 2.69 -3.23 1.88
N SER A 28 2.84 -4.52 1.56
CA SER A 28 4.01 -4.98 0.83
C SER A 28 3.93 -4.55 -0.64
N TYR A 29 2.77 -4.80 -1.25
CA TYR A 29 2.59 -4.49 -2.67
C TYR A 29 2.03 -3.09 -2.86
N ASN A 30 1.03 -2.74 -2.06
CA ASN A 30 0.34 -1.44 -2.19
C ASN A 30 1.31 -0.29 -2.00
N GLU A 31 2.18 -0.38 -1.00
CA GLU A 31 3.15 0.68 -0.73
C GLU A 31 4.13 0.81 -1.90
N TRP A 32 4.46 -0.31 -2.51
CA TRP A 32 5.36 -0.34 -3.64
C TRP A 32 4.68 0.24 -4.88
N LEU A 33 3.36 0.11 -4.93
CA LEU A 33 2.57 0.61 -6.06
C LEU A 33 2.35 2.11 -5.91
N ARG A 34 1.90 2.53 -4.72
CA ARG A 34 1.58 3.93 -4.46
C ARG A 34 2.80 4.82 -4.64
N ALA A 35 3.95 4.32 -4.21
CA ALA A 35 5.19 5.08 -4.29
C ALA A 35 5.67 5.23 -5.73
N LYS A 36 5.17 4.35 -6.60
CA LYS A 36 5.51 4.41 -8.01
C LYS A 36 4.62 5.43 -8.71
N VAL A 37 3.32 5.40 -8.38
CA VAL A 37 2.38 6.35 -8.93
C VAL A 37 2.73 7.77 -8.49
N ALA A 38 3.00 7.93 -7.21
CA ALA A 38 3.37 9.21 -6.65
C ALA A 38 4.43 9.03 -5.57
N THR A 39 5.65 9.48 -5.85
CA THR A 39 6.74 9.37 -4.90
C THR A 39 6.49 10.24 -3.68
N SER A 40 5.60 11.22 -3.84
CA SER A 40 5.20 12.07 -2.74
C SER A 40 3.92 11.51 -2.12
N LEU A 41 4.07 10.63 -1.14
CA LEU A 41 2.93 10.00 -0.49
C LEU A 41 2.12 11.06 0.26
N ALA A 42 2.81 12.00 0.87
CA ALA A 42 2.16 13.10 1.57
C ALA A 42 2.08 14.33 0.68
N ASP A 43 1.44 14.15 -0.47
CA ASP A 43 1.27 15.22 -1.43
C ASP A 43 0.34 16.29 -0.87
N PRO A 44 0.49 17.55 -1.33
CA PRO A 44 -0.36 18.66 -0.90
C PRO A 44 -1.83 18.43 -1.28
N ARG A 45 -2.56 17.82 -0.37
CA ARG A 45 -3.93 17.43 -0.61
C ARG A 45 -4.62 17.14 0.72
N PRO A 46 -5.89 17.52 0.87
CA PRO A 46 -6.70 17.18 2.05
C PRO A 46 -6.71 15.66 2.27
N ALA A 47 -6.86 15.25 3.52
CA ALA A 47 -6.82 13.83 3.87
C ALA A 47 -8.01 13.07 3.28
N ILE A 48 -7.89 12.76 2.01
CA ILE A 48 -8.90 12.00 1.27
C ILE A 48 -8.20 10.94 0.43
N PRO A 49 -8.65 9.66 0.55
CA PRO A 49 -8.10 8.56 -0.24
C PRO A 49 -8.01 8.92 -1.73
N HIS A 50 -6.83 8.73 -2.30
CA HIS A 50 -6.56 9.12 -3.68
C HIS A 50 -7.47 8.37 -4.66
N ASP A 51 -7.85 7.16 -4.28
CA ASP A 51 -8.75 6.35 -5.10
C ASP A 51 -10.12 7.00 -5.17
N GLU A 52 -10.50 7.65 -4.07
CA GLU A 52 -11.78 8.32 -4.00
C GLU A 52 -11.75 9.60 -4.81
N VAL A 53 -10.60 10.29 -4.78
CA VAL A 53 -10.41 11.51 -5.54
C VAL A 53 -10.48 11.22 -7.04
N GLU A 54 -9.71 10.23 -7.49
CA GLU A 54 -9.70 9.83 -8.90
C GLU A 54 -11.11 9.43 -9.35
N ARG A 55 -11.89 8.92 -8.41
CA ARG A 55 -13.27 8.53 -8.67
C ARG A 55 -14.14 9.78 -8.85
N ARG A 56 -14.22 10.62 -7.83
CA ARG A 56 -15.10 11.78 -7.84
C ARG A 56 -14.67 12.78 -8.91
N MET A 57 -13.36 12.94 -9.07
CA MET A 57 -12.82 13.90 -10.04
C MET A 57 -13.19 13.52 -11.46
N ALA A 58 -13.37 12.23 -11.69
CA ALA A 58 -13.72 11.72 -13.00
C ALA A 58 -15.05 12.29 -13.48
N GLU A 59 -16.07 12.20 -12.63
CA GLU A 59 -17.38 12.71 -12.98
C GLU A 59 -17.39 14.23 -12.94
N ARG A 60 -16.52 14.81 -12.12
CA ARG A 60 -16.40 16.27 -12.04
C ARG A 60 -15.90 16.83 -13.37
N PHE A 61 -14.90 16.16 -13.94
CA PHE A 61 -14.32 16.60 -15.20
C PHE A 61 -15.35 16.47 -16.33
N ALA A 62 -16.16 15.43 -16.26
CA ALA A 62 -17.19 15.19 -17.26
C ALA A 62 -18.34 16.18 -17.10
N LYS A 63 -18.78 16.37 -15.86
CA LYS A 63 -19.87 17.30 -15.55
C LYS A 63 -19.45 18.73 -15.83
N MET A 64 -18.15 18.97 -15.82
CA MET A 64 -17.59 20.28 -16.15
C MET A 64 -17.85 20.62 -17.61
N ARG A 65 -17.89 19.58 -18.44
CA ARG A 65 -18.22 19.76 -19.86
C ARG A 65 -19.72 19.86 -20.03
N LYS A 66 -20.45 19.22 -19.10
CA LYS A 66 -21.91 19.26 -19.07
C LYS A 66 -22.52 18.48 -20.24
N GLU A 67 -22.36 19.01 -21.43
CA GLU A 67 -22.84 18.36 -22.65
C GLU A 67 -22.19 18.99 -23.87
N ARG A 68 -21.08 19.70 -23.62
CA ARG A 68 -20.39 20.48 -24.65
C ARG A 68 -21.32 21.57 -25.19
N SER A 69 -22.05 21.24 -26.25
CA SER A 69 -23.10 22.10 -26.80
C SER A 69 -22.67 23.57 -26.89
N LYS A 70 -21.80 23.87 -27.85
CA LYS A 70 -21.38 25.25 -28.07
C LYS A 70 -22.38 25.97 -28.99
N GLN A 71 -23.63 25.97 -28.55
CA GLN A 71 -24.70 26.60 -29.31
C GLN A 71 -25.17 27.85 -28.59
N MET A 1 -24.37 10.37 -29.93
CA MET A 1 -23.21 11.30 -29.87
C MET A 1 -22.22 10.82 -28.82
N ASP A 2 -20.98 11.29 -28.92
CA ASP A 2 -19.94 10.92 -27.98
C ASP A 2 -19.32 12.16 -27.35
N TYR A 3 -19.34 12.22 -26.03
CA TYR A 3 -18.76 13.34 -25.29
C TYR A 3 -17.81 12.83 -24.23
N LYS A 4 -16.51 13.01 -24.46
CA LYS A 4 -15.50 12.56 -23.52
C LYS A 4 -15.11 13.69 -22.58
N ASP A 5 -16.10 14.17 -21.83
CA ASP A 5 -15.89 15.24 -20.86
C ASP A 5 -15.66 14.65 -19.47
N ASP A 6 -15.83 13.35 -19.38
CA ASP A 6 -15.70 12.64 -18.11
C ASP A 6 -14.68 11.52 -18.22
N ASP A 7 -14.69 10.83 -19.35
CA ASP A 7 -13.80 9.70 -19.59
C ASP A 7 -14.02 8.62 -18.52
N ASP A 8 -15.11 7.89 -18.68
CA ASP A 8 -15.49 6.89 -17.70
C ASP A 8 -14.62 5.65 -17.79
N LYS A 9 -13.94 5.47 -18.92
CA LYS A 9 -13.06 4.32 -19.10
C LYS A 9 -11.65 4.64 -18.62
N ASN A 10 -11.36 5.92 -18.49
CA ASN A 10 -10.02 6.38 -18.14
C ASN A 10 -9.78 6.24 -16.64
N ARG A 11 -9.20 5.11 -16.26
CA ARG A 11 -8.78 4.86 -14.87
C ARG A 11 -9.95 4.92 -13.88
N ALA A 12 -11.03 4.20 -14.19
CA ALA A 12 -12.17 4.13 -13.29
C ALA A 12 -12.21 2.77 -12.59
N LEU A 13 -11.04 2.18 -12.45
CA LEU A 13 -10.91 0.89 -11.79
C LEU A 13 -9.65 0.87 -10.95
N SER A 14 -9.78 0.45 -9.69
CA SER A 14 -8.67 0.37 -8.78
C SER A 14 -7.70 -0.73 -9.21
N PRO A 15 -6.39 -0.43 -9.23
CA PRO A 15 -5.35 -1.42 -9.57
C PRO A 15 -5.15 -2.45 -8.46
N MET A 16 -5.85 -2.23 -7.35
CA MET A 16 -5.84 -3.15 -6.23
C MET A 16 -7.25 -3.33 -5.72
N VAL A 17 -7.45 -4.34 -4.89
CA VAL A 17 -8.75 -4.55 -4.26
C VAL A 17 -9.04 -3.44 -3.27
N SER A 18 -10.21 -2.82 -3.41
CA SER A 18 -10.59 -1.68 -2.59
C SER A 18 -11.12 -2.13 -1.23
N GLU A 19 -10.24 -2.73 -0.45
CA GLU A 19 -10.60 -3.23 0.87
C GLU A 19 -10.44 -2.12 1.89
N PHE A 20 -11.20 -2.22 2.99
CA PHE A 20 -11.10 -1.25 4.07
C PHE A 20 -9.95 -1.63 4.99
N GLU A 21 -9.56 -2.89 4.93
CA GLU A 21 -8.41 -3.39 5.69
C GLU A 21 -7.45 -4.11 4.75
N THR A 22 -6.20 -3.69 4.74
CA THR A 22 -5.21 -4.32 3.89
C THR A 22 -4.41 -5.34 4.70
N ILE A 23 -4.36 -6.57 4.20
CA ILE A 23 -3.64 -7.64 4.86
C ILE A 23 -2.14 -7.39 4.79
N GLU A 24 -1.45 -7.52 5.92
CA GLU A 24 -0.05 -7.11 6.06
C GLU A 24 0.83 -7.56 4.88
N GLN A 25 0.62 -8.79 4.38
CA GLN A 25 1.43 -9.31 3.28
C GLN A 25 1.24 -8.50 2.00
N GLU A 26 0.10 -7.83 1.89
CA GLU A 26 -0.21 -7.05 0.71
C GLU A 26 0.28 -5.61 0.90
N ASN A 27 0.60 -5.26 2.13
CA ASN A 27 1.07 -3.90 2.45
C ASN A 27 2.36 -3.58 1.71
N SER A 28 3.17 -4.61 1.47
CA SER A 28 4.41 -4.44 0.72
C SER A 28 4.11 -4.11 -0.73
N TYR A 29 3.02 -4.67 -1.26
CA TYR A 29 2.58 -4.35 -2.60
C TYR A 29 1.96 -2.96 -2.64
N ASN A 30 1.31 -2.59 -1.55
CA ASN A 30 0.73 -1.26 -1.40
C ASN A 30 1.80 -0.18 -1.57
N GLU A 31 2.94 -0.38 -0.93
CA GLU A 31 4.05 0.57 -1.01
C GLU A 31 4.51 0.76 -2.45
N TRP A 32 4.62 -0.35 -3.16
CA TRP A 32 5.02 -0.31 -4.57
C TRP A 32 3.99 0.46 -5.39
N LEU A 33 2.72 0.23 -5.10
CA LEU A 33 1.63 0.87 -5.82
C LEU A 33 1.60 2.38 -5.50
N ARG A 34 1.77 2.70 -4.22
CA ARG A 34 1.78 4.09 -3.77
C ARG A 34 2.93 4.87 -4.39
N ALA A 35 4.07 4.19 -4.55
CA ALA A 35 5.24 4.81 -5.16
C ALA A 35 5.00 5.11 -6.63
N LYS A 36 4.08 4.37 -7.22
CA LYS A 36 3.78 4.52 -8.64
C LYS A 36 2.66 5.53 -8.87
N VAL A 37 2.06 6.01 -7.79
CA VAL A 37 0.94 6.94 -7.87
C VAL A 37 1.33 8.22 -8.61
N ALA A 38 2.38 8.87 -8.12
CA ALA A 38 2.90 10.12 -8.71
C ALA A 38 1.91 11.28 -8.54
N THR A 39 0.80 11.21 -9.26
CA THR A 39 -0.20 12.26 -9.23
C THR A 39 -1.57 11.72 -9.64
N SER A 40 -2.27 11.13 -8.67
CA SER A 40 -3.62 10.62 -8.90
C SER A 40 -4.37 10.55 -7.57
N LEU A 41 -5.37 11.40 -7.41
CA LEU A 41 -6.08 11.52 -6.14
C LEU A 41 -7.10 10.40 -5.96
N ALA A 42 -6.61 9.18 -5.92
CA ALA A 42 -7.46 8.03 -5.64
C ALA A 42 -7.60 7.88 -4.12
N ASP A 43 -8.83 7.99 -3.63
CA ASP A 43 -9.07 8.01 -2.20
C ASP A 43 -9.54 6.64 -1.70
N PRO A 44 -8.70 5.97 -0.90
CA PRO A 44 -8.99 4.64 -0.37
C PRO A 44 -9.87 4.69 0.87
N ARG A 45 -10.77 5.67 0.90
CA ARG A 45 -11.73 5.86 2.01
C ARG A 45 -11.02 6.41 3.25
N PRO A 46 -11.73 7.22 4.05
CA PRO A 46 -11.17 7.86 5.23
C PRO A 46 -11.02 6.89 6.41
N ALA A 47 -10.12 5.95 6.27
CA ALA A 47 -9.85 4.98 7.32
C ALA A 47 -9.03 5.63 8.41
N ILE A 48 -9.33 5.27 9.65
CA ILE A 48 -8.68 5.84 10.84
C ILE A 48 -9.04 7.33 10.99
N PRO A 49 -9.88 7.65 11.98
CA PRO A 49 -10.29 9.04 12.23
C PRO A 49 -9.09 9.90 12.61
N HIS A 50 -8.98 11.09 12.01
CA HIS A 50 -7.82 11.94 12.26
C HIS A 50 -7.92 12.63 13.61
N ASP A 51 -9.01 12.33 14.33
CA ASP A 51 -9.19 12.82 15.69
C ASP A 51 -8.04 12.38 16.59
N GLU A 52 -7.55 11.17 16.33
CA GLU A 52 -6.39 10.63 17.05
C GLU A 52 -5.20 11.55 16.86
N VAL A 53 -5.01 12.00 15.63
CA VAL A 53 -3.92 12.91 15.29
C VAL A 53 -4.12 14.27 15.93
N GLU A 54 -5.36 14.73 15.94
CA GLU A 54 -5.70 16.02 16.55
C GLU A 54 -5.24 16.08 18.00
N ARG A 55 -5.45 14.98 18.73
CA ARG A 55 -5.07 14.90 20.14
C ARG A 55 -3.55 14.87 20.27
N ARG A 56 -2.90 14.13 19.38
CA ARG A 56 -1.45 14.00 19.38
C ARG A 56 -0.81 15.36 19.14
N MET A 57 -1.41 16.13 18.25
CA MET A 57 -0.91 17.45 17.90
C MET A 57 -1.27 18.46 18.97
N ALA A 58 -2.42 18.25 19.60
CA ALA A 58 -2.92 19.16 20.63
C ALA A 58 -1.96 19.28 21.80
N GLU A 59 -1.45 18.16 22.28
CA GLU A 59 -0.57 18.16 23.45
C GLU A 59 0.74 18.91 23.14
N ARG A 60 1.07 19.00 21.87
CA ARG A 60 2.26 19.72 21.45
C ARG A 60 2.03 21.23 21.63
N PHE A 61 0.92 21.71 21.08
CA PHE A 61 0.57 23.12 21.18
C PHE A 61 0.20 23.48 22.61
N ALA A 62 -0.30 22.50 23.36
CA ALA A 62 -0.63 22.70 24.76
C ALA A 62 0.59 23.14 25.55
N LYS A 63 1.73 22.56 25.24
CA LYS A 63 2.98 22.91 25.89
C LYS A 63 3.48 24.26 25.40
N MET A 64 3.13 24.59 24.17
CA MET A 64 3.53 25.85 23.55
C MET A 64 2.66 27.01 24.06
N ARG A 65 1.62 26.67 24.81
CA ARG A 65 0.77 27.69 25.41
C ARG A 65 1.22 27.97 26.84
N LYS A 66 1.92 27.02 27.44
CA LYS A 66 2.52 27.23 28.73
C LYS A 66 3.84 27.97 28.55
N GLU A 67 4.64 27.47 27.63
CA GLU A 67 5.92 28.07 27.29
C GLU A 67 5.88 28.52 25.83
N ARG A 68 5.61 29.78 25.62
CA ARG A 68 5.43 30.32 24.27
C ARG A 68 6.78 30.59 23.61
N SER A 69 6.83 30.46 22.29
CA SER A 69 8.03 30.71 21.48
C SER A 69 9.24 29.93 22.01
N LYS A 70 9.32 28.66 21.62
CA LYS A 70 10.42 27.79 22.04
C LYS A 70 11.58 27.90 21.08
N GLN A 71 11.37 28.68 20.03
CA GLN A 71 12.42 28.95 19.04
C GLN A 71 13.51 29.81 19.66
N MET A 1 27.54 -31.84 -18.91
CA MET A 1 26.93 -32.80 -19.87
C MET A 1 25.42 -32.78 -19.71
N ASP A 2 24.70 -32.99 -20.80
CA ASP A 2 23.24 -33.01 -20.77
C ASP A 2 22.71 -34.12 -21.66
N TYR A 3 23.46 -35.20 -21.74
CA TYR A 3 23.14 -36.30 -22.64
C TYR A 3 22.16 -37.28 -21.98
N LYS A 4 22.53 -37.78 -20.81
CA LYS A 4 21.70 -38.74 -20.10
C LYS A 4 21.25 -38.19 -18.75
N ASP A 5 21.54 -36.91 -18.56
CA ASP A 5 21.17 -36.22 -17.33
C ASP A 5 20.97 -34.74 -17.59
N ASP A 6 19.75 -34.27 -17.40
CA ASP A 6 19.43 -32.85 -17.50
C ASP A 6 19.13 -32.32 -16.11
N ASP A 7 18.30 -33.06 -15.41
CA ASP A 7 17.96 -32.77 -14.03
C ASP A 7 17.67 -34.10 -13.34
N ASP A 8 18.35 -35.13 -13.82
CA ASP A 8 18.12 -36.49 -13.38
C ASP A 8 19.02 -36.82 -12.20
N LYS A 9 20.30 -36.54 -12.36
CA LYS A 9 21.27 -36.77 -11.30
C LYS A 9 21.30 -35.56 -10.37
N ASN A 10 20.75 -34.46 -10.86
CA ASN A 10 20.70 -33.21 -10.11
C ASN A 10 19.43 -33.14 -9.28
N ARG A 11 19.44 -32.31 -8.23
CA ARG A 11 18.26 -32.14 -7.39
C ARG A 11 17.53 -30.85 -7.74
N ALA A 12 16.22 -30.95 -7.91
CA ALA A 12 15.40 -29.80 -8.27
C ALA A 12 15.25 -28.85 -7.09
N LEU A 13 16.05 -27.79 -7.09
CA LEU A 13 16.01 -26.79 -6.02
C LEU A 13 14.65 -26.10 -5.97
N SER A 14 14.12 -25.97 -4.77
CA SER A 14 12.81 -25.37 -4.57
C SER A 14 12.69 -24.88 -3.12
N PRO A 15 12.09 -23.69 -2.91
CA PRO A 15 11.95 -23.10 -1.57
C PRO A 15 11.23 -24.01 -0.59
N MET A 16 11.96 -24.45 0.43
CA MET A 16 11.41 -25.38 1.42
C MET A 16 10.69 -24.62 2.53
N VAL A 17 9.77 -23.76 2.14
CA VAL A 17 9.00 -22.99 3.11
C VAL A 17 7.70 -23.71 3.45
N SER A 18 7.41 -23.82 4.74
CA SER A 18 6.23 -24.55 5.19
C SER A 18 5.41 -23.69 6.15
N GLU A 19 5.29 -22.42 5.83
CA GLU A 19 4.56 -21.48 6.67
C GLU A 19 4.23 -20.21 5.89
N PHE A 20 3.08 -19.62 6.19
CA PHE A 20 2.64 -18.42 5.51
C PHE A 20 2.78 -17.21 6.42
N GLU A 21 3.94 -16.58 6.34
CA GLU A 21 4.22 -15.38 7.11
C GLU A 21 4.32 -14.17 6.19
N THR A 22 3.69 -14.27 5.04
CA THR A 22 3.73 -13.23 4.04
C THR A 22 2.71 -12.14 4.38
N ILE A 23 2.98 -11.44 5.47
CA ILE A 23 2.07 -10.43 5.99
C ILE A 23 2.29 -9.09 5.30
N GLU A 24 3.54 -8.69 5.19
CA GLU A 24 3.88 -7.36 4.68
C GLU A 24 3.49 -7.22 3.22
N GLN A 25 3.74 -8.25 2.42
CA GLN A 25 3.45 -8.19 0.99
C GLN A 25 1.95 -7.99 0.73
N GLU A 26 1.12 -8.41 1.67
CA GLU A 26 -0.32 -8.33 1.51
C GLU A 26 -0.81 -6.91 1.80
N ASN A 27 -0.16 -6.24 2.74
CA ASN A 27 -0.55 -4.88 3.12
C ASN A 27 0.18 -3.81 2.31
N SER A 28 1.33 -4.17 1.76
CA SER A 28 2.18 -3.21 1.06
C SER A 28 1.66 -2.90 -0.34
N TYR A 29 0.65 -3.65 -0.79
CA TYR A 29 0.10 -3.52 -2.15
C TYR A 29 -0.16 -2.06 -2.53
N ASN A 30 -0.64 -1.27 -1.59
CA ASN A 30 -0.97 0.13 -1.85
C ASN A 30 0.26 1.02 -1.67
N GLU A 31 1.20 0.56 -0.86
CA GLU A 31 2.42 1.30 -0.58
C GLU A 31 3.38 1.21 -1.75
N TRP A 32 3.57 0.01 -2.26
CA TRP A 32 4.44 -0.19 -3.41
C TRP A 32 3.79 0.43 -4.65
N LEU A 33 2.48 0.58 -4.61
CA LEU A 33 1.76 1.27 -5.67
C LEU A 33 2.17 2.74 -5.69
N ARG A 34 2.37 3.30 -4.49
CA ARG A 34 2.84 4.68 -4.38
C ARG A 34 4.32 4.76 -4.74
N ALA A 35 5.04 3.68 -4.43
CA ALA A 35 6.46 3.58 -4.79
C ALA A 35 6.62 3.59 -6.30
N LYS A 36 5.67 2.96 -6.98
CA LYS A 36 5.64 2.95 -8.43
C LYS A 36 5.39 4.35 -8.95
N VAL A 37 4.49 5.07 -8.28
CA VAL A 37 4.15 6.43 -8.65
C VAL A 37 5.34 7.38 -8.43
N ALA A 38 5.86 7.38 -7.22
CA ALA A 38 6.95 8.27 -6.87
C ALA A 38 8.15 7.49 -6.33
N THR A 39 8.21 7.30 -5.02
CA THR A 39 9.32 6.59 -4.40
C THR A 39 8.86 5.81 -3.18
N SER A 40 8.32 6.53 -2.19
CA SER A 40 7.84 5.96 -0.94
C SER A 40 8.99 5.41 -0.08
N LEU A 41 9.70 4.43 -0.62
CA LEU A 41 10.81 3.80 0.08
C LEU A 41 11.97 4.79 0.17
N ALA A 42 12.09 5.44 1.32
CA ALA A 42 13.14 6.41 1.55
C ALA A 42 13.89 6.08 2.85
N ASP A 43 13.94 4.80 3.16
CA ASP A 43 14.64 4.32 4.35
C ASP A 43 16.13 4.57 4.22
N PRO A 44 16.75 5.14 5.27
CA PRO A 44 18.19 5.38 5.30
C PRO A 44 18.97 4.10 5.52
N ARG A 45 18.26 3.02 5.78
CA ARG A 45 18.85 1.71 5.96
C ARG A 45 18.70 0.91 4.68
N PRO A 46 19.69 0.05 4.35
CA PRO A 46 19.66 -0.78 3.15
C PRO A 46 18.41 -1.65 3.09
N ALA A 47 17.55 -1.35 2.14
CA ALA A 47 16.27 -2.04 2.01
C ALA A 47 16.05 -2.54 0.59
N ILE A 48 15.70 -3.81 0.47
CA ILE A 48 15.41 -4.39 -0.84
C ILE A 48 13.91 -4.40 -1.11
N PRO A 49 13.52 -4.24 -2.38
CA PRO A 49 12.11 -4.29 -2.78
C PRO A 49 11.49 -5.64 -2.45
N HIS A 50 10.47 -5.65 -1.60
CA HIS A 50 9.82 -6.88 -1.21
C HIS A 50 8.84 -7.32 -2.29
N ASP A 51 8.68 -6.49 -3.31
CA ASP A 51 7.89 -6.84 -4.49
C ASP A 51 8.43 -8.10 -5.14
N GLU A 52 9.75 -8.25 -5.09
CA GLU A 52 10.41 -9.42 -5.64
C GLU A 52 10.03 -10.67 -4.85
N VAL A 53 9.97 -10.51 -3.54
CA VAL A 53 9.60 -11.60 -2.65
C VAL A 53 8.17 -12.04 -2.92
N GLU A 54 7.29 -11.06 -3.12
CA GLU A 54 5.90 -11.32 -3.46
C GLU A 54 5.83 -12.05 -4.79
N ARG A 55 6.71 -11.66 -5.71
CA ARG A 55 6.74 -12.26 -7.04
C ARG A 55 7.17 -13.72 -6.96
N ARG A 56 8.03 -14.04 -6.00
CA ARG A 56 8.47 -15.40 -5.81
C ARG A 56 7.39 -16.22 -5.11
N MET A 57 6.78 -15.60 -4.11
CA MET A 57 5.75 -16.27 -3.32
C MET A 57 4.42 -16.35 -4.07
N ALA A 58 4.27 -15.52 -5.10
CA ALA A 58 3.06 -15.51 -5.92
C ALA A 58 2.81 -16.88 -6.53
N GLU A 59 3.89 -17.54 -6.93
CA GLU A 59 3.79 -18.86 -7.54
C GLU A 59 3.39 -19.90 -6.50
N ARG A 60 3.76 -19.65 -5.25
CA ARG A 60 3.40 -20.53 -4.15
C ARG A 60 1.96 -20.26 -3.71
N PHE A 61 1.51 -19.02 -3.89
CA PHE A 61 0.20 -18.58 -3.46
C PHE A 61 -0.90 -19.42 -4.12
N ALA A 62 -0.63 -19.90 -5.33
CA ALA A 62 -1.57 -20.75 -6.05
C ALA A 62 -1.87 -22.02 -5.27
N LYS A 63 -0.84 -22.58 -4.65
CA LYS A 63 -1.00 -23.80 -3.85
C LYS A 63 -1.35 -23.44 -2.40
N MET A 64 -0.96 -22.24 -1.99
CA MET A 64 -1.23 -21.75 -0.65
C MET A 64 -2.73 -21.51 -0.46
N ARG A 65 -3.43 -21.28 -1.56
CA ARG A 65 -4.87 -21.09 -1.53
C ARG A 65 -5.55 -22.32 -0.96
N LYS A 66 -4.99 -23.50 -1.23
CA LYS A 66 -5.54 -24.75 -0.72
C LYS A 66 -4.57 -25.91 -0.95
N GLU A 67 -3.90 -26.31 0.10
CA GLU A 67 -2.95 -27.42 0.03
C GLU A 67 -3.47 -28.61 0.82
N ARG A 68 -4.68 -28.47 1.37
CA ARG A 68 -5.29 -29.51 2.19
C ARG A 68 -5.39 -30.83 1.43
N SER A 69 -6.33 -30.88 0.50
CA SER A 69 -6.51 -32.06 -0.33
C SER A 69 -6.55 -31.64 -1.80
N LYS A 70 -5.74 -30.63 -2.11
CA LYS A 70 -5.69 -30.04 -3.45
C LYS A 70 -7.01 -29.32 -3.74
N GLN A 71 -7.14 -28.72 -4.93
CA GLN A 71 -8.34 -27.98 -5.32
C GLN A 71 -8.55 -26.76 -4.43
N MET A 1 -27.05 22.40 1.05
CA MET A 1 -28.33 21.68 1.21
C MET A 1 -28.31 20.82 2.47
N ASP A 2 -27.60 19.70 2.41
CA ASP A 2 -27.53 18.78 3.54
C ASP A 2 -26.10 18.29 3.73
N TYR A 3 -25.30 19.07 4.41
CA TYR A 3 -23.92 18.70 4.69
C TYR A 3 -23.40 19.44 5.92
N LYS A 4 -23.62 18.86 7.09
CA LYS A 4 -23.09 19.41 8.33
C LYS A 4 -23.17 18.38 9.46
N ASP A 5 -24.11 17.44 9.35
CA ASP A 5 -24.27 16.41 10.38
C ASP A 5 -24.24 15.02 9.74
N ASP A 6 -23.45 14.90 8.70
CA ASP A 6 -23.24 13.61 8.03
C ASP A 6 -22.51 12.66 8.96
N ASP A 7 -21.48 13.18 9.63
CA ASP A 7 -20.71 12.42 10.61
C ASP A 7 -20.07 11.17 10.00
N ASP A 8 -18.92 11.35 9.38
CA ASP A 8 -18.19 10.23 8.80
C ASP A 8 -17.73 9.28 9.90
N LYS A 9 -17.59 9.81 11.12
CA LYS A 9 -17.19 9.00 12.26
C LYS A 9 -18.31 8.03 12.63
N ASN A 10 -19.53 8.38 12.27
CA ASN A 10 -20.70 7.57 12.60
C ASN A 10 -21.00 6.60 11.46
N ARG A 11 -20.57 6.96 10.25
CA ARG A 11 -20.85 6.14 9.07
C ARG A 11 -19.69 6.17 8.07
N ALA A 12 -19.25 4.97 7.68
CA ALA A 12 -18.19 4.78 6.69
C ALA A 12 -16.81 5.14 7.26
N LEU A 13 -16.59 6.42 7.51
CA LEU A 13 -15.28 6.92 7.95
C LEU A 13 -14.21 6.56 6.91
N SER A 14 -14.16 7.36 5.86
CA SER A 14 -13.19 7.15 4.80
C SER A 14 -11.90 7.89 5.11
N PRO A 15 -10.82 7.14 5.43
CA PRO A 15 -9.52 7.72 5.72
C PRO A 15 -8.79 8.10 4.43
N MET A 16 -7.82 9.01 4.54
CA MET A 16 -7.05 9.45 3.39
C MET A 16 -6.02 8.39 3.03
N VAL A 17 -6.49 7.33 2.40
CA VAL A 17 -5.63 6.23 1.98
C VAL A 17 -5.38 6.29 0.49
N SER A 18 -4.15 6.03 0.08
CA SER A 18 -3.80 6.02 -1.33
C SER A 18 -3.47 4.61 -1.78
N GLU A 19 -3.90 3.64 -0.98
CA GLU A 19 -3.69 2.25 -1.32
C GLU A 19 -4.93 1.70 -2.02
N PHE A 20 -4.69 0.94 -3.08
CA PHE A 20 -5.78 0.46 -3.91
C PHE A 20 -5.79 -1.05 -3.98
N GLU A 21 -6.94 -1.65 -3.66
CA GLU A 21 -7.15 -3.10 -3.79
C GLU A 21 -6.13 -3.89 -2.95
N THR A 22 -5.56 -3.23 -1.95
CA THR A 22 -4.45 -3.81 -1.20
C THR A 22 -4.92 -4.81 -0.15
N ILE A 23 -4.32 -5.99 -0.20
CA ILE A 23 -4.55 -7.02 0.81
C ILE A 23 -3.51 -6.85 1.92
N GLU A 24 -3.79 -7.38 3.11
CA GLU A 24 -2.92 -7.20 4.28
C GLU A 24 -1.45 -7.44 3.93
N GLN A 25 -1.16 -8.55 3.27
CA GLN A 25 0.22 -8.90 2.93
C GLN A 25 0.80 -7.92 1.91
N GLU A 26 -0.04 -7.46 0.99
CA GLU A 26 0.41 -6.57 -0.07
C GLU A 26 0.72 -5.18 0.48
N ASN A 27 0.24 -4.92 1.70
CA ASN A 27 0.54 -3.66 2.38
C ASN A 27 2.02 -3.53 2.72
N SER A 28 2.75 -4.64 2.64
CA SER A 28 4.19 -4.61 2.87
C SER A 28 4.91 -4.31 1.55
N TYR A 29 4.22 -4.55 0.45
CA TYR A 29 4.74 -4.34 -0.90
C TYR A 29 4.32 -2.98 -1.43
N ASN A 30 3.34 -2.38 -0.74
CA ASN A 30 2.70 -1.12 -1.13
C ASN A 30 3.69 -0.04 -1.56
N GLU A 31 4.93 -0.12 -1.10
CA GLU A 31 5.96 0.86 -1.44
C GLU A 31 6.10 0.97 -2.96
N TRP A 32 5.99 -0.16 -3.65
CA TRP A 32 6.07 -0.18 -5.11
C TRP A 32 4.80 0.43 -5.72
N LEU A 33 3.67 0.18 -5.08
CA LEU A 33 2.39 0.68 -5.56
C LEU A 33 2.27 2.17 -5.30
N ARG A 34 2.94 2.64 -4.25
CA ARG A 34 2.95 4.05 -3.91
C ARG A 34 3.67 4.85 -4.99
N ALA A 35 4.66 4.22 -5.63
CA ALA A 35 5.36 4.84 -6.75
C ALA A 35 4.40 5.02 -7.92
N LYS A 36 3.45 4.10 -8.04
CA LYS A 36 2.43 4.17 -9.07
C LYS A 36 1.44 5.28 -8.76
N VAL A 37 1.29 5.56 -7.48
CA VAL A 37 0.43 6.66 -7.03
C VAL A 37 1.14 7.99 -7.24
N ALA A 38 2.44 8.00 -7.02
CA ALA A 38 3.26 9.19 -7.22
C ALA A 38 3.24 9.62 -8.67
N THR A 39 3.07 8.66 -9.57
CA THR A 39 3.05 8.92 -10.99
C THR A 39 1.63 8.97 -11.54
N SER A 40 0.66 9.13 -10.64
CA SER A 40 -0.74 9.22 -11.04
C SER A 40 -1.46 10.27 -10.18
N LEU A 41 -1.97 11.31 -10.81
CA LEU A 41 -2.63 12.38 -10.08
C LEU A 41 -4.07 12.00 -9.75
N ALA A 42 -4.67 11.19 -10.61
CA ALA A 42 -6.04 10.77 -10.41
C ALA A 42 -6.20 9.27 -10.61
N ASP A 43 -6.42 8.55 -9.52
CA ASP A 43 -6.73 7.13 -9.61
C ASP A 43 -8.20 6.94 -9.26
N PRO A 44 -8.96 6.30 -10.17
CA PRO A 44 -10.43 6.18 -10.04
C PRO A 44 -10.87 5.18 -8.97
N ARG A 45 -9.94 4.38 -8.45
CA ARG A 45 -10.30 3.33 -7.50
C ARG A 45 -9.27 3.22 -6.37
N PRO A 46 -9.08 4.30 -5.58
CA PRO A 46 -8.10 4.32 -4.49
C PRO A 46 -8.74 3.82 -3.19
N ALA A 47 -9.36 2.66 -3.26
CA ALA A 47 -10.08 2.12 -2.13
C ALA A 47 -10.00 0.60 -2.11
N ILE A 48 -10.43 0.02 -0.99
CA ILE A 48 -10.46 -1.42 -0.82
C ILE A 48 -11.87 -1.85 -0.48
N PRO A 49 -12.43 -2.85 -1.20
CA PRO A 49 -13.76 -3.39 -0.94
C PRO A 49 -13.99 -3.67 0.55
N HIS A 50 -14.97 -2.99 1.14
CA HIS A 50 -15.26 -3.16 2.55
C HIS A 50 -16.27 -4.28 2.75
N ASP A 51 -17.20 -4.41 1.82
CA ASP A 51 -18.25 -5.41 1.92
C ASP A 51 -17.66 -6.81 1.96
N GLU A 52 -16.77 -7.11 1.01
CA GLU A 52 -16.18 -8.44 0.91
C GLU A 52 -15.44 -8.80 2.20
N VAL A 53 -14.61 -7.87 2.68
CA VAL A 53 -13.83 -8.12 3.87
C VAL A 53 -14.72 -8.28 5.10
N GLU A 54 -15.66 -7.36 5.27
CA GLU A 54 -16.52 -7.36 6.43
C GLU A 54 -17.43 -8.58 6.46
N ARG A 55 -18.03 -8.90 5.32
CA ARG A 55 -18.98 -10.02 5.23
C ARG A 55 -18.28 -11.35 5.51
N ARG A 56 -17.01 -11.44 5.10
CA ARG A 56 -16.25 -12.67 5.24
C ARG A 56 -15.79 -12.84 6.69
N MET A 57 -15.45 -11.73 7.33
CA MET A 57 -15.03 -11.75 8.73
C MET A 57 -16.23 -11.95 9.64
N ALA A 58 -17.37 -11.37 9.24
CA ALA A 58 -18.59 -11.46 10.02
C ALA A 58 -18.96 -12.92 10.29
N GLU A 59 -18.78 -13.76 9.29
CA GLU A 59 -19.08 -15.18 9.41
C GLU A 59 -18.16 -15.82 10.45
N ARG A 60 -16.91 -15.41 10.44
CA ARG A 60 -15.91 -15.93 11.35
C ARG A 60 -16.17 -15.43 12.77
N PHE A 61 -16.47 -14.14 12.89
CA PHE A 61 -16.78 -13.55 14.18
C PHE A 61 -18.04 -14.17 14.77
N ALA A 62 -18.95 -14.59 13.91
CA ALA A 62 -20.18 -15.26 14.35
C ALA A 62 -19.88 -16.63 14.94
N LYS A 63 -18.84 -17.27 14.43
CA LYS A 63 -18.45 -18.60 14.89
C LYS A 63 -17.71 -18.51 16.22
N MET A 64 -16.78 -17.57 16.31
CA MET A 64 -15.93 -17.44 17.50
C MET A 64 -16.62 -16.61 18.58
N ARG A 65 -17.82 -16.13 18.28
CA ARG A 65 -18.57 -15.29 19.20
C ARG A 65 -19.08 -16.10 20.39
N LYS A 66 -19.62 -17.27 20.11
CA LYS A 66 -20.13 -18.16 21.14
C LYS A 66 -20.35 -19.56 20.57
N GLU A 67 -20.00 -20.57 21.33
CA GLU A 67 -20.27 -21.95 20.92
C GLU A 67 -21.73 -22.29 21.16
N ARG A 68 -22.52 -22.17 20.11
CA ARG A 68 -23.92 -22.55 20.17
C ARG A 68 -24.07 -24.01 19.76
N SER A 69 -25.18 -24.64 20.20
CA SER A 69 -25.41 -26.05 19.96
C SER A 69 -24.34 -26.90 20.62
N LYS A 70 -23.76 -26.35 21.69
CA LYS A 70 -22.72 -27.03 22.46
C LYS A 70 -23.10 -27.01 23.93
N GLN A 71 -24.28 -27.54 24.24
CA GLN A 71 -24.85 -27.50 25.58
C GLN A 71 -25.09 -26.05 26.01
N MET A 1 23.90 -3.46 27.46
CA MET A 1 22.47 -3.78 27.26
C MET A 1 21.61 -3.10 28.32
N ASP A 2 21.77 -1.79 28.46
CA ASP A 2 21.01 -1.01 29.44
C ASP A 2 20.86 0.42 28.98
N TYR A 3 19.99 1.15 29.67
CA TYR A 3 19.79 2.57 29.39
C TYR A 3 19.38 3.29 30.66
N LYS A 4 20.37 3.79 31.39
CA LYS A 4 20.17 4.49 32.67
C LYS A 4 19.74 3.53 33.77
N ASP A 5 18.66 2.81 33.52
CA ASP A 5 18.11 1.88 34.49
C ASP A 5 18.54 0.46 34.15
N ASP A 6 19.33 -0.14 35.04
CA ASP A 6 19.72 -1.54 34.87
C ASP A 6 18.52 -2.44 35.11
N ASP A 7 17.83 -2.15 36.20
CA ASP A 7 16.57 -2.80 36.54
C ASP A 7 16.67 -4.32 36.56
N ASP A 8 16.99 -4.87 37.72
CA ASP A 8 17.05 -6.31 37.89
C ASP A 8 15.64 -6.87 38.08
N LYS A 9 14.69 -5.98 38.27
CA LYS A 9 13.30 -6.35 38.46
C LYS A 9 12.61 -6.55 37.12
N ASN A 10 13.38 -6.36 36.03
CA ASN A 10 12.94 -6.63 34.65
C ASN A 10 11.49 -6.21 34.43
N ARG A 11 11.23 -4.92 34.57
CA ARG A 11 9.88 -4.38 34.44
C ARG A 11 9.67 -3.80 33.05
N ALA A 12 10.06 -4.57 32.05
CA ALA A 12 9.87 -4.17 30.66
C ALA A 12 9.06 -5.24 29.92
N LEU A 13 7.79 -5.34 30.28
CA LEU A 13 6.90 -6.34 29.69
C LEU A 13 6.48 -5.94 28.29
N SER A 14 7.25 -6.38 27.30
CA SER A 14 6.99 -6.10 25.89
C SER A 14 6.99 -4.61 25.61
N PRO A 15 8.19 -4.02 25.50
CA PRO A 15 8.35 -2.59 25.17
C PRO A 15 7.68 -2.24 23.84
N MET A 16 7.93 -3.07 22.83
CA MET A 16 7.34 -2.86 21.51
C MET A 16 6.96 -4.21 20.89
N VAL A 17 5.67 -4.43 20.72
CA VAL A 17 5.19 -5.66 20.12
C VAL A 17 5.07 -5.52 18.60
N SER A 18 6.16 -5.85 17.92
CA SER A 18 6.20 -5.79 16.47
C SER A 18 6.19 -7.20 15.88
N GLU A 19 5.16 -7.50 15.10
CA GLU A 19 5.01 -8.84 14.53
C GLU A 19 5.31 -8.81 13.03
N PHE A 20 6.10 -9.76 12.57
CA PHE A 20 6.48 -9.81 11.16
C PHE A 20 5.83 -11.02 10.49
N GLU A 21 4.54 -10.90 10.22
CA GLU A 21 3.82 -11.95 9.53
C GLU A 21 3.38 -11.48 8.15
N THR A 22 2.11 -11.15 7.99
CA THR A 22 1.59 -10.74 6.70
C THR A 22 1.42 -9.23 6.63
N ILE A 23 1.71 -8.54 7.73
CA ILE A 23 1.59 -7.08 7.79
C ILE A 23 2.32 -6.42 6.62
N GLU A 24 3.60 -6.72 6.48
CA GLU A 24 4.40 -6.17 5.39
C GLU A 24 3.89 -6.69 4.04
N GLN A 25 3.56 -7.98 4.00
CA GLN A 25 3.09 -8.63 2.78
C GLN A 25 1.83 -7.94 2.23
N GLU A 26 0.86 -7.73 3.12
CA GLU A 26 -0.43 -7.17 2.73
C GLU A 26 -0.28 -5.75 2.23
N ASN A 27 0.68 -5.02 2.76
CA ASN A 27 0.88 -3.64 2.38
C ASN A 27 1.84 -3.50 1.21
N SER A 28 2.59 -4.57 0.91
CA SER A 28 3.61 -4.53 -0.14
C SER A 28 3.06 -4.00 -1.46
N TYR A 29 1.97 -4.58 -1.94
CA TYR A 29 1.43 -4.19 -3.25
C TYR A 29 0.79 -2.81 -3.16
N ASN A 30 0.37 -2.42 -1.96
CA ASN A 30 -0.24 -1.12 -1.74
C ASN A 30 0.82 -0.04 -1.74
N GLU A 31 1.94 -0.32 -1.10
CA GLU A 31 3.04 0.62 -1.06
C GLU A 31 3.66 0.76 -2.45
N TRP A 32 3.75 -0.37 -3.14
CA TRP A 32 4.27 -0.39 -4.51
C TRP A 32 3.35 0.41 -5.42
N LEU A 33 2.05 0.28 -5.19
CA LEU A 33 1.04 0.99 -5.99
C LEU A 33 1.11 2.49 -5.74
N ARG A 34 1.59 2.87 -4.56
CA ARG A 34 1.66 4.27 -4.20
C ARG A 34 3.01 4.86 -4.62
N ALA A 35 4.08 4.16 -4.28
CA ALA A 35 5.44 4.65 -4.49
C ALA A 35 5.87 4.58 -5.95
N LYS A 36 5.01 4.00 -6.79
CA LYS A 36 5.30 3.90 -8.21
C LYS A 36 5.41 5.28 -8.86
N VAL A 37 4.90 6.29 -8.17
CA VAL A 37 5.05 7.66 -8.61
C VAL A 37 6.50 8.11 -8.48
N ALA A 38 7.06 7.89 -7.31
CA ALA A 38 8.45 8.23 -7.02
C ALA A 38 8.86 7.68 -5.67
N THR A 39 8.45 8.35 -4.59
CA THR A 39 8.77 7.93 -3.24
C THR A 39 7.54 8.10 -2.33
N SER A 40 6.38 7.87 -2.90
CA SER A 40 5.12 8.15 -2.23
C SER A 40 4.74 7.05 -1.24
N LEU A 41 5.09 7.24 0.03
CA LEU A 41 4.61 6.37 1.09
C LEU A 41 3.52 7.09 1.88
N ALA A 42 3.27 8.33 1.47
CA ALA A 42 2.22 9.15 2.06
C ALA A 42 1.00 9.15 1.15
N ASP A 43 -0.02 9.91 1.53
CA ASP A 43 -1.24 10.01 0.73
C ASP A 43 -1.31 11.36 0.03
N PRO A 44 -1.24 11.36 -1.31
CA PRO A 44 -1.35 12.58 -2.12
C PRO A 44 -2.76 13.15 -2.08
N ARG A 45 -2.88 14.39 -1.61
CA ARG A 45 -4.18 15.01 -1.42
C ARG A 45 -4.04 16.53 -1.37
N PRO A 46 -3.89 17.16 -2.55
CA PRO A 46 -3.68 18.60 -2.66
C PRO A 46 -4.86 19.42 -2.14
N ALA A 47 -6.05 18.83 -2.15
CA ALA A 47 -7.25 19.54 -1.74
C ALA A 47 -7.49 19.41 -0.22
N ILE A 48 -7.64 18.18 0.25
CA ILE A 48 -7.98 17.97 1.66
C ILE A 48 -6.92 17.14 2.37
N PRO A 49 -6.12 17.79 3.22
CA PRO A 49 -5.09 17.10 4.02
C PRO A 49 -5.68 16.42 5.25
N HIS A 50 -5.54 15.10 5.33
CA HIS A 50 -6.10 14.34 6.45
C HIS A 50 -5.13 14.29 7.62
N ASP A 51 -3.85 14.52 7.35
CA ASP A 51 -2.81 14.42 8.38
C ASP A 51 -2.99 15.47 9.47
N GLU A 52 -3.56 16.61 9.11
CA GLU A 52 -3.77 17.69 10.08
C GLU A 52 -5.06 17.45 10.88
N VAL A 53 -6.02 16.79 10.26
CA VAL A 53 -7.28 16.49 10.92
C VAL A 53 -7.14 15.25 11.80
N GLU A 54 -6.60 14.18 11.22
CA GLU A 54 -6.45 12.91 11.91
C GLU A 54 -5.62 13.06 13.17
N ARG A 55 -4.56 13.85 13.09
CA ARG A 55 -3.65 14.04 14.21
C ARG A 55 -4.35 14.75 15.37
N ARG A 56 -5.31 15.60 15.06
CA ARG A 56 -6.03 16.36 16.07
C ARG A 56 -7.26 15.60 16.55
N MET A 57 -7.84 14.81 15.66
CA MET A 57 -9.11 14.16 15.94
C MET A 57 -8.94 12.78 16.58
N ALA A 58 -8.06 11.97 16.01
CA ALA A 58 -7.95 10.55 16.38
C ALA A 58 -7.63 10.34 17.85
N GLU A 59 -6.46 10.80 18.28
CA GLU A 59 -6.02 10.57 19.66
C GLU A 59 -6.99 11.13 20.68
N ARG A 60 -7.65 12.23 20.31
CA ARG A 60 -8.61 12.87 21.20
C ARG A 60 -9.85 11.99 21.37
N PHE A 61 -10.31 11.39 20.28
CA PHE A 61 -11.46 10.50 20.33
C PHE A 61 -11.06 9.15 20.91
N ALA A 62 -9.83 8.73 20.62
CA ALA A 62 -9.31 7.45 21.10
C ALA A 62 -9.27 7.43 22.61
N LYS A 63 -9.07 8.59 23.22
CA LYS A 63 -9.06 8.72 24.67
C LYS A 63 -10.42 8.31 25.24
N MET A 64 -11.48 8.54 24.48
CA MET A 64 -12.83 8.21 24.91
C MET A 64 -13.10 6.72 24.74
N ARG A 65 -12.23 6.07 23.97
CA ARG A 65 -12.38 4.65 23.68
C ARG A 65 -11.29 3.85 24.41
N LYS A 66 -10.55 4.54 25.29
CA LYS A 66 -9.39 3.96 25.96
C LYS A 66 -8.35 3.55 24.93
N GLU A 67 -7.57 4.54 24.50
CA GLU A 67 -6.66 4.43 23.35
C GLU A 67 -5.90 3.10 23.29
N ARG A 68 -6.27 2.28 22.33
CA ARG A 68 -5.59 1.01 22.08
C ARG A 68 -5.61 0.71 20.59
N SER A 69 -5.78 1.76 19.79
CA SER A 69 -5.90 1.61 18.34
C SER A 69 -4.54 1.34 17.71
N LYS A 70 -4.38 0.17 17.10
CA LYS A 70 -3.14 -0.17 16.43
C LYS A 70 -3.43 -0.66 15.03
N GLN A 71 -4.54 -0.20 14.49
CA GLN A 71 -4.93 -0.55 13.13
C GLN A 71 -4.81 0.67 12.24
N MET A 1 -25.36 10.56 -8.00
CA MET A 1 -26.68 10.13 -7.48
C MET A 1 -26.71 8.63 -7.28
N ASP A 2 -26.65 7.88 -8.37
CA ASP A 2 -26.68 6.42 -8.30
C ASP A 2 -25.36 5.85 -8.83
N TYR A 3 -25.11 6.06 -10.10
CA TYR A 3 -23.88 5.58 -10.72
C TYR A 3 -22.74 6.55 -10.45
N LYS A 4 -22.01 6.30 -9.37
CA LYS A 4 -20.84 7.09 -9.05
C LYS A 4 -19.64 6.52 -9.79
N ASP A 5 -19.31 7.17 -10.92
CA ASP A 5 -18.21 6.74 -11.78
C ASP A 5 -18.54 5.43 -12.47
N ASP A 6 -17.55 4.85 -13.14
CA ASP A 6 -17.76 3.60 -13.87
C ASP A 6 -17.80 2.42 -12.92
N ASP A 7 -16.73 2.28 -12.14
CA ASP A 7 -16.59 1.15 -11.24
C ASP A 7 -17.19 1.47 -9.88
N ASP A 8 -17.43 0.43 -9.10
CA ASP A 8 -17.91 0.56 -7.73
C ASP A 8 -16.71 0.76 -6.80
N LYS A 9 -15.54 0.80 -7.42
CA LYS A 9 -14.27 0.99 -6.71
C LYS A 9 -14.15 2.42 -6.18
N ASN A 10 -15.12 3.26 -6.50
CA ASN A 10 -15.16 4.63 -6.01
C ASN A 10 -15.14 4.65 -4.48
N ARG A 11 -14.43 5.61 -3.91
CA ARG A 11 -14.23 5.65 -2.47
C ARG A 11 -14.36 7.07 -1.93
N ALA A 12 -15.51 7.68 -2.18
CA ALA A 12 -15.80 9.03 -1.73
C ALA A 12 -16.45 8.99 -0.35
N LEU A 13 -17.60 8.33 -0.24
CA LEU A 13 -18.30 8.19 1.02
C LEU A 13 -18.12 6.78 1.57
N SER A 14 -17.06 6.13 1.10
CA SER A 14 -16.79 4.76 1.46
C SER A 14 -16.17 4.65 2.86
N PRO A 15 -16.60 3.65 3.64
CA PRO A 15 -16.00 3.35 4.94
C PRO A 15 -14.64 2.69 4.80
N MET A 16 -13.64 3.49 4.51
CA MET A 16 -12.29 2.99 4.24
C MET A 16 -11.56 2.66 5.53
N VAL A 17 -12.25 1.95 6.41
CA VAL A 17 -11.72 1.59 7.71
C VAL A 17 -12.61 0.53 8.36
N SER A 18 -13.01 -0.45 7.54
CA SER A 18 -13.84 -1.56 8.01
C SER A 18 -13.12 -2.32 9.13
N GLU A 19 -11.80 -2.37 9.02
CA GLU A 19 -10.95 -2.92 10.06
C GLU A 19 -9.55 -2.34 9.91
N PHE A 20 -8.88 -2.13 11.03
CA PHE A 20 -7.55 -1.55 11.02
C PHE A 20 -6.48 -2.63 10.84
N GLU A 21 -6.94 -3.85 10.68
CA GLU A 21 -6.06 -4.99 10.49
C GLU A 21 -5.94 -5.30 9.00
N THR A 22 -4.78 -5.81 8.60
CA THR A 22 -4.50 -6.06 7.21
C THR A 22 -3.30 -6.99 7.09
N ILE A 23 -3.28 -7.79 6.04
CA ILE A 23 -2.19 -8.71 5.80
C ILE A 23 -0.98 -7.94 5.28
N GLU A 24 0.17 -8.20 5.91
CA GLU A 24 1.40 -7.47 5.64
C GLU A 24 1.82 -7.58 4.17
N GLN A 25 1.50 -8.71 3.56
CA GLN A 25 1.82 -8.94 2.15
C GLN A 25 1.07 -7.97 1.26
N GLU A 26 -0.11 -7.54 1.71
CA GLU A 26 -0.91 -6.57 0.98
C GLU A 26 -0.25 -5.20 1.07
N ASN A 27 0.30 -4.91 2.24
CA ASN A 27 0.85 -3.59 2.53
C ASN A 27 2.14 -3.38 1.76
N SER A 28 2.90 -4.45 1.57
CA SER A 28 4.13 -4.37 0.79
C SER A 28 3.81 -4.01 -0.67
N TYR A 29 2.66 -4.48 -1.15
CA TYR A 29 2.23 -4.16 -2.50
C TYR A 29 1.61 -2.77 -2.53
N ASN A 30 0.89 -2.42 -1.46
CA ASN A 30 0.31 -1.10 -1.30
C ASN A 30 1.41 -0.04 -1.38
N GLU A 31 2.48 -0.28 -0.64
CA GLU A 31 3.59 0.66 -0.56
C GLU A 31 4.24 0.82 -1.94
N TRP A 32 4.32 -0.29 -2.68
CA TRP A 32 4.89 -0.25 -4.02
C TRP A 32 3.96 0.45 -5.00
N LEU A 33 2.68 0.09 -4.96
CA LEU A 33 1.70 0.65 -5.89
C LEU A 33 1.61 2.16 -5.74
N ARG A 34 1.55 2.62 -4.49
CA ARG A 34 1.44 4.04 -4.20
C ARG A 34 2.71 4.79 -4.59
N ALA A 35 3.84 4.09 -4.54
CA ALA A 35 5.12 4.70 -4.89
C ALA A 35 5.31 4.70 -6.41
N LYS A 36 4.76 3.68 -7.05
CA LYS A 36 4.86 3.56 -8.49
C LYS A 36 3.95 4.58 -9.17
N VAL A 37 2.65 4.36 -9.08
CA VAL A 37 1.69 5.30 -9.62
C VAL A 37 1.02 6.11 -8.50
N ALA A 38 0.18 5.45 -7.72
CA ALA A 38 -0.65 6.08 -6.70
C ALA A 38 -1.64 5.05 -6.13
N THR A 39 -2.64 5.53 -5.39
CA THR A 39 -3.69 4.68 -4.85
C THR A 39 -3.22 3.86 -3.65
N SER A 40 -3.99 3.88 -2.57
CA SER A 40 -3.67 3.11 -1.37
C SER A 40 -4.14 1.66 -1.52
N LEU A 41 -3.74 1.04 -2.62
CA LEU A 41 -4.09 -0.35 -2.94
C LEU A 41 -5.59 -0.51 -3.17
N ALA A 42 -6.35 -0.60 -2.09
CA ALA A 42 -7.77 -0.89 -2.18
C ALA A 42 -8.46 -0.59 -0.87
N ASP A 43 -9.77 -0.84 -0.82
CA ASP A 43 -10.57 -0.67 0.38
C ASP A 43 -10.83 -2.04 0.99
N PRO A 44 -10.01 -2.47 1.96
CA PRO A 44 -10.09 -3.80 2.54
C PRO A 44 -11.26 -3.96 3.51
N ARG A 45 -12.19 -4.84 3.17
CA ARG A 45 -13.35 -5.07 4.03
C ARG A 45 -13.63 -6.56 4.19
N PRO A 46 -12.74 -7.31 4.85
CA PRO A 46 -12.99 -8.70 5.22
C PRO A 46 -13.93 -8.78 6.42
N ALA A 47 -14.02 -7.65 7.12
CA ALA A 47 -14.89 -7.50 8.26
C ALA A 47 -16.32 -7.22 7.81
N ILE A 48 -17.25 -7.35 8.73
CA ILE A 48 -18.65 -7.04 8.46
C ILE A 48 -18.82 -5.54 8.29
N PRO A 49 -19.37 -5.10 7.14
CA PRO A 49 -19.59 -3.69 6.87
C PRO A 49 -20.67 -3.09 7.78
N HIS A 50 -20.28 -2.08 8.56
CA HIS A 50 -21.21 -1.42 9.48
C HIS A 50 -22.28 -0.66 8.72
N ASP A 51 -22.09 -0.54 7.40
CA ASP A 51 -23.04 0.13 6.54
C ASP A 51 -24.37 -0.63 6.54
N GLU A 52 -24.28 -1.94 6.73
CA GLU A 52 -25.46 -2.79 6.80
C GLU A 52 -26.25 -2.48 8.07
N VAL A 53 -25.52 -2.06 9.10
CA VAL A 53 -26.13 -1.64 10.36
C VAL A 53 -26.85 -0.31 10.16
N GLU A 54 -26.23 0.57 9.38
CA GLU A 54 -26.86 1.83 8.99
C GLU A 54 -28.20 1.57 8.33
N ARG A 55 -28.22 0.55 7.47
CA ARG A 55 -29.44 0.17 6.76
C ARG A 55 -30.51 -0.28 7.75
N ARG A 56 -30.09 -1.04 8.75
CA ARG A 56 -31.02 -1.60 9.73
C ARG A 56 -31.65 -0.50 10.58
N MET A 57 -30.85 0.48 10.95
CA MET A 57 -31.32 1.55 11.82
C MET A 57 -32.06 2.63 11.04
N ALA A 58 -31.79 2.70 9.74
CA ALA A 58 -32.36 3.72 8.87
C ALA A 58 -33.88 3.74 8.93
N GLU A 59 -34.48 2.56 9.00
CA GLU A 59 -35.93 2.43 9.02
C GLU A 59 -36.53 2.96 10.33
N ARG A 60 -35.71 3.01 11.38
CA ARG A 60 -36.14 3.57 12.65
C ARG A 60 -35.89 5.07 12.66
N PHE A 61 -34.74 5.48 12.14
CA PHE A 61 -34.40 6.89 12.06
C PHE A 61 -35.29 7.62 11.06
N ALA A 62 -36.06 6.85 10.30
CA ALA A 62 -37.02 7.40 9.36
C ALA A 62 -38.06 8.26 10.08
N LYS A 63 -38.28 7.96 11.36
CA LYS A 63 -39.21 8.74 12.16
C LYS A 63 -38.55 10.04 12.63
N MET A 64 -37.25 9.96 12.91
CA MET A 64 -36.52 11.10 13.45
C MET A 64 -36.08 12.04 12.33
N ARG A 65 -35.93 11.52 11.12
CA ARG A 65 -35.50 12.33 9.98
C ARG A 65 -36.58 13.36 9.64
N LYS A 66 -37.80 13.10 10.09
CA LYS A 66 -38.90 14.01 9.87
C LYS A 66 -38.80 15.19 10.84
N GLU A 67 -38.50 14.89 12.09
CA GLU A 67 -38.46 15.91 13.13
C GLU A 67 -37.03 16.38 13.38
N ARG A 68 -36.38 16.78 12.29
CA ARG A 68 -35.05 17.36 12.36
C ARG A 68 -34.85 18.31 11.19
N SER A 69 -33.87 19.17 11.28
CA SER A 69 -33.63 20.14 10.22
C SER A 69 -32.18 20.07 9.73
N LYS A 70 -32.01 19.95 8.43
CA LYS A 70 -30.69 19.96 7.82
C LYS A 70 -30.78 20.54 6.41
N GLN A 71 -29.81 21.35 6.05
CA GLN A 71 -29.79 21.98 4.74
C GLN A 71 -28.39 22.46 4.43
N MET A 1 -18.63 0.67 24.10
CA MET A 1 -18.01 1.63 25.05
C MET A 1 -16.83 2.33 24.38
N ASP A 2 -16.61 3.58 24.75
CA ASP A 2 -15.53 4.36 24.19
C ASP A 2 -14.27 4.20 25.03
N TYR A 3 -13.14 4.60 24.47
CA TYR A 3 -11.88 4.48 25.16
C TYR A 3 -11.17 5.82 25.24
N LYS A 4 -11.60 6.65 26.18
CA LYS A 4 -10.98 7.94 26.42
C LYS A 4 -9.66 7.73 27.14
N ASP A 5 -9.68 6.87 28.14
CA ASP A 5 -8.49 6.55 28.89
C ASP A 5 -7.67 5.50 28.15
N ASP A 6 -6.37 5.50 28.39
CA ASP A 6 -5.44 4.66 27.65
C ASP A 6 -5.55 3.21 28.10
N ASP A 7 -5.68 3.02 29.42
CA ASP A 7 -5.88 1.71 30.05
C ASP A 7 -4.80 0.70 29.65
N ASP A 8 -5.01 0.01 28.54
CA ASP A 8 -4.08 -1.02 28.07
C ASP A 8 -2.86 -0.38 27.45
N LYS A 9 -3.01 0.86 27.02
CA LYS A 9 -1.88 1.61 26.47
C LYS A 9 -1.21 2.42 27.56
N ASN A 10 -1.72 2.27 28.78
CA ASN A 10 -1.20 3.03 29.92
C ASN A 10 -0.31 2.16 30.78
N ARG A 11 -0.80 0.99 31.14
CA ARG A 11 -0.13 0.14 32.12
C ARG A 11 1.10 -0.54 31.52
N ALA A 12 0.89 -1.45 30.59
CA ALA A 12 1.99 -2.19 29.98
C ALA A 12 1.69 -2.46 28.51
N LEU A 13 2.72 -2.75 27.73
CA LEU A 13 2.58 -3.03 26.30
C LEU A 13 1.89 -1.87 25.58
N SER A 14 2.47 -0.69 25.71
CA SER A 14 1.95 0.48 25.04
C SER A 14 2.49 0.53 23.61
N PRO A 15 1.62 0.30 22.62
CA PRO A 15 2.02 0.27 21.22
C PRO A 15 2.09 1.66 20.61
N MET A 16 3.11 1.88 19.78
CA MET A 16 3.24 3.14 19.08
C MET A 16 2.32 3.14 17.86
N VAL A 17 1.29 3.99 17.91
CA VAL A 17 0.26 4.04 16.88
C VAL A 17 -0.61 2.78 16.92
N SER A 18 -1.83 2.93 17.41
CA SER A 18 -2.74 1.79 17.56
C SER A 18 -3.09 1.17 16.22
N GLU A 19 -2.53 -0.01 15.97
CA GLU A 19 -2.91 -0.80 14.81
C GLU A 19 -3.60 -2.08 15.27
N PHE A 20 -4.59 -2.52 14.52
CA PHE A 20 -5.41 -3.65 14.94
C PHE A 20 -4.94 -4.94 14.30
N GLU A 21 -4.31 -4.84 13.13
CA GLU A 21 -3.89 -6.02 12.40
C GLU A 21 -2.69 -5.73 11.50
N THR A 22 -2.85 -4.76 10.59
CA THR A 22 -1.82 -4.43 9.61
C THR A 22 -1.53 -5.64 8.71
N ILE A 23 -2.15 -5.63 7.53
CA ILE A 23 -2.00 -6.72 6.59
C ILE A 23 -0.70 -6.59 5.84
N GLU A 24 0.34 -7.27 6.33
CA GLU A 24 1.67 -7.21 5.73
C GLU A 24 1.64 -7.75 4.31
N GLN A 25 0.77 -8.72 4.07
CA GLN A 25 0.62 -9.31 2.75
C GLN A 25 0.16 -8.25 1.74
N GLU A 26 -0.59 -7.27 2.23
CA GLU A 26 -1.13 -6.22 1.37
C GLU A 26 -0.19 -5.02 1.28
N ASN A 27 0.13 -4.42 2.42
CA ASN A 27 0.81 -3.12 2.42
C ASN A 27 2.24 -3.23 1.88
N SER A 28 2.80 -4.42 1.87
CA SER A 28 4.13 -4.62 1.32
C SER A 28 4.10 -4.55 -0.21
N TYR A 29 2.97 -4.94 -0.78
CA TYR A 29 2.80 -4.90 -2.23
C TYR A 29 2.21 -3.56 -2.65
N ASN A 30 1.32 -3.03 -1.82
CA ASN A 30 0.70 -1.75 -2.08
C ASN A 30 1.72 -0.62 -2.01
N GLU A 31 2.84 -0.88 -1.35
CA GLU A 31 3.88 0.13 -1.18
C GLU A 31 4.39 0.64 -2.52
N TRP A 32 4.89 -0.26 -3.36
CA TRP A 32 5.44 0.13 -4.66
C TRP A 32 4.32 0.54 -5.62
N LEU A 33 3.11 0.08 -5.33
CA LEU A 33 1.95 0.44 -6.13
C LEU A 33 1.52 1.86 -5.81
N ARG A 34 1.82 2.29 -4.59
CA ARG A 34 1.52 3.64 -4.16
C ARG A 34 2.66 4.58 -4.53
N ALA A 35 3.88 4.08 -4.44
CA ALA A 35 5.07 4.86 -4.76
C ALA A 35 5.27 5.00 -6.26
N LYS A 36 4.38 4.40 -7.05
CA LYS A 36 4.47 4.45 -8.51
C LYS A 36 4.28 5.89 -9.00
N VAL A 37 3.75 6.74 -8.14
CA VAL A 37 3.55 8.14 -8.46
C VAL A 37 4.88 8.89 -8.46
N ALA A 38 5.88 8.31 -7.81
CA ALA A 38 7.21 8.89 -7.79
C ALA A 38 8.14 8.09 -8.70
N THR A 39 7.96 6.78 -8.68
CA THR A 39 8.69 5.89 -9.56
C THR A 39 7.79 4.72 -9.96
N SER A 40 7.38 4.69 -11.22
CA SER A 40 6.49 3.65 -11.72
C SER A 40 7.26 2.35 -12.00
N LEU A 41 7.87 1.82 -10.93
CA LEU A 41 8.65 0.58 -10.98
C LEU A 41 9.81 0.67 -11.95
N ALA A 42 9.58 0.34 -13.20
CA ALA A 42 10.62 0.41 -14.22
C ALA A 42 10.12 1.15 -15.44
N ASP A 43 10.23 2.46 -15.41
CA ASP A 43 9.80 3.29 -16.52
C ASP A 43 10.98 4.05 -17.10
N PRO A 44 11.23 3.88 -18.42
CA PRO A 44 12.27 4.64 -19.11
C PRO A 44 11.86 6.09 -19.32
N ARG A 45 10.54 6.32 -19.32
CA ARG A 45 9.96 7.65 -19.48
C ARG A 45 8.43 7.56 -19.42
N PRO A 46 7.80 6.71 -20.27
CA PRO A 46 6.35 6.50 -20.21
C PRO A 46 5.95 5.65 -19.00
N ALA A 47 4.74 5.82 -18.52
CA ALA A 47 4.25 5.05 -17.40
C ALA A 47 3.51 3.81 -17.88
N ILE A 48 4.21 2.70 -17.96
CA ILE A 48 3.63 1.44 -18.39
C ILE A 48 2.56 0.99 -17.40
N PRO A 49 1.32 0.76 -17.88
CA PRO A 49 0.21 0.33 -17.03
C PRO A 49 0.53 -0.98 -16.29
N HIS A 50 0.50 -0.92 -14.96
CA HIS A 50 0.76 -2.10 -14.14
C HIS A 50 -0.30 -3.17 -14.39
N ASP A 51 -1.44 -2.75 -14.91
CA ASP A 51 -2.54 -3.66 -15.19
C ASP A 51 -2.11 -4.74 -16.18
N GLU A 52 -1.20 -4.38 -17.09
CA GLU A 52 -0.72 -5.33 -18.10
C GLU A 52 0.08 -6.44 -17.43
N VAL A 53 0.87 -6.06 -16.43
CA VAL A 53 1.69 -7.02 -15.70
C VAL A 53 0.82 -7.95 -14.88
N GLU A 54 -0.14 -7.36 -14.17
CA GLU A 54 -1.06 -8.13 -13.35
C GLU A 54 -1.97 -8.99 -14.23
N ARG A 55 -2.28 -8.49 -15.42
CA ARG A 55 -3.06 -9.24 -16.39
C ARG A 55 -2.28 -10.46 -16.86
N ARG A 56 -1.00 -10.25 -17.14
CA ARG A 56 -0.10 -11.32 -17.56
C ARG A 56 -0.03 -12.42 -16.49
N MET A 57 -0.08 -11.99 -15.23
CA MET A 57 -0.10 -12.93 -14.11
C MET A 57 -1.45 -13.61 -14.01
N ALA A 58 -2.51 -12.83 -14.24
CA ALA A 58 -3.88 -13.33 -14.19
C ALA A 58 -4.10 -14.41 -15.24
N GLU A 59 -3.39 -14.30 -16.35
CA GLU A 59 -3.44 -15.29 -17.43
C GLU A 59 -3.00 -16.65 -16.91
N ARG A 60 -2.08 -16.63 -15.95
CA ARG A 60 -1.57 -17.86 -15.36
C ARG A 60 -2.54 -18.41 -14.33
N PHE A 61 -3.06 -17.53 -13.48
CA PHE A 61 -4.03 -17.92 -12.47
C PHE A 61 -5.34 -18.39 -13.11
N ALA A 62 -5.56 -17.95 -14.35
CA ALA A 62 -6.75 -18.35 -15.09
C ALA A 62 -6.83 -19.87 -15.24
N LYS A 63 -5.67 -20.51 -15.40
CA LYS A 63 -5.61 -21.96 -15.54
C LYS A 63 -5.96 -22.63 -14.21
N MET A 64 -5.51 -22.03 -13.13
CA MET A 64 -5.73 -22.58 -11.79
C MET A 64 -7.14 -22.25 -11.30
N ARG A 65 -7.75 -21.28 -11.97
CA ARG A 65 -9.09 -20.83 -11.61
C ARG A 65 -10.15 -21.66 -12.33
N LYS A 66 -9.69 -22.62 -13.14
CA LYS A 66 -10.58 -23.48 -13.89
C LYS A 66 -11.12 -24.60 -13.00
N GLU A 67 -11.79 -24.22 -11.93
CA GLU A 67 -12.41 -25.18 -11.03
C GLU A 67 -13.89 -25.30 -11.35
N ARG A 68 -14.38 -26.53 -11.47
CA ARG A 68 -15.77 -26.76 -11.83
C ARG A 68 -16.69 -26.51 -10.64
N SER A 69 -16.09 -26.27 -9.48
CA SER A 69 -16.86 -25.93 -8.29
C SER A 69 -17.58 -24.61 -8.50
N LYS A 70 -18.88 -24.68 -8.71
CA LYS A 70 -19.69 -23.50 -8.93
C LYS A 70 -20.94 -23.57 -8.07
N GLN A 71 -20.77 -23.21 -6.80
CA GLN A 71 -21.85 -23.24 -5.82
C GLN A 71 -22.28 -24.67 -5.53
N MET A 1 -2.50 -26.09 27.74
CA MET A 1 -2.43 -27.51 28.18
C MET A 1 -1.14 -27.72 28.96
N ASP A 2 -1.28 -28.24 30.18
CA ASP A 2 -0.17 -28.35 31.14
C ASP A 2 0.22 -26.97 31.63
N TYR A 3 0.41 -26.84 32.95
CA TYR A 3 0.64 -25.56 33.60
C TYR A 3 -0.66 -24.75 33.67
N LYS A 4 -1.33 -24.60 32.53
CA LYS A 4 -2.62 -23.96 32.47
C LYS A 4 -3.30 -24.27 31.14
N ASP A 5 -4.62 -24.20 31.11
CA ASP A 5 -5.38 -24.47 29.90
C ASP A 5 -5.83 -23.15 29.26
N ASP A 6 -4.87 -22.38 28.77
CA ASP A 6 -5.16 -21.09 28.14
C ASP A 6 -5.62 -21.28 26.71
N ASP A 7 -4.75 -21.84 25.88
CA ASP A 7 -4.97 -21.92 24.44
C ASP A 7 -5.16 -20.50 23.90
N ASP A 8 -4.18 -19.65 24.17
CA ASP A 8 -4.25 -18.24 23.82
C ASP A 8 -4.22 -18.03 22.31
N LYS A 9 -3.60 -18.98 21.61
CA LYS A 9 -3.51 -18.89 20.16
C LYS A 9 -4.84 -19.28 19.52
N ASN A 10 -5.68 -19.95 20.31
CA ASN A 10 -7.03 -20.35 19.90
C ASN A 10 -6.97 -21.46 18.84
N ARG A 11 -7.20 -22.69 19.28
CA ARG A 11 -7.22 -23.84 18.37
C ARG A 11 -8.66 -24.18 17.97
N ALA A 12 -9.53 -23.20 18.00
CA ALA A 12 -10.93 -23.41 17.69
C ALA A 12 -11.26 -22.95 16.27
N LEU A 13 -10.25 -23.01 15.40
CA LEU A 13 -10.40 -22.63 13.99
C LEU A 13 -10.86 -21.18 13.86
N SER A 14 -10.15 -20.31 14.55
CA SER A 14 -10.44 -18.89 14.52
C SER A 14 -9.21 -18.10 14.95
N PRO A 15 -8.64 -17.33 14.00
CA PRO A 15 -7.45 -16.50 14.25
C PRO A 15 -7.64 -15.53 15.42
N MET A 16 -8.74 -14.78 15.38
CA MET A 16 -9.04 -13.79 16.40
C MET A 16 -7.91 -12.79 16.56
N VAL A 17 -7.37 -12.33 15.44
CA VAL A 17 -6.33 -11.32 15.44
C VAL A 17 -6.85 -10.07 14.75
N SER A 18 -8.16 -10.08 14.48
CA SER A 18 -8.84 -9.01 13.76
C SER A 18 -8.24 -8.85 12.37
N GLU A 19 -7.94 -9.98 11.74
CA GLU A 19 -7.36 -9.98 10.41
C GLU A 19 -8.44 -10.18 9.36
N PHE A 20 -9.48 -9.35 9.43
CA PHE A 20 -10.57 -9.41 8.47
C PHE A 20 -10.07 -9.07 7.07
N GLU A 21 -9.45 -7.91 6.94
CA GLU A 21 -8.89 -7.46 5.66
C GLU A 21 -7.66 -6.58 5.92
N THR A 22 -6.61 -7.19 6.43
CA THR A 22 -5.39 -6.47 6.72
C THR A 22 -4.18 -7.40 6.59
N ILE A 23 -3.66 -7.50 5.37
CA ILE A 23 -2.58 -8.41 5.09
C ILE A 23 -1.25 -7.65 5.04
N GLU A 24 -0.29 -8.15 5.81
CA GLU A 24 1.05 -7.57 5.88
C GLU A 24 1.70 -7.53 4.51
N GLN A 25 1.58 -8.63 3.77
CA GLN A 25 2.14 -8.73 2.43
C GLN A 25 1.42 -7.80 1.46
N GLU A 26 0.11 -7.66 1.64
CA GLU A 26 -0.72 -6.83 0.76
C GLU A 26 -0.32 -5.38 0.88
N ASN A 27 -0.05 -4.94 2.10
CA ASN A 27 0.37 -3.56 2.34
C ASN A 27 1.78 -3.33 1.82
N SER A 28 2.56 -4.39 1.76
CA SER A 28 3.89 -4.31 1.18
C SER A 28 3.78 -4.03 -0.32
N TYR A 29 2.75 -4.61 -0.94
CA TYR A 29 2.46 -4.33 -2.35
C TYR A 29 1.88 -2.93 -2.48
N ASN A 30 1.07 -2.53 -1.50
CA ASN A 30 0.46 -1.20 -1.49
C ASN A 30 1.52 -0.11 -1.52
N GLU A 31 2.60 -0.33 -0.79
CA GLU A 31 3.70 0.62 -0.76
C GLU A 31 4.33 0.75 -2.14
N TRP A 32 4.37 -0.35 -2.88
CA TRP A 32 4.91 -0.35 -4.24
C TRP A 32 3.94 0.35 -5.19
N LEU A 33 2.65 0.10 -5.01
CA LEU A 33 1.62 0.76 -5.81
C LEU A 33 1.64 2.26 -5.54
N ARG A 34 1.85 2.61 -4.28
CA ARG A 34 1.94 4.00 -3.86
C ARG A 34 3.19 4.66 -4.43
N ALA A 35 4.24 3.88 -4.59
CA ALA A 35 5.48 4.38 -5.17
C ALA A 35 5.28 4.77 -6.61
N LYS A 36 4.38 4.07 -7.28
CA LYS A 36 4.12 4.27 -8.70
C LYS A 36 3.18 5.45 -8.95
N VAL A 37 2.36 5.78 -7.97
CA VAL A 37 1.41 6.87 -8.13
C VAL A 37 2.09 8.22 -7.91
N ALA A 38 3.24 8.18 -7.25
CA ALA A 38 3.97 9.40 -6.92
C ALA A 38 5.33 9.43 -7.61
N THR A 39 5.41 8.79 -8.77
CA THR A 39 6.68 8.71 -9.50
C THR A 39 6.89 9.95 -10.36
N SER A 40 6.89 11.10 -9.73
CA SER A 40 7.09 12.37 -10.42
C SER A 40 7.60 13.42 -9.44
N LEU A 41 8.52 14.27 -9.90
CA LEU A 41 9.08 15.32 -9.07
C LEU A 41 8.09 16.49 -8.95
N ALA A 42 6.96 16.22 -8.35
CA ALA A 42 5.93 17.22 -8.14
C ALA A 42 6.11 17.88 -6.78
N ASP A 43 5.05 18.47 -6.26
CA ASP A 43 5.08 19.09 -4.93
C ASP A 43 5.45 18.08 -3.87
N PRO A 44 6.26 18.49 -2.89
CA PRO A 44 6.76 17.61 -1.83
C PRO A 44 5.64 16.96 -1.03
N ARG A 45 5.68 15.64 -0.93
CA ARG A 45 4.73 14.91 -0.11
C ARG A 45 5.17 14.94 1.34
N PRO A 46 4.24 15.25 2.27
CA PRO A 46 4.55 15.38 3.70
C PRO A 46 4.91 14.04 4.34
N ALA A 47 5.75 14.10 5.36
CA ALA A 47 6.20 12.90 6.06
C ALA A 47 5.12 12.42 7.03
N ILE A 48 4.04 11.91 6.47
CA ILE A 48 2.94 11.39 7.27
C ILE A 48 3.15 9.92 7.59
N PRO A 49 2.84 9.51 8.83
CA PRO A 49 2.90 8.11 9.24
C PRO A 49 1.95 7.23 8.42
N HIS A 50 2.30 5.95 8.28
CA HIS A 50 1.51 5.03 7.46
C HIS A 50 0.12 4.81 8.03
N ASP A 51 -0.07 5.17 9.29
CA ASP A 51 -1.37 5.10 9.95
C ASP A 51 -2.33 6.11 9.33
N GLU A 52 -1.77 7.16 8.74
CA GLU A 52 -2.55 8.19 8.07
C GLU A 52 -2.93 7.73 6.66
N VAL A 53 -1.93 7.22 5.94
CA VAL A 53 -2.10 6.78 4.57
C VAL A 53 -3.07 5.60 4.50
N GLU A 54 -3.07 4.80 5.55
CA GLU A 54 -3.97 3.65 5.66
C GLU A 54 -5.40 4.03 5.29
N ARG A 55 -5.84 5.19 5.76
CA ARG A 55 -7.19 5.65 5.47
C ARG A 55 -7.26 6.22 4.05
N ARG A 56 -6.32 7.09 3.71
CA ARG A 56 -6.34 7.79 2.43
C ARG A 56 -6.23 6.82 1.25
N MET A 57 -5.39 5.81 1.38
CA MET A 57 -5.22 4.83 0.33
C MET A 57 -6.51 4.02 0.13
N ALA A 58 -7.16 3.71 1.24
CA ALA A 58 -8.43 2.99 1.21
C ALA A 58 -9.50 3.83 0.55
N GLU A 59 -9.49 5.13 0.85
CA GLU A 59 -10.45 6.06 0.26
C GLU A 59 -10.22 6.19 -1.23
N ARG A 60 -8.95 6.33 -1.61
CA ARG A 60 -8.58 6.48 -3.02
C ARG A 60 -8.91 5.24 -3.82
N PHE A 61 -8.80 4.07 -3.18
CA PHE A 61 -9.14 2.81 -3.83
C PHE A 61 -10.58 2.84 -4.34
N ALA A 62 -11.50 3.24 -3.47
CA ALA A 62 -12.91 3.34 -3.84
C ALA A 62 -13.15 4.60 -4.67
N LYS A 63 -12.25 5.56 -4.53
CA LYS A 63 -12.34 6.83 -5.26
C LYS A 63 -12.03 6.62 -6.73
N MET A 64 -11.29 5.56 -7.02
CA MET A 64 -10.97 5.20 -8.39
C MET A 64 -12.18 4.56 -9.07
N ARG A 65 -13.18 4.20 -8.26
CA ARG A 65 -14.43 3.69 -8.78
C ARG A 65 -15.44 4.82 -8.90
N LYS A 66 -15.71 5.46 -7.77
CA LYS A 66 -16.59 6.61 -7.73
C LYS A 66 -15.92 7.71 -6.93
N GLU A 67 -15.94 8.92 -7.44
CA GLU A 67 -15.24 10.03 -6.81
C GLU A 67 -16.17 11.21 -6.60
N ARG A 68 -16.77 11.68 -7.67
CA ARG A 68 -17.56 12.90 -7.64
C ARG A 68 -19.03 12.58 -7.88
N SER A 69 -19.90 13.45 -7.36
CA SER A 69 -21.33 13.26 -7.48
C SER A 69 -21.81 13.52 -8.91
N LYS A 70 -21.81 12.46 -9.72
CA LYS A 70 -22.29 12.56 -11.09
C LYS A 70 -23.79 12.80 -11.10
N GLN A 71 -24.22 13.67 -11.99
CA GLN A 71 -25.63 14.01 -12.11
C GLN A 71 -25.94 14.45 -13.53
N MET A 1 -22.76 -24.21 18.74
CA MET A 1 -23.50 -23.84 17.52
C MET A 1 -23.26 -24.86 16.41
N ASP A 2 -22.72 -26.02 16.77
CA ASP A 2 -22.42 -27.06 15.80
C ASP A 2 -23.11 -28.36 16.17
N TYR A 3 -22.48 -29.10 17.07
CA TYR A 3 -23.00 -30.38 17.53
C TYR A 3 -22.29 -30.79 18.81
N LYS A 4 -22.82 -31.82 19.47
CA LYS A 4 -22.23 -32.34 20.71
C LYS A 4 -22.25 -31.25 21.78
N ASP A 5 -23.46 -30.84 22.14
CA ASP A 5 -23.64 -29.74 23.08
C ASP A 5 -23.76 -30.24 24.51
N ASP A 6 -22.79 -31.04 24.93
CA ASP A 6 -22.70 -31.49 26.32
C ASP A 6 -22.51 -30.30 27.25
N ASP A 7 -21.72 -29.35 26.79
CA ASP A 7 -21.54 -28.11 27.51
C ASP A 7 -22.48 -27.04 26.94
N ASP A 8 -23.73 -27.11 27.35
CA ASP A 8 -24.72 -26.12 26.96
C ASP A 8 -24.67 -24.92 27.90
N LYS A 9 -23.75 -24.99 28.85
CA LYS A 9 -23.55 -23.91 29.82
C LYS A 9 -22.74 -22.78 29.18
N ASN A 10 -22.23 -23.05 27.98
CA ASN A 10 -21.45 -22.08 27.22
C ASN A 10 -22.28 -20.81 27.00
N ARG A 11 -21.65 -19.66 27.21
CA ARG A 11 -22.35 -18.38 27.16
C ARG A 11 -22.58 -17.96 25.70
N ALA A 12 -21.85 -18.61 24.79
CA ALA A 12 -21.95 -18.36 23.35
C ALA A 12 -21.52 -16.93 22.99
N LEU A 13 -20.76 -16.31 23.89
CA LEU A 13 -20.31 -14.94 23.68
C LEU A 13 -19.00 -14.96 22.89
N SER A 14 -19.11 -15.28 21.61
CA SER A 14 -17.95 -15.31 20.73
C SER A 14 -18.39 -15.06 19.29
N PRO A 15 -18.36 -13.78 18.86
CA PRO A 15 -18.69 -13.42 17.48
C PRO A 15 -17.72 -14.04 16.49
N MET A 16 -16.44 -13.93 16.81
CA MET A 16 -15.36 -14.46 15.97
C MET A 16 -15.51 -14.02 14.52
N VAL A 17 -15.18 -12.77 14.27
CA VAL A 17 -15.19 -12.25 12.92
C VAL A 17 -13.91 -11.46 12.66
N SER A 18 -13.04 -12.04 11.86
CA SER A 18 -11.76 -11.45 11.57
C SER A 18 -11.60 -11.21 10.07
N GLU A 19 -12.44 -10.34 9.54
CA GLU A 19 -12.41 -10.03 8.12
C GLU A 19 -11.67 -8.72 7.89
N PHE A 20 -10.63 -8.51 8.67
CA PHE A 20 -9.83 -7.30 8.59
C PHE A 20 -9.16 -7.20 7.23
N GLU A 21 -9.35 -6.06 6.57
CA GLU A 21 -8.76 -5.83 5.27
C GLU A 21 -7.44 -5.09 5.42
N THR A 22 -6.67 -5.49 6.41
CA THR A 22 -5.39 -4.88 6.70
C THR A 22 -4.34 -5.94 6.96
N ILE A 23 -3.99 -6.68 5.91
CA ILE A 23 -2.96 -7.69 5.98
C ILE A 23 -1.64 -7.13 5.47
N GLU A 24 -0.56 -7.37 6.22
CA GLU A 24 0.75 -6.81 5.91
C GLU A 24 1.24 -7.27 4.55
N GLN A 25 0.80 -8.45 4.14
CA GLN A 25 1.17 -9.02 2.85
C GLN A 25 0.49 -8.25 1.71
N GLU A 26 -0.48 -7.42 2.04
CA GLU A 26 -1.17 -6.60 1.05
C GLU A 26 -0.47 -5.26 0.88
N ASN A 27 -0.19 -4.61 2.00
CA ASN A 27 0.41 -3.27 1.96
C ASN A 27 1.90 -3.31 1.62
N SER A 28 2.50 -4.49 1.72
CA SER A 28 3.90 -4.64 1.34
C SER A 28 4.08 -4.40 -0.16
N TYR A 29 3.22 -5.01 -0.96
CA TYR A 29 3.26 -4.84 -2.41
C TYR A 29 2.57 -3.55 -2.82
N ASN A 30 1.71 -3.05 -1.95
CA ASN A 30 1.03 -1.78 -2.18
C ASN A 30 2.03 -0.62 -2.04
N GLU A 31 3.11 -0.87 -1.32
CA GLU A 31 4.14 0.12 -1.10
C GLU A 31 4.78 0.53 -2.43
N TRP A 32 4.86 -0.42 -3.36
CA TRP A 32 5.37 -0.14 -4.68
C TRP A 32 4.35 0.71 -5.46
N LEU A 33 3.08 0.43 -5.24
CA LEU A 33 2.00 1.18 -5.86
C LEU A 33 2.04 2.64 -5.39
N ARG A 34 2.37 2.82 -4.12
CA ARG A 34 2.54 4.14 -3.54
C ARG A 34 3.69 4.88 -4.23
N ALA A 35 4.76 4.15 -4.54
CA ALA A 35 5.92 4.73 -5.20
C ALA A 35 5.59 5.06 -6.65
N LYS A 36 4.76 4.23 -7.27
CA LYS A 36 4.36 4.43 -8.65
C LYS A 36 3.58 5.73 -8.82
N VAL A 37 2.60 5.95 -7.95
CA VAL A 37 1.78 7.15 -8.02
C VAL A 37 2.57 8.38 -7.59
N ALA A 38 3.52 8.18 -6.69
CA ALA A 38 4.38 9.25 -6.23
C ALA A 38 5.58 9.40 -7.16
N THR A 39 5.34 10.01 -8.31
CA THR A 39 6.38 10.20 -9.31
C THR A 39 7.43 11.20 -8.82
N SER A 40 8.69 10.90 -9.11
CA SER A 40 9.78 11.79 -8.74
C SER A 40 10.02 12.83 -9.82
N LEU A 41 9.16 12.83 -10.84
CA LEU A 41 9.24 13.79 -11.93
C LEU A 41 8.28 14.95 -11.70
N ALA A 42 7.69 14.98 -10.52
CA ALA A 42 6.78 16.05 -10.13
C ALA A 42 7.56 17.35 -9.94
N ASP A 43 7.00 18.44 -10.44
CA ASP A 43 7.67 19.74 -10.39
C ASP A 43 7.65 20.30 -8.98
N PRO A 44 8.82 20.68 -8.43
CA PRO A 44 8.92 21.31 -7.12
C PRO A 44 8.53 22.78 -7.18
N ARG A 45 7.34 23.05 -7.69
CA ARG A 45 6.86 24.40 -7.86
C ARG A 45 5.46 24.54 -7.27
N PRO A 46 5.36 25.07 -6.04
CA PRO A 46 4.09 25.22 -5.34
C PRO A 46 3.16 26.23 -6.02
N ALA A 47 2.09 25.73 -6.62
CA ALA A 47 1.11 26.57 -7.28
C ALA A 47 -0.23 25.86 -7.31
N ILE A 48 -1.32 26.62 -7.19
CA ILE A 48 -2.65 26.03 -7.19
C ILE A 48 -3.35 26.25 -8.53
N PRO A 49 -3.37 25.22 -9.37
CA PRO A 49 -4.08 25.25 -10.64
C PRO A 49 -5.50 24.72 -10.52
N HIS A 50 -6.36 25.10 -11.47
CA HIS A 50 -7.74 24.60 -11.49
C HIS A 50 -7.75 23.15 -11.94
N ASP A 51 -6.68 22.75 -12.63
CA ASP A 51 -6.50 21.36 -13.05
C ASP A 51 -6.41 20.45 -11.83
N GLU A 52 -5.77 20.94 -10.78
CA GLU A 52 -5.59 20.17 -9.56
C GLU A 52 -6.93 19.89 -8.90
N VAL A 53 -7.76 20.91 -8.81
CA VAL A 53 -9.07 20.77 -8.21
C VAL A 53 -9.95 19.86 -9.07
N GLU A 54 -9.87 20.06 -10.39
CA GLU A 54 -10.64 19.27 -11.33
C GLU A 54 -10.26 17.79 -11.24
N ARG A 55 -8.96 17.51 -11.26
CA ARG A 55 -8.49 16.12 -11.20
C ARG A 55 -8.84 15.51 -9.85
N ARG A 56 -8.77 16.30 -8.78
CA ARG A 56 -9.09 15.82 -7.45
C ARG A 56 -10.53 15.37 -7.37
N MET A 57 -11.42 16.13 -8.01
CA MET A 57 -12.84 15.79 -8.04
C MET A 57 -13.05 14.40 -8.65
N ALA A 58 -12.24 14.07 -9.65
CA ALA A 58 -12.34 12.79 -10.31
C ALA A 58 -11.62 11.71 -9.51
N GLU A 59 -10.38 11.95 -9.17
CA GLU A 59 -9.55 10.96 -8.50
C GLU A 59 -10.08 10.61 -7.11
N ARG A 60 -10.68 11.58 -6.44
CA ARG A 60 -11.27 11.37 -5.12
C ARG A 60 -12.39 10.33 -5.21
N PHE A 61 -13.07 10.32 -6.35
CA PHE A 61 -14.16 9.38 -6.57
C PHE A 61 -13.63 8.09 -7.21
N ALA A 62 -12.71 8.25 -8.16
CA ALA A 62 -12.15 7.12 -8.89
C ALA A 62 -11.42 6.15 -7.98
N LYS A 63 -10.54 6.69 -7.12
CA LYS A 63 -9.77 5.86 -6.20
C LYS A 63 -10.70 5.12 -5.24
N MET A 64 -11.89 5.66 -5.02
CA MET A 64 -12.86 5.03 -4.15
C MET A 64 -13.61 3.93 -4.90
N ARG A 65 -14.06 4.25 -6.11
CA ARG A 65 -14.84 3.31 -6.92
C ARG A 65 -13.99 2.14 -7.36
N LYS A 66 -12.74 2.40 -7.73
CA LYS A 66 -11.82 1.36 -8.18
C LYS A 66 -12.40 0.60 -9.36
N GLU A 67 -12.46 1.28 -10.50
CA GLU A 67 -13.01 0.70 -11.72
C GLU A 67 -12.06 -0.36 -12.27
N ARG A 68 -10.78 -0.19 -11.96
CA ARG A 68 -9.76 -1.14 -12.38
C ARG A 68 -10.02 -2.51 -11.77
N SER A 69 -9.92 -2.58 -10.45
CA SER A 69 -10.16 -3.81 -9.71
C SER A 69 -10.57 -3.48 -8.29
N LYS A 70 -11.72 -3.99 -7.87
CA LYS A 70 -12.21 -3.75 -6.52
C LYS A 70 -12.20 -5.03 -5.69
N GLN A 71 -12.80 -6.07 -6.25
CA GLN A 71 -12.92 -7.37 -5.60
C GLN A 71 -12.98 -8.46 -6.65
N MET A 1 -4.12 -16.11 13.60
CA MET A 1 -4.60 -17.02 14.66
C MET A 1 -5.72 -17.92 14.14
N ASP A 2 -6.96 -17.46 14.23
CA ASP A 2 -8.11 -18.26 13.77
C ASP A 2 -8.26 -18.18 12.27
N TYR A 3 -8.28 -16.98 11.74
CA TYR A 3 -8.45 -16.76 10.31
C TYR A 3 -7.13 -17.04 9.59
N LYS A 4 -6.95 -18.28 9.17
CA LYS A 4 -5.71 -18.72 8.56
C LYS A 4 -5.80 -18.61 7.05
N ASP A 5 -6.91 -18.08 6.57
CA ASP A 5 -7.10 -17.88 5.15
C ASP A 5 -6.61 -16.50 4.75
N ASP A 6 -5.80 -16.45 3.70
CA ASP A 6 -5.33 -15.18 3.18
C ASP A 6 -6.33 -14.65 2.17
N ASP A 7 -6.75 -15.54 1.29
CA ASP A 7 -7.78 -15.24 0.30
C ASP A 7 -8.29 -16.53 -0.32
N ASP A 8 -9.16 -17.22 0.40
CA ASP A 8 -9.74 -18.45 -0.10
C ASP A 8 -11.03 -18.16 -0.85
N LYS A 9 -11.91 -17.40 -0.22
CA LYS A 9 -13.16 -17.00 -0.86
C LYS A 9 -12.97 -15.65 -1.53
N ASN A 10 -12.66 -14.64 -0.72
CA ASN A 10 -12.39 -13.29 -1.20
C ASN A 10 -12.12 -12.37 -0.02
N ARG A 11 -10.86 -12.33 0.39
CA ARG A 11 -10.44 -11.48 1.50
C ARG A 11 -9.57 -10.35 0.98
N ALA A 12 -9.03 -10.54 -0.22
CA ALA A 12 -8.16 -9.54 -0.83
C ALA A 12 -9.00 -8.38 -1.38
N LEU A 13 -10.20 -8.68 -1.84
CA LEU A 13 -11.08 -7.66 -2.40
C LEU A 13 -12.41 -7.60 -1.64
N SER A 14 -12.32 -7.45 -0.33
CA SER A 14 -13.49 -7.31 0.50
C SER A 14 -14.02 -5.88 0.44
N PRO A 15 -15.34 -5.70 0.33
CA PRO A 15 -15.96 -4.37 0.29
C PRO A 15 -16.15 -3.78 1.68
N MET A 16 -15.04 -3.49 2.36
CA MET A 16 -15.10 -2.89 3.69
C MET A 16 -15.51 -1.43 3.56
N VAL A 17 -16.18 -0.91 4.57
CA VAL A 17 -16.67 0.47 4.54
C VAL A 17 -16.04 1.29 5.66
N SER A 18 -15.12 2.17 5.28
CA SER A 18 -14.43 3.03 6.22
C SER A 18 -13.66 2.20 7.25
N GLU A 19 -12.89 1.24 6.73
CA GLU A 19 -12.14 0.33 7.57
C GLU A 19 -10.71 0.20 7.06
N PHE A 20 -10.03 1.32 6.93
CA PHE A 20 -8.66 1.33 6.43
C PHE A 20 -7.71 0.71 7.45
N GLU A 21 -6.91 -0.24 7.00
CA GLU A 21 -5.91 -0.87 7.85
C GLU A 21 -4.67 -1.14 7.02
N THR A 22 -3.52 -1.18 7.68
CA THR A 22 -2.25 -1.34 6.98
C THR A 22 -1.57 -2.65 7.38
N ILE A 23 -1.91 -3.72 6.69
CA ILE A 23 -1.28 -5.00 6.91
C ILE A 23 -0.14 -5.19 5.92
N GLU A 24 1.09 -5.21 6.44
CA GLU A 24 2.29 -5.17 5.61
C GLU A 24 2.35 -6.30 4.58
N GLN A 25 1.76 -7.44 4.92
CA GLN A 25 1.76 -8.59 4.01
C GLN A 25 1.02 -8.28 2.73
N GLU A 26 -0.26 -7.91 2.86
CA GLU A 26 -1.08 -7.60 1.69
C GLU A 26 -0.73 -6.24 1.11
N ASN A 27 -0.31 -5.33 1.98
CA ASN A 27 0.00 -3.96 1.57
C ASN A 27 1.34 -3.89 0.83
N SER A 28 2.11 -4.96 0.88
CA SER A 28 3.41 -5.01 0.19
C SER A 28 3.27 -4.55 -1.27
N TYR A 29 2.24 -5.03 -1.94
CA TYR A 29 1.97 -4.63 -3.33
C TYR A 29 1.56 -3.17 -3.40
N ASN A 30 0.76 -2.74 -2.42
CA ASN A 30 0.31 -1.35 -2.35
C ASN A 30 1.48 -0.41 -2.14
N GLU A 31 2.50 -0.88 -1.43
CA GLU A 31 3.71 -0.11 -1.21
C GLU A 31 4.38 0.20 -2.55
N TRP A 32 4.40 -0.79 -3.42
CA TRP A 32 5.00 -0.63 -4.74
C TRP A 32 4.18 0.37 -5.56
N LEU A 33 2.87 0.30 -5.42
CA LEU A 33 1.98 1.25 -6.08
C LEU A 33 2.21 2.66 -5.53
N ARG A 34 2.38 2.74 -4.22
CA ARG A 34 2.63 4.00 -3.54
C ARG A 34 3.91 4.64 -4.07
N ALA A 35 4.92 3.82 -4.27
CA ALA A 35 6.20 4.29 -4.80
C ALA A 35 6.05 4.84 -6.21
N LYS A 36 5.09 4.30 -6.94
CA LYS A 36 4.84 4.71 -8.32
C LYS A 36 4.04 6.01 -8.37
N VAL A 37 3.33 6.31 -7.29
CA VAL A 37 2.45 7.46 -7.25
C VAL A 37 3.12 8.67 -6.61
N ALA A 38 3.59 8.50 -5.37
CA ALA A 38 4.11 9.63 -4.61
C ALA A 38 5.25 9.19 -3.69
N THR A 39 6.16 10.11 -3.43
CA THR A 39 7.28 9.84 -2.53
C THR A 39 7.02 10.46 -1.16
N SER A 40 6.15 11.47 -1.13
CA SER A 40 5.83 12.14 0.13
C SER A 40 4.50 11.62 0.70
N LEU A 41 3.39 12.06 0.14
CA LEU A 41 2.07 11.69 0.64
C LEU A 41 1.26 11.01 -0.45
N ALA A 42 0.78 9.80 -0.18
CA ALA A 42 0.01 9.06 -1.15
C ALA A 42 -1.48 9.12 -0.82
N ASP A 43 -1.80 9.36 0.43
CA ASP A 43 -3.20 9.45 0.87
C ASP A 43 -3.44 10.75 1.61
N PRO A 44 -3.72 11.84 0.87
CA PRO A 44 -3.93 13.16 1.46
C PRO A 44 -5.25 13.23 2.23
N ARG A 45 -5.20 13.80 3.43
CA ARG A 45 -6.37 13.93 4.27
C ARG A 45 -7.06 15.28 4.02
N PRO A 46 -8.39 15.35 4.19
CA PRO A 46 -9.14 16.59 4.06
C PRO A 46 -8.92 17.52 5.24
N ALA A 47 -7.73 18.05 5.33
CA ALA A 47 -7.36 18.95 6.41
C ALA A 47 -7.88 20.35 6.12
N ILE A 48 -8.53 20.94 7.11
CA ILE A 48 -9.06 22.29 6.98
C ILE A 48 -8.05 23.31 7.50
N PRO A 49 -7.94 24.46 6.83
CA PRO A 49 -7.11 25.57 7.29
C PRO A 49 -7.53 26.01 8.69
N HIS A 50 -6.59 25.93 9.63
CA HIS A 50 -6.89 26.20 11.04
C HIS A 50 -7.40 27.63 11.25
N ASP A 51 -7.10 28.51 10.29
CA ASP A 51 -7.56 29.89 10.38
C ASP A 51 -9.08 29.97 10.20
N GLU A 52 -9.66 28.96 9.57
CA GLU A 52 -11.11 28.92 9.38
C GLU A 52 -11.80 28.64 10.70
N VAL A 53 -11.07 27.95 11.58
CA VAL A 53 -11.57 27.66 12.92
C VAL A 53 -11.62 28.94 13.73
N GLU A 54 -10.55 29.73 13.63
CA GLU A 54 -10.47 31.04 14.30
C GLU A 54 -11.55 31.97 13.77
N ARG A 55 -11.85 31.83 12.49
CA ARG A 55 -12.89 32.62 11.83
C ARG A 55 -14.26 32.37 12.49
N ARG A 56 -14.51 31.13 12.87
CA ARG A 56 -15.78 30.77 13.49
C ARG A 56 -15.80 31.18 14.96
N MET A 57 -14.62 31.25 15.58
CA MET A 57 -14.49 31.62 16.99
C MET A 57 -14.98 33.04 17.23
N ALA A 58 -14.94 33.86 16.19
CA ALA A 58 -15.31 35.27 16.30
C ALA A 58 -16.71 35.44 16.89
N GLU A 59 -17.67 34.70 16.37
CA GLU A 59 -19.04 34.78 16.84
C GLU A 59 -19.16 34.22 18.25
N ARG A 60 -18.36 33.20 18.53
CA ARG A 60 -18.39 32.56 19.84
C ARG A 60 -17.96 33.54 20.92
N PHE A 61 -16.90 34.29 20.65
CA PHE A 61 -16.41 35.29 21.59
C PHE A 61 -17.35 36.48 21.65
N ALA A 62 -17.96 36.82 20.51
CA ALA A 62 -18.90 37.93 20.44
C ALA A 62 -20.11 37.66 21.31
N LYS A 63 -20.64 36.44 21.24
CA LYS A 63 -21.78 36.06 22.05
C LYS A 63 -21.36 35.88 23.52
N MET A 64 -20.12 35.47 23.73
CA MET A 64 -19.59 35.26 25.07
C MET A 64 -19.32 36.59 25.77
N ARG A 65 -19.01 37.61 24.97
CA ARG A 65 -18.76 38.95 25.47
C ARG A 65 -20.00 39.50 26.15
N LYS A 66 -21.16 39.28 25.54
CA LYS A 66 -22.43 39.71 26.11
C LYS A 66 -22.40 41.20 26.44
N GLU A 67 -22.14 42.02 25.42
CA GLU A 67 -22.08 43.46 25.61
C GLU A 67 -23.49 44.05 25.57
N ARG A 68 -24.39 43.38 26.27
CA ARG A 68 -25.79 43.76 26.31
C ARG A 68 -26.06 44.65 27.51
N SER A 69 -25.52 45.87 27.47
CA SER A 69 -25.70 46.82 28.55
C SER A 69 -27.14 47.34 28.58
N LYS A 70 -27.83 47.18 27.47
CA LYS A 70 -29.23 47.58 27.35
C LYS A 70 -30.14 46.40 27.65
N GLN A 71 -29.83 45.69 28.72
CA GLN A 71 -30.59 44.52 29.12
C GLN A 71 -31.74 44.93 30.03
N MET A 1 -21.44 -31.24 27.61
CA MET A 1 -22.84 -30.90 27.21
C MET A 1 -23.24 -29.55 27.79
N ASP A 2 -23.11 -28.50 26.98
CA ASP A 2 -23.52 -27.16 27.39
C ASP A 2 -24.65 -26.65 26.52
N TYR A 3 -25.35 -25.64 27.01
CA TYR A 3 -26.48 -25.07 26.29
C TYR A 3 -26.19 -23.61 25.95
N LYS A 4 -26.83 -23.12 24.88
CA LYS A 4 -26.68 -21.74 24.40
C LYS A 4 -25.31 -21.52 23.74
N ASP A 5 -24.26 -22.03 24.37
CA ASP A 5 -22.91 -21.95 23.79
C ASP A 5 -22.78 -22.93 22.63
N ASP A 6 -23.87 -23.64 22.35
CA ASP A 6 -23.94 -24.57 21.24
C ASP A 6 -23.56 -23.90 19.92
N ASP A 7 -23.94 -22.64 19.79
CA ASP A 7 -23.65 -21.90 18.58
C ASP A 7 -22.21 -21.40 18.58
N ASP A 8 -21.34 -22.15 17.93
CA ASP A 8 -19.96 -21.74 17.73
C ASP A 8 -19.83 -20.96 16.43
N LYS A 9 -20.95 -20.80 15.75
CA LYS A 9 -20.98 -20.19 14.43
C LYS A 9 -20.74 -18.69 14.51
N ASN A 10 -21.47 -18.00 15.37
CA ASN A 10 -21.33 -16.56 15.51
C ASN A 10 -20.02 -16.22 16.22
N ARG A 11 -19.38 -17.24 16.78
CA ARG A 11 -18.07 -17.08 17.40
C ARG A 11 -16.98 -17.67 16.53
N ALA A 12 -17.33 -18.00 15.29
CA ALA A 12 -16.37 -18.57 14.36
C ALA A 12 -15.76 -17.48 13.48
N LEU A 13 -15.64 -16.29 14.05
CA LEU A 13 -15.05 -15.16 13.36
C LEU A 13 -13.59 -15.02 13.75
N SER A 14 -12.78 -15.97 13.31
CA SER A 14 -11.36 -15.95 13.59
C SER A 14 -10.61 -15.22 12.47
N PRO A 15 -10.11 -14.01 12.76
CA PRO A 15 -9.34 -13.21 11.79
C PRO A 15 -8.15 -14.00 11.27
N MET A 16 -7.56 -14.84 12.13
CA MET A 16 -6.48 -15.74 11.74
C MET A 16 -5.38 -14.97 11.01
N VAL A 17 -4.91 -13.90 11.65
CA VAL A 17 -3.90 -13.04 11.06
C VAL A 17 -2.51 -13.38 11.58
N SER A 18 -2.28 -14.67 11.77
CA SER A 18 -0.99 -15.15 12.19
C SER A 18 -0.08 -15.29 10.97
N GLU A 19 0.86 -14.37 10.84
CA GLU A 19 1.73 -14.34 9.67
C GLU A 19 2.90 -15.29 9.85
N PHE A 20 2.86 -16.41 9.15
CA PHE A 20 3.98 -17.34 9.16
C PHE A 20 4.56 -17.46 7.76
N GLU A 21 4.17 -16.52 6.90
CA GLU A 21 4.59 -16.53 5.51
C GLU A 21 4.63 -15.12 4.93
N THR A 22 4.91 -14.16 5.81
CA THR A 22 4.96 -12.72 5.46
C THR A 22 3.73 -12.26 4.67
N ILE A 23 2.61 -12.15 5.36
CA ILE A 23 1.36 -11.73 4.74
C ILE A 23 1.41 -10.23 4.47
N GLU A 24 2.18 -9.52 5.29
CA GLU A 24 2.37 -8.09 5.18
C GLU A 24 2.75 -7.65 3.76
N GLN A 25 3.38 -8.53 3.00
CA GLN A 25 3.78 -8.20 1.63
C GLN A 25 2.58 -7.87 0.76
N GLU A 26 1.47 -8.56 0.97
CA GLU A 26 0.27 -8.33 0.19
C GLU A 26 -0.44 -7.06 0.62
N ASN A 27 -0.25 -6.69 1.88
CA ASN A 27 -0.85 -5.45 2.42
C ASN A 27 0.04 -4.25 2.09
N SER A 28 1.27 -4.55 1.68
CA SER A 28 2.26 -3.53 1.37
C SER A 28 1.93 -2.81 0.07
N TYR A 29 0.97 -3.34 -0.68
CA TYR A 29 0.62 -2.80 -2.00
C TYR A 29 0.29 -1.30 -1.94
N ASN A 30 -0.22 -0.84 -0.80
CA ASN A 30 -0.55 0.57 -0.61
C ASN A 30 0.70 1.43 -0.73
N GLU A 31 1.80 0.97 -0.14
CA GLU A 31 3.06 1.70 -0.19
C GLU A 31 3.79 1.40 -1.49
N TRP A 32 3.60 0.18 -1.99
CA TRP A 32 4.22 -0.24 -3.23
C TRP A 32 3.66 0.55 -4.41
N LEU A 33 2.38 0.89 -4.34
CA LEU A 33 1.72 1.65 -5.38
C LEU A 33 2.35 3.05 -5.47
N ARG A 34 2.73 3.58 -4.31
CA ARG A 34 3.40 4.88 -4.24
C ARG A 34 4.71 4.84 -5.00
N ALA A 35 5.38 3.69 -4.92
CA ALA A 35 6.66 3.50 -5.60
C ALA A 35 6.46 3.41 -7.10
N LYS A 36 5.29 2.94 -7.50
CA LYS A 36 4.98 2.75 -8.91
C LYS A 36 4.52 4.06 -9.53
N VAL A 37 3.93 4.94 -8.71
CA VAL A 37 3.52 6.25 -9.18
C VAL A 37 4.75 7.09 -9.53
N ALA A 38 5.55 7.42 -8.53
CA ALA A 38 6.75 8.23 -8.74
C ALA A 38 7.51 8.40 -7.43
N THR A 39 6.76 8.43 -6.33
CA THR A 39 7.33 8.58 -4.98
C THR A 39 8.04 9.93 -4.85
N SER A 40 7.59 10.90 -5.66
CA SER A 40 8.23 12.22 -5.75
C SER A 40 9.75 12.11 -5.92
N LEU A 41 10.17 11.11 -6.69
CA LEU A 41 11.58 10.90 -6.97
C LEU A 41 11.86 11.13 -8.44
N ALA A 42 12.64 12.17 -8.73
CA ALA A 42 12.99 12.55 -10.11
C ALA A 42 11.73 12.84 -10.92
N ASP A 43 10.71 13.34 -10.25
CA ASP A 43 9.46 13.68 -10.90
C ASP A 43 9.35 15.18 -11.04
N PRO A 44 9.01 15.67 -12.25
CA PRO A 44 8.94 17.11 -12.55
C PRO A 44 7.93 17.85 -11.67
N ARG A 45 6.97 17.13 -11.12
CA ARG A 45 5.94 17.72 -10.26
C ARG A 45 5.21 18.87 -10.96
N PRO A 46 4.23 18.55 -11.82
CA PRO A 46 3.42 19.55 -12.53
C PRO A 46 2.69 20.47 -11.55
N ALA A 47 2.25 21.62 -12.06
CA ALA A 47 1.57 22.63 -11.25
C ALA A 47 0.47 22.01 -10.39
N ILE A 48 0.74 21.96 -9.10
CA ILE A 48 -0.16 21.31 -8.14
C ILE A 48 -1.40 22.16 -7.89
N PRO A 49 -2.59 21.60 -8.16
CA PRO A 49 -3.85 22.27 -7.83
C PRO A 49 -3.94 22.61 -6.35
N HIS A 50 -4.35 23.84 -6.03
CA HIS A 50 -4.33 24.32 -4.67
C HIS A 50 -5.33 23.56 -3.80
N ASP A 51 -6.40 23.06 -4.42
CA ASP A 51 -7.37 22.25 -3.69
C ASP A 51 -6.79 20.89 -3.37
N GLU A 52 -5.86 20.45 -4.22
CA GLU A 52 -5.21 19.17 -4.00
C GLU A 52 -4.15 19.30 -2.93
N VAL A 53 -3.51 20.47 -2.85
CA VAL A 53 -2.56 20.75 -1.80
C VAL A 53 -3.20 20.56 -0.43
N GLU A 54 -4.38 21.16 -0.26
CA GLU A 54 -5.16 21.04 0.96
C GLU A 54 -5.47 19.56 1.24
N ARG A 55 -5.76 18.83 0.18
CA ARG A 55 -6.06 17.40 0.29
C ARG A 55 -4.82 16.60 0.70
N ARG A 56 -3.70 16.91 0.07
CA ARG A 56 -2.43 16.23 0.35
C ARG A 56 -2.02 16.40 1.81
N MET A 57 -2.32 17.58 2.35
CA MET A 57 -1.91 17.91 3.72
C MET A 57 -2.46 16.91 4.73
N ALA A 58 -3.63 16.37 4.45
CA ALA A 58 -4.24 15.36 5.31
C ALA A 58 -3.40 14.08 5.32
N GLU A 59 -2.92 13.70 4.15
CA GLU A 59 -2.09 12.50 4.02
C GLU A 59 -0.65 12.81 4.43
N ARG A 60 -0.31 14.09 4.37
CA ARG A 60 1.04 14.55 4.63
C ARG A 60 1.44 14.32 6.08
N PHE A 61 0.44 14.21 6.95
CA PHE A 61 0.69 13.87 8.35
C PHE A 61 1.38 12.51 8.45
N ALA A 62 0.99 11.60 7.58
CA ALA A 62 1.63 10.30 7.50
C ALA A 62 2.87 10.37 6.63
N LYS A 63 2.83 11.24 5.63
CA LYS A 63 3.96 11.46 4.73
C LYS A 63 5.20 11.87 5.51
N MET A 64 5.00 12.69 6.55
CA MET A 64 6.10 13.17 7.36
C MET A 64 6.89 12.01 7.98
N ARG A 65 6.21 10.89 8.22
CA ARG A 65 6.82 9.77 8.90
C ARG A 65 7.64 8.91 7.95
N LYS A 66 7.35 8.98 6.66
CA LYS A 66 8.08 8.20 5.68
C LYS A 66 7.94 8.81 4.29
N GLU A 67 8.39 10.04 4.14
CA GLU A 67 8.39 10.70 2.85
C GLU A 67 9.60 10.25 2.06
N ARG A 68 10.59 9.76 2.79
CA ARG A 68 11.84 9.32 2.22
C ARG A 68 12.31 8.08 2.97
N SER A 69 13.18 7.30 2.33
CA SER A 69 13.68 6.08 2.94
C SER A 69 14.98 6.33 3.68
N LYS A 70 15.62 7.46 3.39
CA LYS A 70 16.87 7.84 4.07
C LYS A 70 17.35 9.20 3.58
N GLN A 71 17.19 9.44 2.29
CA GLN A 71 17.63 10.69 1.68
C GLN A 71 16.68 11.11 0.56
N MET A 1 -15.11 7.19 21.67
CA MET A 1 -15.05 8.67 21.55
C MET A 1 -14.88 9.12 20.11
N ASP A 2 -14.81 8.16 19.18
CA ASP A 2 -14.53 8.50 17.79
C ASP A 2 -15.72 8.16 16.89
N TYR A 3 -16.76 7.61 17.48
CA TYR A 3 -17.94 7.22 16.71
C TYR A 3 -19.21 7.79 17.33
N LYS A 4 -20.18 8.11 16.48
CA LYS A 4 -21.48 8.60 16.94
C LYS A 4 -22.57 7.65 16.50
N ASP A 5 -22.16 6.60 15.81
CA ASP A 5 -23.07 5.57 15.33
C ASP A 5 -22.65 4.22 15.86
N ASP A 6 -23.64 3.37 16.15
CA ASP A 6 -23.37 2.02 16.64
C ASP A 6 -22.63 1.21 15.60
N ASP A 7 -22.96 1.51 14.33
CA ASP A 7 -22.22 1.08 13.13
C ASP A 7 -21.58 -0.31 13.24
N ASP A 8 -20.43 -0.37 13.90
CA ASP A 8 -19.64 -1.61 14.03
C ASP A 8 -20.45 -2.72 14.71
N LYS A 9 -21.43 -2.34 15.51
CA LYS A 9 -22.24 -3.30 16.25
C LYS A 9 -23.50 -3.69 15.47
N ASN A 10 -23.67 -3.12 14.27
CA ASN A 10 -24.85 -3.41 13.46
C ASN A 10 -24.76 -4.79 12.82
N ARG A 11 -24.91 -5.82 13.64
CA ARG A 11 -24.86 -7.20 13.18
C ARG A 11 -26.13 -7.52 12.40
N ALA A 12 -27.16 -6.71 12.62
CA ALA A 12 -28.41 -6.84 11.89
C ALA A 12 -28.27 -6.27 10.48
N LEU A 13 -27.44 -5.25 10.35
CA LEU A 13 -27.20 -4.63 9.04
C LEU A 13 -26.18 -5.44 8.26
N SER A 14 -25.08 -5.78 8.91
CA SER A 14 -24.04 -6.56 8.28
C SER A 14 -23.89 -7.91 9.00
N PRO A 15 -24.48 -8.97 8.43
CA PRO A 15 -24.35 -10.32 8.96
C PRO A 15 -22.89 -10.73 9.08
N MET A 16 -22.10 -10.37 8.07
CA MET A 16 -20.67 -10.55 8.11
C MET A 16 -19.99 -9.23 8.47
N VAL A 17 -19.51 -9.13 9.71
CA VAL A 17 -18.88 -7.91 10.18
C VAL A 17 -17.58 -7.63 9.42
N SER A 18 -17.46 -6.42 8.92
CA SER A 18 -16.27 -6.02 8.18
C SER A 18 -15.07 -5.89 9.12
N GLU A 19 -14.08 -6.73 8.92
CA GLU A 19 -12.88 -6.72 9.76
C GLU A 19 -11.76 -6.00 9.04
N PHE A 20 -10.74 -5.61 9.81
CA PHE A 20 -9.58 -4.93 9.25
C PHE A 20 -8.51 -5.96 8.89
N GLU A 21 -8.95 -7.16 8.54
CA GLU A 21 -8.05 -8.23 8.18
C GLU A 21 -7.30 -7.87 6.91
N THR A 22 -5.99 -7.72 7.04
CA THR A 22 -5.16 -7.34 5.91
C THR A 22 -3.75 -7.90 6.10
N ILE A 23 -3.36 -8.78 5.20
CA ILE A 23 -2.06 -9.43 5.26
C ILE A 23 -0.95 -8.42 4.94
N GLU A 24 0.21 -8.62 5.56
CA GLU A 24 1.34 -7.71 5.43
C GLU A 24 1.81 -7.57 3.98
N GLN A 25 1.67 -8.64 3.20
CA GLN A 25 2.13 -8.62 1.82
C GLN A 25 1.21 -7.76 0.95
N GLU A 26 0.03 -7.46 1.46
CA GLU A 26 -0.88 -6.54 0.78
C GLU A 26 -0.45 -5.12 1.08
N ASN A 27 -0.04 -4.88 2.31
CA ASN A 27 0.41 -3.57 2.75
C ASN A 27 1.68 -3.17 2.01
N SER A 28 2.62 -4.10 1.91
CA SER A 28 3.89 -3.83 1.26
C SER A 28 3.70 -3.62 -0.25
N TYR A 29 2.83 -4.42 -0.85
CA TYR A 29 2.55 -4.29 -2.28
C TYR A 29 1.81 -2.98 -2.53
N ASN A 30 0.94 -2.60 -1.61
CA ASN A 30 0.23 -1.33 -1.71
C ASN A 30 1.20 -0.17 -1.51
N GLU A 31 2.20 -0.39 -0.67
CA GLU A 31 3.27 0.58 -0.48
C GLU A 31 4.06 0.73 -1.78
N TRP A 32 4.31 -0.40 -2.43
CA TRP A 32 4.97 -0.42 -3.74
C TRP A 32 4.09 0.29 -4.78
N LEU A 33 2.79 0.03 -4.71
CA LEU A 33 1.83 0.66 -5.60
C LEU A 33 1.85 2.17 -5.42
N ARG A 34 2.03 2.61 -4.17
CA ARG A 34 2.08 4.02 -3.84
C ARG A 34 3.23 4.70 -4.58
N ALA A 35 4.36 4.00 -4.68
CA ALA A 35 5.53 4.54 -5.38
C ALA A 35 5.27 4.60 -6.88
N LYS A 36 4.45 3.68 -7.36
CA LYS A 36 4.08 3.64 -8.76
C LYS A 36 3.12 4.78 -9.09
N VAL A 37 2.14 4.98 -8.20
CA VAL A 37 1.18 6.06 -8.36
C VAL A 37 1.86 7.43 -8.24
N ALA A 38 2.85 7.51 -7.37
CA ALA A 38 3.61 8.73 -7.19
C ALA A 38 4.65 8.88 -8.31
N THR A 39 4.21 9.35 -9.47
CA THR A 39 5.08 9.48 -10.62
C THR A 39 5.72 10.87 -10.69
N SER A 40 4.98 11.88 -10.27
CA SER A 40 5.48 13.25 -10.33
C SER A 40 5.36 13.92 -8.96
N LEU A 41 5.83 13.22 -7.94
CA LEU A 41 5.80 13.73 -6.58
C LEU A 41 7.21 14.03 -6.10
N ALA A 42 7.60 15.29 -6.22
CA ALA A 42 8.93 15.71 -5.82
C ALA A 42 9.03 15.83 -4.30
N ASP A 43 10.23 16.08 -3.80
CA ASP A 43 10.45 16.24 -2.37
C ASP A 43 10.99 17.62 -2.06
N PRO A 44 10.12 18.63 -1.97
CA PRO A 44 10.52 20.01 -1.70
C PRO A 44 10.99 20.20 -0.26
N ARG A 45 12.29 20.14 -0.06
CA ARG A 45 12.88 20.32 1.25
C ARG A 45 14.16 21.14 1.18
N PRO A 46 14.03 22.47 1.17
CA PRO A 46 15.18 23.38 1.09
C PRO A 46 15.89 23.53 2.43
N ALA A 47 17.15 23.98 2.37
CA ALA A 47 17.96 24.26 3.55
C ALA A 47 18.33 23.00 4.32
N ILE A 48 17.42 22.51 5.14
CA ILE A 48 17.71 21.39 6.04
C ILE A 48 16.61 20.33 6.00
N PRO A 49 17.00 19.06 5.90
CA PRO A 49 16.07 17.93 5.97
C PRO A 49 15.60 17.70 7.41
N HIS A 50 14.34 17.29 7.56
CA HIS A 50 13.75 17.15 8.89
C HIS A 50 14.27 15.93 9.63
N ASP A 51 15.00 15.07 8.90
CA ASP A 51 15.50 13.82 9.47
C ASP A 51 16.38 14.07 10.69
N GLU A 52 17.39 14.90 10.50
CA GLU A 52 18.33 15.19 11.57
C GLU A 52 17.67 16.01 12.68
N VAL A 53 16.74 16.87 12.29
CA VAL A 53 15.97 17.65 13.25
C VAL A 53 15.19 16.73 14.16
N GLU A 54 14.46 15.79 13.54
CA GLU A 54 13.66 14.82 14.26
C GLU A 54 14.53 13.98 15.19
N ARG A 55 15.70 13.59 14.70
CA ARG A 55 16.63 12.78 15.48
C ARG A 55 17.04 13.50 16.77
N ARG A 56 17.55 14.71 16.63
CA ARG A 56 18.01 15.49 17.78
C ARG A 56 16.82 15.89 18.67
N MET A 57 15.67 16.10 18.05
CA MET A 57 14.47 16.48 18.78
C MET A 57 13.99 15.33 19.65
N ALA A 58 13.99 14.12 19.08
CA ALA A 58 13.57 12.93 19.80
C ALA A 58 14.52 12.64 20.95
N GLU A 59 15.82 12.66 20.66
CA GLU A 59 16.83 12.42 21.67
C GLU A 59 16.82 13.50 22.74
N ARG A 60 16.36 14.68 22.38
CA ARG A 60 16.27 15.79 23.32
C ARG A 60 15.27 15.48 24.42
N PHE A 61 14.23 14.73 24.08
CA PHE A 61 13.23 14.33 25.05
C PHE A 61 13.61 12.99 25.69
N ALA A 62 14.35 12.18 24.96
CA ALA A 62 14.73 10.86 25.44
C ALA A 62 15.93 10.92 26.38
N LYS A 63 16.97 11.64 25.96
CA LYS A 63 18.24 11.64 26.68
C LYS A 63 18.20 12.58 27.87
N MET A 64 17.07 13.24 28.10
CA MET A 64 16.90 14.05 29.29
C MET A 64 16.56 13.15 30.47
N ARG A 65 16.06 11.96 30.15
CA ARG A 65 15.74 10.97 31.17
C ARG A 65 16.97 10.11 31.45
N LYS A 66 17.67 9.74 30.39
CA LYS A 66 18.90 8.99 30.54
C LYS A 66 19.85 9.32 29.39
N GLU A 67 21.08 9.67 29.73
CA GLU A 67 22.08 10.03 28.73
C GLU A 67 22.79 8.79 28.22
N ARG A 68 22.03 7.88 27.62
CA ARG A 68 22.55 6.63 27.13
C ARG A 68 21.71 6.13 25.96
N SER A 69 22.37 5.62 24.92
CA SER A 69 21.67 5.21 23.70
C SER A 69 21.45 3.70 23.66
N LYS A 70 22.03 2.98 24.63
CA LYS A 70 21.89 1.53 24.68
C LYS A 70 20.44 1.13 24.89
N GLN A 71 19.96 0.21 24.08
CA GLN A 71 18.56 -0.23 24.15
C GLN A 71 18.47 -1.50 24.98
N MET A 1 45.22 -20.12 -11.31
CA MET A 1 44.86 -21.34 -12.07
C MET A 1 44.21 -22.36 -11.14
N ASP A 2 42.93 -22.18 -10.88
CA ASP A 2 42.19 -23.08 -10.00
C ASP A 2 40.73 -23.13 -10.41
N TYR A 3 40.00 -24.05 -9.79
CA TYR A 3 38.56 -24.15 -10.02
C TYR A 3 37.84 -24.31 -8.69
N LYS A 4 38.32 -23.60 -7.68
CA LYS A 4 37.78 -23.70 -6.33
C LYS A 4 36.41 -23.05 -6.25
N ASP A 5 36.18 -22.06 -7.11
CA ASP A 5 34.92 -21.33 -7.13
C ASP A 5 33.97 -21.92 -8.18
N ASP A 6 34.06 -23.22 -8.38
CA ASP A 6 33.25 -23.91 -9.38
C ASP A 6 31.80 -23.99 -8.95
N ASP A 7 31.58 -24.42 -7.72
CA ASP A 7 30.23 -24.66 -7.21
C ASP A 7 29.53 -23.35 -6.88
N ASP A 8 30.25 -22.44 -6.22
CA ASP A 8 29.67 -21.16 -5.80
C ASP A 8 29.47 -20.23 -6.98
N LYS A 9 30.00 -20.63 -8.13
CA LYS A 9 29.77 -19.88 -9.37
C LYS A 9 28.30 -19.98 -9.76
N ASN A 10 27.67 -21.10 -9.39
CA ASN A 10 26.26 -21.29 -9.65
C ASN A 10 25.45 -20.90 -8.42
N ARG A 11 25.42 -19.61 -8.16
CA ARG A 11 24.71 -19.07 -7.01
C ARG A 11 23.39 -18.45 -7.44
N ALA A 12 23.02 -18.69 -8.69
CA ALA A 12 21.77 -18.17 -9.24
C ALA A 12 20.61 -19.10 -8.90
N LEU A 13 20.14 -19.01 -7.67
CA LEU A 13 19.00 -19.80 -7.22
C LEU A 13 17.78 -18.90 -7.08
N SER A 14 16.60 -19.45 -7.34
CA SER A 14 15.36 -18.70 -7.16
C SER A 14 14.92 -18.80 -5.71
N PRO A 15 14.80 -17.64 -5.02
CA PRO A 15 14.38 -17.61 -3.62
C PRO A 15 12.90 -17.96 -3.46
N MET A 16 12.62 -19.23 -3.23
CA MET A 16 11.25 -19.69 -3.11
C MET A 16 10.78 -19.62 -1.65
N VAL A 17 10.97 -18.45 -1.06
CA VAL A 17 10.51 -18.20 0.30
C VAL A 17 9.09 -17.66 0.27
N SER A 18 8.14 -18.48 0.67
CA SER A 18 6.74 -18.10 0.61
C SER A 18 5.97 -18.57 1.85
N GLU A 19 6.58 -19.43 2.65
CA GLU A 19 5.95 -19.93 3.85
C GLU A 19 6.21 -19.00 5.02
N PHE A 20 5.12 -18.60 5.69
CA PHE A 20 5.17 -17.67 6.82
C PHE A 20 5.58 -16.27 6.33
N GLU A 21 5.43 -15.27 7.20
CA GLU A 21 5.76 -13.89 6.86
C GLU A 21 4.84 -13.36 5.75
N THR A 22 3.71 -14.02 5.58
CA THR A 22 2.77 -13.66 4.53
C THR A 22 1.85 -12.53 4.98
N ILE A 23 0.91 -12.16 4.10
CA ILE A 23 -0.07 -11.09 4.37
C ILE A 23 0.57 -9.71 4.27
N GLU A 24 1.78 -9.59 4.82
CA GLU A 24 2.51 -8.34 4.81
C GLU A 24 2.87 -7.89 3.39
N GLN A 25 2.85 -8.82 2.44
CA GLN A 25 3.09 -8.47 1.05
C GLN A 25 1.93 -7.67 0.49
N GLU A 26 0.75 -7.89 1.03
CA GLU A 26 -0.48 -7.31 0.51
C GLU A 26 -0.73 -5.91 1.06
N ASN A 27 -0.36 -5.70 2.32
CA ASN A 27 -0.56 -4.39 2.93
C ASN A 27 0.52 -3.41 2.49
N SER A 28 1.74 -3.92 2.29
CA SER A 28 2.83 -3.09 1.80
C SER A 28 2.67 -2.83 0.31
N TYR A 29 1.79 -3.62 -0.30
CA TYR A 29 1.47 -3.47 -1.72
C TYR A 29 0.91 -2.08 -2.00
N ASN A 30 0.24 -1.51 -1.01
CA ASN A 30 -0.29 -0.15 -1.13
C ASN A 30 0.85 0.85 -1.24
N GLU A 31 1.94 0.59 -0.51
CA GLU A 31 3.11 1.45 -0.56
C GLU A 31 3.88 1.19 -1.84
N TRP A 32 3.86 -0.06 -2.31
CA TRP A 32 4.45 -0.42 -3.59
C TRP A 32 3.77 0.32 -4.73
N LEU A 33 2.45 0.45 -4.62
CA LEU A 33 1.68 1.22 -5.59
C LEU A 33 2.12 2.67 -5.55
N ARG A 34 2.25 3.21 -4.34
CA ARG A 34 2.72 4.57 -4.14
C ARG A 34 4.11 4.76 -4.75
N ALA A 35 4.93 3.71 -4.63
CA ALA A 35 6.29 3.73 -5.16
C ALA A 35 6.30 3.86 -6.67
N LYS A 36 5.44 3.10 -7.32
CA LYS A 36 5.38 3.10 -8.77
C LYS A 36 4.82 4.41 -9.31
N VAL A 37 3.90 5.01 -8.55
CA VAL A 37 3.24 6.23 -8.97
C VAL A 37 4.09 7.47 -8.67
N ALA A 38 4.65 7.55 -7.47
CA ALA A 38 5.33 8.76 -7.05
C ALA A 38 6.63 8.48 -6.29
N THR A 39 6.58 7.58 -5.33
CA THR A 39 7.71 7.34 -4.44
C THR A 39 8.73 6.38 -5.09
N SER A 40 9.25 6.79 -6.23
CA SER A 40 10.25 6.02 -6.94
C SER A 40 11.58 6.74 -6.89
N LEU A 41 12.42 6.36 -5.93
CA LEU A 41 13.73 6.97 -5.78
C LEU A 41 14.71 6.31 -6.72
N ALA A 42 14.45 5.07 -7.05
CA ALA A 42 15.31 4.31 -7.94
C ALA A 42 14.49 3.73 -9.08
N ASP A 43 15.15 3.53 -10.22
CA ASP A 43 14.52 2.91 -11.38
C ASP A 43 14.33 1.42 -11.11
N PRO A 44 13.39 0.77 -11.83
CA PRO A 44 13.08 -0.66 -11.63
C PRO A 44 14.19 -1.59 -12.10
N ARG A 45 15.42 -1.30 -11.67
CA ARG A 45 16.57 -2.15 -11.94
C ARG A 45 16.51 -3.46 -11.14
N PRO A 46 16.23 -3.41 -9.81
CA PRO A 46 16.05 -4.62 -9.00
C PRO A 46 15.07 -5.58 -9.64
N ALA A 47 15.57 -6.72 -10.07
CA ALA A 47 14.79 -7.65 -10.86
C ALA A 47 14.00 -8.62 -9.99
N ILE A 48 12.69 -8.63 -10.18
CA ILE A 48 11.81 -9.59 -9.53
C ILE A 48 11.73 -10.85 -10.36
N PRO A 49 11.21 -11.97 -9.80
CA PRO A 49 11.02 -13.23 -10.54
C PRO A 49 10.58 -13.02 -12.00
N HIS A 50 11.20 -13.76 -12.91
CA HIS A 50 11.02 -13.56 -14.35
C HIS A 50 9.58 -13.78 -14.78
N ASP A 51 8.88 -14.64 -14.04
CA ASP A 51 7.49 -14.95 -14.35
C ASP A 51 6.60 -13.72 -14.12
N GLU A 52 7.04 -12.84 -13.23
CA GLU A 52 6.33 -11.62 -12.93
C GLU A 52 6.63 -10.56 -13.98
N VAL A 53 7.92 -10.42 -14.30
CA VAL A 53 8.40 -9.41 -15.23
C VAL A 53 7.78 -9.59 -16.61
N GLU A 54 7.92 -10.79 -17.15
CA GLU A 54 7.45 -11.09 -18.50
C GLU A 54 5.93 -10.96 -18.61
N ARG A 55 5.24 -11.15 -17.50
CA ARG A 55 3.77 -11.11 -17.49
C ARG A 55 3.28 -9.67 -17.55
N ARG A 56 4.07 -8.75 -17.00
CA ARG A 56 3.67 -7.35 -16.97
C ARG A 56 4.18 -6.61 -18.20
N MET A 57 5.30 -7.05 -18.76
CA MET A 57 5.87 -6.42 -19.94
C MET A 57 5.21 -6.91 -21.22
N ALA A 58 4.54 -8.06 -21.13
CA ALA A 58 3.90 -8.67 -22.29
C ALA A 58 3.03 -7.67 -23.06
N GLU A 59 2.06 -7.09 -22.37
CA GLU A 59 1.15 -6.15 -23.00
C GLU A 59 1.83 -4.83 -23.33
N ARG A 60 2.84 -4.47 -22.54
CA ARG A 60 3.56 -3.22 -22.75
C ARG A 60 4.37 -3.28 -24.03
N PHE A 61 4.86 -4.48 -24.34
CA PHE A 61 5.64 -4.70 -25.55
C PHE A 61 4.78 -4.46 -26.78
N ALA A 62 3.49 -4.74 -26.65
CA ALA A 62 2.54 -4.50 -27.73
C ALA A 62 2.38 -3.00 -27.98
N LYS A 63 2.33 -2.23 -26.90
CA LYS A 63 2.23 -0.78 -27.01
C LYS A 63 3.54 -0.20 -27.50
N MET A 64 4.65 -0.84 -27.14
CA MET A 64 5.97 -0.42 -27.57
C MET A 64 6.09 -0.49 -29.09
N ARG A 65 5.31 -1.36 -29.70
CA ARG A 65 5.27 -1.49 -31.15
C ARG A 65 4.76 -0.20 -31.79
N LYS A 66 3.91 0.50 -31.06
CA LYS A 66 3.36 1.77 -31.54
C LYS A 66 4.34 2.91 -31.22
N GLU A 67 5.22 2.65 -30.26
CA GLU A 67 6.19 3.65 -29.83
C GLU A 67 7.35 3.77 -30.82
N ARG A 68 7.40 2.84 -31.76
CA ARG A 68 8.43 2.84 -32.79
C ARG A 68 7.83 2.49 -34.15
N SER A 69 6.70 3.11 -34.46
CA SER A 69 6.02 2.85 -35.72
C SER A 69 5.77 4.15 -36.48
N LYS A 70 5.89 4.09 -37.80
CA LYS A 70 5.60 5.24 -38.66
C LYS A 70 4.20 5.09 -39.26
N GLN A 71 3.23 5.76 -38.67
CA GLN A 71 1.86 5.71 -39.16
C GLN A 71 1.55 6.98 -39.94
N MET A 1 49.18 -12.95 15.93
CA MET A 1 49.56 -13.15 17.34
C MET A 1 48.81 -12.19 18.26
N ASP A 2 49.23 -10.92 18.26
CA ASP A 2 48.63 -9.90 19.13
C ASP A 2 48.70 -10.35 20.58
N TYR A 3 49.89 -10.82 20.98
CA TYR A 3 50.11 -11.39 22.32
C TYR A 3 49.31 -12.67 22.48
N LYS A 4 48.04 -12.52 22.83
CA LYS A 4 47.12 -13.64 22.93
C LYS A 4 45.70 -13.12 22.79
N ASP A 5 45.60 -11.96 22.14
CA ASP A 5 44.32 -11.28 21.96
C ASP A 5 44.02 -11.14 20.47
N ASP A 6 44.17 -12.23 19.74
CA ASP A 6 43.86 -12.25 18.32
C ASP A 6 42.35 -12.35 18.14
N ASP A 7 41.73 -13.20 18.93
CA ASP A 7 40.29 -13.30 18.97
C ASP A 7 39.77 -12.65 20.23
N ASP A 8 39.82 -11.32 20.26
CA ASP A 8 39.41 -10.56 21.44
C ASP A 8 37.90 -10.63 21.64
N LYS A 9 37.18 -10.76 20.54
CA LYS A 9 35.73 -10.85 20.58
C LYS A 9 35.28 -12.32 20.61
N ASN A 10 35.86 -13.12 19.72
CA ASN A 10 35.55 -14.57 19.61
C ASN A 10 34.06 -14.86 19.78
N ARG A 11 33.23 -14.11 19.05
CA ARG A 11 31.78 -14.25 19.16
C ARG A 11 31.08 -13.83 17.87
N ALA A 12 31.75 -12.98 17.09
CA ALA A 12 31.23 -12.44 15.83
C ALA A 12 30.08 -11.46 16.05
N LEU A 13 29.03 -11.92 16.73
CA LEU A 13 27.87 -11.07 17.05
C LEU A 13 27.29 -10.45 15.78
N SER A 14 26.64 -11.27 14.97
CA SER A 14 25.98 -10.81 13.77
C SER A 14 24.78 -9.93 14.11
N PRO A 15 24.55 -8.85 13.33
CA PRO A 15 23.45 -7.91 13.58
C PRO A 15 22.08 -8.46 13.17
N MET A 16 21.74 -9.63 13.74
CA MET A 16 20.45 -10.32 13.49
C MET A 16 20.05 -10.30 12.00
N VAL A 17 18.78 -10.53 11.74
CA VAL A 17 18.26 -10.43 10.39
C VAL A 17 17.74 -9.02 10.15
N SER A 18 18.50 -8.24 9.40
CA SER A 18 18.16 -6.84 9.16
C SER A 18 17.20 -6.72 7.97
N GLU A 19 16.13 -7.50 8.01
CA GLU A 19 15.14 -7.49 6.94
C GLU A 19 13.75 -7.33 7.55
N PHE A 20 12.88 -6.68 6.80
CA PHE A 20 11.53 -6.41 7.29
C PHE A 20 10.50 -6.97 6.32
N GLU A 21 9.76 -7.98 6.77
CA GLU A 21 8.70 -8.55 5.97
C GLU A 21 7.36 -8.35 6.67
N THR A 22 7.04 -9.26 7.58
CA THR A 22 5.77 -9.24 8.32
C THR A 22 4.59 -8.85 7.44
N ILE A 23 4.25 -9.74 6.50
CA ILE A 23 3.16 -9.50 5.57
C ILE A 23 3.44 -8.26 4.70
N GLU A 24 4.46 -8.36 3.85
CA GLU A 24 4.88 -7.24 3.03
C GLU A 24 3.97 -7.09 1.80
N GLN A 25 3.60 -8.23 1.22
CA GLN A 25 2.84 -8.24 -0.04
C GLN A 25 1.53 -7.48 0.08
N GLU A 26 0.90 -7.57 1.24
CA GLU A 26 -0.39 -6.92 1.45
C GLU A 26 -0.21 -5.40 1.56
N ASN A 27 0.78 -4.98 2.33
CA ASN A 27 1.03 -3.57 2.54
C ASN A 27 1.61 -2.93 1.29
N SER A 28 2.36 -3.72 0.54
CA SER A 28 2.98 -3.25 -0.69
C SER A 28 1.93 -3.00 -1.77
N TYR A 29 0.77 -3.62 -1.61
CA TYR A 29 -0.31 -3.48 -2.57
C TYR A 29 -1.07 -2.18 -2.31
N ASN A 30 -1.16 -1.79 -1.04
CA ASN A 30 -1.87 -0.57 -0.67
C ASN A 30 -0.93 0.64 -0.65
N GLU A 31 0.13 0.54 0.12
CA GLU A 31 0.99 1.69 0.39
C GLU A 31 2.11 1.79 -0.64
N TRP A 32 2.90 0.73 -0.76
CA TRP A 32 4.07 0.75 -1.63
C TRP A 32 3.67 0.89 -3.09
N LEU A 33 2.42 0.58 -3.39
CA LEU A 33 1.88 0.73 -4.75
C LEU A 33 2.11 2.15 -5.25
N ARG A 34 2.01 3.11 -4.33
CA ARG A 34 2.16 4.52 -4.65
C ARG A 34 3.62 4.88 -4.88
N ALA A 35 4.51 4.12 -4.24
CA ALA A 35 5.96 4.35 -4.38
C ALA A 35 6.52 3.58 -5.56
N LYS A 36 5.82 2.52 -5.93
CA LYS A 36 6.24 1.66 -7.02
C LYS A 36 6.05 2.36 -8.37
N VAL A 37 5.22 3.41 -8.37
CA VAL A 37 5.00 4.20 -9.56
C VAL A 37 6.25 5.03 -9.89
N ALA A 38 7.08 5.22 -8.86
CA ALA A 38 8.35 5.93 -8.97
C ALA A 38 8.15 7.39 -9.37
N THR A 39 7.00 7.95 -9.02
CA THR A 39 6.67 9.33 -9.34
C THR A 39 7.68 10.30 -8.71
N SER A 40 8.12 9.96 -7.51
CA SER A 40 9.09 10.78 -6.79
C SER A 40 10.38 10.00 -6.59
N LEU A 41 10.68 9.12 -7.53
CA LEU A 41 11.86 8.29 -7.45
C LEU A 41 12.69 8.40 -8.72
N ALA A 42 13.66 9.30 -8.69
CA ALA A 42 14.56 9.49 -9.81
C ALA A 42 15.94 8.94 -9.48
N ASP A 43 16.42 8.02 -10.31
CA ASP A 43 17.72 7.40 -10.10
C ASP A 43 18.83 8.39 -10.43
N PRO A 44 19.69 8.69 -9.45
CA PRO A 44 20.85 9.54 -9.67
C PRO A 44 21.89 8.85 -10.55
N ARG A 45 21.76 9.06 -11.85
CA ARG A 45 22.70 8.49 -12.81
C ARG A 45 24.07 9.13 -12.64
N PRO A 46 25.11 8.32 -12.40
CA PRO A 46 26.46 8.82 -12.15
C PRO A 46 27.01 9.63 -13.32
N ALA A 47 27.21 10.91 -13.09
CA ALA A 47 27.74 11.80 -14.10
C ALA A 47 29.26 11.82 -14.03
N ILE A 48 29.89 12.19 -15.14
CA ILE A 48 31.34 12.32 -15.20
C ILE A 48 31.81 13.36 -14.18
N PRO A 49 32.65 12.94 -13.21
CA PRO A 49 33.12 13.84 -12.17
C PRO A 49 33.93 14.98 -12.74
N HIS A 50 33.59 16.21 -12.36
CA HIS A 50 34.23 17.40 -12.90
C HIS A 50 35.71 17.42 -12.55
N ASP A 51 36.08 16.71 -11.47
CA ASP A 51 37.48 16.59 -11.06
C ASP A 51 38.32 15.94 -12.15
N GLU A 52 37.72 14.97 -12.83
CA GLU A 52 38.41 14.25 -13.90
C GLU A 52 38.58 15.16 -15.11
N VAL A 53 37.66 16.08 -15.27
CA VAL A 53 37.69 17.04 -16.36
C VAL A 53 38.73 18.12 -16.10
N GLU A 54 38.64 18.73 -14.92
CA GLU A 54 39.54 19.83 -14.56
C GLU A 54 40.96 19.34 -14.33
N ARG A 55 41.10 18.04 -14.09
CA ARG A 55 42.42 17.42 -13.98
C ARG A 55 43.22 17.69 -15.25
N ARG A 56 42.52 17.75 -16.39
CA ARG A 56 43.16 18.05 -17.65
C ARG A 56 43.77 19.44 -17.63
N MET A 57 43.01 20.40 -17.10
CA MET A 57 43.47 21.79 -17.03
C MET A 57 44.66 21.92 -16.08
N ALA A 58 44.68 21.08 -15.06
CA ALA A 58 45.79 21.05 -14.11
C ALA A 58 47.08 20.64 -14.81
N GLU A 59 47.01 19.56 -15.57
CA GLU A 59 48.16 19.06 -16.31
C GLU A 59 48.44 19.93 -17.52
N ARG A 60 47.42 20.67 -17.95
CA ARG A 60 47.53 21.62 -19.03
C ARG A 60 48.42 22.78 -18.62
N PHE A 61 48.28 23.22 -17.38
CA PHE A 61 49.09 24.29 -16.84
C PHE A 61 50.51 23.79 -16.58
N ALA A 62 50.62 22.48 -16.35
CA ALA A 62 51.91 21.84 -16.14
C ALA A 62 52.65 21.64 -17.45
N LYS A 63 52.00 22.04 -18.54
CA LYS A 63 52.61 21.96 -19.87
C LYS A 63 53.87 22.83 -19.94
N MET A 64 53.92 23.86 -19.09
CA MET A 64 55.04 24.79 -19.07
C MET A 64 56.30 24.12 -18.53
N ARG A 65 56.13 22.96 -17.89
CA ARG A 65 57.25 22.20 -17.37
C ARG A 65 58.18 21.77 -18.52
N LYS A 66 57.58 21.32 -19.61
CA LYS A 66 58.31 20.86 -20.78
C LYS A 66 57.62 21.36 -22.05
N GLU A 67 57.62 20.52 -23.09
CA GLU A 67 56.90 20.82 -24.34
C GLU A 67 57.50 22.02 -25.07
N ARG A 68 56.95 22.29 -26.24
CA ARG A 68 57.38 23.42 -27.05
C ARG A 68 56.18 24.28 -27.42
N SER A 69 55.08 24.05 -26.72
CA SER A 69 53.83 24.74 -27.00
C SER A 69 53.59 25.86 -25.98
N LYS A 70 54.13 27.04 -26.25
CA LYS A 70 53.92 28.18 -25.37
C LYS A 70 52.62 28.88 -25.75
N GLN A 71 51.83 29.25 -24.75
CA GLN A 71 50.56 29.91 -24.98
C GLN A 71 50.75 31.43 -24.94
N MET A 1 13.53 -47.47 14.07
CA MET A 1 12.47 -47.52 15.09
C MET A 1 11.70 -46.20 15.14
N ASP A 2 10.95 -45.93 14.09
CA ASP A 2 10.19 -44.69 14.00
C ASP A 2 8.70 -44.99 13.84
N TYR A 3 7.88 -43.96 13.99
CA TYR A 3 6.43 -44.11 13.87
C TYR A 3 5.81 -42.74 13.62
N LYS A 4 4.95 -42.66 12.61
CA LYS A 4 4.29 -41.42 12.22
C LYS A 4 5.30 -40.41 11.69
N ASP A 5 5.32 -40.24 10.37
CA ASP A 5 6.18 -39.24 9.75
C ASP A 5 5.71 -37.85 10.14
N ASP A 6 6.63 -37.03 10.62
CA ASP A 6 6.27 -35.73 11.17
C ASP A 6 7.14 -34.63 10.58
N ASP A 7 8.42 -34.67 10.92
CA ASP A 7 9.35 -33.65 10.46
C ASP A 7 9.80 -33.96 9.04
N ASP A 8 9.13 -33.36 8.07
CA ASP A 8 9.37 -33.63 6.67
C ASP A 8 10.59 -32.86 6.18
N LYS A 9 11.07 -31.95 7.01
CA LYS A 9 12.22 -31.13 6.66
C LYS A 9 13.50 -31.81 7.15
N ASN A 10 13.34 -32.76 8.06
CA ASN A 10 14.44 -33.57 8.58
C ASN A 10 15.39 -32.74 9.43
N ARG A 11 16.27 -32.00 8.78
CA ARG A 11 17.22 -31.15 9.48
C ARG A 11 17.30 -29.78 8.82
N ALA A 12 16.24 -28.99 9.01
CA ALA A 12 16.16 -27.63 8.47
C ALA A 12 16.36 -27.61 6.96
N LEU A 13 15.46 -28.28 6.25
CA LEU A 13 15.55 -28.35 4.80
C LEU A 13 15.11 -27.03 4.18
N SER A 14 14.11 -26.40 4.78
CA SER A 14 13.53 -25.19 4.23
C SER A 14 13.45 -24.09 5.27
N PRO A 15 14.42 -23.15 5.22
CA PRO A 15 14.41 -21.97 6.10
C PRO A 15 13.12 -21.16 5.93
N MET A 16 12.77 -20.89 4.67
CA MET A 16 11.51 -20.22 4.33
C MET A 16 11.50 -18.74 4.72
N VAL A 17 10.81 -17.94 3.92
CA VAL A 17 10.67 -16.52 4.19
C VAL A 17 9.30 -16.25 4.79
N SER A 18 9.09 -16.73 6.00
CA SER A 18 7.81 -16.60 6.69
C SER A 18 7.65 -15.20 7.28
N GLU A 19 7.97 -14.20 6.48
CA GLU A 19 7.95 -12.82 6.93
C GLU A 19 6.73 -12.09 6.36
N PHE A 20 6.02 -12.77 5.47
CA PHE A 20 4.84 -12.21 4.83
C PHE A 20 3.64 -12.32 5.76
N GLU A 21 3.65 -11.51 6.80
CA GLU A 21 2.59 -11.49 7.81
C GLU A 21 1.30 -10.91 7.20
N THR A 22 0.17 -11.15 7.87
CA THR A 22 -1.14 -10.69 7.40
C THR A 22 -1.35 -9.19 7.59
N ILE A 23 -0.29 -8.45 7.34
CA ILE A 23 -0.31 -7.00 7.34
C ILE A 23 0.67 -6.53 6.26
N GLU A 24 1.83 -7.18 6.27
CA GLU A 24 2.89 -6.90 5.31
C GLU A 24 2.45 -7.24 3.89
N GLN A 25 1.71 -8.35 3.73
CA GLN A 25 1.28 -8.80 2.41
C GLN A 25 0.48 -7.72 1.69
N GLU A 26 -0.43 -7.09 2.41
CA GLU A 26 -1.26 -6.03 1.84
C GLU A 26 -0.41 -4.82 1.48
N ASN A 27 0.51 -4.48 2.36
CA ASN A 27 1.40 -3.34 2.17
C ASN A 27 2.35 -3.59 1.00
N SER A 28 2.62 -4.87 0.75
CA SER A 28 3.60 -5.26 -0.28
C SER A 28 3.18 -4.78 -1.66
N TYR A 29 1.89 -4.66 -1.91
CA TYR A 29 1.43 -4.16 -3.19
C TYR A 29 0.93 -2.72 -3.08
N ASN A 30 0.34 -2.38 -1.94
CA ASN A 30 -0.20 -1.04 -1.75
C ASN A 30 0.91 0.02 -1.72
N GLU A 31 1.81 -0.08 -0.74
CA GLU A 31 2.86 0.91 -0.59
C GLU A 31 3.85 0.85 -1.74
N TRP A 32 4.09 -0.35 -2.24
CA TRP A 32 5.00 -0.54 -3.36
C TRP A 32 4.50 0.22 -4.59
N LEU A 33 3.27 -0.07 -5.00
CA LEU A 33 2.68 0.57 -6.16
C LEU A 33 2.50 2.06 -5.92
N ARG A 34 2.05 2.41 -4.72
CA ARG A 34 1.80 3.79 -4.36
C ARG A 34 3.09 4.61 -4.43
N ALA A 35 4.21 3.99 -4.12
CA ALA A 35 5.50 4.67 -4.14
C ALA A 35 5.87 5.11 -5.55
N LYS A 36 5.61 4.25 -6.53
CA LYS A 36 5.94 4.57 -7.91
C LYS A 36 4.88 5.50 -8.50
N VAL A 37 3.64 5.35 -8.06
CA VAL A 37 2.56 6.20 -8.53
C VAL A 37 2.71 7.62 -7.99
N ALA A 38 2.87 7.74 -6.68
CA ALA A 38 2.97 9.05 -6.04
C ALA A 38 3.73 8.95 -4.71
N THR A 39 4.99 9.33 -4.73
CA THR A 39 5.79 9.35 -3.51
C THR A 39 5.41 10.55 -2.64
N SER A 40 4.48 10.33 -1.72
CA SER A 40 3.99 11.36 -0.82
C SER A 40 3.12 12.37 -1.57
N LEU A 41 2.01 12.77 -0.94
CA LEU A 41 1.13 13.76 -1.53
C LEU A 41 1.49 15.15 -1.03
N ALA A 42 2.43 15.20 -0.09
CA ALA A 42 2.93 16.46 0.44
C ALA A 42 4.23 16.84 -0.23
N ASP A 43 4.35 18.10 -0.64
CA ASP A 43 5.54 18.57 -1.34
C ASP A 43 6.68 18.84 -0.37
N PRO A 44 7.83 18.17 -0.56
CA PRO A 44 9.03 18.39 0.26
C PRO A 44 9.66 19.76 -0.01
N ARG A 45 8.95 20.80 0.36
CA ARG A 45 9.46 22.16 0.21
C ARG A 45 10.09 22.68 1.50
N PRO A 46 9.45 22.51 2.68
CA PRO A 46 10.06 22.87 3.95
C PRO A 46 11.26 21.98 4.27
N ALA A 47 12.24 22.54 4.97
CA ALA A 47 13.46 21.82 5.34
C ALA A 47 14.31 21.51 4.12
N ILE A 48 15.34 20.70 4.31
CA ILE A 48 16.24 20.32 3.23
C ILE A 48 15.56 19.36 2.25
N PRO A 49 15.57 19.70 0.95
CA PRO A 49 15.03 18.84 -0.10
C PRO A 49 15.99 17.68 -0.41
N HIS A 50 15.44 16.55 -0.82
CA HIS A 50 16.23 15.34 -1.02
C HIS A 50 17.28 15.52 -2.11
N ASP A 51 17.09 16.52 -2.97
CA ASP A 51 18.07 16.81 -4.02
C ASP A 51 19.33 17.41 -3.42
N GLU A 52 19.16 18.32 -2.45
CA GLU A 52 20.31 18.95 -1.80
C GLU A 52 21.00 17.96 -0.88
N VAL A 53 20.25 17.01 -0.35
CA VAL A 53 20.79 15.96 0.48
C VAL A 53 21.77 15.11 -0.31
N GLU A 54 21.37 14.70 -1.50
CA GLU A 54 22.21 13.88 -2.35
C GLU A 54 23.32 14.69 -3.02
N ARG A 55 23.13 16.00 -3.09
CA ARG A 55 24.15 16.87 -3.64
C ARG A 55 25.18 17.27 -2.57
N ARG A 56 24.74 18.05 -1.59
CA ARG A 56 25.63 18.62 -0.60
C ARG A 56 25.92 17.64 0.53
N MET A 57 24.87 17.03 1.06
CA MET A 57 24.99 16.16 2.22
C MET A 57 25.66 14.84 1.87
N ALA A 58 25.68 14.51 0.58
CA ALA A 58 26.26 13.25 0.08
C ALA A 58 27.64 12.96 0.68
N GLU A 59 28.45 13.99 0.80
CA GLU A 59 29.80 13.85 1.32
C GLU A 59 29.79 13.45 2.80
N ARG A 60 28.76 13.88 3.50
CA ARG A 60 28.61 13.58 4.92
C ARG A 60 27.81 12.29 5.10
N PHE A 61 26.95 12.00 4.13
CA PHE A 61 26.15 10.79 4.14
C PHE A 61 27.04 9.55 4.07
N ALA A 62 28.21 9.72 3.47
CA ALA A 62 29.20 8.65 3.40
C ALA A 62 29.67 8.26 4.80
N LYS A 63 29.50 9.17 5.74
CA LYS A 63 29.85 8.90 7.13
C LYS A 63 28.67 8.25 7.86
N MET A 64 27.47 8.68 7.51
CA MET A 64 26.26 8.18 8.16
C MET A 64 25.88 6.80 7.65
N ARG A 65 26.08 6.59 6.35
CA ARG A 65 25.74 5.31 5.72
C ARG A 65 26.81 4.27 6.02
N LYS A 66 27.93 4.73 6.57
CA LYS A 66 29.03 3.86 6.92
C LYS A 66 28.69 3.10 8.21
N GLU A 67 28.72 1.78 8.12
CA GLU A 67 28.41 0.93 9.26
C GLU A 67 29.53 0.99 10.30
N ARG A 68 29.18 0.72 11.55
CA ARG A 68 30.09 0.83 12.68
C ARG A 68 31.21 -0.19 12.61
N SER A 69 32.33 0.19 12.00
CA SER A 69 33.50 -0.67 11.96
C SER A 69 34.52 -0.16 12.97
N LYS A 70 34.40 1.12 13.33
CA LYS A 70 35.29 1.73 14.31
C LYS A 70 34.63 1.67 15.67
N GLN A 71 35.23 0.92 16.59
CA GLN A 71 34.73 0.84 17.94
C GLN A 71 35.50 1.80 18.85
N MET A 1 0.66 10.20 15.56
CA MET A 1 2.01 10.44 15.01
C MET A 1 2.66 9.14 14.55
N ASP A 2 2.89 8.22 15.48
CA ASP A 2 3.54 6.95 15.16
C ASP A 2 2.65 5.77 15.53
N TYR A 3 2.55 5.47 16.81
CA TYR A 3 1.83 4.28 17.28
C TYR A 3 1.04 4.57 18.54
N LYS A 4 -0.11 5.20 18.40
CA LYS A 4 -0.97 5.49 19.54
C LYS A 4 -2.39 5.00 19.29
N ASP A 5 -2.61 4.39 18.14
CA ASP A 5 -3.94 3.92 17.76
C ASP A 5 -4.28 2.61 18.47
N ASP A 6 -3.32 1.70 18.53
CA ASP A 6 -3.51 0.46 19.27
C ASP A 6 -2.66 0.43 20.53
N ASP A 7 -1.35 0.36 20.34
CA ASP A 7 -0.42 0.31 21.48
C ASP A 7 1.01 0.55 21.02
N ASP A 8 1.94 0.41 21.95
CA ASP A 8 3.35 0.66 21.68
C ASP A 8 3.91 -0.32 20.66
N LYS A 9 3.58 -1.60 20.82
CA LYS A 9 4.13 -2.63 19.95
C LYS A 9 3.36 -2.68 18.64
N ASN A 10 2.06 -2.45 18.72
CA ASN A 10 1.18 -2.34 17.55
C ASN A 10 0.89 -3.70 16.91
N ARG A 11 1.92 -4.55 16.83
CA ARG A 11 1.80 -5.85 16.18
C ARG A 11 2.42 -6.94 17.03
N ALA A 12 2.22 -6.85 18.35
CA ALA A 12 2.78 -7.82 19.28
C ALA A 12 2.29 -9.23 18.96
N LEU A 13 0.98 -9.38 18.81
CA LEU A 13 0.40 -10.66 18.47
C LEU A 13 0.17 -10.74 16.96
N SER A 14 1.22 -11.08 16.24
CA SER A 14 1.15 -11.19 14.80
C SER A 14 0.30 -12.40 14.41
N PRO A 15 -0.60 -12.24 13.43
CA PRO A 15 -1.49 -13.31 12.97
C PRO A 15 -0.75 -14.39 12.17
N MET A 16 -0.16 -15.33 12.89
CA MET A 16 0.58 -16.41 12.26
C MET A 16 -0.34 -17.60 12.01
N VAL A 17 -1.43 -17.33 11.29
CA VAL A 17 -2.43 -18.36 10.99
C VAL A 17 -2.05 -19.13 9.73
N SER A 18 -1.02 -18.66 9.05
CA SER A 18 -0.57 -19.27 7.82
C SER A 18 0.88 -19.73 7.96
N GLU A 19 1.39 -20.44 6.97
CA GLU A 19 2.78 -20.87 6.98
C GLU A 19 3.70 -19.66 7.10
N PHE A 20 3.33 -18.59 6.41
CA PHE A 20 4.08 -17.35 6.48
C PHE A 20 3.40 -16.39 7.44
N GLU A 21 4.18 -15.77 8.31
CA GLU A 21 3.65 -14.78 9.24
C GLU A 21 3.55 -13.42 8.57
N THR A 22 4.07 -13.35 7.36
CA THR A 22 4.13 -12.11 6.62
C THR A 22 2.85 -11.85 5.82
N ILE A 23 1.76 -11.64 6.54
CA ILE A 23 0.49 -11.30 5.91
C ILE A 23 0.52 -9.85 5.45
N GLU A 24 1.24 -9.03 6.19
CA GLU A 24 1.39 -7.62 5.87
C GLU A 24 2.13 -7.43 4.54
N GLN A 25 2.73 -8.53 4.05
CA GLN A 25 3.39 -8.54 2.75
C GLN A 25 2.39 -8.20 1.65
N GLU A 26 1.16 -8.69 1.81
CA GLU A 26 0.11 -8.45 0.83
C GLU A 26 -0.37 -7.02 0.91
N ASN A 27 -0.05 -6.36 2.02
CA ASN A 27 -0.39 -4.97 2.21
C ASN A 27 0.70 -4.09 1.59
N SER A 28 1.85 -4.71 1.33
CA SER A 28 2.99 -3.99 0.76
C SER A 28 2.68 -3.51 -0.66
N TYR A 29 1.69 -4.13 -1.29
CA TYR A 29 1.25 -3.70 -2.62
C TYR A 29 0.69 -2.28 -2.54
N ASN A 30 0.15 -1.93 -1.37
CA ASN A 30 -0.35 -0.59 -1.12
C ASN A 30 0.81 0.38 -0.97
N GLU A 31 1.90 -0.12 -0.39
CA GLU A 31 3.08 0.68 -0.18
C GLU A 31 3.77 0.95 -1.51
N TRP A 32 3.88 -0.10 -2.33
CA TRP A 32 4.48 0.00 -3.65
C TRP A 32 3.63 0.87 -4.59
N LEU A 33 2.36 1.07 -4.22
CA LEU A 33 1.46 1.88 -5.01
C LEU A 33 2.03 3.30 -5.17
N ARG A 34 2.59 3.85 -4.10
CA ARG A 34 3.17 5.18 -4.17
C ARG A 34 4.42 5.16 -5.04
N ALA A 35 5.08 4.00 -5.05
CA ALA A 35 6.30 3.81 -5.81
C ALA A 35 6.01 3.63 -7.30
N LYS A 36 4.74 3.66 -7.67
CA LYS A 36 4.36 3.57 -9.07
C LYS A 36 4.36 4.97 -9.69
N VAL A 37 4.17 5.98 -8.86
CA VAL A 37 4.20 7.36 -9.32
C VAL A 37 5.55 7.99 -9.00
N ALA A 38 6.28 7.37 -8.08
CA ALA A 38 7.58 7.86 -7.66
C ALA A 38 8.69 6.95 -8.13
N THR A 39 9.86 7.53 -8.39
CA THR A 39 11.04 6.77 -8.80
C THR A 39 10.77 6.00 -10.10
N SER A 40 10.21 6.70 -11.09
CA SER A 40 9.91 6.10 -12.38
C SER A 40 11.17 6.03 -13.24
N LEU A 41 12.01 5.06 -12.95
CA LEU A 41 13.26 4.89 -13.69
C LEU A 41 13.19 3.65 -14.57
N ALA A 42 11.98 3.32 -15.02
CA ALA A 42 11.72 2.18 -15.89
C ALA A 42 11.99 0.86 -15.18
N ASP A 43 10.92 0.12 -14.87
CA ASP A 43 11.04 -1.20 -14.25
C ASP A 43 11.94 -2.11 -15.09
N PRO A 44 12.96 -2.71 -14.46
CA PRO A 44 13.83 -3.68 -15.14
C PRO A 44 13.17 -5.05 -15.24
N ARG A 45 11.94 -5.14 -14.75
CA ARG A 45 11.20 -6.39 -14.75
C ARG A 45 10.14 -6.39 -15.86
N PRO A 46 10.17 -7.40 -16.74
CA PRO A 46 9.16 -7.57 -17.77
C PRO A 46 7.85 -8.08 -17.19
N ALA A 47 6.75 -7.42 -17.53
CA ALA A 47 5.44 -7.76 -17.00
C ALA A 47 4.77 -8.79 -17.89
N ILE A 48 4.42 -9.93 -17.30
CA ILE A 48 3.77 -11.00 -18.04
C ILE A 48 2.26 -10.83 -18.03
N PRO A 49 1.65 -10.67 -19.22
CA PRO A 49 0.19 -10.63 -19.35
C PRO A 49 -0.43 -11.92 -18.81
N HIS A 50 -1.27 -11.81 -17.80
CA HIS A 50 -1.79 -12.98 -17.12
C HIS A 50 -3.05 -13.51 -17.79
N ASP A 51 -3.84 -12.63 -18.40
CA ASP A 51 -5.07 -13.04 -19.05
C ASP A 51 -4.77 -13.98 -20.21
N GLU A 52 -3.73 -13.64 -20.97
CA GLU A 52 -3.29 -14.45 -22.10
C GLU A 52 -2.96 -15.87 -21.67
N VAL A 53 -2.28 -15.99 -20.54
CA VAL A 53 -1.89 -17.30 -20.01
C VAL A 53 -3.11 -18.06 -19.52
N GLU A 54 -4.00 -17.35 -18.83
CA GLU A 54 -5.21 -17.93 -18.29
C GLU A 54 -6.07 -18.50 -19.41
N ARG A 55 -6.07 -17.82 -20.56
CA ARG A 55 -6.84 -18.27 -21.72
C ARG A 55 -6.43 -19.67 -22.14
N ARG A 56 -5.12 -19.90 -22.21
CA ARG A 56 -4.59 -21.21 -22.61
C ARG A 56 -4.98 -22.28 -21.60
N MET A 57 -4.96 -21.91 -20.32
CA MET A 57 -5.34 -22.84 -19.26
C MET A 57 -6.83 -23.13 -19.31
N ALA A 58 -7.61 -22.08 -19.55
CA ALA A 58 -9.05 -22.18 -19.64
C ALA A 58 -9.47 -23.14 -20.76
N GLU A 59 -8.71 -23.13 -21.84
CA GLU A 59 -9.00 -23.99 -22.99
C GLU A 59 -8.90 -25.46 -22.62
N ARG A 60 -8.10 -25.75 -21.60
CA ARG A 60 -7.96 -27.11 -21.09
C ARG A 60 -9.16 -27.45 -20.21
N PHE A 61 -9.50 -26.54 -19.30
CA PHE A 61 -10.60 -26.75 -18.38
C PHE A 61 -11.93 -26.77 -19.11
N ALA A 62 -12.03 -25.97 -20.17
CA ALA A 62 -13.25 -25.89 -20.97
C ALA A 62 -13.58 -27.25 -21.59
N LYS A 63 -12.55 -27.94 -22.06
CA LYS A 63 -12.73 -29.25 -22.68
C LYS A 63 -13.16 -30.27 -21.62
N MET A 64 -12.80 -30.00 -20.37
CA MET A 64 -13.13 -30.88 -19.26
C MET A 64 -14.62 -30.82 -18.95
N ARG A 65 -15.28 -29.78 -19.45
CA ARG A 65 -16.73 -29.64 -19.31
C ARG A 65 -17.45 -30.41 -20.41
N LYS A 66 -16.68 -31.23 -21.13
CA LYS A 66 -17.19 -32.08 -22.22
C LYS A 66 -17.62 -31.24 -23.41
N GLU A 67 -16.76 -31.22 -24.43
CA GLU A 67 -17.02 -30.47 -25.67
C GLU A 67 -16.93 -28.97 -25.45
N ARG A 68 -16.73 -28.24 -26.54
CA ARG A 68 -16.55 -26.80 -26.48
C ARG A 68 -17.61 -26.10 -27.32
N SER A 69 -18.51 -26.91 -27.89
CA SER A 69 -19.59 -26.41 -28.74
C SER A 69 -19.01 -25.69 -29.96
N LYS A 70 -17.94 -26.25 -30.51
CA LYS A 70 -17.28 -25.66 -31.66
C LYS A 70 -17.27 -26.64 -32.82
N GLN A 71 -17.43 -26.13 -34.03
CA GLN A 71 -17.34 -26.96 -35.22
C GLN A 71 -15.96 -26.81 -35.85
N MET A 1 -4.89 8.16 1.97
CA MET A 1 -4.12 7.71 0.80
C MET A 1 -4.98 7.68 -0.45
N ASP A 2 -6.24 7.31 -0.30
CA ASP A 2 -7.16 7.24 -1.43
C ASP A 2 -7.78 8.61 -1.68
N TYR A 3 -7.85 9.01 -2.94
CA TYR A 3 -8.44 10.28 -3.31
C TYR A 3 -9.62 10.06 -4.24
N LYS A 4 -10.46 11.09 -4.34
CA LYS A 4 -11.67 11.05 -5.18
C LYS A 4 -12.64 9.99 -4.67
N ASP A 5 -12.55 9.72 -3.37
CA ASP A 5 -13.40 8.74 -2.70
C ASP A 5 -13.32 8.95 -1.19
N ASP A 6 -14.37 8.60 -0.46
CA ASP A 6 -14.41 8.84 0.97
C ASP A 6 -14.32 7.55 1.78
N ASP A 7 -14.14 6.44 1.10
CA ASP A 7 -13.99 5.16 1.78
C ASP A 7 -12.54 4.73 1.74
N ASP A 8 -11.85 4.95 2.85
CA ASP A 8 -10.41 4.68 2.93
C ASP A 8 -10.15 3.21 3.21
N LYS A 9 -11.22 2.44 3.33
CA LYS A 9 -11.10 1.02 3.58
C LYS A 9 -11.07 0.23 2.29
N ASN A 10 -11.57 0.85 1.21
CA ASN A 10 -11.67 0.22 -0.10
C ASN A 10 -12.63 -0.96 -0.04
N ARG A 11 -13.53 -0.92 0.93
CA ARG A 11 -14.41 -2.05 1.20
C ARG A 11 -15.88 -1.67 1.02
N ALA A 12 -16.10 -0.52 0.39
CA ALA A 12 -17.45 -0.10 0.06
C ALA A 12 -17.98 -0.92 -1.10
N LEU A 13 -17.08 -1.29 -2.00
CA LEU A 13 -17.40 -2.16 -3.12
C LEU A 13 -16.57 -3.43 -3.01
N SER A 14 -17.03 -4.50 -3.67
CA SER A 14 -16.34 -5.79 -3.69
C SER A 14 -16.49 -6.51 -2.34
N PRO A 15 -16.85 -7.80 -2.38
CA PRO A 15 -16.97 -8.62 -1.17
C PRO A 15 -15.60 -8.88 -0.54
N MET A 16 -15.53 -8.81 0.79
CA MET A 16 -14.27 -8.99 1.48
C MET A 16 -13.94 -10.47 1.60
N VAL A 17 -13.64 -11.09 0.46
CA VAL A 17 -13.26 -12.49 0.43
C VAL A 17 -11.76 -12.66 0.56
N SER A 18 -11.12 -11.65 1.13
CA SER A 18 -9.68 -11.64 1.31
C SER A 18 -9.29 -12.44 2.55
N GLU A 19 -9.67 -13.71 2.55
CA GLU A 19 -9.35 -14.59 3.67
C GLU A 19 -8.07 -15.37 3.39
N PHE A 20 -7.28 -14.84 2.48
CA PHE A 20 -6.00 -15.41 2.12
C PHE A 20 -4.92 -14.94 3.09
N GLU A 21 -3.78 -15.62 3.09
CA GLU A 21 -2.67 -15.25 3.95
C GLU A 21 -1.80 -14.18 3.28
N THR A 22 -2.41 -13.41 2.40
CA THR A 22 -1.70 -12.38 1.67
C THR A 22 -2.22 -11.00 2.03
N ILE A 23 -2.62 -10.83 3.28
CA ILE A 23 -3.14 -9.55 3.76
C ILE A 23 -1.98 -8.64 4.13
N GLU A 24 -1.08 -9.17 4.96
CA GLU A 24 0.11 -8.46 5.38
C GLU A 24 0.98 -8.14 4.17
N GLN A 25 1.14 -9.14 3.30
CA GLN A 25 1.94 -9.00 2.09
C GLN A 25 1.36 -7.92 1.19
N GLU A 26 0.04 -7.83 1.13
CA GLU A 26 -0.63 -6.86 0.29
C GLU A 26 -0.34 -5.44 0.76
N ASN A 27 -0.29 -5.27 2.08
CA ASN A 27 -0.02 -3.97 2.68
C ASN A 27 1.41 -3.53 2.40
N SER A 28 2.31 -4.50 2.31
CA SER A 28 3.69 -4.22 1.95
C SER A 28 3.77 -3.83 0.47
N TYR A 29 2.96 -4.50 -0.34
CA TYR A 29 2.90 -4.22 -1.78
C TYR A 29 2.31 -2.83 -2.01
N ASN A 30 1.35 -2.48 -1.17
CA ASN A 30 0.69 -1.17 -1.23
C ASN A 30 1.71 -0.04 -1.09
N GLU A 31 2.73 -0.27 -0.29
CA GLU A 31 3.76 0.73 -0.05
C GLU A 31 4.54 1.01 -1.33
N TRP A 32 4.73 -0.02 -2.14
CA TRP A 32 5.46 0.11 -3.39
C TRP A 32 4.61 0.80 -4.45
N LEU A 33 3.30 0.72 -4.28
CA LEU A 33 2.36 1.32 -5.22
C LEU A 33 2.48 2.84 -5.21
N ARG A 34 3.00 3.38 -4.12
CA ARG A 34 3.20 4.82 -3.99
C ARG A 34 4.24 5.31 -4.99
N ALA A 35 5.05 4.39 -5.50
CA ALA A 35 6.08 4.72 -6.47
C ALA A 35 5.56 4.62 -7.89
N LYS A 36 4.42 3.96 -8.05
CA LYS A 36 3.85 3.74 -9.38
C LYS A 36 3.24 5.02 -9.93
N VAL A 37 2.67 5.82 -9.04
CA VAL A 37 2.07 7.10 -9.42
C VAL A 37 3.16 8.14 -9.71
N ALA A 38 4.39 7.80 -9.37
CA ALA A 38 5.51 8.69 -9.59
C ALA A 38 6.00 8.61 -11.04
N THR A 39 5.13 8.96 -11.96
CA THR A 39 5.45 8.95 -13.37
C THR A 39 5.53 10.38 -13.92
N SER A 40 6.48 10.63 -14.81
CA SER A 40 6.65 11.93 -15.44
C SER A 40 6.89 13.01 -14.39
N LEU A 41 8.08 12.99 -13.80
CA LEU A 41 8.44 13.94 -12.76
C LEU A 41 8.99 15.22 -13.39
N ALA A 42 8.33 16.33 -13.11
CA ALA A 42 8.78 17.62 -13.58
C ALA A 42 9.05 18.55 -12.41
N ASP A 43 10.22 18.41 -11.82
CA ASP A 43 10.61 19.19 -10.66
C ASP A 43 10.95 20.62 -11.06
N PRO A 44 10.32 21.61 -10.41
CA PRO A 44 10.56 23.03 -10.68
C PRO A 44 11.84 23.52 -10.01
N ARG A 45 12.90 22.74 -10.16
CA ARG A 45 14.20 23.10 -9.60
C ARG A 45 15.01 23.93 -10.58
N PRO A 46 15.19 23.48 -11.84
CA PRO A 46 15.86 24.29 -12.87
C PRO A 46 15.01 25.49 -13.30
N ALA A 47 15.68 26.61 -13.54
CA ALA A 47 14.99 27.82 -13.97
C ALA A 47 14.40 27.63 -15.35
N ILE A 48 13.15 28.04 -15.51
CA ILE A 48 12.45 27.87 -16.78
C ILE A 48 13.07 28.73 -17.88
N PRO A 49 13.50 28.09 -18.98
CA PRO A 49 14.09 28.78 -20.13
C PRO A 49 13.07 29.64 -20.86
N HIS A 50 13.56 30.57 -21.69
CA HIS A 50 12.67 31.49 -22.39
C HIS A 50 11.84 30.75 -23.44
N ASP A 51 12.25 29.52 -23.77
CA ASP A 51 11.51 28.70 -24.70
C ASP A 51 10.16 28.27 -24.10
N GLU A 52 10.07 28.29 -22.78
CA GLU A 52 8.81 28.01 -22.11
C GLU A 52 7.86 29.18 -22.33
N VAL A 53 8.40 30.38 -22.27
CA VAL A 53 7.63 31.60 -22.51
C VAL A 53 7.14 31.62 -23.96
N GLU A 54 7.95 31.09 -24.86
CA GLU A 54 7.60 31.00 -26.27
C GLU A 54 6.30 30.23 -26.45
N ARG A 55 6.17 29.10 -25.76
CA ARG A 55 4.98 28.27 -25.93
C ARG A 55 3.82 28.80 -25.11
N ARG A 56 4.11 29.64 -24.13
CA ARG A 56 3.05 30.32 -23.39
C ARG A 56 2.23 31.18 -24.34
N MET A 57 2.92 32.05 -25.09
CA MET A 57 2.25 32.97 -25.99
C MET A 57 2.09 32.40 -27.42
N ALA A 58 3.20 31.97 -28.02
CA ALA A 58 3.21 31.63 -29.44
C ALA A 58 2.92 30.15 -29.71
N GLU A 59 3.82 29.27 -29.26
CA GLU A 59 3.76 27.84 -29.63
C GLU A 59 2.47 27.17 -29.17
N ARG A 60 1.77 27.80 -28.21
CA ARG A 60 0.47 27.30 -27.76
C ARG A 60 -0.48 27.13 -28.95
N PHE A 61 -0.27 27.92 -30.00
CA PHE A 61 -1.07 27.79 -31.21
C PHE A 61 -0.84 26.42 -31.85
N ALA A 62 0.41 26.01 -31.91
CA ALA A 62 0.74 24.67 -32.41
C ALA A 62 0.21 23.61 -31.45
N LYS A 63 0.29 23.92 -30.16
CA LYS A 63 -0.17 23.03 -29.11
C LYS A 63 -1.66 22.73 -29.25
N MET A 64 -2.44 23.74 -29.60
CA MET A 64 -3.88 23.57 -29.75
C MET A 64 -4.22 22.89 -31.08
N ARG A 65 -3.28 22.97 -32.03
CA ARG A 65 -3.47 22.34 -33.33
C ARG A 65 -3.17 20.84 -33.25
N LYS A 66 -2.17 20.48 -32.46
CA LYS A 66 -1.84 19.07 -32.27
C LYS A 66 -2.65 18.46 -31.12
N GLU A 67 -3.70 19.18 -30.73
CA GLU A 67 -4.71 18.68 -29.79
C GLU A 67 -4.12 18.39 -28.41
N ARG A 68 -3.15 19.22 -27.99
CA ARG A 68 -2.52 19.09 -26.67
C ARG A 68 -1.74 17.78 -26.54
N SER A 69 -0.44 17.87 -26.38
CA SER A 69 0.42 16.69 -26.30
C SER A 69 0.48 16.12 -24.89
N LYS A 70 -0.65 16.18 -24.19
CA LYS A 70 -0.77 15.68 -22.82
C LYS A 70 0.18 16.39 -21.86
N GLN A 71 -0.23 17.53 -21.36
CA GLN A 71 0.57 18.26 -20.40
C GLN A 71 -0.04 18.12 -19.01
N MET A 1 42.07 -26.13 16.84
CA MET A 1 41.14 -25.74 17.92
C MET A 1 41.61 -24.46 18.60
N ASP A 2 41.66 -23.37 17.84
CA ASP A 2 42.05 -22.07 18.39
C ASP A 2 41.09 -20.99 17.92
N TYR A 3 41.34 -20.48 16.72
CA TYR A 3 40.46 -19.47 16.13
C TYR A 3 40.68 -19.42 14.62
N LYS A 4 39.95 -20.27 13.90
CA LYS A 4 39.97 -20.26 12.43
C LYS A 4 38.86 -21.15 11.89
N ASP A 5 37.71 -20.54 11.63
CA ASP A 5 36.57 -21.27 11.10
C ASP A 5 36.15 -20.67 9.76
N ASP A 6 37.02 -19.84 9.21
CA ASP A 6 36.72 -19.11 7.98
C ASP A 6 36.74 -20.04 6.78
N ASP A 7 37.67 -21.01 6.84
CA ASP A 7 37.81 -22.03 5.79
C ASP A 7 38.37 -21.42 4.50
N ASP A 8 38.98 -22.24 3.66
CA ASP A 8 39.61 -21.76 2.42
C ASP A 8 38.57 -21.24 1.43
N LYS A 9 37.31 -21.41 1.78
CA LYS A 9 36.20 -20.90 0.97
C LYS A 9 35.82 -19.50 1.43
N ASN A 10 36.45 -19.03 2.50
CA ASN A 10 36.37 -17.62 2.94
C ASN A 10 34.92 -17.12 3.01
N ARG A 11 34.11 -17.85 3.79
CA ARG A 11 32.72 -17.47 4.11
C ARG A 11 31.81 -17.50 2.88
N ALA A 12 32.32 -17.99 1.75
CA ALA A 12 31.56 -17.99 0.51
C ALA A 12 30.61 -19.19 0.44
N LEU A 13 29.83 -19.37 1.49
CA LEU A 13 28.82 -20.41 1.53
C LEU A 13 27.46 -19.79 1.78
N SER A 14 27.43 -18.47 1.68
CA SER A 14 26.21 -17.71 1.83
C SER A 14 25.51 -17.55 0.47
N PRO A 15 24.33 -18.15 0.30
CA PRO A 15 23.61 -18.14 -0.98
C PRO A 15 23.00 -16.78 -1.31
N MET A 16 22.83 -15.93 -0.29
CA MET A 16 22.19 -14.63 -0.46
C MET A 16 20.77 -14.82 -0.99
N VAL A 17 19.97 -15.54 -0.22
CA VAL A 17 18.62 -15.88 -0.63
C VAL A 17 17.65 -14.72 -0.37
N SER A 18 16.82 -14.43 -1.37
CA SER A 18 15.80 -13.41 -1.25
C SER A 18 14.49 -13.91 -1.83
N GLU A 19 14.15 -15.15 -1.49
CA GLU A 19 12.98 -15.81 -2.06
C GLU A 19 11.80 -15.76 -1.10
N PHE A 20 12.07 -15.39 0.15
CA PHE A 20 11.03 -15.28 1.14
C PHE A 20 10.04 -14.18 0.75
N GLU A 21 8.82 -14.57 0.46
CA GLU A 21 7.79 -13.64 0.02
C GLU A 21 6.43 -14.13 0.46
N THR A 22 6.05 -13.79 1.68
CA THR A 22 4.76 -14.21 2.22
C THR A 22 4.23 -13.18 3.21
N ILE A 23 2.95 -12.82 3.02
CA ILE A 23 2.24 -11.90 3.92
C ILE A 23 2.63 -10.43 3.66
N GLU A 24 3.94 -10.16 3.59
CA GLU A 24 4.42 -8.79 3.49
C GLU A 24 3.91 -8.10 2.22
N GLN A 25 3.83 -8.83 1.12
CA GLN A 25 3.44 -8.26 -0.16
C GLN A 25 1.99 -7.81 -0.17
N GLU A 26 1.21 -8.25 0.80
CA GLU A 26 -0.18 -7.84 0.92
C GLU A 26 -0.24 -6.35 1.28
N ASN A 27 0.55 -5.96 2.28
CA ASN A 27 0.60 -4.57 2.72
C ASN A 27 1.61 -3.79 1.89
N SER A 28 2.64 -4.46 1.41
CA SER A 28 3.66 -3.80 0.60
C SER A 28 3.11 -3.43 -0.77
N TYR A 29 1.99 -4.02 -1.16
CA TYR A 29 1.32 -3.66 -2.40
C TYR A 29 0.79 -2.23 -2.29
N ASN A 30 0.31 -1.89 -1.10
CA ASN A 30 -0.15 -0.53 -0.81
C ASN A 30 1.01 0.45 -0.98
N GLU A 31 2.17 0.06 -0.45
CA GLU A 31 3.38 0.87 -0.58
C GLU A 31 3.80 0.98 -2.05
N TRP A 32 3.96 -0.16 -2.70
CA TRP A 32 4.45 -0.21 -4.08
C TRP A 32 3.51 0.52 -5.04
N LEU A 33 2.21 0.39 -4.81
CA LEU A 33 1.22 1.00 -5.69
C LEU A 33 1.37 2.52 -5.73
N ARG A 34 1.56 3.13 -4.58
CA ARG A 34 1.73 4.57 -4.52
C ARG A 34 3.20 4.96 -4.73
N ALA A 35 4.06 3.96 -4.73
CA ALA A 35 5.48 4.18 -5.01
C ALA A 35 5.76 4.10 -6.51
N LYS A 36 4.74 3.72 -7.27
CA LYS A 36 4.86 3.63 -8.72
C LYS A 36 5.10 5.00 -9.34
N VAL A 37 4.81 6.05 -8.59
CA VAL A 37 5.04 7.42 -9.05
C VAL A 37 6.51 7.81 -8.86
N ALA A 38 7.19 7.05 -8.01
CA ALA A 38 8.58 7.33 -7.71
C ALA A 38 9.49 6.67 -8.73
N THR A 39 9.54 7.26 -9.92
CA THR A 39 10.37 6.75 -10.99
C THR A 39 11.17 7.90 -11.61
N SER A 40 11.38 8.95 -10.82
CA SER A 40 12.07 10.13 -11.29
C SER A 40 13.59 9.93 -11.25
N LEU A 41 14.03 8.90 -10.53
CA LEU A 41 15.44 8.57 -10.44
C LEU A 41 15.92 7.96 -11.76
N ALA A 42 15.01 7.29 -12.44
CA ALA A 42 15.29 6.77 -13.77
C ALA A 42 14.61 7.63 -14.82
N ASP A 43 15.06 8.87 -14.93
CA ASP A 43 14.47 9.83 -15.85
C ASP A 43 14.70 9.40 -17.30
N PRO A 44 13.66 9.48 -18.13
CA PRO A 44 13.68 8.99 -19.51
C PRO A 44 14.69 9.72 -20.38
N ARG A 45 15.24 9.02 -21.35
CA ARG A 45 16.23 9.60 -22.24
C ARG A 45 15.55 10.22 -23.45
N PRO A 46 15.91 11.47 -23.79
CA PRO A 46 15.38 12.15 -24.98
C PRO A 46 16.01 11.61 -26.27
N ALA A 47 16.04 10.29 -26.37
CA ALA A 47 16.62 9.60 -27.50
C ALA A 47 16.09 8.18 -27.57
N ILE A 48 14.77 8.07 -27.69
CA ILE A 48 14.10 6.78 -27.71
C ILE A 48 14.06 6.23 -29.13
N PRO A 49 14.57 5.01 -29.33
CA PRO A 49 14.55 4.35 -30.64
C PRO A 49 13.16 3.77 -30.94
N HIS A 50 12.74 3.87 -32.20
CA HIS A 50 11.46 3.31 -32.62
C HIS A 50 11.53 1.80 -32.66
N ASP A 51 12.74 1.28 -32.46
CA ASP A 51 12.96 -0.16 -32.37
C ASP A 51 12.32 -0.70 -31.10
N GLU A 52 12.12 0.18 -30.13
CA GLU A 52 11.53 -0.18 -28.86
C GLU A 52 10.12 -0.70 -29.06
N VAL A 53 9.41 -0.09 -30.00
CA VAL A 53 8.06 -0.51 -30.34
C VAL A 53 8.08 -1.94 -30.88
N GLU A 54 9.05 -2.21 -31.75
CA GLU A 54 9.20 -3.54 -32.33
C GLU A 54 9.50 -4.58 -31.25
N ARG A 55 10.29 -4.19 -30.26
CA ARG A 55 10.63 -5.07 -29.15
C ARG A 55 9.37 -5.45 -28.38
N ARG A 56 8.57 -4.46 -28.05
CA ARG A 56 7.33 -4.68 -27.31
C ARG A 56 6.29 -5.39 -28.18
N MET A 57 6.31 -5.08 -29.46
CA MET A 57 5.39 -5.71 -30.41
C MET A 57 5.76 -7.18 -30.56
N ALA A 58 7.05 -7.48 -30.48
CA ALA A 58 7.54 -8.84 -30.49
C ALA A 58 7.04 -9.58 -29.26
N GLU A 59 7.06 -8.89 -28.12
CA GLU A 59 6.55 -9.43 -26.88
C GLU A 59 5.06 -9.75 -27.03
N ARG A 60 4.33 -8.79 -27.58
CA ARG A 60 2.90 -8.90 -27.75
C ARG A 60 2.56 -10.10 -28.64
N PHE A 61 3.23 -10.17 -29.79
CA PHE A 61 3.00 -11.25 -30.76
C PHE A 61 3.29 -12.62 -30.15
N ALA A 62 4.36 -12.69 -29.37
CA ALA A 62 4.80 -13.95 -28.78
C ALA A 62 3.79 -14.47 -27.76
N LYS A 63 3.43 -13.63 -26.79
CA LYS A 63 2.57 -14.07 -25.70
C LYS A 63 1.10 -14.06 -26.11
N MET A 64 0.80 -13.46 -27.25
CA MET A 64 -0.56 -13.44 -27.77
C MET A 64 -1.04 -14.85 -28.08
N ARG A 65 -0.16 -15.64 -28.69
CA ARG A 65 -0.45 -17.03 -28.98
C ARG A 65 0.16 -17.92 -27.91
N LYS A 66 1.27 -17.44 -27.33
CA LYS A 66 1.98 -18.12 -26.23
C LYS A 66 2.73 -19.35 -26.73
N GLU A 67 2.04 -20.22 -27.46
CA GLU A 67 2.65 -21.43 -27.99
C GLU A 67 3.39 -21.13 -29.28
N ARG A 68 4.67 -20.78 -29.14
CA ARG A 68 5.52 -20.51 -30.29
C ARG A 68 5.99 -21.82 -30.89
N SER A 69 5.59 -22.07 -32.14
CA SER A 69 5.93 -23.29 -32.86
C SER A 69 5.19 -24.50 -32.27
N LYS A 70 4.40 -25.16 -33.12
CA LYS A 70 3.63 -26.32 -32.70
C LYS A 70 4.57 -27.50 -32.45
N GLN A 71 5.75 -27.44 -33.07
CA GLN A 71 6.75 -28.50 -32.97
C GLN A 71 6.20 -29.80 -33.54
N MET A 1 10.46 -13.04 3.63
CA MET A 1 10.31 -13.97 4.77
C MET A 1 11.06 -15.28 4.51
N ASP A 2 12.33 -15.29 4.88
CA ASP A 2 13.18 -16.46 4.66
C ASP A 2 13.28 -17.30 5.93
N TYR A 3 12.75 -16.76 7.02
CA TYR A 3 12.75 -17.46 8.29
C TYR A 3 11.41 -18.19 8.45
N LYS A 4 11.26 -19.30 7.74
CA LYS A 4 10.00 -20.01 7.72
C LYS A 4 10.20 -21.52 7.86
N ASP A 5 11.25 -21.91 8.57
CA ASP A 5 11.58 -23.33 8.71
C ASP A 5 11.77 -23.72 10.18
N ASP A 6 12.13 -22.76 11.03
CA ASP A 6 12.39 -23.04 12.44
C ASP A 6 11.09 -23.46 13.15
N ASP A 7 10.17 -22.52 13.28
CA ASP A 7 8.88 -22.78 13.92
C ASP A 7 7.74 -22.64 12.94
N ASP A 8 7.95 -21.80 11.93
CA ASP A 8 6.91 -21.44 10.96
C ASP A 8 6.59 -22.60 10.02
N LYS A 9 7.26 -23.72 10.19
CA LYS A 9 7.01 -24.88 9.34
C LYS A 9 5.85 -25.70 9.90
N ASN A 10 5.58 -25.55 11.19
CA ASN A 10 4.52 -26.31 11.84
C ASN A 10 3.16 -25.76 11.44
N ARG A 11 2.90 -24.51 11.79
CA ARG A 11 1.66 -23.83 11.45
C ARG A 11 0.46 -24.55 12.07
N ALA A 12 -0.72 -24.40 11.45
CA ALA A 12 -1.95 -25.02 11.91
C ALA A 12 -2.50 -24.31 13.14
N LEU A 13 -1.61 -23.87 14.02
CA LEU A 13 -1.99 -23.09 15.19
C LEU A 13 -1.04 -21.90 15.35
N SER A 14 -1.60 -20.72 15.52
CA SER A 14 -0.81 -19.51 15.70
C SER A 14 -1.48 -18.62 16.74
N PRO A 15 -1.21 -18.88 18.03
CA PRO A 15 -1.82 -18.15 19.13
C PRO A 15 -0.98 -16.95 19.58
N MET A 16 -0.08 -16.51 18.72
CA MET A 16 0.81 -15.40 19.04
C MET A 16 0.96 -14.45 17.85
N VAL A 17 -0.15 -14.17 17.18
CA VAL A 17 -0.13 -13.31 16.01
C VAL A 17 0.10 -11.86 16.40
N SER A 18 -0.57 -11.45 17.49
CA SER A 18 -0.43 -10.10 18.05
C SER A 18 -1.13 -9.05 17.20
N GLU A 19 -1.58 -9.44 16.02
CA GLU A 19 -2.22 -8.51 15.10
C GLU A 19 -3.59 -9.01 14.69
N PHE A 20 -4.42 -8.07 14.24
CA PHE A 20 -5.73 -8.39 13.71
C PHE A 20 -6.08 -7.39 12.62
N GLU A 21 -6.71 -7.86 11.55
CA GLU A 21 -7.10 -7.03 10.40
C GLU A 21 -5.89 -6.64 9.53
N THR A 22 -4.79 -6.32 10.17
CA THR A 22 -3.60 -5.86 9.46
C THR A 22 -2.93 -6.99 8.69
N ILE A 23 -2.58 -6.71 7.44
CA ILE A 23 -1.90 -7.67 6.60
C ILE A 23 -0.70 -7.02 5.92
N GLU A 24 0.45 -7.12 6.57
CA GLU A 24 1.68 -6.51 6.07
C GLU A 24 2.04 -7.04 4.68
N GLN A 25 1.73 -8.32 4.45
CA GLN A 25 1.99 -8.96 3.17
C GLN A 25 1.25 -8.24 2.02
N GLU A 26 0.02 -7.82 2.30
CA GLU A 26 -0.78 -7.15 1.28
C GLU A 26 -0.34 -5.70 1.14
N ASN A 27 0.18 -5.15 2.24
CA ASN A 27 0.62 -3.77 2.26
C ASN A 27 1.81 -3.55 1.31
N SER A 28 2.55 -4.61 1.03
CA SER A 28 3.71 -4.50 0.14
C SER A 28 3.25 -4.06 -1.25
N TYR A 29 2.21 -4.71 -1.77
CA TYR A 29 1.64 -4.38 -3.07
C TYR A 29 1.16 -2.93 -3.07
N ASN A 30 0.60 -2.51 -1.94
CA ASN A 30 0.09 -1.16 -1.77
C ASN A 30 1.21 -0.14 -1.79
N GLU A 31 2.30 -0.45 -1.09
CA GLU A 31 3.43 0.46 -1.00
C GLU A 31 4.15 0.59 -2.33
N TRP A 32 4.33 -0.53 -3.02
CA TRP A 32 4.96 -0.51 -4.34
C TRP A 32 4.07 0.19 -5.36
N LEU A 33 2.77 0.15 -5.13
CA LEU A 33 1.82 0.85 -5.99
C LEU A 33 1.87 2.35 -5.72
N ARG A 34 2.08 2.70 -4.45
CA ARG A 34 2.20 4.09 -4.05
C ARG A 34 3.54 4.66 -4.49
N ALA A 35 4.55 3.79 -4.51
CA ALA A 35 5.91 4.19 -4.86
C ALA A 35 5.99 4.75 -6.28
N LYS A 36 5.28 4.12 -7.21
CA LYS A 36 5.30 4.57 -8.60
C LYS A 36 4.54 5.89 -8.75
N VAL A 37 3.66 6.17 -7.80
CA VAL A 37 2.92 7.43 -7.80
C VAL A 37 3.74 8.51 -7.11
N ALA A 38 4.02 8.33 -5.82
CA ALA A 38 4.79 9.30 -5.03
C ALA A 38 4.26 10.72 -5.18
N THR A 39 2.93 10.84 -5.26
CA THR A 39 2.26 12.12 -5.43
C THR A 39 2.82 12.89 -6.64
N SER A 40 3.25 12.14 -7.65
CA SER A 40 3.81 12.73 -8.87
C SER A 40 3.30 11.94 -10.08
N LEU A 41 2.11 11.36 -9.92
CA LEU A 41 1.49 10.60 -10.99
C LEU A 41 -0.01 10.60 -10.78
N ALA A 42 -0.70 11.51 -11.45
CA ALA A 42 -2.14 11.64 -11.29
C ALA A 42 -2.79 11.89 -12.63
N ASP A 43 -3.46 10.87 -13.15
CA ASP A 43 -4.18 11.00 -14.40
C ASP A 43 -5.41 11.89 -14.20
N PRO A 44 -5.67 12.83 -15.12
CA PRO A 44 -6.81 13.75 -15.02
C PRO A 44 -8.15 13.04 -15.21
N ARG A 45 -8.07 11.74 -15.46
CA ARG A 45 -9.24 10.89 -15.68
C ARG A 45 -10.01 11.33 -16.92
N PRO A 46 -9.57 10.88 -18.11
CA PRO A 46 -10.25 11.19 -19.36
C PRO A 46 -11.62 10.55 -19.43
N ALA A 47 -12.65 11.38 -19.41
CA ALA A 47 -14.03 10.92 -19.38
C ALA A 47 -14.50 10.53 -20.78
N ILE A 48 -14.13 9.32 -21.19
CA ILE A 48 -14.54 8.79 -22.48
C ILE A 48 -15.99 8.33 -22.40
N PRO A 49 -16.88 8.91 -23.23
CA PRO A 49 -18.29 8.58 -23.20
C PRO A 49 -18.54 7.12 -23.58
N HIS A 50 -19.28 6.41 -22.73
CA HIS A 50 -19.57 5.01 -22.96
C HIS A 50 -20.41 4.84 -24.22
N ASP A 51 -21.10 5.90 -24.63
CA ASP A 51 -21.85 5.90 -25.88
C ASP A 51 -20.92 5.68 -27.05
N GLU A 52 -19.76 6.31 -26.98
CA GLU A 52 -18.77 6.23 -28.05
C GLU A 52 -18.10 4.86 -28.04
N VAL A 53 -17.86 4.34 -26.84
CA VAL A 53 -17.24 3.04 -26.68
C VAL A 53 -18.09 1.97 -27.36
N GLU A 54 -19.40 2.06 -27.18
CA GLU A 54 -20.34 1.15 -27.83
C GLU A 54 -20.19 1.19 -29.34
N ARG A 55 -20.09 2.40 -29.88
CA ARG A 55 -20.00 2.60 -31.31
C ARG A 55 -18.62 2.20 -31.83
N ARG A 56 -17.62 2.39 -30.99
CA ARG A 56 -16.25 2.03 -31.32
C ARG A 56 -16.08 0.51 -31.27
N MET A 57 -16.65 -0.10 -30.24
CA MET A 57 -16.54 -1.53 -30.03
C MET A 57 -17.32 -2.29 -31.09
N ALA A 58 -18.31 -1.63 -31.68
CA ALA A 58 -19.09 -2.21 -32.77
C ALA A 58 -18.18 -2.62 -33.93
N GLU A 59 -17.12 -1.87 -34.13
CA GLU A 59 -16.14 -2.16 -35.17
C GLU A 59 -15.24 -3.32 -34.77
N ARG A 60 -15.12 -3.55 -33.48
CA ARG A 60 -14.30 -4.64 -32.97
C ARG A 60 -15.08 -5.96 -33.05
N PHE A 61 -16.40 -5.84 -33.15
CA PHE A 61 -17.27 -7.00 -33.27
C PHE A 61 -17.17 -7.61 -34.67
N ALA A 62 -16.49 -6.91 -35.57
CA ALA A 62 -16.33 -7.36 -36.96
C ALA A 62 -15.65 -8.72 -37.04
N LYS A 63 -15.04 -9.15 -35.94
CA LYS A 63 -14.39 -10.44 -35.87
C LYS A 63 -15.39 -11.59 -36.04
N MET A 64 -16.68 -11.28 -35.86
CA MET A 64 -17.74 -12.27 -36.01
C MET A 64 -17.95 -12.65 -37.48
N ARG A 65 -17.07 -12.16 -38.33
CA ARG A 65 -17.03 -12.58 -39.72
C ARG A 65 -16.77 -14.08 -39.79
N LYS A 66 -16.07 -14.58 -38.77
CA LYS A 66 -15.75 -16.00 -38.68
C LYS A 66 -16.85 -16.78 -37.98
N GLU A 67 -17.99 -16.13 -37.77
CA GLU A 67 -19.11 -16.77 -37.09
C GLU A 67 -20.00 -17.51 -38.09
N ARG A 68 -20.09 -16.96 -39.30
CA ARG A 68 -20.99 -17.52 -40.31
C ARG A 68 -20.23 -17.98 -41.54
N SER A 69 -18.95 -18.30 -41.33
CA SER A 69 -18.08 -18.81 -42.40
C SER A 69 -18.12 -17.90 -43.63
N LYS A 70 -17.85 -16.61 -43.43
CA LYS A 70 -17.90 -15.65 -44.51
C LYS A 70 -16.56 -15.56 -45.23
N GLN A 71 -16.42 -16.38 -46.27
CA GLN A 71 -15.20 -16.38 -47.06
C GLN A 71 -15.53 -16.40 -48.55
N MET A 1 4.98 -32.96 -18.27
CA MET A 1 5.15 -31.61 -18.87
C MET A 1 3.88 -31.19 -19.62
N ASP A 2 2.83 -30.89 -18.87
CA ASP A 2 1.59 -30.43 -19.45
C ASP A 2 1.20 -29.10 -18.84
N TYR A 3 0.00 -28.62 -19.14
CA TYR A 3 -0.48 -27.38 -18.55
C TYR A 3 -0.77 -27.59 -17.07
N LYS A 4 -0.52 -26.58 -16.27
CA LYS A 4 -0.81 -26.64 -14.84
C LYS A 4 -2.12 -25.93 -14.54
N ASP A 5 -3.02 -26.67 -13.89
CA ASP A 5 -4.38 -26.19 -13.59
C ASP A 5 -5.20 -26.10 -14.88
N ASP A 6 -6.34 -26.79 -14.89
CA ASP A 6 -7.18 -26.86 -16.08
C ASP A 6 -7.91 -25.54 -16.29
N ASP A 7 -8.00 -24.75 -15.25
CA ASP A 7 -8.69 -23.47 -15.30
C ASP A 7 -7.69 -22.35 -15.08
N ASP A 8 -6.60 -22.38 -15.84
CA ASP A 8 -5.48 -21.45 -15.65
C ASP A 8 -5.90 -19.98 -15.71
N LYS A 9 -7.06 -19.72 -16.30
CA LYS A 9 -7.57 -18.36 -16.43
C LYS A 9 -7.88 -17.74 -15.06
N ASN A 10 -8.46 -18.54 -14.16
CA ASN A 10 -8.82 -18.03 -12.83
C ASN A 10 -8.38 -19.00 -11.74
N ARG A 11 -8.49 -20.30 -12.05
CA ARG A 11 -8.06 -21.38 -11.16
C ARG A 11 -9.01 -21.56 -9.98
N ALA A 12 -9.16 -20.51 -9.19
CA ALA A 12 -10.04 -20.53 -8.04
C ALA A 12 -10.27 -19.10 -7.55
N LEU A 13 -11.50 -18.64 -7.61
CA LEU A 13 -11.83 -17.29 -7.18
C LEU A 13 -12.06 -17.26 -5.68
N SER A 14 -12.50 -18.39 -5.16
CA SER A 14 -12.60 -18.61 -3.72
C SER A 14 -11.82 -19.87 -3.37
N PRO A 15 -10.48 -19.78 -3.36
CA PRO A 15 -9.62 -20.95 -3.22
C PRO A 15 -9.68 -21.57 -1.83
N MET A 16 -9.91 -20.71 -0.83
CA MET A 16 -9.95 -21.12 0.58
C MET A 16 -8.54 -21.46 1.08
N VAL A 17 -7.80 -22.20 0.28
CA VAL A 17 -6.40 -22.47 0.55
C VAL A 17 -5.56 -21.28 0.06
N SER A 18 -4.49 -20.98 0.81
CA SER A 18 -3.62 -19.84 0.51
C SER A 18 -4.32 -18.52 0.83
N GLU A 19 -3.60 -17.61 1.48
CA GLU A 19 -4.14 -16.33 1.92
C GLU A 19 -5.21 -16.53 2.99
N PHE A 20 -4.80 -16.41 4.24
CA PHE A 20 -5.71 -16.57 5.38
C PHE A 20 -6.56 -15.33 5.59
N GLU A 21 -7.48 -15.10 4.66
CA GLU A 21 -8.40 -13.96 4.71
C GLU A 21 -7.65 -12.64 4.74
N THR A 22 -7.32 -12.14 3.54
CA THR A 22 -6.61 -10.88 3.36
C THR A 22 -5.32 -10.82 4.19
N ILE A 23 -4.25 -11.37 3.63
CA ILE A 23 -2.95 -11.35 4.26
C ILE A 23 -2.49 -9.91 4.49
N GLU A 24 -2.16 -9.61 5.74
CA GLU A 24 -1.74 -8.26 6.14
C GLU A 24 -0.46 -7.83 5.44
N GLN A 25 0.35 -8.81 5.04
CA GLN A 25 1.60 -8.53 4.34
C GLN A 25 1.32 -7.91 2.97
N GLU A 26 0.13 -8.17 2.44
CA GLU A 26 -0.26 -7.67 1.11
C GLU A 26 -0.50 -6.16 1.18
N ASN A 27 -0.45 -5.61 2.40
CA ASN A 27 -0.54 -4.16 2.57
C ASN A 27 0.71 -3.49 2.02
N SER A 28 1.79 -4.28 1.93
CA SER A 28 3.04 -3.77 1.38
C SER A 28 2.91 -3.54 -0.12
N TYR A 29 1.93 -4.20 -0.72
CA TYR A 29 1.64 -4.03 -2.14
C TYR A 29 1.28 -2.58 -2.44
N ASN A 30 0.67 -1.92 -1.46
CA ASN A 30 0.28 -0.51 -1.60
C ASN A 30 1.52 0.37 -1.69
N GLU A 31 2.60 -0.06 -1.05
CA GLU A 31 3.86 0.68 -1.07
C GLU A 31 4.44 0.68 -2.48
N TRP A 32 4.36 -0.46 -3.14
CA TRP A 32 4.85 -0.60 -4.51
C TRP A 32 3.98 0.22 -5.46
N LEU A 33 2.74 0.46 -5.06
CA LEU A 33 1.84 1.29 -5.84
C LEU A 33 2.21 2.76 -5.67
N ARG A 34 2.40 3.17 -4.42
CA ARG A 34 2.75 4.56 -4.11
C ARG A 34 4.12 4.91 -4.66
N ALA A 35 5.00 3.93 -4.75
CA ALA A 35 6.31 4.12 -5.35
C ALA A 35 6.17 4.49 -6.82
N LYS A 36 5.22 3.84 -7.49
CA LYS A 36 4.96 4.11 -8.89
C LYS A 36 4.29 5.47 -9.07
N VAL A 37 3.38 5.79 -8.15
CA VAL A 37 2.67 7.07 -8.19
C VAL A 37 3.63 8.24 -8.02
N ALA A 38 4.65 8.04 -7.19
CA ALA A 38 5.66 9.06 -6.96
C ALA A 38 6.48 9.32 -8.23
N THR A 39 6.50 8.34 -9.12
CA THR A 39 7.21 8.46 -10.38
C THR A 39 6.23 8.56 -11.54
N SER A 40 5.40 9.59 -11.50
CA SER A 40 4.38 9.79 -12.51
C SER A 40 4.98 10.35 -13.81
N LEU A 41 5.60 9.47 -14.58
CA LEU A 41 6.18 9.85 -15.86
C LEU A 41 5.07 10.02 -16.90
N ALA A 42 4.00 9.27 -16.72
CA ALA A 42 2.85 9.35 -17.61
C ALA A 42 2.07 10.63 -17.34
N ASP A 43 1.65 11.30 -18.42
CA ASP A 43 0.89 12.54 -18.30
C ASP A 43 -0.51 12.26 -17.78
N PRO A 44 -0.99 13.10 -16.85
CA PRO A 44 -2.33 12.97 -16.28
C PRO A 44 -3.42 13.10 -17.35
N ARG A 45 -3.05 13.65 -18.50
CA ARG A 45 -3.92 13.68 -19.68
C ARG A 45 -5.21 14.45 -19.44
N PRO A 46 -5.30 15.68 -19.97
CA PRO A 46 -6.49 16.53 -19.83
C PRO A 46 -7.77 15.79 -20.21
N ALA A 47 -8.83 16.04 -19.44
CA ALA A 47 -10.13 15.39 -19.63
C ALA A 47 -10.10 13.93 -19.19
N ILE A 48 -11.17 13.50 -18.55
CA ILE A 48 -11.29 12.16 -17.99
C ILE A 48 -10.33 11.96 -16.83
N PRO A 49 -10.79 12.25 -15.61
CA PRO A 49 -9.98 12.10 -14.39
C PRO A 49 -9.67 10.62 -14.11
N HIS A 50 -8.39 10.28 -14.07
CA HIS A 50 -7.97 8.90 -13.86
C HIS A 50 -8.26 8.46 -12.43
N ASP A 51 -8.25 9.42 -11.50
CA ASP A 51 -8.50 9.11 -10.10
C ASP A 51 -9.97 8.73 -9.91
N GLU A 52 -10.83 9.24 -10.78
CA GLU A 52 -12.25 8.89 -10.75
C GLU A 52 -12.47 7.50 -11.32
N VAL A 53 -11.66 7.13 -12.29
CA VAL A 53 -11.76 5.82 -12.91
C VAL A 53 -11.20 4.75 -11.97
N GLU A 54 -10.06 5.06 -11.37
CA GLU A 54 -9.38 4.14 -10.47
C GLU A 54 -10.24 3.81 -9.24
N ARG A 55 -10.89 4.83 -8.68
CA ARG A 55 -11.73 4.63 -7.51
C ARG A 55 -12.98 3.83 -7.87
N ARG A 56 -13.35 3.85 -9.14
CA ARG A 56 -14.49 3.07 -9.61
C ARG A 56 -14.06 1.62 -9.84
N MET A 57 -12.79 1.44 -10.18
CA MET A 57 -12.21 0.12 -10.33
C MET A 57 -12.18 -0.60 -8.99
N ALA A 58 -12.08 0.18 -7.92
CA ALA A 58 -12.09 -0.36 -6.57
C ALA A 58 -13.38 -1.12 -6.30
N GLU A 59 -14.49 -0.56 -6.75
CA GLU A 59 -15.79 -1.22 -6.60
C GLU A 59 -15.85 -2.48 -7.45
N ARG A 60 -15.19 -2.44 -8.60
CA ARG A 60 -15.14 -3.59 -9.49
C ARG A 60 -14.32 -4.71 -8.88
N PHE A 61 -13.30 -4.35 -8.11
CA PHE A 61 -12.48 -5.34 -7.42
C PHE A 61 -13.31 -6.15 -6.42
N ALA A 62 -14.31 -5.50 -5.85
CA ALA A 62 -15.22 -6.15 -4.93
C ALA A 62 -16.05 -7.21 -5.66
N LYS A 63 -16.35 -6.93 -6.92
CA LYS A 63 -17.08 -7.87 -7.75
C LYS A 63 -16.13 -8.88 -8.36
N MET A 64 -14.86 -8.52 -8.44
CA MET A 64 -13.81 -9.42 -8.89
C MET A 64 -13.67 -10.56 -7.90
N ARG A 65 -13.63 -10.23 -6.62
CA ARG A 65 -13.56 -11.22 -5.56
C ARG A 65 -14.85 -12.04 -5.54
N LYS A 66 -15.98 -11.35 -5.70
CA LYS A 66 -17.28 -11.98 -5.91
C LYS A 66 -17.76 -12.80 -4.70
N GLU A 67 -18.86 -12.33 -4.11
CA GLU A 67 -19.54 -13.01 -3.01
C GLU A 67 -18.72 -12.99 -1.73
N ARG A 68 -18.96 -11.98 -0.90
CA ARG A 68 -18.34 -11.90 0.41
C ARG A 68 -19.42 -11.83 1.47
N SER A 69 -19.02 -11.73 2.74
CA SER A 69 -19.96 -11.72 3.87
C SER A 69 -20.99 -12.84 3.74
N LYS A 70 -20.60 -14.05 4.12
CA LYS A 70 -21.46 -15.23 3.98
C LYS A 70 -22.80 -15.02 4.67
N GLN A 71 -23.87 -15.26 3.93
CA GLN A 71 -25.21 -15.11 4.44
C GLN A 71 -26.14 -16.15 3.81
N MET A 1 -35.38 -9.16 3.32
CA MET A 1 -34.34 -10.11 2.84
C MET A 1 -34.93 -11.17 1.93
N ASP A 2 -35.89 -11.93 2.46
CA ASP A 2 -36.50 -13.05 1.74
C ASP A 2 -37.11 -12.60 0.42
N TYR A 3 -37.94 -11.58 0.49
CA TYR A 3 -38.63 -11.07 -0.68
C TYR A 3 -37.78 -10.00 -1.36
N LYS A 4 -37.72 -8.84 -0.73
CA LYS A 4 -36.94 -7.72 -1.26
C LYS A 4 -35.84 -7.37 -0.27
N ASP A 5 -34.81 -6.67 -0.75
CA ASP A 5 -33.72 -6.20 0.11
C ASP A 5 -32.98 -7.39 0.72
N ASP A 6 -32.18 -8.06 -0.11
CA ASP A 6 -31.51 -9.29 0.29
C ASP A 6 -30.54 -9.07 1.44
N ASP A 7 -29.55 -8.21 1.23
CA ASP A 7 -28.58 -7.91 2.27
C ASP A 7 -29.11 -6.86 3.22
N ASP A 8 -29.55 -7.31 4.39
CA ASP A 8 -30.10 -6.42 5.40
C ASP A 8 -28.99 -5.77 6.20
N LYS A 9 -27.96 -6.56 6.50
CA LYS A 9 -26.83 -6.07 7.28
C LYS A 9 -25.85 -5.33 6.37
N ASN A 10 -26.08 -5.45 5.07
CA ASN A 10 -25.24 -4.81 4.05
C ASN A 10 -23.83 -5.37 4.09
N ARG A 11 -23.72 -6.69 4.08
CA ARG A 11 -22.44 -7.38 4.17
C ARG A 11 -21.68 -7.30 2.84
N ALA A 12 -21.35 -6.09 2.44
CA ALA A 12 -20.54 -5.84 1.25
C ALA A 12 -19.53 -4.76 1.56
N LEU A 13 -20.03 -3.65 2.10
CA LEU A 13 -19.18 -2.58 2.61
C LEU A 13 -19.30 -2.57 4.14
N SER A 14 -19.28 -3.75 4.71
CA SER A 14 -19.46 -3.93 6.15
C SER A 14 -18.29 -3.34 6.93
N PRO A 15 -18.59 -2.52 7.95
CA PRO A 15 -17.57 -1.88 8.79
C PRO A 15 -16.76 -2.91 9.59
N MET A 16 -15.44 -2.76 9.54
CA MET A 16 -14.53 -3.68 10.21
C MET A 16 -14.66 -5.08 9.61
N VAL A 17 -14.04 -5.26 8.45
CA VAL A 17 -14.09 -6.54 7.75
C VAL A 17 -13.14 -7.55 8.40
N SER A 18 -12.31 -7.08 9.33
CA SER A 18 -11.43 -7.92 10.14
C SER A 18 -10.64 -8.91 9.29
N GLU A 19 -9.51 -8.45 8.78
CA GLU A 19 -8.66 -9.27 7.93
C GLU A 19 -7.66 -10.04 8.79
N PHE A 20 -7.27 -11.22 8.33
CA PHE A 20 -6.32 -12.06 9.05
C PHE A 20 -5.33 -12.69 8.08
N GLU A 21 -4.05 -12.67 8.44
CA GLU A 21 -2.97 -13.32 7.68
C GLU A 21 -2.66 -12.58 6.38
N THR A 22 -1.39 -12.65 5.96
CA THR A 22 -0.88 -12.05 4.72
C THR A 22 -1.18 -10.56 4.61
N ILE A 23 -1.41 -9.93 5.76
CA ILE A 23 -1.74 -8.52 5.80
C ILE A 23 -0.53 -7.67 5.44
N GLU A 24 0.63 -8.05 5.98
CA GLU A 24 1.86 -7.33 5.70
C GLU A 24 2.22 -7.41 4.22
N GLN A 25 1.81 -8.50 3.59
CA GLN A 25 2.10 -8.71 2.17
C GLN A 25 1.30 -7.74 1.32
N GLU A 26 0.01 -7.60 1.64
CA GLU A 26 -0.86 -6.70 0.91
C GLU A 26 -0.41 -5.25 1.10
N ASN A 27 0.08 -4.93 2.29
CA ASN A 27 0.62 -3.60 2.55
C ASN A 27 1.90 -3.39 1.77
N SER A 28 2.71 -4.44 1.66
CA SER A 28 3.95 -4.38 0.89
C SER A 28 3.66 -4.21 -0.59
N TYR A 29 2.46 -4.60 -1.00
CA TYR A 29 2.04 -4.45 -2.38
C TYR A 29 1.47 -3.05 -2.60
N ASN A 30 0.67 -2.59 -1.65
CA ASN A 30 0.04 -1.27 -1.73
C ASN A 30 1.09 -0.15 -1.68
N GLU A 31 2.12 -0.34 -0.86
CA GLU A 31 3.18 0.66 -0.75
C GLU A 31 3.91 0.81 -2.08
N TRP A 32 4.04 -0.30 -2.81
CA TRP A 32 4.64 -0.30 -4.12
C TRP A 32 3.74 0.46 -5.10
N LEU A 33 2.43 0.25 -4.98
CA LEU A 33 1.47 0.94 -5.83
C LEU A 33 1.48 2.44 -5.52
N ARG A 34 1.77 2.77 -4.28
CA ARG A 34 1.85 4.16 -3.84
C ARG A 34 3.14 4.81 -4.31
N ALA A 35 4.19 4.00 -4.45
CA ALA A 35 5.50 4.50 -4.84
C ALA A 35 5.63 4.56 -6.37
N LYS A 36 4.97 3.65 -7.05
CA LYS A 36 5.04 3.59 -8.51
C LYS A 36 4.34 4.80 -9.13
N VAL A 37 3.02 4.85 -9.03
CA VAL A 37 2.27 5.98 -9.56
C VAL A 37 1.90 6.94 -8.43
N ALA A 38 0.99 6.50 -7.55
CA ALA A 38 0.54 7.32 -6.43
C ALA A 38 -0.22 6.46 -5.43
N THR A 39 -1.14 5.66 -5.93
CA THR A 39 -1.90 4.74 -5.12
C THR A 39 -2.44 3.61 -5.98
N SER A 40 -3.16 3.96 -7.04
CA SER A 40 -3.65 2.99 -8.03
C SER A 40 -4.36 1.81 -7.36
N LEU A 41 -5.24 2.14 -6.42
CA LEU A 41 -6.04 1.14 -5.73
C LEU A 41 -7.42 1.74 -5.46
N ALA A 42 -8.35 1.48 -6.37
CA ALA A 42 -9.70 2.04 -6.30
C ALA A 42 -9.64 3.57 -6.34
N ASP A 43 -10.75 4.21 -6.01
CA ASP A 43 -10.80 5.66 -5.98
C ASP A 43 -10.18 6.20 -4.69
N PRO A 44 -9.48 7.34 -4.77
CA PRO A 44 -8.93 8.02 -3.59
C PRO A 44 -10.04 8.54 -2.68
N ARG A 45 -11.25 8.58 -3.22
CA ARG A 45 -12.43 8.93 -2.46
C ARG A 45 -13.47 7.82 -2.59
N PRO A 46 -13.27 6.71 -1.87
CA PRO A 46 -14.13 5.53 -1.96
C PRO A 46 -15.42 5.70 -1.16
N ALA A 47 -16.38 4.80 -1.40
CA ALA A 47 -17.63 4.82 -0.68
C ALA A 47 -17.38 4.60 0.80
N ILE A 48 -17.90 5.50 1.62
CA ILE A 48 -17.65 5.52 3.06
C ILE A 48 -16.17 5.83 3.32
N PRO A 49 -15.87 7.10 3.64
CA PRO A 49 -14.49 7.55 3.89
C PRO A 49 -13.82 6.72 4.99
N HIS A 50 -12.66 6.15 4.67
CA HIS A 50 -11.93 5.30 5.62
C HIS A 50 -11.44 6.13 6.80
N ASP A 51 -11.29 7.44 6.58
CA ASP A 51 -10.85 8.34 7.63
C ASP A 51 -11.95 8.52 8.68
N GLU A 52 -13.19 8.51 8.20
CA GLU A 52 -14.36 8.63 9.08
C GLU A 52 -14.47 7.41 9.97
N VAL A 53 -14.33 6.24 9.35
CA VAL A 53 -14.42 4.98 10.08
C VAL A 53 -13.31 4.88 11.11
N GLU A 54 -12.08 5.15 10.68
CA GLU A 54 -10.92 5.02 11.55
C GLU A 54 -11.00 5.98 12.73
N ARG A 55 -11.56 7.16 12.47
CA ARG A 55 -11.73 8.16 13.52
C ARG A 55 -12.67 7.63 14.60
N ARG A 56 -13.81 7.10 14.17
CA ARG A 56 -14.79 6.56 15.09
C ARG A 56 -14.33 5.24 15.68
N MET A 57 -13.47 4.54 14.92
CA MET A 57 -12.94 3.25 15.34
C MET A 57 -12.07 3.39 16.59
N ALA A 58 -11.35 4.50 16.67
CA ALA A 58 -10.50 4.77 17.82
C ALA A 58 -11.33 4.84 19.10
N GLU A 59 -12.51 5.42 18.99
CA GLU A 59 -13.43 5.52 20.11
C GLU A 59 -14.26 4.26 20.22
N ARG A 60 -14.38 3.53 19.11
CA ARG A 60 -15.09 2.27 19.08
C ARG A 60 -14.39 1.25 19.96
N PHE A 61 -13.07 1.34 20.02
CA PHE A 61 -12.28 0.45 20.87
C PHE A 61 -12.75 0.55 22.32
N ALA A 62 -13.07 1.77 22.75
CA ALA A 62 -13.53 2.01 24.11
C ALA A 62 -14.99 1.60 24.27
N LYS A 63 -15.75 1.71 23.20
CA LYS A 63 -17.18 1.39 23.22
C LYS A 63 -17.38 -0.13 23.17
N MET A 64 -16.44 -0.82 22.54
CA MET A 64 -16.51 -2.27 22.40
C MET A 64 -15.83 -2.95 23.59
N ARG A 65 -15.50 -2.15 24.61
CA ARG A 65 -14.86 -2.66 25.82
C ARG A 65 -15.77 -3.67 26.50
N LYS A 66 -17.04 -3.34 26.63
CA LYS A 66 -18.02 -4.27 27.17
C LYS A 66 -18.74 -4.99 26.02
N GLU A 67 -18.31 -6.19 25.75
CA GLU A 67 -18.85 -6.96 24.64
C GLU A 67 -20.10 -7.72 25.07
N ARG A 68 -21.25 -7.25 24.62
CA ARG A 68 -22.54 -7.85 24.98
C ARG A 68 -22.86 -9.04 24.08
N SER A 69 -21.97 -9.31 23.14
CA SER A 69 -22.11 -10.43 22.22
C SER A 69 -20.79 -10.66 21.49
N LYS A 70 -20.25 -11.87 21.59
CA LYS A 70 -18.93 -12.16 21.04
C LYS A 70 -18.90 -11.92 19.52
N GLN A 71 -18.09 -10.95 19.11
CA GLN A 71 -17.94 -10.64 17.70
C GLN A 71 -16.48 -10.73 17.29
N MET A 1 10.71 -36.73 35.99
CA MET A 1 12.07 -36.16 35.79
C MET A 1 12.05 -35.07 34.72
N ASP A 2 11.04 -35.10 33.86
CA ASP A 2 10.95 -34.12 32.77
C ASP A 2 9.51 -33.76 32.49
N TYR A 3 9.10 -32.56 32.93
CA TYR A 3 7.76 -32.06 32.67
C TYR A 3 7.84 -30.94 31.65
N LYS A 4 6.94 -30.97 30.66
CA LYS A 4 6.91 -29.96 29.62
C LYS A 4 6.19 -28.72 30.13
N ASP A 5 6.92 -27.90 30.89
CA ASP A 5 6.37 -26.66 31.39
C ASP A 5 6.77 -25.50 30.47
N ASP A 6 5.80 -24.90 29.80
CA ASP A 6 6.07 -23.79 28.90
C ASP A 6 5.13 -22.63 29.17
N ASP A 7 3.84 -22.87 28.98
CA ASP A 7 2.82 -21.84 29.19
C ASP A 7 2.43 -21.75 30.66
N ASP A 8 3.41 -21.49 31.51
CA ASP A 8 3.15 -21.31 32.94
C ASP A 8 2.88 -19.85 33.26
N LYS A 9 2.89 -19.03 32.21
CA LYS A 9 2.58 -17.62 32.34
C LYS A 9 1.12 -17.41 32.77
N ASN A 10 0.32 -18.46 32.61
CA ASN A 10 -1.12 -18.46 32.95
C ASN A 10 -1.90 -17.58 31.99
N ARG A 11 -1.66 -16.28 32.05
CA ARG A 11 -2.40 -15.34 31.22
C ARG A 11 -1.75 -15.26 29.85
N ALA A 12 -2.21 -16.12 28.95
CA ALA A 12 -1.68 -16.16 27.59
C ALA A 12 -2.34 -15.08 26.74
N LEU A 13 -1.95 -13.83 26.97
CA LEU A 13 -2.49 -12.71 26.22
C LEU A 13 -1.69 -12.49 24.94
N SER A 14 -1.25 -13.58 24.34
CA SER A 14 -0.49 -13.53 23.11
C SER A 14 -1.37 -13.03 21.96
N PRO A 15 -0.87 -12.06 21.18
CA PRO A 15 -1.61 -11.48 20.06
C PRO A 15 -2.04 -12.54 19.04
N MET A 16 -3.32 -12.82 19.01
CA MET A 16 -3.86 -13.77 18.03
C MET A 16 -4.17 -13.05 16.74
N VAL A 17 -3.85 -13.68 15.63
CA VAL A 17 -4.07 -13.07 14.33
C VAL A 17 -5.41 -13.49 13.75
N SER A 18 -6.07 -12.58 13.08
CA SER A 18 -7.34 -12.88 12.43
C SER A 18 -7.11 -13.20 10.96
N GLU A 19 -7.36 -14.45 10.59
CA GLU A 19 -7.22 -14.93 9.21
C GLU A 19 -5.76 -14.97 8.79
N PHE A 20 -5.52 -14.89 7.48
CA PHE A 20 -4.18 -14.99 6.92
C PHE A 20 -3.28 -13.86 7.43
N GLU A 21 -2.00 -14.16 7.60
CA GLU A 21 -1.03 -13.18 8.06
C GLU A 21 -0.32 -12.52 6.88
N THR A 22 -0.92 -12.65 5.71
CA THR A 22 -0.36 -12.08 4.49
C THR A 22 -0.75 -10.61 4.34
N ILE A 23 -1.37 -10.07 5.38
CA ILE A 23 -1.81 -8.68 5.41
C ILE A 23 -0.62 -7.75 5.18
N GLU A 24 0.50 -8.07 5.82
CA GLU A 24 1.73 -7.31 5.67
C GLU A 24 2.17 -7.30 4.20
N GLN A 25 2.05 -8.45 3.56
CA GLN A 25 2.42 -8.59 2.16
C GLN A 25 1.53 -7.70 1.29
N GLU A 26 0.23 -7.71 1.58
CA GLU A 26 -0.73 -6.90 0.86
C GLU A 26 -0.43 -5.41 1.06
N ASN A 27 -0.08 -5.04 2.28
CA ASN A 27 0.28 -3.66 2.59
C ASN A 27 1.58 -3.28 1.88
N SER A 28 2.43 -4.27 1.68
CA SER A 28 3.68 -4.05 0.95
C SER A 28 3.38 -3.79 -0.52
N TYR A 29 2.44 -4.54 -1.09
CA TYR A 29 2.02 -4.33 -2.46
C TYR A 29 1.42 -2.94 -2.64
N ASN A 30 0.60 -2.54 -1.69
CA ASN A 30 0.01 -1.20 -1.69
C ASN A 30 1.10 -0.13 -1.62
N GLU A 31 2.16 -0.44 -0.88
CA GLU A 31 3.26 0.49 -0.71
C GLU A 31 4.01 0.66 -2.03
N TRP A 32 4.15 -0.42 -2.78
CA TRP A 32 4.79 -0.37 -4.09
C TRP A 32 3.89 0.35 -5.09
N LEU A 33 2.58 0.18 -4.93
CA LEU A 33 1.63 0.90 -5.76
C LEU A 33 1.73 2.40 -5.48
N ARG A 34 1.89 2.72 -4.21
CA ARG A 34 2.09 4.09 -3.77
C ARG A 34 3.38 4.66 -4.37
N ALA A 35 4.41 3.84 -4.40
CA ALA A 35 5.70 4.24 -4.95
C ALA A 35 5.59 4.47 -6.45
N LYS A 36 4.76 3.68 -7.11
CA LYS A 36 4.56 3.81 -8.55
C LYS A 36 3.81 5.10 -8.88
N VAL A 37 2.68 5.31 -8.22
CA VAL A 37 1.83 6.48 -8.51
C VAL A 37 2.53 7.78 -8.13
N ALA A 38 3.48 7.72 -7.21
CA ALA A 38 4.19 8.90 -6.76
C ALA A 38 5.57 9.00 -7.39
N THR A 39 5.86 8.06 -8.30
CA THR A 39 7.13 8.03 -9.02
C THR A 39 8.32 8.03 -8.04
N SER A 40 8.21 7.22 -7.00
CA SER A 40 9.21 7.19 -5.95
C SER A 40 9.89 5.82 -5.87
N LEU A 41 10.14 5.23 -7.03
CA LEU A 41 10.87 3.98 -7.09
C LEU A 41 12.36 4.25 -6.95
N ALA A 42 13.07 3.34 -6.28
CA ALA A 42 14.50 3.53 -6.00
C ALA A 42 14.71 4.86 -5.27
N ASP A 43 14.03 4.99 -4.13
CA ASP A 43 14.04 6.22 -3.36
C ASP A 43 15.43 6.57 -2.86
N PRO A 44 15.83 7.85 -2.98
CA PRO A 44 17.14 8.32 -2.54
C PRO A 44 17.22 8.48 -1.03
N ARG A 45 18.42 8.26 -0.49
CA ARG A 45 18.68 8.35 0.95
C ARG A 45 17.68 7.52 1.74
N PRO A 46 17.72 6.18 1.58
CA PRO A 46 16.80 5.27 2.26
C PRO A 46 16.96 5.31 3.78
N ALA A 47 18.20 5.54 4.22
CA ALA A 47 18.51 5.63 5.66
C ALA A 47 17.92 4.45 6.42
N ILE A 48 18.52 3.28 6.20
CA ILE A 48 18.05 2.05 6.81
C ILE A 48 18.84 1.77 8.09
N PRO A 49 18.19 1.91 9.25
CA PRO A 49 18.82 1.65 10.56
C PRO A 49 19.30 0.20 10.69
N HIS A 50 20.24 -0.04 11.60
CA HIS A 50 20.82 -1.37 11.75
C HIS A 50 19.74 -2.42 12.02
N ASP A 51 18.79 -2.08 12.89
CA ASP A 51 17.70 -3.00 13.24
C ASP A 51 16.86 -3.34 12.03
N GLU A 52 16.59 -2.33 11.20
CA GLU A 52 15.85 -2.53 9.96
C GLU A 52 16.62 -3.45 9.04
N VAL A 53 17.92 -3.22 8.93
CA VAL A 53 18.79 -4.04 8.08
C VAL A 53 18.71 -5.50 8.48
N GLU A 54 18.89 -5.77 9.77
CA GLU A 54 18.89 -7.14 10.29
C GLU A 54 17.56 -7.84 10.02
N ARG A 55 16.47 -7.16 10.31
CA ARG A 55 15.14 -7.72 10.14
C ARG A 55 14.80 -7.91 8.66
N ARG A 56 15.09 -6.91 7.86
CA ARG A 56 14.75 -6.94 6.45
C ARG A 56 15.67 -7.87 5.67
N MET A 57 16.90 -8.03 6.15
CA MET A 57 17.85 -8.95 5.51
C MET A 57 17.36 -10.38 5.64
N ALA A 58 16.76 -10.68 6.78
CA ALA A 58 16.29 -12.03 7.07
C ALA A 58 15.03 -12.34 6.28
N GLU A 59 14.04 -11.47 6.38
CA GLU A 59 12.74 -11.72 5.78
C GLU A 59 12.66 -11.17 4.35
N ARG A 60 12.71 -9.85 4.21
CA ARG A 60 12.46 -9.20 2.93
C ARG A 60 13.52 -9.55 1.87
N PHE A 61 14.78 -9.21 2.15
CA PHE A 61 15.85 -9.34 1.15
C PHE A 61 16.03 -10.79 0.71
N ALA A 62 15.85 -11.73 1.63
CA ALA A 62 16.00 -13.13 1.31
C ALA A 62 15.03 -13.56 0.21
N LYS A 63 13.76 -13.19 0.37
CA LYS A 63 12.75 -13.53 -0.62
C LYS A 63 12.87 -12.60 -1.84
N MET A 64 13.32 -11.38 -1.60
CA MET A 64 13.54 -10.40 -2.66
C MET A 64 14.58 -10.90 -3.66
N ARG A 65 15.62 -11.55 -3.15
CA ARG A 65 16.65 -12.13 -4.01
C ARG A 65 16.11 -13.35 -4.73
N LYS A 66 15.39 -14.20 -3.98
CA LYS A 66 14.77 -15.40 -4.55
C LYS A 66 15.80 -16.36 -5.13
N GLU A 67 16.17 -17.37 -4.33
CA GLU A 67 17.16 -18.37 -4.72
C GLU A 67 18.56 -17.77 -4.73
N ARG A 68 19.32 -18.02 -3.68
CA ARG A 68 20.67 -17.49 -3.56
C ARG A 68 21.68 -18.37 -4.29
N SER A 69 21.33 -18.77 -5.51
CA SER A 69 22.21 -19.62 -6.30
C SER A 69 22.03 -19.33 -7.78
N LYS A 70 22.25 -18.08 -8.16
CA LYS A 70 22.21 -17.69 -9.57
C LYS A 70 23.61 -17.83 -10.17
N GLN A 71 23.82 -18.90 -10.92
CA GLN A 71 25.11 -19.15 -11.53
C GLN A 71 25.07 -18.72 -13.00
N MET A 1 -26.22 -15.04 -4.99
CA MET A 1 -26.01 -14.74 -3.54
C MET A 1 -24.65 -15.26 -3.10
N ASP A 2 -23.97 -14.49 -2.25
CA ASP A 2 -22.68 -14.91 -1.74
C ASP A 2 -22.61 -14.75 -0.23
N TYR A 3 -23.19 -15.71 0.48
CA TYR A 3 -23.11 -15.74 1.93
C TYR A 3 -23.20 -17.18 2.43
N LYS A 4 -22.67 -17.41 3.63
CA LYS A 4 -22.65 -18.75 4.19
C LYS A 4 -22.72 -18.70 5.72
N ASP A 5 -22.77 -17.49 6.27
CA ASP A 5 -22.75 -17.31 7.71
C ASP A 5 -23.92 -16.47 8.17
N ASP A 6 -24.72 -17.02 9.07
CA ASP A 6 -25.76 -16.25 9.73
C ASP A 6 -25.69 -16.45 11.22
N ASP A 7 -25.99 -17.66 11.69
CA ASP A 7 -25.81 -18.03 13.09
C ASP A 7 -26.17 -19.49 13.35
N ASP A 8 -27.27 -19.97 12.78
CA ASP A 8 -27.78 -21.32 13.07
C ASP A 8 -26.85 -22.40 12.52
N LYS A 9 -26.40 -22.22 11.29
CA LYS A 9 -25.57 -23.22 10.62
C LYS A 9 -24.10 -23.03 10.96
N ASN A 10 -23.79 -22.01 11.74
CA ASN A 10 -22.42 -21.68 12.05
C ASN A 10 -22.29 -21.27 13.51
N ARG A 11 -22.73 -22.15 14.41
CA ARG A 11 -22.67 -21.89 15.84
C ARG A 11 -21.28 -22.22 16.38
N ALA A 12 -20.27 -21.61 15.80
CA ALA A 12 -18.89 -21.84 16.20
C ALA A 12 -18.55 -21.05 17.46
N LEU A 13 -19.04 -19.81 17.52
CA LEU A 13 -18.75 -18.91 18.65
C LEU A 13 -17.24 -18.87 18.91
N SER A 14 -16.51 -18.38 17.93
CA SER A 14 -15.07 -18.30 18.02
C SER A 14 -14.58 -16.94 17.50
N PRO A 15 -14.54 -15.93 18.37
CA PRO A 15 -14.14 -14.57 18.00
C PRO A 15 -12.63 -14.44 17.79
N MET A 16 -12.08 -15.31 16.95
CA MET A 16 -10.65 -15.28 16.66
C MET A 16 -10.42 -15.25 15.16
N VAL A 17 -11.48 -15.06 14.40
CA VAL A 17 -11.37 -15.03 12.94
C VAL A 17 -10.84 -13.70 12.47
N SER A 18 -9.76 -13.74 11.72
CA SER A 18 -9.14 -12.54 11.18
C SER A 18 -8.41 -12.87 9.88
N GLU A 19 -9.17 -13.34 8.92
CA GLU A 19 -8.63 -13.75 7.62
C GLU A 19 -9.10 -12.78 6.54
N PHE A 20 -8.46 -12.87 5.37
CA PHE A 20 -8.81 -12.03 4.22
C PHE A 20 -8.45 -10.56 4.46
N GLU A 21 -7.51 -10.05 3.67
CA GLU A 21 -7.12 -8.64 3.71
C GLU A 21 -6.38 -8.30 5.01
N THR A 22 -5.86 -7.07 5.08
CA THR A 22 -5.19 -6.53 6.27
C THR A 22 -4.02 -7.40 6.72
N ILE A 23 -3.07 -7.60 5.81
CA ILE A 23 -1.88 -8.36 6.10
C ILE A 23 -0.63 -7.66 5.57
N GLU A 24 0.53 -8.04 6.09
CA GLU A 24 1.79 -7.40 5.73
C GLU A 24 2.03 -7.38 4.22
N GLN A 25 1.97 -8.55 3.58
CA GLN A 25 2.31 -8.66 2.16
C GLN A 25 1.32 -7.90 1.28
N GLU A 26 0.09 -7.75 1.74
CA GLU A 26 -0.91 -7.01 1.00
C GLU A 26 -0.62 -5.51 1.08
N ASN A 27 -0.35 -5.04 2.28
CA ASN A 27 -0.05 -3.63 2.50
C ASN A 27 1.28 -3.27 1.86
N SER A 28 2.23 -4.20 1.90
CA SER A 28 3.54 -3.98 1.30
C SER A 28 3.41 -3.81 -0.21
N TYR A 29 2.47 -4.52 -0.82
CA TYR A 29 2.25 -4.42 -2.24
C TYR A 29 1.66 -3.06 -2.58
N ASN A 30 0.85 -2.54 -1.67
CA ASN A 30 0.27 -1.22 -1.84
C ASN A 30 1.35 -0.15 -1.73
N GLU A 31 2.35 -0.40 -0.90
CA GLU A 31 3.50 0.49 -0.78
C GLU A 31 4.23 0.60 -2.11
N TRP A 32 4.27 -0.50 -2.85
CA TRP A 32 4.87 -0.52 -4.18
C TRP A 32 3.99 0.24 -5.16
N LEU A 33 2.67 0.14 -4.97
CA LEU A 33 1.72 0.86 -5.82
C LEU A 33 1.84 2.37 -5.58
N ARG A 34 2.03 2.74 -4.32
CA ARG A 34 2.20 4.13 -3.95
C ARG A 34 3.52 4.68 -4.49
N ALA A 35 4.49 3.78 -4.67
CA ALA A 35 5.80 4.15 -5.16
C ALA A 35 5.82 4.27 -6.68
N LYS A 36 4.68 4.02 -7.30
CA LYS A 36 4.56 4.10 -8.75
C LYS A 36 4.24 5.52 -9.20
N VAL A 37 3.89 6.37 -8.24
CA VAL A 37 3.64 7.77 -8.52
C VAL A 37 4.94 8.45 -8.94
N ALA A 38 6.02 8.09 -8.26
CA ALA A 38 7.36 8.59 -8.55
C ALA A 38 7.52 10.07 -8.22
N THR A 39 8.32 10.36 -7.19
CA THR A 39 8.61 11.72 -6.79
C THR A 39 9.62 12.37 -7.75
N SER A 40 9.23 12.47 -9.02
CA SER A 40 10.08 13.04 -10.04
C SER A 40 9.46 14.33 -10.56
N LEU A 41 8.89 15.11 -9.65
CA LEU A 41 8.23 16.36 -10.03
C LEU A 41 9.17 17.54 -9.76
N ALA A 42 10.12 17.32 -8.87
CA ALA A 42 11.05 18.37 -8.49
C ALA A 42 12.49 17.82 -8.46
N ASP A 43 13.05 17.59 -9.64
CA ASP A 43 14.43 17.14 -9.75
C ASP A 43 15.16 17.98 -10.79
N PRO A 44 15.61 19.19 -10.41
CA PRO A 44 16.24 20.11 -11.34
C PRO A 44 17.72 19.81 -11.60
N ARG A 45 18.29 18.92 -10.80
CA ARG A 45 19.70 18.60 -10.92
C ARG A 45 19.92 17.08 -10.97
N PRO A 46 19.91 16.50 -12.17
CA PRO A 46 20.21 15.09 -12.37
C PRO A 46 21.70 14.81 -12.33
N ALA A 47 22.26 14.86 -11.13
CA ALA A 47 23.69 14.69 -10.94
C ALA A 47 24.08 13.23 -10.81
N ILE A 48 23.08 12.35 -10.82
CA ILE A 48 23.33 10.92 -10.75
C ILE A 48 23.75 10.40 -12.12
N PRO A 49 24.94 9.75 -12.19
CA PRO A 49 25.51 9.27 -13.45
C PRO A 49 24.55 8.40 -14.25
N HIS A 50 24.25 8.85 -15.47
CA HIS A 50 23.27 8.20 -16.32
C HIS A 50 23.66 6.76 -16.64
N ASP A 51 24.97 6.51 -16.73
CA ASP A 51 25.47 5.18 -17.05
C ASP A 51 25.06 4.18 -15.98
N GLU A 52 25.02 4.64 -14.73
CA GLU A 52 24.62 3.79 -13.62
C GLU A 52 23.11 3.66 -13.57
N VAL A 53 22.41 4.76 -13.85
CA VAL A 53 20.95 4.77 -13.84
C VAL A 53 20.42 3.77 -14.86
N GLU A 54 20.89 3.87 -16.09
CA GLU A 54 20.47 2.98 -17.17
C GLU A 54 20.78 1.52 -16.84
N ARG A 55 21.80 1.32 -16.01
CA ARG A 55 22.22 -0.02 -15.63
C ARG A 55 21.32 -0.58 -14.53
N ARG A 56 21.12 0.21 -13.48
CA ARG A 56 20.36 -0.23 -12.32
C ARG A 56 18.87 -0.24 -12.62
N MET A 57 18.41 0.78 -13.34
CA MET A 57 16.99 0.89 -13.68
C MET A 57 16.57 -0.27 -14.57
N ALA A 58 17.53 -0.82 -15.31
CA ALA A 58 17.29 -1.99 -16.13
C ALA A 58 16.88 -3.18 -15.28
N GLU A 59 17.46 -3.25 -14.09
CA GLU A 59 17.16 -4.33 -13.16
C GLU A 59 15.90 -3.98 -12.36
N ARG A 60 15.67 -2.69 -12.21
CA ARG A 60 14.52 -2.18 -11.49
C ARG A 60 13.26 -2.31 -12.34
N PHE A 61 13.46 -2.44 -13.65
CA PHE A 61 12.38 -2.47 -14.62
C PHE A 61 11.23 -3.39 -14.21
N ALA A 62 11.57 -4.60 -13.76
CA ALA A 62 10.57 -5.58 -13.36
C ALA A 62 9.83 -5.14 -12.10
N LYS A 63 10.60 -4.71 -11.09
CA LYS A 63 10.03 -4.31 -9.81
C LYS A 63 9.29 -2.98 -9.94
N MET A 64 9.71 -2.20 -10.90
CA MET A 64 9.12 -0.90 -11.19
C MET A 64 7.70 -1.07 -11.73
N ARG A 65 7.53 -2.02 -12.63
CA ARG A 65 6.26 -2.21 -13.31
C ARG A 65 5.34 -3.14 -12.52
N LYS A 66 5.82 -4.37 -12.28
CA LYS A 66 5.05 -5.37 -11.54
C LYS A 66 3.68 -5.61 -12.17
N GLU A 67 3.64 -6.51 -13.14
CA GLU A 67 2.42 -6.84 -13.86
C GLU A 67 1.35 -7.37 -12.90
N ARG A 68 0.39 -6.53 -12.55
CA ARG A 68 -0.67 -6.91 -11.63
C ARG A 68 -1.95 -7.26 -12.39
N SER A 69 -1.95 -6.97 -13.68
CA SER A 69 -3.09 -7.27 -14.55
C SER A 69 -2.68 -7.12 -16.01
N LYS A 70 -2.53 -5.88 -16.44
CA LYS A 70 -2.03 -5.59 -17.78
C LYS A 70 -0.60 -5.09 -17.67
N GLN A 71 -0.37 -4.33 -16.61
CA GLN A 71 0.94 -3.82 -16.27
C GLN A 71 0.89 -3.30 -14.84
N MET A 1 5.44 21.39 34.38
CA MET A 1 4.20 22.21 34.35
C MET A 1 4.55 23.66 34.04
N ASP A 2 5.27 24.30 34.96
CA ASP A 2 5.72 25.67 34.74
C ASP A 2 6.91 25.67 33.79
N TYR A 3 8.06 25.25 34.30
CA TYR A 3 9.22 25.05 33.45
C TYR A 3 9.04 23.77 32.66
N LYS A 4 9.67 23.67 31.51
CA LYS A 4 9.40 22.59 30.59
C LYS A 4 10.68 21.95 30.09
N ASP A 5 10.57 20.69 29.68
CA ASP A 5 11.69 19.96 29.09
C ASP A 5 11.50 19.88 27.58
N ASP A 6 12.45 19.26 26.88
CA ASP A 6 12.28 19.04 25.44
C ASP A 6 11.06 18.17 25.21
N ASP A 7 11.06 17.02 25.87
CA ASP A 7 9.91 16.13 25.88
C ASP A 7 9.39 16.02 27.29
N ASP A 8 8.31 16.75 27.58
CA ASP A 8 7.74 16.79 28.92
C ASP A 8 7.11 15.46 29.29
N LYS A 9 6.64 14.74 28.27
CA LYS A 9 6.04 13.43 28.48
C LYS A 9 7.09 12.34 28.35
N ASN A 10 8.27 12.72 27.82
CA ASN A 10 9.43 11.83 27.65
C ASN A 10 9.19 10.76 26.58
N ARG A 11 8.12 10.00 26.73
CA ARG A 11 7.84 8.87 25.86
C ARG A 11 7.02 9.31 24.65
N ALA A 12 7.18 8.61 23.55
CA ALA A 12 6.42 8.87 22.34
C ALA A 12 5.65 7.62 21.92
N LEU A 13 4.72 7.78 20.99
CA LEU A 13 3.89 6.67 20.55
C LEU A 13 3.96 6.50 19.04
N SER A 14 4.53 5.38 18.60
CA SER A 14 4.59 5.07 17.18
C SER A 14 3.24 4.56 16.69
N PRO A 15 2.78 5.06 15.54
CA PRO A 15 1.49 4.65 14.96
C PRO A 15 1.57 3.29 14.26
N MET A 16 0.59 2.44 14.53
CA MET A 16 0.50 1.11 13.92
C MET A 16 1.74 0.28 14.21
N VAL A 17 1.96 -0.04 15.49
CA VAL A 17 3.06 -0.89 15.89
C VAL A 17 2.59 -1.93 16.89
N SER A 18 2.95 -3.18 16.64
CA SER A 18 2.60 -4.29 17.52
C SER A 18 1.09 -4.48 17.59
N GLU A 19 0.45 -4.40 16.43
CA GLU A 19 -0.98 -4.62 16.33
C GLU A 19 -1.23 -5.95 15.64
N PHE A 20 -2.49 -6.23 15.28
CA PHE A 20 -2.79 -7.46 14.56
C PHE A 20 -1.96 -7.57 13.29
N GLU A 21 -1.89 -6.45 12.56
CA GLU A 21 -1.01 -6.31 11.39
C GLU A 21 -1.03 -7.56 10.50
N THR A 22 -2.22 -7.95 10.07
CA THR A 22 -2.38 -9.10 9.20
C THR A 22 -2.48 -8.64 7.75
N ILE A 23 -1.75 -7.59 7.43
CA ILE A 23 -1.81 -7.01 6.10
C ILE A 23 -0.39 -6.87 5.57
N GLU A 24 0.48 -7.75 6.02
CA GLU A 24 1.90 -7.67 5.72
C GLU A 24 2.15 -7.70 4.21
N GLN A 25 1.70 -8.75 3.56
CA GLN A 25 1.93 -8.91 2.13
C GLN A 25 1.15 -7.88 1.33
N GLU A 26 -0.08 -7.61 1.75
CA GLU A 26 -0.95 -6.71 1.02
C GLU A 26 -0.46 -5.27 1.10
N ASN A 27 -0.01 -4.87 2.29
CA ASN A 27 0.48 -3.51 2.47
C ASN A 27 1.80 -3.31 1.75
N SER A 28 2.55 -4.40 1.58
CA SER A 28 3.83 -4.35 0.87
C SER A 28 3.60 -3.99 -0.60
N TYR A 29 2.55 -4.55 -1.19
CA TYR A 29 2.19 -4.24 -2.57
C TYR A 29 1.48 -2.89 -2.64
N ASN A 30 0.87 -2.50 -1.53
CA ASN A 30 0.15 -1.23 -1.46
C ASN A 30 1.13 -0.06 -1.44
N GLU A 31 2.14 -0.14 -0.58
CA GLU A 31 3.18 0.88 -0.50
C GLU A 31 3.92 0.98 -1.84
N TRP A 32 4.20 -0.16 -2.43
CA TRP A 32 4.90 -0.23 -3.70
C TRP A 32 4.07 0.39 -4.82
N LEU A 33 2.75 0.17 -4.76
CA LEU A 33 1.85 0.73 -5.75
C LEU A 33 1.82 2.25 -5.64
N ARG A 34 1.82 2.74 -4.41
CA ARG A 34 1.84 4.18 -4.17
C ARG A 34 3.10 4.80 -4.77
N ALA A 35 4.22 4.12 -4.59
CA ALA A 35 5.50 4.59 -5.12
C ALA A 35 5.46 4.64 -6.65
N LYS A 36 4.74 3.70 -7.24
CA LYS A 36 4.64 3.61 -8.69
C LYS A 36 3.66 4.64 -9.24
N VAL A 37 2.46 4.66 -8.68
CA VAL A 37 1.39 5.48 -9.24
C VAL A 37 1.54 6.96 -8.88
N ALA A 38 2.07 7.23 -7.70
CA ALA A 38 2.20 8.61 -7.24
C ALA A 38 3.61 9.15 -7.44
N THR A 39 4.57 8.23 -7.55
CA THR A 39 6.00 8.54 -7.72
C THR A 39 6.55 9.39 -6.56
N SER A 40 6.22 10.68 -6.56
CA SER A 40 6.67 11.57 -5.51
C SER A 40 5.64 11.60 -4.37
N LEU A 41 6.06 11.14 -3.20
CA LEU A 41 5.21 11.19 -2.02
C LEU A 41 5.16 12.62 -1.50
N ALA A 42 6.26 13.34 -1.71
CA ALA A 42 6.32 14.77 -1.39
C ALA A 42 5.56 15.55 -2.46
N ASP A 43 5.14 16.76 -2.13
CA ASP A 43 4.37 17.58 -3.05
C ASP A 43 5.23 18.02 -4.23
N PRO A 44 4.89 17.54 -5.44
CA PRO A 44 5.63 17.88 -6.64
C PRO A 44 5.31 19.29 -7.13
N ARG A 45 6.30 20.17 -7.08
CA ARG A 45 6.12 21.54 -7.52
C ARG A 45 7.08 21.87 -8.66
N PRO A 46 6.57 22.46 -9.74
CA PRO A 46 7.38 22.85 -10.89
C PRO A 46 8.25 24.08 -10.59
N ALA A 47 9.35 23.84 -9.90
CA ALA A 47 10.26 24.91 -9.53
C ALA A 47 11.14 25.31 -10.71
N ILE A 48 11.35 26.61 -10.86
CA ILE A 48 12.19 27.14 -11.91
C ILE A 48 13.66 26.93 -11.57
N PRO A 49 14.41 26.23 -12.45
CA PRO A 49 15.82 25.91 -12.23
C PRO A 49 16.63 27.11 -11.76
N HIS A 50 17.20 27.00 -10.55
CA HIS A 50 17.94 28.10 -9.96
C HIS A 50 19.25 28.35 -10.72
N ASP A 51 19.75 27.31 -11.38
CA ASP A 51 20.99 27.42 -12.14
C ASP A 51 20.77 28.23 -13.41
N GLU A 52 19.54 28.18 -13.92
CA GLU A 52 19.19 28.89 -15.13
C GLU A 52 18.97 30.38 -14.82
N VAL A 53 18.41 30.66 -13.66
CA VAL A 53 18.16 32.03 -13.25
C VAL A 53 19.45 32.69 -12.79
N GLU A 54 20.21 32.01 -11.94
CA GLU A 54 21.42 32.56 -11.35
C GLU A 54 22.45 32.95 -12.41
N ARG A 55 22.52 32.19 -13.49
CA ARG A 55 23.49 32.47 -14.55
C ARG A 55 23.15 33.78 -15.24
N ARG A 56 21.86 34.09 -15.35
CA ARG A 56 21.42 35.34 -15.97
C ARG A 56 21.41 36.46 -14.94
N MET A 57 21.11 36.09 -13.71
CA MET A 57 21.04 37.04 -12.61
C MET A 57 22.42 37.62 -12.33
N ALA A 58 23.45 36.83 -12.57
CA ALA A 58 24.83 37.25 -12.40
C ALA A 58 25.12 38.52 -13.20
N GLU A 59 24.72 38.50 -14.46
CA GLU A 59 24.94 39.65 -15.34
C GLU A 59 23.96 40.77 -15.00
N ARG A 60 22.75 40.38 -14.62
CA ARG A 60 21.72 41.33 -14.23
C ARG A 60 22.18 42.16 -13.04
N PHE A 61 22.75 41.48 -12.05
CA PHE A 61 23.27 42.15 -10.87
C PHE A 61 24.40 43.09 -11.24
N ALA A 62 25.25 42.65 -12.15
CA ALA A 62 26.40 43.44 -12.58
C ALA A 62 25.95 44.78 -13.19
N LYS A 63 24.88 44.73 -13.97
CA LYS A 63 24.38 45.93 -14.65
C LYS A 63 23.73 46.90 -13.67
N MET A 64 23.10 46.37 -12.62
CA MET A 64 22.46 47.23 -11.63
C MET A 64 23.47 47.67 -10.58
N ARG A 65 24.60 47.00 -10.54
CA ARG A 65 25.66 47.31 -9.60
C ARG A 65 26.60 48.37 -10.17
N LYS A 66 27.17 48.09 -11.33
CA LYS A 66 28.10 49.00 -11.97
C LYS A 66 27.91 48.98 -13.49
N GLU A 67 27.15 49.92 -13.99
CA GLU A 67 26.89 50.00 -15.43
C GLU A 67 27.84 50.97 -16.10
N ARG A 68 28.68 50.44 -17.01
CA ARG A 68 29.69 51.23 -17.71
C ARG A 68 30.67 51.85 -16.71
N SER A 69 31.42 52.86 -17.17
CA SER A 69 32.34 53.62 -16.33
C SER A 69 33.55 52.79 -15.92
N LYS A 70 34.69 53.08 -16.52
CA LYS A 70 35.94 52.42 -16.14
C LYS A 70 36.45 53.01 -14.83
N GLN A 71 36.01 52.43 -13.73
CA GLN A 71 36.39 52.91 -12.41
C GLN A 71 37.79 52.42 -12.06
N MET A 1 -3.43 -3.37 25.29
CA MET A 1 -4.48 -3.31 26.35
C MET A 1 -3.89 -2.72 27.61
N ASP A 2 -4.70 -1.91 28.30
CA ASP A 2 -4.29 -1.23 29.54
C ASP A 2 -3.26 -0.13 29.26
N TYR A 3 -2.10 -0.55 28.76
CA TYR A 3 -1.03 0.38 28.45
C TYR A 3 -0.60 0.20 27.00
N LYS A 4 0.14 1.17 26.47
CA LYS A 4 0.66 1.09 25.11
C LYS A 4 1.96 0.31 25.10
N ASP A 5 1.96 -0.82 25.80
CA ASP A 5 3.11 -1.70 25.89
C ASP A 5 2.61 -3.14 25.84
N ASP A 6 1.59 -3.35 25.03
CA ASP A 6 0.99 -4.66 24.90
C ASP A 6 1.83 -5.50 23.96
N ASP A 7 2.22 -4.89 22.86
CA ASP A 7 3.09 -5.51 21.88
C ASP A 7 4.38 -4.71 21.74
N ASP A 8 5.47 -5.41 21.43
CA ASP A 8 6.77 -4.76 21.32
C ASP A 8 6.98 -4.20 19.93
N LYS A 9 5.97 -4.35 19.09
CA LYS A 9 6.04 -3.86 17.72
C LYS A 9 5.60 -2.40 17.65
N ASN A 10 5.02 -1.92 18.77
CA ASN A 10 4.53 -0.55 18.88
C ASN A 10 3.38 -0.31 17.93
N ARG A 11 2.63 -1.37 17.65
CA ARG A 11 1.53 -1.29 16.70
C ARG A 11 0.23 -1.69 17.39
N ALA A 12 -0.26 -0.80 18.24
CA ALA A 12 -1.51 -1.00 18.95
C ALA A 12 -2.68 -0.51 18.09
N LEU A 13 -2.53 -0.62 16.79
CA LEU A 13 -3.53 -0.13 15.85
C LEU A 13 -4.48 -1.25 15.46
N SER A 14 -5.10 -1.86 16.46
CA SER A 14 -6.06 -2.91 16.22
C SER A 14 -7.31 -2.70 17.07
N PRO A 15 -8.16 -1.74 16.68
CA PRO A 15 -9.37 -1.41 17.43
C PRO A 15 -10.56 -2.28 17.04
N MET A 16 -10.27 -3.49 16.56
CA MET A 16 -11.28 -4.42 16.08
C MET A 16 -12.09 -3.78 14.95
N VAL A 17 -11.53 -3.74 13.77
CA VAL A 17 -12.16 -3.06 12.65
C VAL A 17 -13.14 -3.97 11.89
N SER A 18 -13.80 -4.85 12.64
CA SER A 18 -14.75 -5.81 12.07
C SER A 18 -14.07 -6.66 10.99
N GLU A 19 -12.93 -7.25 11.35
CA GLU A 19 -12.14 -8.09 10.44
C GLU A 19 -11.54 -7.25 9.32
N PHE A 20 -10.24 -7.01 9.40
CA PHE A 20 -9.55 -6.28 8.36
C PHE A 20 -9.42 -7.14 7.12
N GLU A 21 -9.13 -8.43 7.35
CA GLU A 21 -9.10 -9.46 6.29
C GLU A 21 -7.98 -9.28 5.29
N THR A 22 -7.40 -8.09 5.24
CA THR A 22 -6.25 -7.83 4.40
C THR A 22 -5.06 -8.62 4.89
N ILE A 23 -4.32 -9.21 3.96
CA ILE A 23 -3.19 -10.03 4.32
C ILE A 23 -1.99 -9.13 4.64
N GLU A 24 -1.40 -9.34 5.79
CA GLU A 24 -0.31 -8.50 6.28
C GLU A 24 0.83 -8.39 5.26
N GLN A 25 0.99 -9.41 4.43
CA GLN A 25 2.05 -9.42 3.43
C GLN A 25 1.72 -8.54 2.22
N GLU A 26 0.46 -8.15 2.06
CA GLU A 26 0.06 -7.34 0.92
C GLU A 26 0.31 -5.86 1.20
N ASN A 27 0.83 -5.56 2.39
CA ASN A 27 1.09 -4.18 2.79
C ASN A 27 2.09 -3.53 1.84
N SER A 28 3.00 -4.34 1.32
CA SER A 28 4.06 -3.86 0.44
C SER A 28 3.51 -3.51 -0.93
N TYR A 29 2.43 -4.17 -1.32
CA TYR A 29 1.83 -3.93 -2.63
C TYR A 29 1.35 -2.49 -2.76
N ASN A 30 0.72 -1.98 -1.70
CA ASN A 30 0.24 -0.61 -1.70
C ASN A 30 1.44 0.35 -1.65
N GLU A 31 2.51 -0.11 -1.00
CA GLU A 31 3.75 0.67 -0.90
C GLU A 31 4.35 0.86 -2.29
N TRP A 32 4.35 -0.21 -3.08
CA TRP A 32 4.89 -0.15 -4.44
C TRP A 32 4.03 0.75 -5.32
N LEU A 33 2.73 0.75 -5.08
CA LEU A 33 1.81 1.60 -5.83
C LEU A 33 2.04 3.06 -5.47
N ARG A 34 2.30 3.31 -4.19
CA ARG A 34 2.55 4.65 -3.69
C ARG A 34 3.81 5.24 -4.32
N ALA A 35 4.72 4.37 -4.71
CA ALA A 35 5.96 4.78 -5.35
C ALA A 35 5.81 4.84 -6.86
N LYS A 36 4.96 3.99 -7.40
CA LYS A 36 4.76 3.86 -8.84
C LYS A 36 4.13 5.13 -9.42
N VAL A 37 3.38 5.84 -8.59
CA VAL A 37 2.72 7.07 -9.02
C VAL A 37 3.75 8.11 -9.47
N ALA A 38 5.00 7.89 -9.08
CA ALA A 38 6.09 8.75 -9.50
C ALA A 38 6.86 8.10 -10.64
N THR A 39 6.20 7.99 -11.79
CA THR A 39 6.79 7.36 -12.96
C THR A 39 7.72 8.34 -13.68
N SER A 40 8.88 7.85 -14.11
CA SER A 40 9.84 8.68 -14.82
C SER A 40 9.67 8.56 -16.33
N LEU A 41 9.90 9.66 -17.04
CA LEU A 41 9.78 9.70 -18.51
C LEU A 41 8.35 9.41 -18.95
N ALA A 42 7.39 9.73 -18.09
CA ALA A 42 5.99 9.50 -18.37
C ALA A 42 5.12 10.32 -17.42
N ASP A 43 4.05 10.90 -17.96
CA ASP A 43 3.08 11.62 -17.15
C ASP A 43 2.12 10.63 -16.51
N PRO A 44 2.10 10.56 -15.17
CA PRO A 44 1.20 9.66 -14.44
C PRO A 44 -0.24 10.16 -14.47
N ARG A 45 -0.86 10.02 -15.64
CA ARG A 45 -2.22 10.50 -15.89
C ARG A 45 -2.35 11.97 -15.51
N PRO A 46 -1.92 12.88 -16.39
CA PRO A 46 -1.94 14.32 -16.13
C PRO A 46 -3.34 14.88 -16.05
N ALA A 47 -3.76 15.22 -14.84
CA ALA A 47 -5.08 15.78 -14.62
C ALA A 47 -5.10 17.26 -14.98
N ILE A 48 -5.80 17.58 -16.04
CA ILE A 48 -5.91 18.97 -16.48
C ILE A 48 -7.32 19.50 -16.24
N PRO A 49 -7.42 20.57 -15.45
CA PRO A 49 -8.72 21.14 -15.07
C PRO A 49 -9.41 21.86 -16.23
N HIS A 50 -10.60 21.39 -16.61
CA HIS A 50 -11.35 22.03 -17.67
C HIS A 50 -12.08 23.25 -17.12
N ASP A 51 -11.94 23.47 -15.81
CA ASP A 51 -12.54 24.63 -15.15
C ASP A 51 -11.97 25.92 -15.73
N GLU A 52 -10.78 25.83 -16.31
CA GLU A 52 -10.14 26.99 -16.93
C GLU A 52 -11.02 27.57 -18.03
N VAL A 53 -11.59 26.69 -18.85
CA VAL A 53 -12.45 27.11 -19.95
C VAL A 53 -13.74 27.71 -19.42
N GLU A 54 -14.33 27.04 -18.44
CA GLU A 54 -15.59 27.47 -17.86
C GLU A 54 -15.42 28.81 -17.18
N ARG A 55 -14.31 28.99 -16.48
CA ARG A 55 -14.01 30.25 -15.79
C ARG A 55 -13.82 31.37 -16.82
N ARG A 56 -13.23 31.01 -17.95
CA ARG A 56 -12.98 31.95 -19.02
C ARG A 56 -14.28 32.34 -19.73
N MET A 57 -15.14 31.36 -19.92
CA MET A 57 -16.40 31.57 -20.62
C MET A 57 -17.40 32.31 -19.73
N ALA A 58 -17.45 31.91 -18.46
CA ALA A 58 -18.39 32.47 -17.50
C ALA A 58 -18.06 33.92 -17.15
N GLU A 59 -16.86 34.34 -17.53
CA GLU A 59 -16.38 35.69 -17.23
C GLU A 59 -17.35 36.75 -17.74
N ARG A 60 -17.99 36.48 -18.87
CA ARG A 60 -18.89 37.45 -19.47
C ARG A 60 -20.29 37.33 -18.87
N PHE A 61 -20.64 36.14 -18.39
CA PHE A 61 -21.97 35.89 -17.85
C PHE A 61 -22.06 36.29 -16.39
N ALA A 62 -21.03 35.96 -15.62
CA ALA A 62 -21.03 36.19 -14.18
C ALA A 62 -21.20 37.67 -13.85
N LYS A 63 -20.43 38.51 -14.51
CA LYS A 63 -20.47 39.95 -14.24
C LYS A 63 -21.78 40.55 -14.73
N MET A 64 -22.33 40.01 -15.81
CA MET A 64 -23.57 40.51 -16.37
C MET A 64 -24.74 40.15 -15.45
N ARG A 65 -24.66 38.98 -14.83
CA ARG A 65 -25.69 38.52 -13.92
C ARG A 65 -25.47 39.08 -12.53
N LYS A 66 -24.37 39.79 -12.35
CA LYS A 66 -24.04 40.39 -11.06
C LYS A 66 -24.93 41.62 -10.84
N GLU A 67 -25.06 42.44 -11.88
CA GLU A 67 -25.96 43.57 -11.83
C GLU A 67 -27.39 43.13 -12.04
N ARG A 68 -28.23 43.33 -11.04
CA ARG A 68 -29.65 42.98 -11.14
C ARG A 68 -30.47 44.25 -11.33
N SER A 69 -30.06 45.06 -12.29
CA SER A 69 -30.70 46.34 -12.54
C SER A 69 -32.13 46.14 -13.02
N LYS A 70 -33.07 46.85 -12.39
CA LYS A 70 -34.47 46.83 -12.78
C LYS A 70 -35.03 45.41 -12.69
N GLN A 71 -34.67 44.72 -11.62
CA GLN A 71 -35.09 43.34 -11.41
C GLN A 71 -35.28 43.06 -9.92
N MET A 1 -47.29 -18.51 9.69
CA MET A 1 -47.23 -17.05 9.46
C MET A 1 -47.07 -16.31 10.78
N ASP A 2 -45.89 -15.73 10.98
CA ASP A 2 -45.60 -14.98 12.20
C ASP A 2 -44.39 -14.07 11.98
N TYR A 3 -43.25 -14.68 11.69
CA TYR A 3 -42.03 -13.93 11.43
C TYR A 3 -41.40 -14.39 10.11
N LYS A 4 -40.54 -13.55 9.56
CA LYS A 4 -39.79 -13.88 8.36
C LYS A 4 -38.50 -13.05 8.34
N ASP A 5 -37.60 -13.38 7.43
CA ASP A 5 -36.31 -12.71 7.38
C ASP A 5 -36.40 -11.36 6.69
N ASP A 6 -36.67 -10.33 7.47
CA ASP A 6 -36.71 -8.96 6.97
C ASP A 6 -35.34 -8.32 7.08
N ASP A 7 -34.67 -8.57 8.19
CA ASP A 7 -33.36 -7.99 8.47
C ASP A 7 -32.32 -8.46 7.46
N ASP A 8 -32.43 -9.73 7.08
CA ASP A 8 -31.47 -10.32 6.13
C ASP A 8 -31.63 -9.74 4.73
N LYS A 9 -32.72 -9.01 4.50
CA LYS A 9 -32.96 -8.37 3.20
C LYS A 9 -32.07 -7.15 3.03
N ASN A 10 -31.44 -6.74 4.13
CA ASN A 10 -30.51 -5.63 4.12
C ASN A 10 -29.14 -6.12 4.54
N ARG A 11 -28.08 -5.52 4.00
CA ARG A 11 -26.74 -5.92 4.39
C ARG A 11 -26.32 -5.22 5.67
N ALA A 12 -27.06 -5.49 6.74
CA ALA A 12 -26.79 -4.90 8.04
C ALA A 12 -25.55 -5.52 8.65
N LEU A 13 -24.87 -4.76 9.51
CA LEU A 13 -23.67 -5.25 10.18
C LEU A 13 -24.01 -6.45 11.05
N SER A 14 -23.63 -7.62 10.58
CA SER A 14 -23.94 -8.86 11.24
C SER A 14 -22.66 -9.59 11.61
N PRO A 15 -22.58 -10.15 12.84
CA PRO A 15 -21.38 -10.85 13.33
C PRO A 15 -21.15 -12.20 12.65
N MET A 16 -21.73 -12.37 11.48
CA MET A 16 -21.58 -13.59 10.70
C MET A 16 -20.14 -13.71 10.19
N VAL A 17 -19.56 -12.57 9.84
CA VAL A 17 -18.17 -12.52 9.43
C VAL A 17 -17.26 -12.63 10.65
N SER A 18 -16.26 -13.50 10.56
CA SER A 18 -15.39 -13.77 11.70
C SER A 18 -14.07 -13.00 11.57
N GLU A 19 -14.17 -11.76 11.07
CA GLU A 19 -13.00 -10.89 10.87
C GLU A 19 -12.09 -11.41 9.76
N PHE A 20 -11.24 -10.54 9.24
CA PHE A 20 -10.34 -10.89 8.16
C PHE A 20 -8.89 -10.76 8.61
N GLU A 21 -8.03 -11.61 8.06
CA GLU A 21 -6.61 -11.56 8.38
C GLU A 21 -5.92 -10.47 7.57
N THR A 22 -4.93 -9.83 8.18
CA THR A 22 -4.14 -8.83 7.51
C THR A 22 -2.93 -9.48 6.84
N ILE A 23 -2.83 -9.32 5.53
CA ILE A 23 -1.70 -9.85 4.79
C ILE A 23 -0.62 -8.77 4.69
N GLU A 24 0.44 -8.94 5.47
CA GLU A 24 1.50 -7.96 5.57
C GLU A 24 2.23 -7.78 4.24
N GLN A 25 2.36 -8.87 3.48
CA GLN A 25 3.06 -8.82 2.21
C GLN A 25 2.22 -8.14 1.13
N GLU A 26 0.91 -8.33 1.18
CA GLU A 26 0.01 -7.75 0.19
C GLU A 26 -0.22 -6.28 0.52
N ASN A 27 -0.13 -5.94 1.80
CA ASN A 27 -0.22 -4.56 2.23
C ASN A 27 1.02 -3.78 1.83
N SER A 28 2.08 -4.51 1.48
CA SER A 28 3.30 -3.87 0.99
C SER A 28 3.04 -3.30 -0.40
N TYR A 29 2.08 -3.88 -1.11
CA TYR A 29 1.70 -3.40 -2.42
C TYR A 29 0.94 -2.08 -2.30
N ASN A 30 0.45 -1.79 -1.11
CA ASN A 30 -0.22 -0.52 -0.84
C ASN A 30 0.80 0.60 -0.84
N GLU A 31 1.97 0.31 -0.25
CA GLU A 31 3.08 1.24 -0.26
C GLU A 31 3.72 1.29 -1.64
N TRP A 32 3.76 0.14 -2.31
CA TRP A 32 4.26 0.05 -3.68
C TRP A 32 3.43 0.92 -4.61
N LEU A 33 2.16 1.11 -4.27
CA LEU A 33 1.27 1.97 -5.05
C LEU A 33 1.86 3.39 -5.10
N ARG A 34 2.43 3.83 -3.98
CA ARG A 34 2.99 5.17 -3.88
C ARG A 34 4.35 5.24 -4.57
N ALA A 35 4.97 4.09 -4.74
CA ALA A 35 6.28 4.03 -5.38
C ALA A 35 6.12 3.86 -6.89
N LYS A 36 5.12 3.10 -7.29
CA LYS A 36 4.88 2.80 -8.69
C LYS A 36 4.61 4.08 -9.49
N VAL A 37 3.89 5.01 -8.88
CA VAL A 37 3.58 6.28 -9.54
C VAL A 37 4.86 7.08 -9.81
N ALA A 38 5.91 6.82 -9.04
CA ALA A 38 7.17 7.49 -9.21
C ALA A 38 8.02 6.78 -10.25
N THR A 39 7.86 5.47 -10.34
CA THR A 39 8.56 4.67 -11.32
C THR A 39 7.98 4.90 -12.72
N SER A 40 6.64 4.91 -12.80
CA SER A 40 5.95 5.18 -14.04
C SER A 40 5.84 6.68 -14.28
N LEU A 41 6.99 7.34 -14.37
CA LEU A 41 7.03 8.78 -14.50
C LEU A 41 6.95 9.20 -15.97
N ALA A 42 7.40 8.34 -16.86
CA ALA A 42 7.36 8.63 -18.28
C ALA A 42 6.13 8.02 -18.92
N ASP A 43 4.96 8.41 -18.41
CA ASP A 43 3.71 7.86 -18.89
C ASP A 43 2.91 8.94 -19.64
N PRO A 44 2.19 8.55 -20.69
CA PRO A 44 1.27 9.44 -21.40
C PRO A 44 -0.17 9.28 -20.90
N ARG A 45 -0.29 8.97 -19.62
CA ARG A 45 -1.58 8.67 -18.99
C ARG A 45 -2.21 7.43 -19.63
N PRO A 46 -1.78 6.24 -19.19
CA PRO A 46 -2.31 4.98 -19.70
C PRO A 46 -3.77 4.79 -19.32
N ALA A 47 -4.15 5.38 -18.19
CA ALA A 47 -5.52 5.34 -17.72
C ALA A 47 -6.33 6.44 -18.36
N ILE A 48 -6.77 6.20 -19.58
CA ILE A 48 -7.60 7.15 -20.30
C ILE A 48 -9.04 7.03 -19.82
N PRO A 49 -9.58 8.08 -19.18
CA PRO A 49 -10.95 8.06 -18.66
C PRO A 49 -11.97 7.81 -19.77
N HIS A 50 -12.69 6.70 -19.67
CA HIS A 50 -13.72 6.40 -20.65
C HIS A 50 -15.06 6.95 -20.17
N ASP A 51 -15.05 7.57 -19.00
CA ASP A 51 -16.23 8.21 -18.44
C ASP A 51 -16.73 9.30 -19.38
N GLU A 52 -15.80 9.98 -20.04
CA GLU A 52 -16.13 11.01 -21.01
C GLU A 52 -17.01 10.42 -22.11
N VAL A 53 -16.66 9.21 -22.51
CA VAL A 53 -17.37 8.51 -23.57
C VAL A 53 -18.74 8.06 -23.08
N GLU A 54 -18.74 7.29 -22.00
CA GLU A 54 -19.98 6.74 -21.43
C GLU A 54 -20.98 7.84 -21.09
N ARG A 55 -20.46 8.97 -20.65
CA ARG A 55 -21.30 10.11 -20.27
C ARG A 55 -22.10 10.63 -21.45
N ARG A 56 -21.42 10.90 -22.56
CA ARG A 56 -22.07 11.51 -23.71
C ARG A 56 -22.87 10.48 -24.49
N MET A 57 -22.36 9.26 -24.56
CA MET A 57 -23.08 8.17 -25.22
C MET A 57 -24.40 7.91 -24.51
N ALA A 58 -24.39 7.99 -23.18
CA ALA A 58 -25.60 7.82 -22.38
C ALA A 58 -26.64 8.86 -22.75
N GLU A 59 -26.17 10.08 -23.02
CA GLU A 59 -27.06 11.18 -23.41
C GLU A 59 -27.71 10.87 -24.75
N ARG A 60 -26.95 10.22 -25.62
CA ARG A 60 -27.43 9.84 -26.94
C ARG A 60 -28.43 8.69 -26.84
N PHE A 61 -28.10 7.68 -26.03
CA PHE A 61 -28.99 6.55 -25.83
C PHE A 61 -30.29 6.99 -25.17
N ALA A 62 -30.19 7.90 -24.21
CA ALA A 62 -31.37 8.41 -23.52
C ALA A 62 -32.28 9.15 -24.49
N LYS A 63 -31.71 9.63 -25.58
CA LYS A 63 -32.47 10.37 -26.58
C LYS A 63 -33.04 9.43 -27.65
N MET A 64 -32.16 8.62 -28.24
CA MET A 64 -32.54 7.77 -29.37
C MET A 64 -33.27 6.52 -28.92
N ARG A 65 -32.75 5.85 -27.89
CA ARG A 65 -33.36 4.65 -27.35
C ARG A 65 -34.63 5.05 -26.60
N LYS A 66 -34.49 6.09 -25.77
CA LYS A 66 -35.61 6.67 -25.05
C LYS A 66 -36.34 5.62 -24.22
N GLU A 67 -35.70 5.18 -23.15
CA GLU A 67 -36.29 4.23 -22.23
C GLU A 67 -37.08 4.96 -21.17
N ARG A 68 -36.53 6.10 -20.75
CA ARG A 68 -37.04 6.83 -19.60
C ARG A 68 -37.21 8.30 -19.93
N SER A 69 -38.38 8.68 -20.42
CA SER A 69 -38.68 10.07 -20.73
C SER A 69 -38.89 10.87 -19.45
N LYS A 70 -39.69 10.31 -18.53
CA LYS A 70 -39.95 10.95 -17.24
C LYS A 70 -39.83 9.94 -16.12
N GLN A 71 -38.94 8.98 -16.28
CA GLN A 71 -38.75 7.93 -15.29
C GLN A 71 -37.45 8.17 -14.53
N MET A 1 6.93 -4.81 -21.56
CA MET A 1 6.58 -3.63 -22.39
C MET A 1 5.79 -4.05 -23.63
N ASP A 2 5.23 -5.28 -23.59
CA ASP A 2 4.45 -5.80 -24.72
C ASP A 2 3.95 -7.21 -24.42
N TYR A 3 2.82 -7.55 -25.05
CA TYR A 3 2.29 -8.92 -25.10
C TYR A 3 2.18 -9.60 -23.73
N LYS A 4 3.21 -10.34 -23.34
CA LYS A 4 3.15 -11.15 -22.13
C LYS A 4 4.26 -10.78 -21.17
N ASP A 5 5.06 -9.80 -21.55
CA ASP A 5 6.18 -9.37 -20.71
C ASP A 5 5.68 -8.65 -19.47
N ASP A 6 4.52 -8.03 -19.58
CA ASP A 6 3.95 -7.26 -18.48
C ASP A 6 2.97 -8.11 -17.69
N ASP A 7 3.03 -9.42 -17.92
CA ASP A 7 2.23 -10.37 -17.16
C ASP A 7 3.12 -11.03 -16.11
N ASP A 8 3.58 -10.22 -15.16
CA ASP A 8 4.48 -10.69 -14.12
C ASP A 8 3.73 -11.60 -13.15
N LYS A 9 2.44 -11.38 -13.03
CA LYS A 9 1.59 -12.17 -12.14
C LYS A 9 1.43 -13.59 -12.65
N ASN A 10 2.00 -13.87 -13.82
CA ASN A 10 1.93 -15.19 -14.43
C ASN A 10 2.60 -16.23 -13.53
N ARG A 11 3.77 -15.89 -13.03
CA ARG A 11 4.55 -16.81 -12.21
C ARG A 11 5.43 -16.04 -11.21
N ALA A 12 4.80 -15.14 -10.48
CA ALA A 12 5.52 -14.30 -9.53
C ALA A 12 5.47 -14.88 -8.11
N LEU A 13 6.14 -16.02 -7.92
CA LEU A 13 6.23 -16.65 -6.60
C LEU A 13 4.85 -16.91 -6.01
N SER A 14 4.02 -17.62 -6.78
CA SER A 14 2.67 -17.99 -6.34
C SER A 14 1.78 -16.75 -6.16
N PRO A 15 0.94 -16.45 -7.17
CA PRO A 15 0.03 -15.30 -7.14
C PRO A 15 -0.84 -15.31 -5.88
N MET A 16 -1.06 -14.11 -5.31
CA MET A 16 -1.75 -13.98 -4.03
C MET A 16 -0.97 -14.71 -2.94
N VAL A 17 -0.02 -14.01 -2.34
CA VAL A 17 0.87 -14.59 -1.34
C VAL A 17 0.07 -15.31 -0.25
N SER A 18 0.36 -16.59 -0.08
CA SER A 18 -0.39 -17.42 0.85
C SER A 18 0.24 -17.36 2.24
N GLU A 19 -0.05 -16.29 2.96
CA GLU A 19 0.36 -16.20 4.36
C GLU A 19 -0.72 -16.84 5.23
N PHE A 20 -0.40 -17.07 6.51
CA PHE A 20 -1.30 -17.83 7.40
C PHE A 20 -2.73 -17.32 7.37
N GLU A 21 -2.92 -16.03 7.58
CA GLU A 21 -4.25 -15.46 7.60
C GLU A 21 -4.24 -14.05 7.02
N THR A 22 -3.69 -13.11 7.78
CA THR A 22 -3.56 -11.76 7.31
C THR A 22 -2.36 -11.65 6.37
N ILE A 23 -2.58 -11.06 5.22
CA ILE A 23 -1.54 -10.98 4.20
C ILE A 23 -0.79 -9.67 4.35
N GLU A 24 0.34 -9.73 5.04
CA GLU A 24 1.10 -8.53 5.33
C GLU A 24 1.79 -8.03 4.08
N GLN A 25 2.11 -8.94 3.17
CA GLN A 25 2.69 -8.57 1.89
C GLN A 25 1.68 -7.78 1.08
N GLU A 26 0.40 -8.04 1.32
CA GLU A 26 -0.67 -7.36 0.62
C GLU A 26 -0.69 -5.88 1.02
N ASN A 27 -0.48 -5.63 2.30
CA ASN A 27 -0.47 -4.25 2.82
C ASN A 27 0.83 -3.56 2.44
N SER A 28 1.94 -4.29 2.54
CA SER A 28 3.25 -3.74 2.19
C SER A 28 3.37 -3.53 0.68
N TYR A 29 2.43 -4.08 -0.07
CA TYR A 29 2.41 -3.91 -1.51
C TYR A 29 1.87 -2.53 -1.87
N ASN A 30 1.19 -1.90 -0.92
CA ASN A 30 0.63 -0.57 -1.12
C ASN A 30 1.75 0.45 -1.37
N GLU A 31 2.85 0.28 -0.67
CA GLU A 31 4.03 1.13 -0.86
C GLU A 31 4.53 1.03 -2.29
N TRP A 32 4.47 -0.17 -2.85
CA TRP A 32 4.88 -0.40 -4.23
C TRP A 32 3.94 0.32 -5.19
N LEU A 33 2.63 0.22 -4.91
CA LEU A 33 1.63 0.90 -5.71
C LEU A 33 1.82 2.42 -5.63
N ARG A 34 2.00 2.91 -4.42
CA ARG A 34 2.21 4.34 -4.19
C ARG A 34 3.38 4.88 -5.01
N ALA A 35 4.46 4.10 -5.06
CA ALA A 35 5.64 4.49 -5.81
C ALA A 35 5.33 4.57 -7.30
N LYS A 36 4.48 3.66 -7.77
CA LYS A 36 4.12 3.61 -9.18
C LYS A 36 3.16 4.73 -9.53
N VAL A 37 2.28 5.06 -8.58
CA VAL A 37 1.34 6.17 -8.76
C VAL A 37 2.08 7.49 -8.82
N ALA A 38 3.19 7.56 -8.10
CA ALA A 38 4.02 8.76 -8.09
C ALA A 38 4.76 8.94 -9.42
N THR A 39 4.59 7.95 -10.30
CA THR A 39 5.15 7.97 -11.64
C THR A 39 6.65 7.66 -11.63
N SER A 40 7.06 6.70 -12.46
CA SER A 40 8.46 6.35 -12.59
C SER A 40 9.19 7.43 -13.40
N LEU A 41 10.43 7.72 -13.01
CA LEU A 41 11.23 8.76 -13.67
C LEU A 41 11.39 8.47 -15.16
N ALA A 42 10.59 9.15 -15.96
CA ALA A 42 10.61 9.00 -17.41
C ALA A 42 9.69 10.03 -18.05
N ASP A 43 10.05 10.48 -19.24
CA ASP A 43 9.22 11.42 -19.98
C ASP A 43 8.94 10.87 -21.37
N PRO A 44 7.85 10.08 -21.51
CA PRO A 44 7.48 9.45 -22.79
C PRO A 44 6.96 10.46 -23.80
N ARG A 45 7.87 11.08 -24.52
CA ARG A 45 7.53 12.12 -25.46
C ARG A 45 7.90 11.70 -26.88
N PRO A 46 6.92 11.72 -27.80
CA PRO A 46 7.17 11.40 -29.20
C PRO A 46 7.88 12.55 -29.93
N ALA A 47 9.19 12.63 -29.71
CA ALA A 47 10.03 13.68 -30.28
C ALA A 47 9.72 15.05 -29.66
N ILE A 48 10.70 15.93 -29.64
CA ILE A 48 10.52 17.27 -29.09
C ILE A 48 10.06 18.23 -30.18
N PRO A 49 8.92 18.88 -29.97
CA PRO A 49 8.41 19.91 -30.88
C PRO A 49 9.05 21.27 -30.60
N HIS A 50 9.22 22.06 -31.64
CA HIS A 50 9.85 23.38 -31.52
C HIS A 50 8.96 24.33 -30.73
N ASP A 51 7.68 23.96 -30.59
CA ASP A 51 6.72 24.79 -29.89
C ASP A 51 7.00 24.81 -28.39
N GLU A 52 7.39 23.65 -27.84
CA GLU A 52 7.62 23.57 -26.41
C GLU A 52 8.95 24.21 -26.05
N VAL A 53 9.84 24.29 -27.03
CA VAL A 53 11.10 25.00 -26.87
C VAL A 53 10.82 26.48 -26.68
N GLU A 54 9.93 27.00 -27.53
CA GLU A 54 9.50 28.39 -27.43
C GLU A 54 8.84 28.63 -26.08
N ARG A 55 8.02 27.69 -25.65
CA ARG A 55 7.31 27.80 -24.38
C ARG A 55 8.26 27.81 -23.20
N ARG A 56 9.29 26.97 -23.25
CA ARG A 56 10.25 26.88 -22.16
C ARG A 56 11.10 28.14 -22.06
N MET A 57 11.54 28.67 -23.19
CA MET A 57 12.34 29.90 -23.18
C MET A 57 11.46 31.09 -22.83
N ALA A 58 10.20 31.06 -23.24
CA ALA A 58 9.26 32.14 -22.97
C ALA A 58 9.10 32.38 -21.48
N GLU A 59 8.83 31.31 -20.75
CA GLU A 59 8.63 31.41 -19.30
C GLU A 59 9.93 31.75 -18.60
N ARG A 60 11.05 31.50 -19.26
CA ARG A 60 12.36 31.86 -18.74
C ARG A 60 12.59 33.36 -18.87
N PHE A 61 12.18 33.92 -20.02
CA PHE A 61 12.29 35.35 -20.24
C PHE A 61 11.28 36.09 -19.38
N ALA A 62 10.17 35.42 -19.10
CA ALA A 62 9.08 36.00 -18.32
C ALA A 62 9.54 36.38 -16.92
N LYS A 63 10.62 35.78 -16.46
CA LYS A 63 11.17 36.06 -15.15
C LYS A 63 11.72 37.48 -15.08
N MET A 64 12.06 38.03 -16.25
CA MET A 64 12.55 39.40 -16.33
C MET A 64 11.39 40.39 -16.37
N ARG A 65 10.20 39.86 -16.61
CA ARG A 65 8.99 40.69 -16.66
C ARG A 65 8.10 40.38 -15.45
N LYS A 66 8.60 39.55 -14.55
CA LYS A 66 7.83 39.12 -13.39
C LYS A 66 7.69 40.26 -12.37
N GLU A 67 8.58 41.24 -12.48
CA GLU A 67 8.61 42.40 -11.59
C GLU A 67 8.84 41.97 -10.15
N ARG A 68 10.07 41.55 -9.87
CA ARG A 68 10.46 41.08 -8.55
C ARG A 68 10.49 42.23 -7.54
N SER A 69 11.23 43.27 -7.88
CA SER A 69 11.36 44.45 -7.02
C SER A 69 12.02 45.59 -7.79
N LYS A 70 13.14 45.29 -8.42
CA LYS A 70 13.82 46.25 -9.28
C LYS A 70 14.72 45.51 -10.26
N GLN A 71 14.11 44.96 -11.30
CA GLN A 71 14.83 44.23 -12.33
C GLN A 71 14.70 44.94 -13.66
N MET A 1 -26.15 -20.98 31.09
CA MET A 1 -26.35 -20.98 29.62
C MET A 1 -26.66 -19.57 29.14
N ASP A 2 -25.71 -18.98 28.44
CA ASP A 2 -25.87 -17.62 27.95
C ASP A 2 -26.49 -17.62 26.56
N TYR A 3 -27.23 -16.58 26.26
CA TYR A 3 -27.89 -16.46 24.96
C TYR A 3 -27.04 -15.65 24.01
N LYS A 4 -27.04 -16.05 22.73
CA LYS A 4 -26.17 -15.45 21.72
C LYS A 4 -24.71 -15.69 22.05
N ASP A 5 -24.45 -16.72 22.85
CA ASP A 5 -23.10 -17.06 23.26
C ASP A 5 -23.06 -18.51 23.72
N ASP A 6 -23.56 -19.41 22.88
CA ASP A 6 -23.57 -20.83 23.19
C ASP A 6 -22.16 -21.38 23.18
N ASP A 7 -21.45 -21.02 22.10
CA ASP A 7 -20.05 -21.35 21.90
C ASP A 7 -19.85 -22.86 21.79
N ASP A 8 -20.93 -23.56 21.45
CA ASP A 8 -20.90 -25.00 21.32
C ASP A 8 -20.13 -25.41 20.08
N LYS A 9 -20.01 -24.48 19.15
CA LYS A 9 -19.28 -24.71 17.90
C LYS A 9 -17.80 -24.93 18.17
N ASN A 10 -17.27 -24.25 19.19
CA ASN A 10 -15.86 -24.38 19.55
C ASN A 10 -14.96 -24.21 18.33
N ARG A 11 -15.02 -23.03 17.72
CA ARG A 11 -14.33 -22.78 16.46
C ARG A 11 -12.83 -22.54 16.66
N ALA A 12 -12.33 -22.84 17.84
CA ALA A 12 -10.91 -22.69 18.15
C ALA A 12 -10.07 -23.58 17.23
N LEU A 13 -10.64 -24.70 16.83
CA LEU A 13 -9.96 -25.63 15.95
C LEU A 13 -10.18 -25.20 14.49
N SER A 14 -9.80 -23.97 14.20
CA SER A 14 -9.96 -23.40 12.87
C SER A 14 -9.04 -24.08 11.87
N PRO A 15 -9.61 -24.73 10.83
CA PRO A 15 -8.82 -25.39 9.79
C PRO A 15 -8.17 -24.37 8.86
N MET A 16 -6.83 -24.39 8.82
CA MET A 16 -6.05 -23.44 8.02
C MET A 16 -6.38 -22.01 8.42
N VAL A 17 -6.00 -21.65 9.63
CA VAL A 17 -6.27 -20.33 10.16
C VAL A 17 -5.09 -19.40 9.92
N SER A 18 -5.39 -18.20 9.46
CA SER A 18 -4.38 -17.19 9.22
C SER A 18 -4.78 -15.91 9.93
N GLU A 19 -3.82 -15.25 10.56
CA GLU A 19 -4.07 -14.02 11.26
C GLU A 19 -4.03 -12.84 10.28
N PHE A 20 -4.85 -11.84 10.54
CA PHE A 20 -4.86 -10.65 9.69
C PHE A 20 -3.77 -9.69 10.10
N GLU A 21 -2.94 -10.14 11.03
CA GLU A 21 -1.76 -9.40 11.43
C GLU A 21 -0.74 -9.37 10.30
N THR A 22 -0.71 -10.44 9.52
CA THR A 22 0.24 -10.56 8.44
C THR A 22 -0.31 -9.95 7.16
N ILE A 23 -1.24 -9.01 7.32
CA ILE A 23 -1.81 -8.29 6.19
C ILE A 23 -0.74 -7.44 5.52
N GLU A 24 0.38 -7.26 6.21
CA GLU A 24 1.50 -6.51 5.69
C GLU A 24 2.06 -7.15 4.44
N GLN A 25 1.82 -8.45 4.29
CA GLN A 25 2.23 -9.18 3.10
C GLN A 25 1.49 -8.65 1.88
N GLU A 26 0.24 -8.24 2.10
CA GLU A 26 -0.58 -7.68 1.04
C GLU A 26 -0.37 -6.17 0.97
N ASN A 27 -0.10 -5.58 2.14
CA ASN A 27 0.16 -4.16 2.24
C ASN A 27 1.47 -3.80 1.53
N SER A 28 2.32 -4.81 1.34
CA SER A 28 3.56 -4.64 0.60
C SER A 28 3.27 -4.17 -0.83
N TYR A 29 2.11 -4.56 -1.36
CA TYR A 29 1.70 -4.13 -2.69
C TYR A 29 1.29 -2.66 -2.67
N ASN A 30 0.71 -2.24 -1.57
CA ASN A 30 0.25 -0.86 -1.43
C ASN A 30 1.42 0.10 -1.43
N GLU A 31 2.49 -0.28 -0.74
CA GLU A 31 3.68 0.55 -0.69
C GLU A 31 4.41 0.51 -2.02
N TRP A 32 4.28 -0.60 -2.72
CA TRP A 32 4.85 -0.75 -4.05
C TRP A 32 4.11 0.14 -5.04
N LEU A 33 2.78 0.16 -4.93
CA LEU A 33 1.93 0.93 -5.83
C LEU A 33 2.02 2.42 -5.51
N ARG A 34 2.22 2.71 -4.22
CA ARG A 34 2.29 4.08 -3.74
C ARG A 34 3.29 4.91 -4.54
N ALA A 35 4.51 4.42 -4.64
CA ALA A 35 5.60 5.16 -5.29
C ALA A 35 5.42 5.18 -6.80
N LYS A 36 4.49 4.40 -7.30
CA LYS A 36 4.25 4.30 -8.72
C LYS A 36 3.21 5.33 -9.16
N VAL A 37 2.12 5.43 -8.42
CA VAL A 37 1.02 6.31 -8.80
C VAL A 37 1.29 7.76 -8.38
N ALA A 38 2.11 7.95 -7.36
CA ALA A 38 2.38 9.29 -6.84
C ALA A 38 3.61 9.26 -5.92
N THR A 39 3.78 10.33 -5.15
CA THR A 39 4.82 10.36 -4.14
C THR A 39 4.29 9.75 -2.84
N SER A 40 3.36 10.46 -2.19
CA SER A 40 2.74 10.02 -0.95
C SER A 40 3.79 9.53 0.06
N LEU A 41 4.74 10.41 0.36
CA LEU A 41 5.83 10.08 1.28
C LEU A 41 5.27 9.92 2.69
N ALA A 42 4.26 10.72 3.00
CA ALA A 42 3.60 10.64 4.29
C ALA A 42 2.13 10.28 4.09
N ASP A 43 1.49 9.77 5.13
CA ASP A 43 0.08 9.42 5.04
C ASP A 43 -0.77 10.37 5.89
N PRO A 44 -1.35 11.39 5.26
CA PRO A 44 -2.30 12.29 5.93
C PRO A 44 -3.66 11.63 6.06
N ARG A 45 -3.76 10.43 5.50
CA ARG A 45 -4.99 9.65 5.52
C ARG A 45 -4.66 8.23 5.95
N PRO A 46 -5.46 7.64 6.83
CA PRO A 46 -5.26 6.25 7.30
C PRO A 46 -5.31 5.25 6.15
N ALA A 47 -4.15 4.70 5.81
CA ALA A 47 -4.06 3.72 4.74
C ALA A 47 -4.79 2.45 5.12
N ILE A 48 -5.53 1.89 4.17
CA ILE A 48 -6.40 0.74 4.43
C ILE A 48 -7.54 1.14 5.36
N PRO A 49 -8.71 1.46 4.77
CA PRO A 49 -9.88 1.93 5.52
C PRO A 49 -10.35 0.94 6.58
N HIS A 50 -10.94 1.47 7.65
CA HIS A 50 -11.36 0.66 8.78
C HIS A 50 -12.62 -0.14 8.42
N ASP A 51 -13.24 0.19 7.30
CA ASP A 51 -14.41 -0.55 6.85
C ASP A 51 -14.00 -1.84 6.14
N GLU A 52 -12.70 -1.98 5.90
CA GLU A 52 -12.21 -3.15 5.21
C GLU A 52 -12.18 -4.36 6.13
N VAL A 53 -12.00 -4.12 7.42
CA VAL A 53 -12.02 -5.20 8.40
C VAL A 53 -13.43 -5.77 8.51
N GLU A 54 -14.42 -4.94 8.21
CA GLU A 54 -15.82 -5.35 8.27
C GLU A 54 -16.12 -6.41 7.21
N ARG A 55 -15.70 -6.14 5.99
CA ARG A 55 -15.92 -7.06 4.88
C ARG A 55 -15.01 -8.28 5.01
N ARG A 56 -13.81 -8.08 5.51
CA ARG A 56 -12.82 -9.15 5.64
C ARG A 56 -13.18 -10.08 6.79
N MET A 57 -13.74 -9.52 7.85
CA MET A 57 -14.11 -10.30 9.03
C MET A 57 -15.21 -11.31 8.67
N ALA A 58 -16.06 -10.93 7.74
CA ALA A 58 -17.13 -11.81 7.29
C ALA A 58 -16.55 -13.05 6.62
N GLU A 59 -15.41 -12.87 5.95
CA GLU A 59 -14.72 -13.96 5.30
C GLU A 59 -14.07 -14.87 6.33
N ARG A 60 -13.69 -14.29 7.46
CA ARG A 60 -13.11 -15.04 8.56
C ARG A 60 -14.12 -16.05 9.10
N PHE A 61 -15.37 -15.59 9.21
CA PHE A 61 -16.47 -16.46 9.65
C PHE A 61 -16.78 -17.50 8.58
N ALA A 62 -16.60 -17.12 7.32
CA ALA A 62 -16.87 -18.02 6.21
C ALA A 62 -15.80 -19.10 6.10
N LYS A 63 -14.69 -18.91 6.80
CA LYS A 63 -13.64 -19.92 6.86
C LYS A 63 -14.12 -21.13 7.63
N MET A 64 -15.08 -20.91 8.51
CA MET A 64 -15.64 -21.97 9.35
C MET A 64 -16.62 -22.82 8.56
N ARG A 65 -16.82 -22.47 7.30
CA ARG A 65 -17.71 -23.21 6.42
C ARG A 65 -17.01 -24.46 5.89
N LYS A 66 -15.68 -24.42 5.88
CA LYS A 66 -14.91 -25.50 5.27
C LYS A 66 -14.15 -26.29 6.34
N GLU A 67 -13.79 -27.52 5.98
CA GLU A 67 -13.01 -28.39 6.83
C GLU A 67 -11.68 -28.70 6.14
N ARG A 68 -10.65 -29.03 6.92
CA ARG A 68 -9.31 -29.22 6.38
C ARG A 68 -9.18 -30.56 5.63
N SER A 69 -10.27 -31.31 5.57
CA SER A 69 -10.26 -32.57 4.84
C SER A 69 -10.57 -32.34 3.37
N LYS A 70 -10.60 -31.07 2.97
CA LYS A 70 -10.88 -30.65 1.58
C LYS A 70 -12.27 -31.08 1.16
N GLN A 71 -13.18 -31.20 2.12
CA GLN A 71 -14.54 -31.63 1.82
C GLN A 71 -15.47 -31.22 2.96
N MET A 1 -39.90 -8.52 28.81
CA MET A 1 -40.46 -9.16 27.58
C MET A 1 -40.36 -8.20 26.41
N ASP A 2 -39.15 -8.01 25.92
CA ASP A 2 -38.89 -7.07 24.83
C ASP A 2 -38.59 -7.81 23.54
N TYR A 3 -38.47 -9.13 23.65
CA TYR A 3 -38.20 -10.02 22.51
C TYR A 3 -36.89 -9.65 21.81
N LYS A 4 -36.72 -10.12 20.59
CA LYS A 4 -35.50 -9.89 19.82
C LYS A 4 -34.29 -10.46 20.56
N ASP A 5 -34.24 -11.78 20.65
CA ASP A 5 -33.17 -12.47 21.36
C ASP A 5 -33.03 -13.91 20.86
N ASP A 6 -33.83 -14.27 19.85
CA ASP A 6 -33.80 -15.63 19.33
C ASP A 6 -32.83 -15.75 18.15
N ASP A 7 -32.88 -14.78 17.25
CA ASP A 7 -31.97 -14.78 16.10
C ASP A 7 -30.54 -14.51 16.54
N ASP A 8 -30.39 -13.96 17.75
CA ASP A 8 -29.08 -13.71 18.33
C ASP A 8 -28.44 -15.02 18.79
N LYS A 9 -29.27 -16.03 19.01
CA LYS A 9 -28.76 -17.35 19.40
C LYS A 9 -28.06 -18.01 18.22
N ASN A 10 -28.34 -17.50 17.03
CA ASN A 10 -27.76 -18.02 15.82
C ASN A 10 -26.84 -16.98 15.20
N ARG A 11 -25.82 -16.59 15.94
CA ARG A 11 -24.89 -15.56 15.50
C ARG A 11 -24.19 -15.99 14.21
N ALA A 12 -24.42 -15.25 13.15
CA ALA A 12 -23.83 -15.55 11.84
C ALA A 12 -23.75 -14.30 10.99
N LEU A 13 -23.67 -13.15 11.64
CA LEU A 13 -23.60 -11.87 10.95
C LEU A 13 -22.15 -11.46 10.74
N SER A 14 -21.25 -12.16 11.41
CA SER A 14 -19.84 -11.86 11.33
C SER A 14 -19.07 -13.00 10.66
N PRO A 15 -18.12 -12.69 9.78
CA PRO A 15 -17.28 -13.69 9.13
C PRO A 15 -16.19 -14.20 10.07
N MET A 16 -16.62 -14.76 11.19
CA MET A 16 -15.71 -15.16 12.26
C MET A 16 -14.98 -16.46 11.92
N VAL A 17 -15.19 -16.96 10.72
CA VAL A 17 -14.46 -18.12 10.24
C VAL A 17 -13.54 -17.70 9.09
N SER A 18 -13.56 -16.41 8.76
CA SER A 18 -12.77 -15.88 7.68
C SER A 18 -12.44 -14.42 7.95
N GLU A 19 -11.92 -14.15 9.14
CA GLU A 19 -11.57 -12.79 9.53
C GLU A 19 -10.19 -12.43 9.01
N PHE A 20 -10.16 -11.82 7.83
CA PHE A 20 -8.90 -11.43 7.19
C PHE A 20 -8.93 -9.96 6.85
N GLU A 21 -9.37 -9.16 7.79
CA GLU A 21 -9.44 -7.71 7.60
C GLU A 21 -8.06 -7.09 7.66
N THR A 22 -7.18 -7.71 8.43
CA THR A 22 -5.82 -7.22 8.58
C THR A 22 -4.96 -7.68 7.40
N ILE A 23 -5.12 -6.99 6.28
CA ILE A 23 -4.40 -7.31 5.07
C ILE A 23 -2.96 -6.78 5.15
N GLU A 24 -2.09 -7.59 5.75
CA GLU A 24 -0.69 -7.21 5.94
C GLU A 24 0.20 -7.63 4.78
N GLN A 25 -0.17 -8.72 4.11
CA GLN A 25 0.62 -9.24 2.99
C GLN A 25 0.61 -8.27 1.82
N GLU A 26 -0.36 -7.37 1.80
CA GLU A 26 -0.48 -6.39 0.75
C GLU A 26 0.44 -5.20 1.01
N ASN A 27 0.77 -4.98 2.28
CA ASN A 27 1.50 -3.78 2.70
C ASN A 27 2.87 -3.70 2.04
N SER A 28 3.41 -4.85 1.65
CA SER A 28 4.70 -4.91 1.00
C SER A 28 4.61 -4.38 -0.43
N TYR A 29 3.60 -4.84 -1.16
CA TYR A 29 3.40 -4.42 -2.54
C TYR A 29 2.70 -3.06 -2.60
N ASN A 30 1.81 -2.81 -1.64
CA ASN A 30 1.07 -1.56 -1.59
C ASN A 30 2.01 -0.37 -1.51
N GLU A 31 3.12 -0.53 -0.79
CA GLU A 31 4.10 0.54 -0.66
C GLU A 31 4.74 0.85 -2.02
N TRP A 32 5.12 -0.19 -2.74
CA TRP A 32 5.76 -0.04 -4.04
C TRP A 32 4.75 0.45 -5.08
N LEU A 33 3.52 -0.02 -4.96
CA LEU A 33 2.46 0.38 -5.86
C LEU A 33 2.05 1.82 -5.58
N ARG A 34 2.13 2.20 -4.30
CA ARG A 34 1.77 3.54 -3.86
C ARG A 34 2.60 4.60 -4.58
N ALA A 35 3.79 4.21 -5.00
CA ALA A 35 4.67 5.11 -5.72
C ALA A 35 4.01 5.63 -6.99
N LYS A 36 3.26 4.75 -7.65
CA LYS A 36 2.56 5.11 -8.87
C LYS A 36 1.16 5.65 -8.56
N VAL A 37 0.58 5.16 -7.47
CA VAL A 37 -0.76 5.56 -7.07
C VAL A 37 -0.77 6.98 -6.50
N ALA A 38 0.24 7.28 -5.70
CA ALA A 38 0.34 8.58 -5.06
C ALA A 38 0.98 9.60 -6.00
N THR A 39 0.30 9.88 -7.08
CA THR A 39 0.72 10.92 -8.01
C THR A 39 0.32 12.28 -7.44
N SER A 40 0.96 12.65 -6.34
CA SER A 40 0.65 13.88 -5.64
C SER A 40 0.99 15.11 -6.50
N LEU A 41 -0.03 15.67 -7.14
CA LEU A 41 0.14 16.87 -7.94
C LEU A 41 -0.26 18.08 -7.12
N ALA A 42 0.72 18.89 -6.76
CA ALA A 42 0.49 20.05 -5.92
C ALA A 42 0.74 21.34 -6.70
N ASP A 43 -0.12 22.33 -6.49
CA ASP A 43 0.06 23.63 -7.11
C ASP A 43 0.05 24.72 -6.05
N PRO A 44 1.14 24.84 -5.28
CA PRO A 44 1.24 25.79 -4.19
C PRO A 44 1.72 27.16 -4.66
N ARG A 45 1.04 27.67 -5.68
CA ARG A 45 1.37 28.96 -6.29
C ARG A 45 2.70 28.90 -7.04
N PRO A 46 2.66 29.07 -8.37
CA PRO A 46 3.87 29.06 -9.21
C PRO A 46 4.71 30.31 -9.01
N ALA A 47 5.20 30.51 -7.80
CA ALA A 47 6.04 31.64 -7.47
C ALA A 47 7.14 31.24 -6.50
N ILE A 48 7.27 29.94 -6.30
CA ILE A 48 8.22 29.39 -5.35
C ILE A 48 9.60 29.23 -5.98
N PRO A 49 10.65 29.77 -5.33
CA PRO A 49 12.03 29.59 -5.77
C PRO A 49 12.38 28.11 -5.87
N HIS A 50 13.16 27.76 -6.89
CA HIS A 50 13.48 26.36 -7.17
C HIS A 50 14.43 25.79 -6.12
N ASP A 51 15.19 26.68 -5.46
CA ASP A 51 16.03 26.26 -4.35
C ASP A 51 15.17 25.97 -3.13
N GLU A 52 14.11 26.75 -3.00
CA GLU A 52 13.18 26.61 -1.88
C GLU A 52 12.42 25.30 -1.97
N VAL A 53 12.09 24.90 -3.19
CA VAL A 53 11.40 23.64 -3.43
C VAL A 53 12.24 22.47 -2.92
N GLU A 54 13.54 22.50 -3.21
CA GLU A 54 14.44 21.46 -2.74
C GLU A 54 14.46 21.42 -1.21
N ARG A 55 14.39 22.60 -0.60
CA ARG A 55 14.39 22.72 0.85
C ARG A 55 13.15 22.08 1.47
N ARG A 56 11.99 22.39 0.92
CA ARG A 56 10.74 21.84 1.45
C ARG A 56 10.60 20.37 1.09
N MET A 57 11.32 19.92 0.06
CA MET A 57 11.40 18.51 -0.27
C MET A 57 12.17 17.76 0.83
N ALA A 58 13.22 18.40 1.34
CA ALA A 58 13.98 17.84 2.44
C ALA A 58 13.11 17.68 3.67
N GLU A 59 12.24 18.67 3.88
CA GLU A 59 11.27 18.64 4.98
C GLU A 59 10.31 17.47 4.80
N ARG A 60 9.87 17.27 3.56
CA ARG A 60 8.99 16.17 3.22
C ARG A 60 9.60 14.82 3.60
N PHE A 61 10.88 14.66 3.27
CA PHE A 61 11.60 13.43 3.57
C PHE A 61 11.70 13.24 5.09
N ALA A 62 11.91 14.35 5.79
CA ALA A 62 12.02 14.33 7.25
C ALA A 62 10.70 13.94 7.90
N LYS A 63 9.60 14.43 7.34
CA LYS A 63 8.26 14.13 7.84
C LYS A 63 7.98 12.63 7.79
N MET A 64 8.56 11.96 6.79
CA MET A 64 8.33 10.54 6.58
C MET A 64 8.85 9.73 7.76
N ARG A 65 9.99 10.14 8.32
CA ARG A 65 10.58 9.44 9.44
C ARG A 65 10.18 10.09 10.77
N LYS A 66 9.24 11.01 10.68
CA LYS A 66 8.72 11.75 11.83
C LYS A 66 9.80 12.64 12.45
N GLU A 67 9.82 13.89 12.00
CA GLU A 67 10.80 14.85 12.47
C GLU A 67 10.11 16.02 13.16
N ARG A 68 10.81 16.65 14.10
CA ARG A 68 10.25 17.79 14.81
C ARG A 68 10.57 19.08 14.06
N SER A 69 9.57 19.93 13.92
CA SER A 69 9.75 21.19 13.20
C SER A 69 10.47 22.21 14.08
N LYS A 70 11.31 23.04 13.45
CA LYS A 70 12.10 24.06 14.15
C LYS A 70 13.13 23.39 15.06
N GLN A 71 13.51 22.18 14.69
CA GLN A 71 14.47 21.39 15.46
C GLN A 71 15.71 21.13 14.62
N MET A 1 -17.93 -8.17 13.74
CA MET A 1 -16.51 -8.46 14.08
C MET A 1 -15.66 -7.19 13.99
N ASP A 2 -16.04 -6.17 14.74
CA ASP A 2 -15.32 -4.90 14.73
C ASP A 2 -14.43 -4.79 15.95
N TYR A 3 -13.29 -5.46 15.89
CA TYR A 3 -12.35 -5.46 17.00
C TYR A 3 -11.06 -4.73 16.63
N LYS A 4 -11.04 -4.20 15.40
CA LYS A 4 -9.90 -3.44 14.83
C LYS A 4 -8.55 -4.13 15.03
N ASP A 5 -8.58 -5.43 15.32
CA ASP A 5 -7.37 -6.25 15.51
C ASP A 5 -6.43 -5.62 16.55
N ASP A 6 -5.23 -6.17 16.67
CA ASP A 6 -4.24 -5.66 17.61
C ASP A 6 -2.89 -5.51 16.94
N ASP A 7 -2.48 -6.52 16.19
CA ASP A 7 -1.18 -6.50 15.53
C ASP A 7 -1.28 -5.87 14.15
N ASP A 8 -2.40 -6.10 13.47
CA ASP A 8 -2.63 -5.48 12.16
C ASP A 8 -2.94 -4.00 12.32
N LYS A 9 -3.37 -3.63 13.50
CA LYS A 9 -3.63 -2.24 13.83
C LYS A 9 -2.38 -1.62 14.44
N ASN A 10 -1.34 -2.44 14.57
CA ASN A 10 -0.09 -2.07 15.23
C ASN A 10 -0.32 -1.87 16.72
N ARG A 11 -1.08 -0.85 17.06
CA ARG A 11 -1.48 -0.58 18.43
C ARG A 11 -2.50 0.55 18.43
N ALA A 12 -2.05 1.72 18.02
CA ALA A 12 -2.91 2.89 17.93
C ALA A 12 -2.81 3.50 16.55
N LEU A 13 -3.33 2.80 15.55
CA LEU A 13 -3.22 3.24 14.16
C LEU A 13 -4.41 4.10 13.77
N SER A 14 -5.09 4.64 14.78
CA SER A 14 -6.20 5.58 14.58
C SER A 14 -7.45 4.88 14.05
N PRO A 15 -8.65 5.30 14.51
CA PRO A 15 -9.92 4.82 13.98
C PRO A 15 -10.23 5.43 12.62
N MET A 16 -9.26 5.33 11.73
CA MET A 16 -9.34 5.90 10.40
C MET A 16 -8.48 5.05 9.47
N VAL A 17 -8.48 5.37 8.17
CA VAL A 17 -7.73 4.59 7.17
C VAL A 17 -8.44 3.25 6.90
N SER A 18 -8.61 2.94 5.63
CA SER A 18 -9.31 1.73 5.22
C SER A 18 -8.61 0.47 5.73
N GLU A 19 -9.34 -0.37 6.45
CA GLU A 19 -8.83 -1.66 6.88
C GLU A 19 -9.18 -2.71 5.84
N PHE A 20 -8.23 -3.57 5.52
CA PHE A 20 -8.42 -4.54 4.44
C PHE A 20 -8.42 -5.96 4.99
N GLU A 21 -8.90 -6.91 4.19
CA GLU A 21 -8.91 -8.30 4.60
C GLU A 21 -7.48 -8.80 4.84
N THR A 22 -6.57 -8.35 3.99
CA THR A 22 -5.15 -8.63 4.16
C THR A 22 -4.34 -7.35 4.03
N ILE A 23 -4.25 -6.60 5.13
CA ILE A 23 -3.52 -5.34 5.14
C ILE A 23 -2.04 -5.57 4.90
N GLU A 24 -1.51 -6.62 5.52
CA GLU A 24 -0.10 -6.99 5.37
C GLU A 24 0.23 -7.21 3.89
N GLN A 25 -0.71 -7.84 3.17
CA GLN A 25 -0.54 -8.10 1.74
C GLN A 25 -0.28 -6.78 1.01
N GLU A 26 -1.03 -5.75 1.36
CA GLU A 26 -0.88 -4.44 0.74
C GLU A 26 0.44 -3.81 1.18
N ASN A 27 0.80 -4.00 2.44
CA ASN A 27 2.04 -3.46 2.98
C ASN A 27 3.25 -4.07 2.28
N SER A 28 3.10 -5.30 1.82
CA SER A 28 4.20 -6.00 1.16
C SER A 28 4.36 -5.51 -0.28
N TYR A 29 3.28 -5.50 -1.05
CA TYR A 29 3.37 -5.19 -2.48
C TYR A 29 3.14 -3.71 -2.76
N ASN A 30 2.07 -3.17 -2.21
CA ASN A 30 1.60 -1.83 -2.57
C ASN A 30 2.48 -0.74 -1.99
N GLU A 31 3.35 -1.10 -1.05
CA GLU A 31 4.26 -0.14 -0.43
C GLU A 31 5.12 0.54 -1.49
N TRP A 32 5.52 -0.23 -2.51
CA TRP A 32 6.32 0.31 -3.59
C TRP A 32 5.44 0.91 -4.68
N LEU A 33 4.22 0.39 -4.79
CA LEU A 33 3.26 0.88 -5.77
C LEU A 33 2.76 2.26 -5.38
N ARG A 34 2.72 2.51 -4.07
CA ARG A 34 2.19 3.76 -3.52
C ARG A 34 2.90 4.98 -4.13
N ALA A 35 4.16 4.80 -4.49
CA ALA A 35 4.93 5.88 -5.09
C ALA A 35 4.62 6.02 -6.58
N LYS A 36 4.47 4.88 -7.25
CA LYS A 36 4.29 4.87 -8.69
C LYS A 36 2.84 5.19 -9.06
N VAL A 37 1.92 4.85 -8.18
CA VAL A 37 0.50 5.11 -8.42
C VAL A 37 0.19 6.58 -8.15
N ALA A 38 1.11 7.26 -7.47
CA ALA A 38 0.90 8.64 -7.08
C ALA A 38 1.58 9.60 -8.05
N THR A 39 2.45 9.08 -8.91
CA THR A 39 3.19 9.92 -9.83
C THR A 39 2.37 10.21 -11.11
N SER A 40 1.18 10.77 -10.89
CA SER A 40 0.29 11.14 -11.99
C SER A 40 -0.55 12.33 -11.56
N LEU A 41 -0.89 13.22 -12.52
CA LEU A 41 -1.63 14.45 -12.24
C LEU A 41 -0.83 15.33 -11.26
N ALA A 42 -0.05 16.26 -11.82
CA ALA A 42 0.93 17.02 -11.05
C ALA A 42 1.93 16.05 -10.44
N ASP A 43 2.45 15.19 -11.29
CA ASP A 43 3.23 14.03 -10.88
C ASP A 43 4.52 14.43 -10.16
N PRO A 44 4.68 13.99 -8.92
CA PRO A 44 5.95 14.09 -8.20
C PRO A 44 6.92 13.01 -8.66
N ARG A 45 8.21 13.29 -8.56
CA ARG A 45 9.24 12.33 -8.95
C ARG A 45 9.64 11.47 -7.75
N PRO A 46 9.47 10.14 -7.88
CA PRO A 46 9.87 9.20 -6.83
C PRO A 46 11.35 9.32 -6.50
N ALA A 47 11.63 9.74 -5.28
CA ALA A 47 13.00 9.97 -4.84
C ALA A 47 13.83 8.70 -4.89
N ILE A 48 15.06 8.85 -5.32
CA ILE A 48 16.01 7.75 -5.34
C ILE A 48 16.62 7.60 -3.94
N PRO A 49 16.55 6.39 -3.36
CA PRO A 49 17.02 6.13 -2.00
C PRO A 49 18.48 6.54 -1.80
N HIS A 50 18.73 7.35 -0.77
CA HIS A 50 20.06 7.89 -0.51
C HIS A 50 21.04 6.76 -0.18
N ASP A 51 20.51 5.64 0.33
CA ASP A 51 21.34 4.49 0.62
C ASP A 51 21.92 3.91 -0.66
N GLU A 52 21.11 3.88 -1.71
CA GLU A 52 21.56 3.39 -3.02
C GLU A 52 22.66 4.30 -3.55
N VAL A 53 22.48 5.60 -3.33
CA VAL A 53 23.46 6.59 -3.75
C VAL A 53 24.77 6.39 -2.99
N GLU A 54 24.66 6.05 -1.71
CA GLU A 54 25.83 5.78 -0.89
C GLU A 54 26.53 4.50 -1.37
N ARG A 55 25.75 3.52 -1.80
CA ARG A 55 26.30 2.29 -2.36
C ARG A 55 26.96 2.59 -3.71
N ARG A 56 26.45 3.61 -4.38
CA ARG A 56 26.97 4.04 -5.67
C ARG A 56 28.28 4.79 -5.48
N MET A 57 28.36 5.55 -4.41
CA MET A 57 29.58 6.28 -4.06
C MET A 57 30.66 5.29 -3.63
N ALA A 58 30.24 4.22 -2.97
CA ALA A 58 31.13 3.16 -2.55
C ALA A 58 31.87 2.57 -3.75
N GLU A 59 31.22 2.62 -4.90
CA GLU A 59 31.77 2.08 -6.14
C GLU A 59 32.98 2.91 -6.58
N ARG A 60 33.03 4.15 -6.12
CA ARG A 60 34.18 5.01 -6.37
C ARG A 60 35.35 4.60 -5.48
N PHE A 61 35.06 4.41 -4.20
CA PHE A 61 36.07 4.01 -3.23
C PHE A 61 36.63 2.63 -3.58
N ALA A 62 35.77 1.77 -4.12
CA ALA A 62 36.18 0.45 -4.56
C ALA A 62 37.24 0.53 -5.65
N LYS A 63 37.12 1.54 -6.50
CA LYS A 63 38.08 1.74 -7.58
C LYS A 63 39.31 2.48 -7.07
N MET A 64 39.12 3.25 -6.01
CA MET A 64 40.23 3.95 -5.37
C MET A 64 41.15 2.96 -4.66
N ARG A 65 40.57 1.85 -4.24
CA ARG A 65 41.32 0.79 -3.57
C ARG A 65 42.32 0.14 -4.51
N LYS A 66 42.15 0.37 -5.81
CA LYS A 66 43.02 -0.20 -6.83
C LYS A 66 44.31 0.61 -6.97
N GLU A 67 44.60 1.44 -5.97
CA GLU A 67 45.79 2.30 -5.98
C GLU A 67 45.69 3.28 -7.15
N ARG A 68 44.50 3.83 -7.32
CA ARG A 68 44.23 4.74 -8.43
C ARG A 68 44.70 6.15 -8.09
N SER A 69 45.97 6.43 -8.36
CA SER A 69 46.52 7.75 -8.14
C SER A 69 46.17 8.65 -9.32
N LYS A 70 44.98 9.26 -9.26
CA LYS A 70 44.43 10.08 -10.35
C LYS A 70 44.01 9.21 -11.53
N GLN A 71 44.94 8.42 -12.05
CA GLN A 71 44.66 7.54 -13.18
C GLN A 71 45.75 6.48 -13.30
N MET A 1 -6.97 12.86 -7.83
CA MET A 1 -7.62 13.10 -6.52
C MET A 1 -6.57 13.41 -5.47
N ASP A 2 -6.97 14.17 -4.46
CA ASP A 2 -6.08 14.51 -3.36
C ASP A 2 -6.19 13.47 -2.25
N TYR A 3 -5.11 13.29 -1.51
CA TYR A 3 -5.08 12.32 -0.42
C TYR A 3 -5.53 12.97 0.88
N LYS A 4 -5.51 12.20 1.96
CA LYS A 4 -6.05 12.62 3.26
C LYS A 4 -7.56 12.65 3.18
N ASP A 5 -8.12 11.53 2.75
CA ASP A 5 -9.56 11.38 2.58
C ASP A 5 -9.94 9.91 2.72
N ASP A 6 -9.07 9.05 2.21
CA ASP A 6 -9.28 7.61 2.29
C ASP A 6 -9.11 7.12 3.72
N ASP A 7 -8.29 7.83 4.47
CA ASP A 7 -8.06 7.53 5.89
C ASP A 7 -9.25 7.98 6.73
N ASP A 8 -10.31 7.18 6.69
CA ASP A 8 -11.53 7.47 7.44
C ASP A 8 -11.27 7.42 8.94
N LYS A 9 -10.54 6.40 9.36
CA LYS A 9 -10.26 6.19 10.77
C LYS A 9 -9.07 7.04 11.23
N ASN A 10 -8.53 7.82 10.29
CA ASN A 10 -7.43 8.75 10.56
C ASN A 10 -6.15 8.00 10.91
N ARG A 11 -5.54 7.38 9.90
CA ARG A 11 -4.27 6.67 10.04
C ARG A 11 -4.39 5.47 10.98
N ALA A 12 -5.56 4.87 11.00
CA ALA A 12 -5.78 3.66 11.78
C ALA A 12 -6.17 2.53 10.86
N LEU A 13 -5.16 1.92 10.24
CA LEU A 13 -5.35 0.88 9.23
C LEU A 13 -6.26 -0.25 9.73
N SER A 14 -7.50 -0.21 9.30
CA SER A 14 -8.46 -1.24 9.63
C SER A 14 -9.16 -1.71 8.36
N PRO A 15 -8.45 -2.52 7.54
CA PRO A 15 -8.93 -2.94 6.23
C PRO A 15 -10.06 -3.95 6.31
N MET A 16 -11.25 -3.51 5.96
CA MET A 16 -12.40 -4.40 5.84
C MET A 16 -12.81 -4.51 4.39
N VAL A 17 -13.14 -5.72 3.96
CA VAL A 17 -13.44 -6.00 2.56
C VAL A 17 -12.28 -5.51 1.69
N SER A 18 -11.09 -5.98 2.04
CA SER A 18 -9.87 -5.63 1.33
C SER A 18 -8.86 -6.76 1.45
N GLU A 19 -9.39 -7.98 1.51
CA GLU A 19 -8.58 -9.20 1.67
C GLU A 19 -7.73 -9.12 2.93
N PHE A 20 -8.40 -9.02 4.07
CA PHE A 20 -7.72 -8.86 5.34
C PHE A 20 -7.30 -10.20 5.93
N GLU A 21 -6.71 -11.03 5.08
CA GLU A 21 -6.15 -12.29 5.50
C GLU A 21 -4.63 -12.25 5.28
N THR A 22 -4.24 -11.63 4.19
CA THR A 22 -2.84 -11.43 3.87
C THR A 22 -2.48 -9.95 3.95
N ILE A 23 -2.65 -9.38 5.14
CA ILE A 23 -2.50 -7.94 5.33
C ILE A 23 -1.07 -7.51 5.01
N GLU A 24 -0.10 -8.30 5.47
CA GLU A 24 1.30 -7.96 5.26
C GLU A 24 1.64 -7.95 3.78
N GLN A 25 1.08 -8.91 3.05
CA GLN A 25 1.33 -9.04 1.62
C GLN A 25 0.71 -7.87 0.86
N GLU A 26 -0.47 -7.47 1.28
CA GLU A 26 -1.16 -6.38 0.61
C GLU A 26 -0.54 -5.03 1.01
N ASN A 27 -0.14 -4.93 2.27
CA ASN A 27 0.41 -3.68 2.79
C ASN A 27 1.78 -3.39 2.17
N SER A 28 2.66 -4.39 2.17
CA SER A 28 4.00 -4.20 1.61
C SER A 28 3.94 -3.91 0.11
N TYR A 29 2.97 -4.50 -0.57
CA TYR A 29 2.79 -4.26 -2.00
C TYR A 29 2.25 -2.84 -2.21
N ASN A 30 1.27 -2.46 -1.40
CA ASN A 30 0.67 -1.13 -1.46
C ASN A 30 1.71 -0.05 -1.16
N GLU A 31 2.56 -0.34 -0.19
CA GLU A 31 3.60 0.58 0.25
C GLU A 31 4.49 0.98 -0.93
N TRP A 32 4.76 0.03 -1.81
CA TRP A 32 5.60 0.29 -2.97
C TRP A 32 4.75 0.76 -4.16
N LEU A 33 3.58 0.14 -4.33
CA LEU A 33 2.72 0.40 -5.48
C LEU A 33 2.25 1.85 -5.52
N ARG A 34 2.21 2.51 -4.36
CA ARG A 34 1.79 3.90 -4.27
C ARG A 34 2.69 4.79 -5.14
N ALA A 35 3.90 4.33 -5.38
CA ALA A 35 4.83 5.04 -6.24
C ALA A 35 4.37 4.98 -7.69
N LYS A 36 4.01 3.79 -8.13
CA LYS A 36 3.55 3.58 -9.50
C LYS A 36 2.22 4.30 -9.72
N VAL A 37 1.37 4.25 -8.71
CA VAL A 37 0.07 4.92 -8.76
C VAL A 37 0.22 6.42 -8.95
N ALA A 38 1.14 7.02 -8.20
CA ALA A 38 1.32 8.46 -8.24
C ALA A 38 2.50 8.86 -9.12
N THR A 39 3.71 8.74 -8.59
CA THR A 39 4.92 9.09 -9.33
C THR A 39 6.10 8.25 -8.84
N SER A 40 6.69 7.46 -9.72
CA SER A 40 7.79 6.57 -9.34
C SER A 40 9.13 7.29 -9.48
N LEU A 41 9.14 8.55 -9.09
CA LEU A 41 10.34 9.36 -9.18
C LEU A 41 10.21 10.56 -8.25
N ALA A 42 11.29 10.89 -7.55
CA ALA A 42 11.30 12.04 -6.69
C ALA A 42 11.48 13.32 -7.51
N ASP A 43 10.36 13.96 -7.82
CA ASP A 43 10.37 15.16 -8.65
C ASP A 43 11.01 16.34 -7.91
N PRO A 44 11.85 17.10 -8.61
CA PRO A 44 12.56 18.23 -8.03
C PRO A 44 11.69 19.47 -7.85
N ARG A 45 11.09 19.58 -6.67
CA ARG A 45 10.30 20.76 -6.30
C ARG A 45 9.07 20.93 -7.19
N PRO A 46 7.93 20.35 -6.80
CA PRO A 46 6.64 20.63 -7.46
C PRO A 46 6.42 22.14 -7.59
N ALA A 47 5.92 22.56 -8.75
CA ALA A 47 5.76 23.97 -9.07
C ALA A 47 4.95 24.71 -8.01
N ILE A 48 5.64 25.58 -7.28
CA ILE A 48 5.03 26.36 -6.21
C ILE A 48 4.46 27.66 -6.77
N PRO A 49 3.18 27.94 -6.50
CA PRO A 49 2.55 29.21 -6.89
C PRO A 49 3.38 30.39 -6.39
N HIS A 50 3.60 31.38 -7.26
CA HIS A 50 4.54 32.46 -6.97
C HIS A 50 4.11 33.30 -5.78
N ASP A 51 2.83 33.31 -5.47
CA ASP A 51 2.33 34.02 -4.29
C ASP A 51 2.62 33.20 -3.03
N GLU A 52 2.59 31.89 -3.19
CA GLU A 52 2.82 30.97 -2.09
C GLU A 52 4.32 30.80 -1.84
N VAL A 53 5.13 31.05 -2.87
CA VAL A 53 6.58 31.02 -2.75
C VAL A 53 7.05 31.96 -1.65
N GLU A 54 6.39 33.10 -1.51
CA GLU A 54 6.72 34.07 -0.48
C GLU A 54 6.61 33.44 0.91
N ARG A 55 5.66 32.53 1.07
CA ARG A 55 5.46 31.83 2.32
C ARG A 55 6.40 30.63 2.43
N ARG A 56 6.55 29.92 1.33
CA ARG A 56 7.36 28.70 1.31
C ARG A 56 8.85 29.02 1.36
N MET A 57 9.20 30.25 0.99
CA MET A 57 10.59 30.69 1.00
C MET A 57 11.15 30.69 2.42
N ALA A 58 10.28 30.88 3.40
CA ALA A 58 10.65 30.82 4.79
C ALA A 58 11.20 29.44 5.15
N GLU A 59 10.76 28.45 4.40
CA GLU A 59 11.26 27.10 4.56
C GLU A 59 12.46 26.83 3.64
N ARG A 60 12.43 27.43 2.46
CA ARG A 60 13.41 27.15 1.43
C ARG A 60 14.72 27.92 1.62
N PHE A 61 14.68 28.97 2.42
CA PHE A 61 15.88 29.78 2.66
C PHE A 61 16.97 28.95 3.35
N ALA A 62 16.54 27.83 3.92
CA ALA A 62 17.44 26.92 4.62
C ALA A 62 18.41 26.23 3.65
N LYS A 63 18.17 26.39 2.36
CA LYS A 63 19.07 25.85 1.34
C LYS A 63 20.28 26.74 1.18
N MET A 64 20.13 28.01 1.52
CA MET A 64 21.16 29.01 1.26
C MET A 64 22.40 28.78 2.14
N ARG A 65 22.22 28.09 3.26
CA ARG A 65 23.35 27.76 4.13
C ARG A 65 24.17 26.63 3.52
N LYS A 66 23.58 25.92 2.58
CA LYS A 66 24.25 24.84 1.88
C LYS A 66 24.81 25.36 0.57
N GLU A 67 23.95 25.97 -0.23
CA GLU A 67 24.31 26.52 -1.52
C GLU A 67 23.78 27.94 -1.64
N ARG A 68 24.62 28.83 -2.15
CA ARG A 68 24.23 30.23 -2.32
C ARG A 68 23.82 30.49 -3.76
N SER A 69 23.62 29.40 -4.49
CA SER A 69 23.25 29.48 -5.90
C SER A 69 21.76 29.75 -6.06
N LYS A 70 21.31 30.91 -5.58
CA LYS A 70 19.92 31.30 -5.71
C LYS A 70 19.73 32.03 -7.05
N GLN A 71 20.83 32.26 -7.74
CA GLN A 71 20.80 32.92 -9.03
C GLN A 71 20.98 31.88 -10.14
N MET A 1 -16.65 13.76 -11.84
CA MET A 1 -16.86 12.94 -13.04
C MET A 1 -15.54 12.33 -13.52
N ASP A 2 -14.80 11.72 -12.61
CA ASP A 2 -13.52 11.11 -12.95
C ASP A 2 -13.39 9.73 -12.31
N TYR A 3 -12.50 8.91 -12.88
CA TYR A 3 -12.27 7.56 -12.39
C TYR A 3 -11.38 7.59 -11.16
N LYS A 4 -10.66 8.69 -11.01
CA LYS A 4 -9.82 8.93 -9.85
C LYS A 4 -9.74 10.42 -9.59
N ASP A 5 -9.77 10.81 -8.32
CA ASP A 5 -9.76 12.22 -7.93
C ASP A 5 -10.98 12.91 -8.54
N ASP A 6 -12.15 12.40 -8.19
CA ASP A 6 -13.42 12.84 -8.77
C ASP A 6 -13.69 14.32 -8.51
N ASP A 7 -13.49 14.74 -7.27
CA ASP A 7 -13.77 16.11 -6.88
C ASP A 7 -12.68 17.05 -7.34
N ASP A 8 -13.07 18.23 -7.82
CA ASP A 8 -12.13 19.21 -8.34
C ASP A 8 -11.54 20.05 -7.21
N LYS A 9 -12.10 19.90 -6.02
CA LYS A 9 -11.65 20.65 -4.85
C LYS A 9 -10.24 20.25 -4.44
N ASN A 10 -9.76 19.14 -4.99
CA ASN A 10 -8.36 18.72 -4.84
C ASN A 10 -7.93 18.68 -3.38
N ARG A 11 -8.29 17.59 -2.72
CA ARG A 11 -7.89 17.37 -1.33
C ARG A 11 -6.53 16.70 -1.29
N ALA A 12 -5.48 17.51 -1.26
CA ALA A 12 -4.11 17.02 -1.25
C ALA A 12 -3.69 16.59 0.15
N LEU A 13 -4.41 15.62 0.70
CA LEU A 13 -4.10 15.10 2.03
C LEU A 13 -2.80 14.30 1.99
N SER A 14 -1.93 14.57 2.93
CA SER A 14 -0.65 13.88 3.00
C SER A 14 -0.55 13.09 4.30
N PRO A 15 -1.07 11.85 4.31
CA PRO A 15 -1.01 10.99 5.48
C PRO A 15 0.37 10.37 5.68
N MET A 16 1.16 10.39 4.61
CA MET A 16 2.49 9.81 4.64
C MET A 16 3.47 10.68 5.41
N VAL A 17 2.99 11.83 5.88
CA VAL A 17 3.78 12.71 6.73
C VAL A 17 4.20 11.96 8.00
N SER A 18 3.37 11.01 8.39
CA SER A 18 3.65 10.15 9.52
C SER A 18 2.91 8.84 9.36
N GLU A 19 3.37 8.03 8.42
CA GLU A 19 2.70 6.79 8.07
C GLU A 19 2.88 5.73 9.15
N PHE A 20 1.77 5.20 9.64
CA PHE A 20 1.78 4.10 10.58
C PHE A 20 0.79 3.04 10.12
N GLU A 21 1.04 2.48 8.96
CA GLU A 21 0.16 1.50 8.36
C GLU A 21 0.84 0.14 8.34
N THR A 22 0.05 -0.91 8.45
CA THR A 22 0.57 -2.27 8.35
C THR A 22 0.86 -2.62 6.90
N ILE A 23 2.13 -2.78 6.59
CA ILE A 23 2.55 -3.12 5.23
C ILE A 23 2.91 -4.60 5.15
N GLU A 24 2.18 -5.39 5.93
CA GLU A 24 2.52 -6.80 6.13
C GLU A 24 1.86 -7.73 5.10
N GLN A 25 0.55 -7.65 4.96
CA GLN A 25 -0.15 -8.58 4.08
C GLN A 25 -0.31 -8.04 2.65
N GLU A 26 -1.20 -7.08 2.48
CA GLU A 26 -1.54 -6.58 1.14
C GLU A 26 -0.65 -5.39 0.77
N ASN A 27 -0.40 -4.55 1.75
CA ASN A 27 0.34 -3.32 1.54
C ASN A 27 1.78 -3.57 1.11
N SER A 28 2.25 -4.80 1.27
CA SER A 28 3.60 -5.16 0.88
C SER A 28 3.82 -4.89 -0.61
N TYR A 29 2.82 -5.17 -1.42
CA TYR A 29 2.93 -4.95 -2.85
C TYR A 29 2.49 -3.52 -3.17
N ASN A 30 1.59 -3.00 -2.36
CA ASN A 30 1.11 -1.63 -2.52
C ASN A 30 2.25 -0.63 -2.33
N GLU A 31 3.27 -1.05 -1.59
CA GLU A 31 4.46 -0.20 -1.37
C GLU A 31 5.01 0.34 -2.68
N TRP A 32 5.11 -0.53 -3.69
CA TRP A 32 5.64 -0.13 -4.99
C TRP A 32 4.64 0.72 -5.75
N LEU A 33 3.36 0.37 -5.65
CA LEU A 33 2.31 1.11 -6.33
C LEU A 33 2.21 2.53 -5.74
N ARG A 34 2.29 2.60 -4.42
CA ARG A 34 2.18 3.84 -3.69
C ARG A 34 3.31 4.79 -4.07
N ALA A 35 4.53 4.25 -4.12
CA ALA A 35 5.71 5.05 -4.48
C ALA A 35 5.66 5.48 -5.93
N LYS A 36 4.93 4.72 -6.75
CA LYS A 36 4.81 5.01 -8.16
C LYS A 36 3.79 6.12 -8.41
N VAL A 37 2.62 5.99 -7.78
CA VAL A 37 1.56 6.98 -7.93
C VAL A 37 1.94 8.28 -7.22
N ALA A 38 2.36 8.17 -5.97
CA ALA A 38 2.75 9.34 -5.20
C ALA A 38 4.20 9.73 -5.50
N THR A 39 4.38 10.48 -6.56
CA THR A 39 5.70 10.91 -6.98
C THR A 39 6.15 12.13 -6.16
N SER A 40 6.94 11.87 -5.13
CA SER A 40 7.41 12.92 -4.25
C SER A 40 8.66 13.58 -4.82
N LEU A 41 8.78 14.88 -4.59
CA LEU A 41 9.92 15.64 -5.06
C LEU A 41 10.60 16.36 -3.89
N ALA A 42 10.52 15.71 -2.72
CA ALA A 42 11.10 16.24 -1.48
C ALA A 42 10.40 17.52 -1.07
N ASP A 43 9.28 17.38 -0.37
CA ASP A 43 8.47 18.50 0.09
C ASP A 43 9.26 19.37 1.05
N PRO A 44 9.54 20.62 0.66
CA PRO A 44 10.40 21.53 1.43
C PRO A 44 9.69 22.28 2.54
N ARG A 45 8.37 22.17 2.59
CA ARG A 45 7.60 22.88 3.60
C ARG A 45 7.58 22.12 4.92
N PRO A 46 7.84 22.82 6.03
CA PRO A 46 7.77 22.22 7.37
C PRO A 46 6.36 21.75 7.71
N ALA A 47 6.22 20.45 7.94
CA ALA A 47 4.93 19.89 8.30
C ALA A 47 4.81 19.80 9.81
N ILE A 48 3.63 20.10 10.33
CA ILE A 48 3.37 19.99 11.76
C ILE A 48 2.79 18.62 12.08
N PRO A 49 3.49 17.84 12.92
CA PRO A 49 3.04 16.51 13.33
C PRO A 49 1.60 16.52 13.86
N HIS A 50 0.72 15.77 13.21
CA HIS A 50 -0.67 15.72 13.63
C HIS A 50 -0.80 14.91 14.92
N ASP A 51 0.24 14.13 15.25
CA ASP A 51 0.28 13.41 16.51
C ASP A 51 0.20 14.39 17.67
N GLU A 52 0.90 15.51 17.51
CA GLU A 52 0.86 16.59 18.49
C GLU A 52 -0.58 17.00 18.78
N VAL A 53 -1.35 17.14 17.71
CA VAL A 53 -2.75 17.54 17.81
C VAL A 53 -3.59 16.47 18.50
N GLU A 54 -3.41 15.23 18.07
CA GLU A 54 -4.20 14.11 18.60
C GLU A 54 -3.98 13.95 20.11
N ARG A 55 -2.74 14.10 20.55
CA ARG A 55 -2.45 13.99 21.99
C ARG A 55 -3.06 15.14 22.76
N ARG A 56 -3.35 16.24 22.07
CA ARG A 56 -4.01 17.38 22.70
C ARG A 56 -5.51 17.15 22.74
N MET A 57 -6.04 16.61 21.65
CA MET A 57 -7.46 16.30 21.56
C MET A 57 -7.83 15.15 22.47
N ALA A 58 -6.83 14.35 22.82
CA ALA A 58 -7.01 13.23 23.73
C ALA A 58 -7.62 13.70 25.05
N GLU A 59 -7.24 14.90 25.48
CA GLU A 59 -7.75 15.47 26.71
C GLU A 59 -9.21 15.88 26.56
N ARG A 60 -9.60 16.18 25.33
CA ARG A 60 -10.96 16.61 25.03
C ARG A 60 -11.84 15.39 24.84
N PHE A 61 -11.22 14.28 24.45
CA PHE A 61 -11.90 13.00 24.29
C PHE A 61 -12.40 12.50 25.64
N ALA A 62 -11.90 13.09 26.71
CA ALA A 62 -12.36 12.78 28.06
C ALA A 62 -13.83 13.13 28.21
N LYS A 63 -14.29 14.11 27.42
CA LYS A 63 -15.69 14.51 27.42
C LYS A 63 -16.57 13.42 26.82
N MET A 64 -15.97 12.60 25.96
CA MET A 64 -16.70 11.51 25.32
C MET A 64 -16.96 10.39 26.32
N ARG A 65 -16.28 10.45 27.45
CA ARG A 65 -16.53 9.50 28.52
C ARG A 65 -17.75 9.95 29.32
N LYS A 66 -18.06 11.23 29.20
CA LYS A 66 -19.29 11.78 29.76
C LYS A 66 -20.42 11.59 28.75
N GLU A 67 -20.14 11.90 27.50
CA GLU A 67 -21.08 11.67 26.41
C GLU A 67 -21.10 10.19 26.05
N ARG A 68 -21.83 9.40 26.85
CA ARG A 68 -21.89 7.96 26.65
C ARG A 68 -22.71 7.60 25.42
N SER A 69 -23.35 8.59 24.83
CA SER A 69 -24.03 8.43 23.56
C SER A 69 -23.43 9.41 22.56
N LYS A 70 -23.49 9.09 21.28
CA LYS A 70 -22.88 9.93 20.27
C LYS A 70 -23.93 10.82 19.60
N GLN A 71 -25.15 10.74 20.11
CA GLN A 71 -26.24 11.56 19.63
C GLN A 71 -27.20 11.86 20.76
N MET A 1 38.64 -33.84 12.43
CA MET A 1 37.25 -33.79 11.92
C MET A 1 36.34 -33.04 12.90
N ASP A 2 36.42 -31.72 12.85
CA ASP A 2 35.62 -30.87 13.72
C ASP A 2 35.13 -29.65 12.97
N TYR A 3 34.07 -29.82 12.19
CA TYR A 3 33.47 -28.73 11.45
C TYR A 3 32.01 -28.58 11.82
N LYS A 4 31.58 -27.35 12.02
CA LYS A 4 30.19 -27.07 12.37
C LYS A 4 29.65 -25.95 11.48
N ASP A 5 28.33 -25.80 11.46
CA ASP A 5 27.66 -24.82 10.62
C ASP A 5 27.94 -25.06 9.14
N ASP A 6 27.23 -26.01 8.56
CA ASP A 6 27.35 -26.29 7.15
C ASP A 6 26.47 -25.35 6.34
N ASP A 7 25.16 -25.52 6.45
CA ASP A 7 24.19 -24.62 5.83
C ASP A 7 22.80 -24.85 6.38
N ASP A 8 22.14 -25.90 5.91
CA ASP A 8 20.75 -26.19 6.28
C ASP A 8 20.63 -26.62 7.73
N LYS A 9 21.73 -27.08 8.30
CA LYS A 9 21.74 -27.56 9.68
C LYS A 9 21.48 -26.41 10.66
N ASN A 10 21.69 -25.18 10.21
CA ASN A 10 21.28 -24.00 10.99
C ASN A 10 20.11 -23.32 10.31
N ARG A 11 20.08 -23.39 8.99
CA ARG A 11 18.96 -22.86 8.22
C ARG A 11 17.80 -23.85 8.24
N ALA A 12 17.25 -24.06 9.43
CA ALA A 12 16.10 -24.93 9.61
C ALA A 12 14.84 -24.11 9.73
N LEU A 13 14.81 -23.00 9.00
CA LEU A 13 13.70 -22.07 9.04
C LEU A 13 12.81 -22.25 7.82
N SER A 14 11.55 -22.55 8.04
CA SER A 14 10.59 -22.69 6.97
C SER A 14 9.41 -21.75 7.22
N PRO A 15 9.44 -20.55 6.62
CA PRO A 15 8.38 -19.55 6.80
C PRO A 15 7.05 -20.00 6.19
N MET A 16 6.24 -20.67 6.99
CA MET A 16 4.93 -21.10 6.55
C MET A 16 3.90 -20.03 6.90
N VAL A 17 2.87 -19.92 6.08
CA VAL A 17 1.82 -18.93 6.30
C VAL A 17 0.48 -19.62 6.53
N SER A 18 -0.25 -19.16 7.54
CA SER A 18 -1.57 -19.69 7.83
C SER A 18 -2.53 -18.54 8.06
N GLU A 19 -3.69 -18.60 7.39
CA GLU A 19 -4.67 -17.53 7.44
C GLU A 19 -4.05 -16.23 6.98
N PHE A 20 -3.58 -16.24 5.73
CA PHE A 20 -2.93 -15.08 5.13
C PHE A 20 -3.96 -14.01 4.81
N GLU A 21 -4.36 -13.27 5.82
CA GLU A 21 -5.35 -12.23 5.64
C GLU A 21 -4.91 -10.92 6.29
N THR A 22 -4.59 -10.97 7.59
CA THR A 22 -4.16 -9.77 8.32
C THR A 22 -2.64 -9.63 8.29
N ILE A 23 -2.04 -10.01 7.18
CA ILE A 23 -0.59 -10.00 7.06
C ILE A 23 -0.15 -8.81 6.21
N GLU A 24 0.79 -8.04 6.75
CA GLU A 24 1.24 -6.79 6.13
C GLU A 24 1.94 -7.02 4.80
N GLN A 25 2.29 -8.26 4.53
CA GLN A 25 2.95 -8.62 3.28
C GLN A 25 2.02 -8.37 2.08
N GLU A 26 0.72 -8.32 2.34
CA GLU A 26 -0.25 -8.00 1.29
C GLU A 26 -0.32 -6.48 1.11
N ASN A 27 -0.02 -5.76 2.19
CA ASN A 27 0.00 -4.30 2.16
C ASN A 27 1.21 -3.80 1.40
N SER A 28 2.16 -4.69 1.17
CA SER A 28 3.33 -4.37 0.39
C SER A 28 2.94 -4.03 -1.05
N TYR A 29 1.75 -4.47 -1.46
CA TYR A 29 1.24 -4.16 -2.79
C TYR A 29 1.01 -2.67 -2.94
N ASN A 30 0.29 -2.07 -2.00
CA ASN A 30 0.03 -0.63 -2.06
C ASN A 30 1.30 0.14 -1.73
N GLU A 31 2.23 -0.53 -1.04
CA GLU A 31 3.55 0.03 -0.79
C GLU A 31 4.28 0.26 -2.12
N TRP A 32 4.12 -0.68 -3.05
CA TRP A 32 4.71 -0.53 -4.37
C TRP A 32 3.92 0.47 -5.22
N LEU A 33 2.61 0.56 -4.96
CA LEU A 33 1.75 1.46 -5.70
C LEU A 33 2.10 2.92 -5.42
N ARG A 34 2.34 3.25 -4.16
CA ARG A 34 2.70 4.61 -3.79
C ARG A 34 4.09 4.95 -4.35
N ALA A 35 4.86 3.91 -4.65
CA ALA A 35 6.18 4.06 -5.23
C ALA A 35 6.08 4.36 -6.73
N LYS A 36 4.96 3.98 -7.33
CA LYS A 36 4.75 4.21 -8.75
C LYS A 36 4.47 5.68 -9.01
N VAL A 37 3.59 6.27 -8.21
CA VAL A 37 3.29 7.69 -8.31
C VAL A 37 4.50 8.51 -7.86
N ALA A 38 5.15 8.05 -6.79
CA ALA A 38 6.41 8.61 -6.31
C ALA A 38 6.39 10.14 -6.23
N THR A 39 5.42 10.67 -5.50
CA THR A 39 5.37 12.10 -5.25
C THR A 39 6.21 12.45 -4.02
N SER A 40 5.62 12.28 -2.85
CA SER A 40 6.35 12.44 -1.59
C SER A 40 6.10 11.22 -0.71
N LEU A 41 5.55 10.18 -1.33
CA LEU A 41 5.20 8.96 -0.64
C LEU A 41 6.38 8.00 -0.62
N ALA A 42 7.21 8.14 0.41
CA ALA A 42 8.34 7.25 0.63
C ALA A 42 8.68 7.22 2.11
N ASP A 43 7.74 6.70 2.90
CA ASP A 43 7.88 6.71 4.35
C ASP A 43 8.69 5.50 4.81
N PRO A 44 9.84 5.74 5.46
CA PRO A 44 10.64 4.68 6.06
C PRO A 44 9.94 4.08 7.29
N ARG A 45 9.10 3.08 7.06
CA ARG A 45 8.32 2.47 8.14
C ARG A 45 9.20 1.81 9.22
N PRO A 46 10.35 1.16 8.89
CA PRO A 46 11.19 0.53 9.92
C PRO A 46 11.66 1.55 10.95
N ALA A 47 11.46 1.23 12.22
CA ALA A 47 11.92 2.08 13.30
C ALA A 47 13.43 1.96 13.46
N ILE A 48 14.15 2.86 12.82
CA ILE A 48 15.61 2.83 12.83
C ILE A 48 16.18 4.24 13.05
N PRO A 49 16.92 4.43 14.14
CA PRO A 49 17.58 5.71 14.45
C PRO A 49 18.58 6.08 13.35
N HIS A 50 18.46 7.31 12.84
CA HIS A 50 19.26 7.76 11.70
C HIS A 50 20.76 7.69 11.99
N ASP A 51 21.12 7.80 13.26
CA ASP A 51 22.52 7.75 13.66
C ASP A 51 23.01 6.32 13.73
N GLU A 52 22.08 5.39 13.87
CA GLU A 52 22.38 3.97 13.92
C GLU A 52 22.38 3.40 12.50
N VAL A 53 21.50 3.92 11.65
CA VAL A 53 21.45 3.53 10.25
C VAL A 53 22.80 3.79 9.58
N GLU A 54 23.39 4.92 9.92
CA GLU A 54 24.69 5.34 9.39
C GLU A 54 25.77 4.30 9.73
N ARG A 55 25.54 3.53 10.78
CA ARG A 55 26.50 2.54 11.23
C ARG A 55 26.37 1.23 10.44
N ARG A 56 25.27 0.53 10.67
CA ARG A 56 25.11 -0.82 10.12
C ARG A 56 24.43 -0.82 8.75
N MET A 57 23.45 0.03 8.55
CA MET A 57 22.63 -0.01 7.33
C MET A 57 23.20 0.85 6.20
N ALA A 58 24.12 1.75 6.54
CA ALA A 58 24.66 2.74 5.60
C ALA A 58 24.90 2.18 4.20
N GLU A 59 25.72 1.15 4.08
CA GLU A 59 26.07 0.61 2.76
C GLU A 59 24.90 -0.15 2.15
N ARG A 60 24.11 -0.78 3.00
CA ARG A 60 22.90 -1.47 2.56
C ARG A 60 21.93 -0.46 1.93
N PHE A 61 21.83 0.70 2.56
CA PHE A 61 20.97 1.77 2.08
C PHE A 61 21.55 2.36 0.79
N ALA A 62 22.87 2.44 0.73
CA ALA A 62 23.56 2.93 -0.45
C ALA A 62 23.29 2.02 -1.65
N LYS A 63 23.29 0.71 -1.41
CA LYS A 63 23.07 -0.28 -2.47
C LYS A 63 21.68 -0.14 -3.07
N MET A 64 20.70 0.20 -2.25
CA MET A 64 19.32 0.32 -2.72
C MET A 64 19.07 1.71 -3.29
N ARG A 65 19.91 2.66 -2.91
CA ARG A 65 19.81 4.04 -3.39
C ARG A 65 20.49 4.17 -4.75
N LYS A 66 21.65 3.55 -4.88
CA LYS A 66 22.38 3.55 -6.14
C LYS A 66 21.78 2.54 -7.10
N GLU A 67 20.52 2.77 -7.48
CA GLU A 67 19.83 1.87 -8.39
C GLU A 67 19.75 2.46 -9.78
N ARG A 68 20.38 3.60 -9.96
CA ARG A 68 20.42 4.27 -11.26
C ARG A 68 21.66 3.81 -12.04
N SER A 69 21.78 2.50 -12.18
CA SER A 69 22.94 1.89 -12.82
C SER A 69 23.00 2.22 -14.31
N LYS A 70 23.66 3.32 -14.65
CA LYS A 70 23.80 3.73 -16.03
C LYS A 70 25.04 3.10 -16.67
N GLN A 71 24.96 1.80 -16.90
CA GLN A 71 26.05 1.08 -17.54
C GLN A 71 25.76 0.88 -19.02
N MET A 1 16.21 1.99 18.32
CA MET A 1 16.62 1.15 19.47
C MET A 1 16.55 1.95 20.75
N ASP A 2 15.69 1.51 21.66
CA ASP A 2 15.42 2.25 22.90
C ASP A 2 15.49 1.33 24.11
N TYR A 3 15.44 1.94 25.30
CA TYR A 3 15.51 1.23 26.58
C TYR A 3 16.87 0.57 26.80
N LYS A 4 17.17 0.28 28.05
CA LYS A 4 18.45 -0.31 28.42
C LYS A 4 18.28 -1.78 28.76
N ASP A 5 17.07 -2.17 29.12
CA ASP A 5 16.74 -3.57 29.42
C ASP A 5 17.75 -4.17 30.40
N ASP A 6 17.59 -3.83 31.67
CA ASP A 6 18.49 -4.36 32.71
C ASP A 6 18.35 -5.87 32.80
N ASP A 7 17.14 -6.32 33.11
CA ASP A 7 16.84 -7.75 33.21
C ASP A 7 17.73 -8.42 34.26
N ASP A 8 17.77 -9.74 34.28
CA ASP A 8 18.59 -10.47 35.24
C ASP A 8 20.05 -10.46 34.83
N LYS A 9 20.35 -11.11 33.72
CA LYS A 9 21.72 -11.16 33.21
C LYS A 9 21.96 -10.02 32.25
N ASN A 10 21.19 -10.01 31.17
CA ASN A 10 21.29 -8.98 30.15
C ASN A 10 19.92 -8.71 29.56
N ARG A 11 19.26 -9.80 29.14
CA ARG A 11 17.89 -9.73 28.64
C ARG A 11 17.36 -11.13 28.40
N ALA A 12 16.15 -11.38 28.87
CA ALA A 12 15.47 -12.65 28.64
C ALA A 12 14.72 -12.59 27.31
N LEU A 13 14.58 -11.39 26.78
CA LEU A 13 14.01 -11.14 25.46
C LEU A 13 12.71 -11.92 25.26
N SER A 14 11.66 -11.46 25.90
CA SER A 14 10.35 -12.08 25.77
C SER A 14 9.69 -11.65 24.47
N PRO A 15 9.54 -12.59 23.52
CA PRO A 15 8.98 -12.28 22.20
C PRO A 15 7.48 -12.03 22.24
N MET A 16 7.08 -10.85 21.83
CA MET A 16 5.67 -10.51 21.74
C MET A 16 5.36 -10.05 20.31
N VAL A 17 5.27 -11.01 19.41
CA VAL A 17 5.07 -10.72 18.00
C VAL A 17 3.78 -11.37 17.50
N SER A 18 2.94 -10.57 16.87
CA SER A 18 1.66 -11.03 16.36
C SER A 18 1.81 -11.53 14.92
N GLU A 19 0.95 -12.46 14.52
CA GLU A 19 0.98 -13.02 13.18
C GLU A 19 0.37 -12.05 12.16
N PHE A 20 0.73 -10.78 12.28
CA PHE A 20 0.22 -9.75 11.41
C PHE A 20 1.17 -9.57 10.22
N GLU A 21 2.32 -10.23 10.31
CA GLU A 21 3.34 -10.16 9.28
C GLU A 21 2.79 -10.59 7.92
N THR A 22 1.95 -11.62 7.93
CA THR A 22 1.34 -12.13 6.71
C THR A 22 0.50 -11.06 6.03
N ILE A 23 -0.43 -10.49 6.77
CA ILE A 23 -1.30 -9.44 6.24
C ILE A 23 -0.47 -8.26 5.78
N GLU A 24 0.52 -7.87 6.57
CA GLU A 24 1.39 -6.76 6.22
C GLU A 24 2.17 -7.05 4.94
N GLN A 25 2.52 -8.31 4.74
CA GLN A 25 3.24 -8.73 3.54
C GLN A 25 2.34 -8.64 2.33
N GLU A 26 1.06 -8.94 2.52
CA GLU A 26 0.10 -8.90 1.43
C GLU A 26 -0.36 -7.48 1.17
N ASN A 27 -0.54 -6.72 2.26
CA ASN A 27 -0.99 -5.32 2.18
C ASN A 27 0.14 -4.44 1.66
N SER A 28 1.35 -4.99 1.66
CA SER A 28 2.54 -4.26 1.23
C SER A 28 2.42 -3.82 -0.23
N TYR A 29 1.49 -4.42 -0.98
CA TYR A 29 1.31 -4.11 -2.40
C TYR A 29 1.08 -2.61 -2.62
N ASN A 30 0.53 -1.95 -1.61
CA ASN A 30 0.25 -0.51 -1.69
C ASN A 30 1.53 0.30 -1.87
N GLU A 31 2.63 -0.23 -1.36
CA GLU A 31 3.91 0.46 -1.44
C GLU A 31 4.36 0.64 -2.88
N TRP A 32 4.07 -0.36 -3.72
CA TRP A 32 4.39 -0.29 -5.13
C TRP A 32 3.51 0.76 -5.83
N LEU A 33 2.31 0.96 -5.30
CA LEU A 33 1.41 1.99 -5.82
C LEU A 33 1.96 3.37 -5.46
N ARG A 34 2.58 3.47 -4.28
CA ARG A 34 3.17 4.72 -3.84
C ARG A 34 4.44 5.01 -4.63
N ALA A 35 5.23 3.97 -4.88
CA ALA A 35 6.46 4.08 -5.64
C ALA A 35 6.16 4.37 -7.10
N LYS A 36 4.95 4.04 -7.53
CA LYS A 36 4.51 4.30 -8.89
C LYS A 36 4.43 5.81 -9.14
N VAL A 37 3.88 6.54 -8.18
CA VAL A 37 3.76 7.98 -8.31
C VAL A 37 5.05 8.65 -7.81
N ALA A 38 5.85 7.87 -7.08
CA ALA A 38 7.19 8.29 -6.67
C ALA A 38 7.23 9.70 -6.10
N THR A 39 6.52 9.91 -5.01
CA THR A 39 6.48 11.20 -4.36
C THR A 39 7.06 11.10 -2.94
N SER A 40 8.02 10.18 -2.78
CA SER A 40 8.70 9.95 -1.51
C SER A 40 7.69 9.64 -0.40
N LEU A 41 6.76 8.74 -0.70
CA LEU A 41 5.73 8.36 0.24
C LEU A 41 6.10 7.05 0.93
N ALA A 42 6.72 7.15 2.09
CA ALA A 42 7.13 5.97 2.84
C ALA A 42 6.25 5.78 4.08
N ASP A 43 6.01 4.53 4.45
CA ASP A 43 5.24 4.21 5.63
C ASP A 43 6.15 3.83 6.79
N PRO A 44 6.28 4.71 7.81
CA PRO A 44 7.10 4.45 8.99
C PRO A 44 6.61 3.24 9.78
N ARG A 45 7.28 2.11 9.58
CA ARG A 45 6.90 0.86 10.21
C ARG A 45 8.14 0.15 10.73
N PRO A 46 7.99 -0.73 11.74
CA PRO A 46 9.09 -1.56 12.26
C PRO A 46 9.50 -2.65 11.28
N ALA A 47 9.75 -2.25 10.04
CA ALA A 47 10.15 -3.15 8.98
C ALA A 47 11.19 -2.47 8.10
N ILE A 48 12.15 -3.22 7.62
CA ILE A 48 13.23 -2.67 6.82
C ILE A 48 13.01 -2.97 5.34
N PRO A 49 12.81 -1.93 4.52
CA PRO A 49 12.74 -2.07 3.07
C PRO A 49 14.13 -2.29 2.48
N HIS A 50 14.21 -3.05 1.38
CA HIS A 50 15.50 -3.37 0.79
C HIS A 50 16.10 -2.15 0.09
N ASP A 51 15.29 -1.10 -0.05
CA ASP A 51 15.75 0.17 -0.63
C ASP A 51 16.91 0.74 0.17
N GLU A 52 16.70 0.88 1.49
CA GLU A 52 17.73 1.46 2.34
C GLU A 52 18.86 0.47 2.59
N VAL A 53 18.60 -0.80 2.35
CA VAL A 53 19.61 -1.83 2.46
C VAL A 53 20.72 -1.59 1.44
N GLU A 54 20.31 -1.23 0.23
CA GLU A 54 21.25 -0.90 -0.84
C GLU A 54 22.14 0.27 -0.42
N ARG A 55 21.57 1.18 0.35
CA ARG A 55 22.30 2.36 0.80
C ARG A 55 23.15 2.04 2.04
N ARG A 56 22.67 1.12 2.85
CA ARG A 56 23.38 0.73 4.08
C ARG A 56 24.55 -0.20 3.76
N MET A 57 24.54 -0.80 2.58
CA MET A 57 25.64 -1.67 2.15
C MET A 57 27.00 -1.02 2.38
N ALA A 58 27.05 0.29 2.22
CA ALA A 58 28.28 1.05 2.44
C ALA A 58 28.88 0.78 3.82
N GLU A 59 28.06 0.89 4.86
CA GLU A 59 28.53 0.68 6.23
C GLU A 59 28.90 -0.78 6.44
N ARG A 60 28.21 -1.66 5.73
CA ARG A 60 28.47 -3.08 5.84
C ARG A 60 29.82 -3.43 5.19
N PHE A 61 30.18 -2.69 4.15
CA PHE A 61 31.48 -2.86 3.52
C PHE A 61 32.58 -2.29 4.42
N ALA A 62 32.24 -1.26 5.16
CA ALA A 62 33.15 -0.69 6.14
C ALA A 62 33.43 -1.70 7.25
N LYS A 63 32.39 -2.42 7.65
CA LYS A 63 32.53 -3.48 8.64
C LYS A 63 33.14 -4.72 8.02
N MET A 64 33.07 -4.82 6.70
CA MET A 64 33.66 -5.93 5.97
C MET A 64 35.18 -5.81 6.00
N ARG A 65 35.67 -4.60 6.23
CA ARG A 65 37.10 -4.37 6.40
C ARG A 65 37.57 -4.96 7.72
N LYS A 66 36.60 -5.20 8.60
CA LYS A 66 36.80 -5.88 9.88
C LYS A 66 37.56 -5.03 10.91
N GLU A 67 36.93 -4.85 12.06
CA GLU A 67 37.55 -4.17 13.17
C GLU A 67 37.64 -5.15 14.35
N ARG A 68 38.80 -5.17 15.00
CA ARG A 68 39.03 -6.11 16.09
C ARG A 68 38.54 -5.54 17.41
N SER A 69 39.41 -4.80 18.07
CA SER A 69 39.05 -4.13 19.32
C SER A 69 40.03 -3.00 19.64
N LYS A 70 41.12 -2.96 18.88
CA LYS A 70 42.19 -1.99 19.07
C LYS A 70 42.81 -2.12 20.47
N GLN A 71 43.80 -3.00 20.57
CA GLN A 71 44.49 -3.21 21.84
C GLN A 71 45.24 -1.96 22.26
N MET A 1 5.54 3.25 12.54
CA MET A 1 4.56 2.99 11.45
C MET A 1 4.00 1.58 11.54
N ASP A 2 4.80 0.60 11.12
CA ASP A 2 4.35 -0.79 11.07
C ASP A 2 4.49 -1.45 12.44
N TYR A 3 3.42 -1.42 13.21
CA TYR A 3 3.42 -2.00 14.54
C TYR A 3 2.05 -2.56 14.90
N LYS A 4 1.74 -3.72 14.33
CA LYS A 4 0.54 -4.45 14.71
C LYS A 4 0.95 -5.85 15.15
N ASP A 5 2.22 -5.96 15.55
CA ASP A 5 2.85 -7.23 15.90
C ASP A 5 2.13 -7.94 17.04
N ASP A 6 1.36 -7.20 17.82
CA ASP A 6 0.58 -7.77 18.92
C ASP A 6 -0.43 -8.79 18.40
N ASP A 7 -0.82 -8.59 17.12
CA ASP A 7 -1.77 -9.44 16.38
C ASP A 7 -3.13 -9.61 17.08
N ASP A 8 -3.15 -10.21 18.26
CA ASP A 8 -4.38 -10.42 19.01
C ASP A 8 -5.00 -9.08 19.41
N LYS A 9 -4.14 -8.09 19.63
CA LYS A 9 -4.59 -6.77 20.03
C LYS A 9 -5.07 -5.97 18.83
N ASN A 10 -4.99 -6.59 17.65
CA ASN A 10 -5.45 -5.96 16.42
C ASN A 10 -6.35 -6.92 15.66
N ARG A 11 -7.05 -7.76 16.41
CA ARG A 11 -7.94 -8.75 15.81
C ARG A 11 -9.24 -8.07 15.36
N ALA A 12 -9.66 -8.37 14.13
CA ALA A 12 -10.84 -7.75 13.56
C ALA A 12 -11.75 -8.79 12.92
N LEU A 13 -12.22 -9.72 13.73
CA LEU A 13 -13.05 -10.81 13.21
C LEU A 13 -14.50 -10.38 13.05
N SER A 14 -14.69 -9.43 12.15
CA SER A 14 -16.01 -8.99 11.74
C SER A 14 -16.51 -9.92 10.63
N PRO A 15 -17.75 -9.78 10.14
CA PRO A 15 -18.24 -10.56 9.00
C PRO A 15 -17.20 -10.64 7.88
N MET A 16 -16.80 -9.47 7.38
CA MET A 16 -15.66 -9.33 6.45
C MET A 16 -15.92 -10.03 5.10
N VAL A 17 -15.76 -9.27 4.03
CA VAL A 17 -15.88 -9.82 2.68
C VAL A 17 -14.90 -10.99 2.51
N SER A 18 -15.36 -12.04 1.83
CA SER A 18 -14.57 -13.27 1.68
C SER A 18 -13.36 -13.03 0.76
N GLU A 19 -13.35 -11.89 0.11
CA GLU A 19 -12.21 -11.47 -0.70
C GLU A 19 -11.24 -10.66 0.15
N PHE A 20 -10.71 -11.30 1.19
CA PHE A 20 -9.80 -10.63 2.10
C PHE A 20 -8.38 -10.58 1.54
N GLU A 21 -8.19 -9.74 0.55
CA GLU A 21 -6.88 -9.53 -0.05
C GLU A 21 -6.07 -8.55 0.79
N THR A 22 -6.71 -8.06 1.84
CA THR A 22 -6.09 -7.11 2.75
C THR A 22 -5.19 -7.81 3.76
N ILE A 23 -4.24 -8.55 3.25
CA ILE A 23 -3.31 -9.30 4.06
C ILE A 23 -2.07 -8.46 4.37
N GLU A 24 -1.23 -8.94 5.28
CA GLU A 24 -0.01 -8.21 5.63
C GLU A 24 0.86 -7.99 4.40
N GLN A 25 0.88 -8.97 3.51
CA GLN A 25 1.65 -8.89 2.27
C GLN A 25 1.15 -7.76 1.38
N GLU A 26 -0.15 -7.46 1.48
CA GLU A 26 -0.73 -6.39 0.67
C GLU A 26 -0.06 -5.06 1.00
N ASN A 27 0.21 -4.84 2.28
CA ASN A 27 0.79 -3.60 2.74
C ASN A 27 2.22 -3.45 2.24
N SER A 28 2.85 -4.57 1.95
CA SER A 28 4.20 -4.58 1.40
C SER A 28 4.18 -4.08 -0.04
N TYR A 29 3.18 -4.52 -0.80
CA TYR A 29 3.06 -4.11 -2.20
C TYR A 29 2.42 -2.74 -2.29
N ASN A 30 1.56 -2.43 -1.32
CA ASN A 30 0.87 -1.14 -1.26
C ASN A 30 1.89 0.00 -1.27
N GLU A 31 3.02 -0.21 -0.60
CA GLU A 31 4.07 0.78 -0.53
C GLU A 31 4.62 1.08 -1.92
N TRP A 32 4.87 0.04 -2.70
CA TRP A 32 5.44 0.20 -4.04
C TRP A 32 4.37 0.65 -5.03
N LEU A 33 3.16 0.15 -4.86
CA LEU A 33 2.04 0.54 -5.71
C LEU A 33 1.66 1.99 -5.45
N ARG A 34 1.96 2.47 -4.25
CA ARG A 34 1.69 3.85 -3.89
C ARG A 34 2.63 4.79 -4.63
N ALA A 35 3.79 4.26 -5.03
CA ALA A 35 4.75 5.04 -5.78
C ALA A 35 4.45 4.99 -7.26
N LYS A 36 3.91 3.87 -7.69
CA LYS A 36 3.61 3.64 -9.10
C LYS A 36 2.19 4.08 -9.43
N VAL A 37 1.49 4.62 -8.44
CA VAL A 37 0.07 4.96 -8.56
C VAL A 37 -0.19 5.91 -9.74
N ALA A 38 0.82 6.68 -10.14
CA ALA A 38 0.70 7.56 -11.29
C ALA A 38 0.77 6.76 -12.58
N THR A 39 -0.24 5.92 -12.80
CA THR A 39 -0.30 5.07 -13.96
C THR A 39 -0.98 5.80 -15.12
N SER A 40 -0.62 5.45 -16.34
CA SER A 40 -1.16 6.11 -17.52
C SER A 40 -2.44 5.42 -17.99
N LEU A 41 -3.24 4.99 -17.03
CA LEU A 41 -4.50 4.29 -17.32
C LEU A 41 -5.69 5.18 -16.99
N ALA A 42 -5.43 6.48 -16.88
CA ALA A 42 -6.48 7.44 -16.56
C ALA A 42 -6.86 8.25 -17.79
N ASP A 43 -7.90 7.82 -18.47
CA ASP A 43 -8.39 8.52 -19.66
C ASP A 43 -9.12 9.79 -19.25
N PRO A 44 -8.95 10.89 -20.00
CA PRO A 44 -9.68 12.14 -19.76
C PRO A 44 -11.13 12.03 -20.22
N ARG A 45 -11.85 11.12 -19.58
CA ARG A 45 -13.23 10.84 -19.94
C ARG A 45 -14.19 11.57 -19.00
N PRO A 46 -15.05 12.44 -19.54
CA PRO A 46 -16.01 13.22 -18.75
C PRO A 46 -17.20 12.37 -18.30
N ALA A 47 -16.90 11.28 -17.64
CA ALA A 47 -17.91 10.38 -17.13
C ALA A 47 -17.60 10.04 -15.68
N ILE A 48 -18.48 9.27 -15.05
CA ILE A 48 -18.25 8.81 -13.68
C ILE A 48 -16.95 7.99 -13.61
N PRO A 49 -15.98 8.48 -12.84
CA PRO A 49 -14.67 7.82 -12.71
C PRO A 49 -14.70 6.66 -11.72
N HIS A 50 -13.70 5.79 -11.82
CA HIS A 50 -13.57 4.65 -10.91
C HIS A 50 -12.91 5.11 -9.62
N ASP A 51 -12.56 6.38 -9.57
CA ASP A 51 -11.97 6.99 -8.40
C ASP A 51 -13.01 7.10 -7.29
N GLU A 52 -14.27 6.95 -7.66
CA GLU A 52 -15.38 6.99 -6.71
C GLU A 52 -15.23 5.88 -5.68
N VAL A 53 -14.87 4.68 -6.15
CA VAL A 53 -14.66 3.54 -5.26
C VAL A 53 -13.44 3.79 -4.38
N GLU A 54 -12.43 4.41 -4.99
CA GLU A 54 -11.18 4.74 -4.30
C GLU A 54 -11.43 5.71 -3.15
N ARG A 55 -12.44 6.56 -3.30
CA ARG A 55 -12.74 7.58 -2.30
C ARG A 55 -12.96 6.98 -0.91
N ARG A 56 -13.69 5.87 -0.86
CA ARG A 56 -13.97 5.20 0.40
C ARG A 56 -12.68 4.67 1.03
N MET A 57 -11.77 4.22 0.18
CA MET A 57 -10.50 3.67 0.63
C MET A 57 -9.54 4.81 0.97
N ALA A 58 -9.75 5.95 0.35
CA ALA A 58 -8.98 7.14 0.65
C ALA A 58 -9.28 7.63 2.06
N GLU A 59 -10.52 7.38 2.49
CA GLU A 59 -10.92 7.72 3.85
C GLU A 59 -10.23 6.82 4.87
N ARG A 60 -9.91 5.61 4.45
CA ARG A 60 -9.15 4.69 5.30
C ARG A 60 -7.70 5.16 5.37
N PHE A 61 -7.17 5.59 4.23
CA PHE A 61 -5.81 6.12 4.17
C PHE A 61 -5.71 7.42 4.97
N ALA A 62 -6.84 8.08 5.14
CA ALA A 62 -6.91 9.31 5.91
C ALA A 62 -6.58 9.06 7.38
N LYS A 63 -6.65 7.80 7.79
CA LYS A 63 -6.29 7.41 9.14
C LYS A 63 -4.81 7.05 9.21
N MET A 64 -4.26 6.70 8.06
CA MET A 64 -2.84 6.36 7.96
C MET A 64 -1.99 7.58 7.62
N ARG A 65 -2.63 8.73 7.42
CA ARG A 65 -1.92 9.95 7.06
C ARG A 65 -1.03 10.42 8.21
N LYS A 66 -1.42 10.08 9.43
CA LYS A 66 -0.63 10.43 10.61
C LYS A 66 0.49 9.43 10.81
N GLU A 67 0.40 8.31 10.13
CA GLU A 67 1.40 7.26 10.21
C GLU A 67 2.45 7.46 9.15
N ARG A 68 2.01 7.65 7.92
CA ARG A 68 2.91 7.85 6.79
C ARG A 68 3.13 9.33 6.51
N SER A 69 2.23 9.94 5.74
CA SER A 69 2.32 11.34 5.40
C SER A 69 0.95 11.87 4.98
N LYS A 70 0.79 13.17 4.92
CA LYS A 70 -0.47 13.78 4.50
C LYS A 70 -0.21 14.83 3.42
N GLN A 71 0.37 14.39 2.33
CA GLN A 71 0.71 15.29 1.23
C GLN A 71 0.24 14.69 -0.10
N MET A 1 -25.60 11.72 -13.17
CA MET A 1 -25.09 11.39 -14.52
C MET A 1 -25.06 9.88 -14.72
N ASP A 2 -24.27 9.20 -13.90
CA ASP A 2 -24.14 7.74 -13.99
C ASP A 2 -23.77 7.18 -12.63
N TYR A 3 -24.59 6.30 -12.10
CA TYR A 3 -24.36 5.77 -10.75
C TYR A 3 -23.51 4.51 -10.80
N LYS A 4 -23.00 4.13 -9.64
CA LYS A 4 -22.15 2.92 -9.48
C LYS A 4 -20.73 3.16 -10.01
N ASP A 5 -20.62 3.75 -11.19
CA ASP A 5 -19.31 4.11 -11.74
C ASP A 5 -19.09 5.61 -11.58
N ASP A 6 -18.19 5.98 -10.69
CA ASP A 6 -17.96 7.40 -10.40
C ASP A 6 -16.85 7.96 -11.27
N ASP A 7 -15.63 7.48 -11.08
CA ASP A 7 -14.49 7.98 -11.84
C ASP A 7 -13.72 6.84 -12.49
N ASP A 8 -13.05 7.15 -13.59
CA ASP A 8 -12.33 6.15 -14.39
C ASP A 8 -10.88 6.03 -13.92
N LYS A 9 -10.49 6.87 -12.99
CA LYS A 9 -9.12 6.87 -12.50
C LYS A 9 -8.93 5.78 -11.45
N ASN A 10 -10.02 5.10 -11.14
CA ASN A 10 -9.98 3.92 -10.30
C ASN A 10 -10.49 2.72 -11.10
N ARG A 11 -9.57 2.02 -11.76
CA ARG A 11 -9.93 0.93 -12.65
C ARG A 11 -10.47 -0.27 -11.85
N ALA A 12 -11.60 -0.79 -12.30
CA ALA A 12 -12.26 -1.91 -11.63
C ALA A 12 -11.57 -3.23 -11.95
N LEU A 13 -10.62 -3.19 -12.88
CA LEU A 13 -9.90 -4.39 -13.28
C LEU A 13 -8.68 -4.60 -12.40
N SER A 14 -8.87 -4.35 -11.11
CA SER A 14 -7.83 -4.52 -10.12
C SER A 14 -8.47 -4.81 -8.76
N PRO A 15 -7.86 -5.68 -7.96
CA PRO A 15 -8.39 -6.03 -6.63
C PRO A 15 -8.19 -4.90 -5.62
N MET A 16 -8.95 -3.83 -5.78
CA MET A 16 -8.86 -2.68 -4.90
C MET A 16 -9.83 -2.83 -3.74
N VAL A 17 -9.68 -3.92 -3.02
CA VAL A 17 -10.51 -4.21 -1.87
C VAL A 17 -9.67 -4.16 -0.60
N SER A 18 -10.33 -4.33 0.54
CA SER A 18 -9.65 -4.31 1.85
C SER A 18 -9.19 -2.88 2.18
N GLU A 19 -8.72 -2.69 3.39
CA GLU A 19 -8.28 -1.38 3.85
C GLU A 19 -6.79 -1.24 3.67
N PHE A 20 -6.33 -0.02 3.49
CA PHE A 20 -4.91 0.26 3.30
C PHE A 20 -4.24 0.46 4.64
N GLU A 21 -4.49 -0.48 5.54
CA GLU A 21 -3.96 -0.43 6.89
C GLU A 21 -3.80 -1.85 7.41
N THR A 22 -2.73 -2.08 8.18
CA THR A 22 -2.36 -3.41 8.68
C THR A 22 -2.25 -4.44 7.56
N ILE A 23 -1.88 -5.67 7.92
CA ILE A 23 -1.67 -6.72 6.93
C ILE A 23 -0.50 -6.36 6.02
N GLU A 24 0.70 -6.54 6.55
CA GLU A 24 1.93 -6.11 5.88
C GLU A 24 2.11 -6.79 4.53
N GLN A 25 1.63 -8.02 4.41
CA GLN A 25 1.78 -8.78 3.18
C GLN A 25 1.07 -8.09 2.02
N GLU A 26 -0.15 -7.63 2.26
CA GLU A 26 -0.93 -6.95 1.24
C GLU A 26 -0.46 -5.51 1.06
N ASN A 27 -0.03 -4.91 2.17
CA ASN A 27 0.46 -3.53 2.14
C ASN A 27 1.78 -3.44 1.38
N SER A 28 2.48 -4.57 1.25
CA SER A 28 3.72 -4.60 0.49
C SER A 28 3.45 -4.31 -0.99
N TYR A 29 2.31 -4.76 -1.48
CA TYR A 29 1.93 -4.51 -2.87
C TYR A 29 1.42 -3.08 -3.01
N ASN A 30 0.68 -2.62 -1.99
CA ASN A 30 0.21 -1.24 -1.95
C ASN A 30 1.40 -0.30 -1.93
N GLU A 31 2.42 -0.66 -1.16
CA GLU A 31 3.64 0.12 -1.07
C GLU A 31 4.29 0.27 -2.45
N TRP A 32 4.40 -0.85 -3.16
CA TRP A 32 5.00 -0.88 -4.48
C TRP A 32 4.21 -0.02 -5.47
N LEU A 33 2.89 -0.11 -5.40
CA LEU A 33 2.02 0.63 -6.30
C LEU A 33 2.00 2.11 -5.92
N ARG A 34 2.03 2.38 -4.62
CA ARG A 34 2.03 3.74 -4.11
C ARG A 34 3.35 4.43 -4.46
N ALA A 35 4.42 3.65 -4.51
CA ALA A 35 5.75 4.17 -4.81
C ALA A 35 5.81 4.73 -6.22
N LYS A 36 4.93 4.24 -7.09
CA LYS A 36 4.87 4.72 -8.46
C LYS A 36 4.40 6.16 -8.49
N VAL A 37 3.54 6.52 -7.54
CA VAL A 37 3.04 7.89 -7.43
C VAL A 37 3.94 8.70 -6.52
N ALA A 38 4.19 8.18 -5.33
CA ALA A 38 5.04 8.85 -4.36
C ALA A 38 6.42 8.19 -4.33
N THR A 39 7.22 8.50 -5.32
CA THR A 39 8.54 7.91 -5.44
C THR A 39 9.52 8.58 -4.47
N SER A 40 9.60 8.04 -3.27
CA SER A 40 10.49 8.56 -2.24
C SER A 40 11.77 7.74 -2.16
N LEU A 41 11.71 6.53 -2.68
CA LEU A 41 12.85 5.63 -2.69
C LEU A 41 12.76 4.64 -3.84
N ALA A 42 13.47 4.92 -4.91
CA ALA A 42 13.49 4.05 -6.07
C ALA A 42 14.84 4.15 -6.78
N ASP A 43 15.20 3.09 -7.48
CA ASP A 43 16.43 3.08 -8.26
C ASP A 43 16.14 3.55 -9.68
N PRO A 44 16.96 4.48 -10.20
CA PRO A 44 16.76 5.05 -11.54
C PRO A 44 16.74 3.98 -12.63
N ARG A 45 15.59 3.84 -13.26
CA ARG A 45 15.42 2.86 -14.32
C ARG A 45 16.28 3.23 -15.52
N PRO A 46 16.79 2.22 -16.26
CA PRO A 46 17.68 2.44 -17.39
C PRO A 46 16.96 2.99 -18.61
N ALA A 47 16.45 4.21 -18.47
CA ALA A 47 15.75 4.88 -19.54
C ALA A 47 16.76 5.52 -20.50
N ILE A 48 16.42 5.53 -21.77
CA ILE A 48 17.29 6.11 -22.78
C ILE A 48 17.04 7.60 -22.87
N PRO A 49 18.07 8.43 -22.63
CA PRO A 49 17.96 9.88 -22.68
C PRO A 49 17.61 10.37 -24.09
N HIS A 50 16.54 11.15 -24.19
CA HIS A 50 16.05 11.61 -25.48
C HIS A 50 17.05 12.52 -26.18
N ASP A 51 18.02 13.03 -25.42
CA ASP A 51 19.07 13.88 -25.99
C ASP A 51 19.78 13.17 -27.13
N GLU A 52 20.09 11.90 -26.91
CA GLU A 52 20.83 11.11 -27.89
C GLU A 52 19.99 10.85 -29.12
N VAL A 53 18.69 10.69 -28.92
CA VAL A 53 17.76 10.41 -29.99
C VAL A 53 17.56 11.65 -30.85
N GLU A 54 17.27 12.77 -30.21
CA GLU A 54 17.04 14.03 -30.89
C GLU A 54 18.26 14.45 -31.69
N ARG A 55 19.42 14.43 -31.05
CA ARG A 55 20.67 14.82 -31.70
C ARG A 55 20.93 13.96 -32.94
N ARG A 56 20.61 12.67 -32.84
CA ARG A 56 20.83 11.74 -33.93
C ARG A 56 19.87 12.01 -35.10
N MET A 57 18.60 12.16 -34.78
CA MET A 57 17.57 12.29 -35.80
C MET A 57 17.49 13.70 -36.36
N ALA A 58 17.43 14.69 -35.48
CA ALA A 58 17.17 16.07 -35.88
C ALA A 58 18.27 16.64 -36.76
N GLU A 59 19.50 16.63 -36.26
CA GLU A 59 20.62 17.27 -36.95
C GLU A 59 20.85 16.66 -38.34
N ARG A 60 20.66 15.37 -38.46
CA ARG A 60 20.87 14.69 -39.73
C ARG A 60 19.68 14.91 -40.65
N PHE A 61 18.48 14.97 -40.08
CA PHE A 61 17.28 15.17 -40.89
C PHE A 61 17.18 16.62 -41.34
N ALA A 62 17.85 17.50 -40.61
CA ALA A 62 17.91 18.91 -40.98
C ALA A 62 18.52 19.08 -42.36
N LYS A 63 19.57 18.30 -42.63
CA LYS A 63 20.25 18.35 -43.91
C LYS A 63 19.42 17.64 -44.97
N MET A 64 18.47 16.83 -44.52
CA MET A 64 17.55 16.13 -45.40
C MET A 64 16.33 16.99 -45.72
N ARG A 65 16.20 18.09 -44.99
CA ARG A 65 15.14 19.06 -45.27
C ARG A 65 15.61 20.04 -46.32
N LYS A 66 16.92 20.32 -46.30
CA LYS A 66 17.57 21.21 -47.26
C LYS A 66 16.95 22.61 -47.25
N GLU A 67 16.01 22.86 -48.15
CA GLU A 67 15.36 24.17 -48.22
C GLU A 67 14.06 24.17 -47.45
N ARG A 68 13.60 22.98 -47.07
CA ARG A 68 12.33 22.84 -46.37
C ARG A 68 12.50 23.12 -44.87
N SER A 69 13.70 23.51 -44.49
CA SER A 69 13.98 23.82 -43.09
C SER A 69 13.49 25.22 -42.75
N LYS A 70 13.50 26.10 -43.73
CA LYS A 70 13.10 27.49 -43.53
C LYS A 70 11.59 27.63 -43.60
N GLN A 71 11.02 28.40 -42.69
CA GLN A 71 9.58 28.59 -42.66
C GLN A 71 9.26 30.07 -42.86
N MET A 1 -21.81 -24.59 -29.82
CA MET A 1 -21.46 -24.29 -28.42
C MET A 1 -20.85 -25.51 -27.74
N ASP A 2 -21.71 -26.48 -27.39
CA ASP A 2 -21.29 -27.73 -26.75
C ASP A 2 -20.69 -27.46 -25.37
N TYR A 3 -21.54 -27.57 -24.35
CA TYR A 3 -21.16 -27.35 -22.96
C TYR A 3 -20.78 -25.89 -22.70
N LYS A 4 -21.78 -25.07 -22.46
CA LYS A 4 -21.58 -23.66 -22.19
C LYS A 4 -21.28 -23.45 -20.69
N ASP A 5 -20.29 -24.16 -20.20
CA ASP A 5 -19.95 -24.11 -18.79
C ASP A 5 -18.44 -23.92 -18.61
N ASP A 6 -17.96 -22.72 -18.91
CA ASP A 6 -16.55 -22.39 -18.77
C ASP A 6 -16.15 -22.37 -17.30
N ASP A 7 -17.05 -21.81 -16.50
CA ASP A 7 -16.91 -21.75 -15.04
C ASP A 7 -15.69 -20.92 -14.63
N ASP A 8 -15.32 -19.96 -15.48
CA ASP A 8 -14.21 -19.06 -15.16
C ASP A 8 -14.66 -18.05 -14.13
N LYS A 9 -15.86 -17.53 -14.33
CA LYS A 9 -16.47 -16.61 -13.36
C LYS A 9 -17.24 -17.42 -12.32
N ASN A 10 -17.18 -18.75 -12.50
CA ASN A 10 -17.83 -19.71 -11.61
C ASN A 10 -19.35 -19.70 -11.80
N ARG A 11 -19.93 -20.89 -11.91
CA ARG A 11 -21.36 -21.04 -12.19
C ARG A 11 -22.21 -20.84 -10.94
N ALA A 12 -22.03 -19.71 -10.28
CA ALA A 12 -22.79 -19.34 -9.08
C ALA A 12 -22.70 -20.43 -8.01
N LEU A 13 -21.57 -21.11 -7.97
CA LEU A 13 -21.35 -22.19 -7.01
C LEU A 13 -20.61 -21.64 -5.79
N SER A 14 -20.20 -20.39 -5.87
CA SER A 14 -19.50 -19.74 -4.79
C SER A 14 -20.11 -18.36 -4.49
N PRO A 15 -20.98 -18.29 -3.47
CA PRO A 15 -21.67 -17.05 -3.10
C PRO A 15 -20.75 -16.10 -2.32
N MET A 16 -19.48 -16.45 -2.26
CA MET A 16 -18.48 -15.61 -1.62
C MET A 16 -17.12 -15.90 -2.24
N VAL A 17 -16.33 -14.86 -2.42
CA VAL A 17 -15.00 -15.02 -2.98
C VAL A 17 -14.06 -15.64 -1.96
N SER A 18 -13.56 -16.84 -2.28
CA SER A 18 -12.72 -17.59 -1.37
C SER A 18 -11.36 -16.93 -1.18
N GLU A 19 -11.03 -16.66 0.09
CA GLU A 19 -9.72 -16.13 0.45
C GLU A 19 -9.43 -14.80 -0.22
N PHE A 20 -10.18 -13.78 0.17
CA PHE A 20 -9.99 -12.44 -0.36
C PHE A 20 -9.70 -11.47 0.78
N GLU A 21 -8.51 -11.58 1.33
CA GLU A 21 -8.09 -10.72 2.43
C GLU A 21 -6.89 -9.88 2.01
N THR A 22 -6.27 -9.22 2.97
CA THR A 22 -5.08 -8.44 2.71
C THR A 22 -4.14 -8.50 3.91
N ILE A 23 -3.23 -9.48 3.87
CA ILE A 23 -2.27 -9.68 4.95
C ILE A 23 -1.16 -8.63 4.91
N GLU A 24 -0.27 -8.67 5.91
CA GLU A 24 0.83 -7.70 5.99
C GLU A 24 1.61 -7.62 4.68
N GLN A 25 1.85 -8.77 4.06
CA GLN A 25 2.61 -8.84 2.82
C GLN A 25 1.84 -8.16 1.68
N GLU A 26 0.52 -8.22 1.76
CA GLU A 26 -0.33 -7.62 0.75
C GLU A 26 -0.46 -6.12 0.99
N ASN A 27 -0.49 -5.74 2.26
CA ASN A 27 -0.45 -4.33 2.62
C ASN A 27 0.85 -3.71 2.14
N SER A 28 1.91 -4.51 2.18
CA SER A 28 3.23 -4.07 1.74
C SER A 28 3.28 -3.91 0.23
N TYR A 29 2.36 -4.55 -0.48
CA TYR A 29 2.29 -4.41 -1.94
C TYR A 29 1.85 -3.01 -2.31
N ASN A 30 1.18 -2.34 -1.38
CA ASN A 30 0.70 -0.98 -1.62
C ASN A 30 1.86 0.00 -1.73
N GLU A 31 3.03 -0.41 -1.24
CA GLU A 31 4.25 0.40 -1.39
C GLU A 31 4.61 0.56 -2.85
N TRP A 32 4.28 -0.46 -3.65
CA TRP A 32 4.54 -0.43 -5.08
C TRP A 32 3.60 0.57 -5.75
N LEU A 33 2.39 0.69 -5.22
CA LEU A 33 1.41 1.64 -5.73
C LEU A 33 1.73 3.04 -5.22
N ARG A 34 2.25 3.09 -4.01
CA ARG A 34 2.62 4.35 -3.34
C ARG A 34 3.47 5.24 -4.22
N ALA A 35 4.41 4.64 -4.94
CA ALA A 35 5.33 5.40 -5.78
C ALA A 35 4.58 6.22 -6.83
N LYS A 36 3.52 5.65 -7.40
CA LYS A 36 2.77 6.33 -8.43
C LYS A 36 1.59 7.13 -7.87
N VAL A 37 0.97 6.63 -6.79
CA VAL A 37 -0.24 7.26 -6.28
C VAL A 37 0.06 8.40 -5.31
N ALA A 38 1.25 8.38 -4.72
CA ALA A 38 1.63 9.40 -3.75
C ALA A 38 2.77 10.25 -4.29
N THR A 39 2.91 11.45 -3.74
CA THR A 39 3.95 12.37 -4.19
C THR A 39 3.97 13.61 -3.29
N SER A 40 5.11 14.29 -3.27
CA SER A 40 5.26 15.51 -2.49
C SER A 40 5.01 16.72 -3.38
N LEU A 41 4.48 16.46 -4.57
CA LEU A 41 4.17 17.50 -5.53
C LEU A 41 2.66 17.74 -5.57
N ALA A 42 2.04 17.66 -4.42
CA ALA A 42 0.60 17.85 -4.31
C ALA A 42 0.27 19.17 -3.63
N ASP A 43 -0.61 19.94 -4.24
CA ASP A 43 -1.03 21.22 -3.70
C ASP A 43 -2.08 21.03 -2.61
N PRO A 44 -1.95 21.77 -1.50
CA PRO A 44 -2.93 21.73 -0.41
C PRO A 44 -4.32 22.13 -0.86
N ARG A 45 -5.31 21.36 -0.42
CA ARG A 45 -6.69 21.62 -0.81
C ARG A 45 -7.28 22.73 0.06
N PRO A 46 -8.15 23.57 -0.51
CA PRO A 46 -8.84 24.62 0.24
C PRO A 46 -9.67 24.04 1.38
N ALA A 47 -9.71 24.77 2.49
CA ALA A 47 -10.47 24.36 3.68
C ALA A 47 -9.94 23.06 4.27
N ILE A 48 -8.67 23.08 4.66
CA ILE A 48 -8.06 21.94 5.34
C ILE A 48 -8.22 22.08 6.85
N PRO A 49 -8.58 20.98 7.53
CA PRO A 49 -8.76 20.97 8.98
C PRO A 49 -7.46 21.29 9.72
N HIS A 50 -7.60 21.93 10.88
CA HIS A 50 -6.46 22.43 11.65
C HIS A 50 -5.50 21.32 12.04
N ASP A 51 -6.03 20.11 12.21
CA ASP A 51 -5.22 18.97 12.60
C ASP A 51 -4.43 18.44 11.42
N GLU A 52 -4.99 18.59 10.22
CA GLU A 52 -4.30 18.19 9.01
C GLU A 52 -3.20 19.19 8.69
N VAL A 53 -3.45 20.45 8.99
CA VAL A 53 -2.46 21.50 8.80
C VAL A 53 -1.20 21.19 9.59
N GLU A 54 -1.38 20.68 10.81
CA GLU A 54 -0.27 20.34 11.68
C GLU A 54 0.62 19.27 11.04
N ARG A 55 0.02 18.16 10.65
CA ARG A 55 0.78 17.05 10.07
C ARG A 55 1.34 17.43 8.70
N ARG A 56 0.62 18.31 8.00
CA ARG A 56 1.02 18.72 6.66
C ARG A 56 2.13 19.77 6.75
N MET A 57 2.17 20.51 7.84
CA MET A 57 3.16 21.57 8.04
C MET A 57 4.55 20.98 8.11
N ALA A 58 4.67 19.80 8.73
CA ALA A 58 5.93 19.10 8.80
C ALA A 58 6.42 18.73 7.40
N GLU A 59 5.47 18.41 6.54
CA GLU A 59 5.77 18.05 5.17
C GLU A 59 6.04 19.30 4.33
N ARG A 60 5.54 20.43 4.81
CA ARG A 60 5.81 21.70 4.17
C ARG A 60 7.23 22.16 4.50
N PHE A 61 7.68 21.81 5.70
CA PHE A 61 9.04 22.11 6.12
C PHE A 61 10.02 21.22 5.37
N ALA A 62 9.54 20.05 4.94
CA ALA A 62 10.33 19.13 4.14
C ALA A 62 10.61 19.71 2.76
N LYS A 63 9.73 20.62 2.33
CA LYS A 63 9.90 21.31 1.05
C LYS A 63 11.17 22.15 1.08
N MET A 64 11.50 22.66 2.26
CA MET A 64 12.69 23.48 2.44
C MET A 64 13.96 22.67 2.17
N ARG A 65 13.88 21.35 2.42
CA ARG A 65 15.01 20.46 2.22
C ARG A 65 15.22 20.21 0.71
N LYS A 66 14.14 20.44 -0.06
CA LYS A 66 14.18 20.33 -1.53
C LYS A 66 14.35 18.89 -1.99
N GLU A 67 14.29 17.96 -1.05
CA GLU A 67 14.38 16.54 -1.37
C GLU A 67 12.99 15.96 -1.54
N ARG A 68 12.48 16.01 -2.76
CA ARG A 68 11.12 15.55 -3.05
C ARG A 68 11.11 14.03 -3.18
N SER A 69 11.88 13.55 -4.14
CA SER A 69 11.95 12.12 -4.43
C SER A 69 13.32 11.78 -5.02
N LYS A 70 14.31 12.58 -4.65
CA LYS A 70 15.67 12.42 -5.15
C LYS A 70 16.55 11.84 -4.04
N GLN A 71 17.30 10.80 -4.37
CA GLN A 71 18.18 10.17 -3.40
C GLN A 71 19.62 10.63 -3.63
N MET A 1 13.26 -47.03 8.74
CA MET A 1 11.85 -47.37 8.41
C MET A 1 11.33 -46.46 7.32
N ASP A 2 10.01 -46.43 7.14
CA ASP A 2 9.34 -45.58 6.15
C ASP A 2 9.70 -46.03 4.74
N TYR A 3 9.90 -47.33 4.57
CA TYR A 3 10.24 -47.88 3.26
C TYR A 3 8.98 -48.26 2.49
N LYS A 4 7.83 -47.91 3.06
CA LYS A 4 6.57 -48.12 2.39
C LYS A 4 6.16 -46.82 1.70
N ASP A 5 5.79 -45.84 2.50
CA ASP A 5 5.47 -44.52 2.01
C ASP A 5 5.70 -43.50 3.12
N ASP A 6 5.78 -42.22 2.78
CA ASP A 6 5.96 -41.19 3.79
C ASP A 6 4.72 -41.10 4.66
N ASP A 7 3.56 -41.16 4.02
CA ASP A 7 2.29 -41.13 4.73
C ASP A 7 1.37 -42.20 4.18
N ASP A 8 0.68 -42.88 5.09
CA ASP A 8 -0.21 -43.97 4.72
C ASP A 8 -1.39 -43.47 3.91
N LYS A 9 -1.81 -42.25 4.20
CA LYS A 9 -2.90 -41.62 3.46
C LYS A 9 -2.36 -40.77 2.32
N ASN A 10 -1.04 -40.70 2.22
CA ASN A 10 -0.35 -39.84 1.25
C ASN A 10 -0.51 -38.38 1.61
N ARG A 11 -1.73 -37.88 1.53
CA ARG A 11 -2.02 -36.50 1.88
C ARG A 11 -2.49 -36.42 3.34
N ALA A 12 -1.53 -36.51 4.25
CA ALA A 12 -1.81 -36.43 5.68
C ALA A 12 -1.47 -35.04 6.19
N LEU A 13 -2.45 -34.14 6.16
CA LEU A 13 -2.22 -32.77 6.59
C LEU A 13 -2.84 -32.53 7.96
N SER A 14 -1.98 -32.39 8.97
CA SER A 14 -2.43 -32.11 10.32
C SER A 14 -2.78 -30.64 10.47
N PRO A 15 -4.00 -30.33 10.95
CA PRO A 15 -4.44 -28.94 11.18
C PRO A 15 -3.48 -28.17 12.08
N MET A 16 -2.74 -27.24 11.48
CA MET A 16 -1.72 -26.49 12.21
C MET A 16 -2.37 -25.46 13.12
N VAL A 17 -1.85 -25.34 14.34
CA VAL A 17 -2.40 -24.42 15.33
C VAL A 17 -1.84 -23.01 15.15
N SER A 18 -1.93 -22.52 13.93
CA SER A 18 -1.46 -21.20 13.58
C SER A 18 -2.15 -20.75 12.30
N GLU A 19 -2.52 -19.48 12.24
CA GLU A 19 -3.22 -18.93 11.09
C GLU A 19 -2.49 -17.71 10.55
N PHE A 20 -2.68 -17.43 9.28
CA PHE A 20 -2.06 -16.26 8.66
C PHE A 20 -3.09 -15.17 8.42
N GLU A 21 -3.42 -14.45 9.48
CA GLU A 21 -4.43 -13.41 9.40
C GLU A 21 -3.81 -12.06 9.02
N THR A 22 -4.38 -11.43 7.99
CA THR A 22 -3.92 -10.13 7.50
C THR A 22 -2.41 -10.06 7.35
N ILE A 23 -1.88 -10.79 6.38
CA ILE A 23 -0.45 -10.79 6.11
C ILE A 23 0.00 -9.42 5.57
N GLU A 24 1.22 -9.05 5.90
CA GLU A 24 1.75 -7.73 5.54
C GLU A 24 2.12 -7.65 4.07
N GLN A 25 2.07 -8.77 3.37
CA GLN A 25 2.39 -8.80 1.95
C GLN A 25 1.54 -7.80 1.17
N GLU A 26 0.24 -7.76 1.43
CA GLU A 26 -0.65 -6.82 0.77
C GLU A 26 -0.37 -5.39 1.24
N ASN A 27 0.11 -5.27 2.48
CA ASN A 27 0.45 -3.96 3.04
C ASN A 27 1.65 -3.39 2.32
N SER A 28 2.56 -4.27 1.93
CA SER A 28 3.75 -3.88 1.20
C SER A 28 3.42 -3.66 -0.28
N TYR A 29 2.32 -4.26 -0.72
CA TYR A 29 1.91 -4.19 -2.12
C TYR A 29 1.32 -2.81 -2.44
N ASN A 30 0.45 -2.31 -1.58
CA ASN A 30 -0.17 -1.01 -1.82
C ASN A 30 0.87 0.11 -1.67
N GLU A 31 1.86 -0.12 -0.82
CA GLU A 31 2.96 0.82 -0.68
C GLU A 31 3.78 0.87 -1.97
N TRP A 32 3.94 -0.30 -2.59
CA TRP A 32 4.63 -0.41 -3.87
C TRP A 32 3.87 0.36 -4.95
N LEU A 33 2.55 0.25 -4.91
CA LEU A 33 1.70 0.97 -5.86
C LEU A 33 1.84 2.47 -5.65
N ARG A 34 1.95 2.87 -4.39
CA ARG A 34 2.19 4.27 -4.03
C ARG A 34 3.48 4.78 -4.66
N ALA A 35 4.52 3.96 -4.61
CA ALA A 35 5.82 4.32 -5.17
C ALA A 35 5.75 4.40 -6.69
N LYS A 36 4.90 3.57 -7.28
CA LYS A 36 4.71 3.56 -8.72
C LYS A 36 4.02 4.84 -9.19
N VAL A 37 2.97 5.23 -8.48
CA VAL A 37 2.20 6.40 -8.85
C VAL A 37 2.99 7.70 -8.65
N ALA A 38 3.27 8.03 -7.39
CA ALA A 38 3.92 9.29 -7.08
C ALA A 38 4.41 9.34 -5.64
N THR A 39 5.68 9.66 -5.47
CA THR A 39 6.25 9.87 -4.17
C THR A 39 6.08 11.34 -3.78
N SER A 40 6.03 12.19 -4.80
CA SER A 40 5.78 13.60 -4.61
C SER A 40 4.80 14.08 -5.68
N LEU A 41 3.81 14.87 -5.27
CA LEU A 41 2.75 15.30 -6.18
C LEU A 41 3.10 16.64 -6.82
N ALA A 42 4.02 16.59 -7.77
CA ALA A 42 4.46 17.79 -8.51
C ALA A 42 4.83 18.91 -7.55
N ASP A 43 5.87 18.68 -6.77
CA ASP A 43 6.28 19.62 -5.73
C ASP A 43 7.62 20.25 -6.08
N PRO A 44 7.61 21.50 -6.57
CA PRO A 44 8.81 22.25 -6.90
C PRO A 44 9.33 23.06 -5.70
N ARG A 45 8.84 22.73 -4.52
CA ARG A 45 9.21 23.45 -3.31
C ARG A 45 10.59 23.02 -2.83
N PRO A 46 11.43 23.98 -2.41
CA PRO A 46 12.74 23.68 -1.84
C PRO A 46 12.61 22.96 -0.48
N ALA A 47 12.93 21.68 -0.46
CA ALA A 47 12.78 20.87 0.74
C ALA A 47 13.85 21.23 1.77
N ILE A 48 13.42 21.46 3.01
CA ILE A 48 14.34 21.77 4.08
C ILE A 48 15.13 20.54 4.52
N PRO A 49 16.47 20.61 4.42
CA PRO A 49 17.36 19.52 4.80
C PRO A 49 17.11 19.04 6.23
N HIS A 50 17.26 17.74 6.45
CA HIS A 50 17.15 17.15 7.79
C HIS A 50 18.53 17.10 8.45
N ASP A 51 19.51 17.63 7.73
CA ASP A 51 20.92 17.59 8.13
C ASP A 51 21.16 18.06 9.56
N GLU A 52 20.54 19.17 9.95
CA GLU A 52 20.77 19.73 11.28
C GLU A 52 19.81 19.11 12.29
N VAL A 53 18.68 18.60 11.79
CA VAL A 53 17.75 17.85 12.63
C VAL A 53 18.44 16.62 13.18
N GLU A 54 19.28 16.02 12.34
CA GLU A 54 20.11 14.88 12.73
C GLU A 54 20.98 15.26 13.94
N ARG A 55 21.47 16.49 13.93
CA ARG A 55 22.32 16.99 15.01
C ARG A 55 21.47 17.28 16.24
N ARG A 56 20.27 17.82 16.01
CA ARG A 56 19.31 18.05 17.08
C ARG A 56 18.98 16.74 17.79
N MET A 57 18.82 15.68 17.00
CA MET A 57 18.54 14.36 17.54
C MET A 57 19.76 13.80 18.25
N ALA A 58 20.95 14.17 17.76
CA ALA A 58 22.20 13.74 18.37
C ALA A 58 22.34 14.36 19.76
N GLU A 59 22.00 15.64 19.86
CA GLU A 59 22.04 16.34 21.15
C GLU A 59 20.95 15.81 22.06
N ARG A 60 19.83 15.44 21.46
CA ARG A 60 18.71 14.83 22.18
C ARG A 60 19.13 13.50 22.79
N PHE A 61 19.91 12.74 22.03
CA PHE A 61 20.45 11.48 22.50
C PHE A 61 21.48 11.71 23.60
N ALA A 62 22.23 12.80 23.47
CA ALA A 62 23.24 13.17 24.46
C ALA A 62 22.59 13.44 25.81
N LYS A 63 21.39 14.00 25.80
CA LYS A 63 20.65 14.28 27.02
C LYS A 63 20.18 12.98 27.67
N MET A 64 20.07 11.93 26.86
CA MET A 64 19.64 10.62 27.36
C MET A 64 20.85 9.85 27.88
N ARG A 65 22.03 10.23 27.40
CA ARG A 65 23.29 9.62 27.84
C ARG A 65 23.68 10.14 29.21
N LYS A 66 23.02 11.22 29.64
CA LYS A 66 23.31 11.84 30.92
C LYS A 66 22.96 10.90 32.08
N GLU A 67 23.99 10.42 32.75
CA GLU A 67 23.81 9.51 33.88
C GLU A 67 23.78 10.28 35.19
N ARG A 68 22.59 10.71 35.59
CA ARG A 68 22.42 11.41 36.85
C ARG A 68 22.03 10.42 37.94
N SER A 69 22.06 9.15 37.59
CA SER A 69 21.80 8.07 38.52
C SER A 69 22.76 6.93 38.22
N LYS A 70 23.20 6.23 39.26
CA LYS A 70 24.17 5.16 39.09
C LYS A 70 23.51 3.90 38.54
N GLN A 71 23.29 3.87 37.23
CA GLN A 71 22.69 2.72 36.57
C GLN A 71 23.74 1.65 36.29
N MET A 1 7.92 -19.91 -30.87
CA MET A 1 6.99 -18.80 -30.52
C MET A 1 6.29 -19.08 -29.20
N ASP A 2 6.87 -19.96 -28.38
CA ASP A 2 6.27 -20.34 -27.10
C ASP A 2 6.83 -19.51 -25.97
N TYR A 3 7.98 -18.90 -26.21
CA TYR A 3 8.67 -18.15 -25.19
C TYR A 3 8.53 -16.65 -25.43
N LYS A 4 8.06 -15.95 -24.41
CA LYS A 4 7.89 -14.51 -24.49
C LYS A 4 8.02 -13.90 -23.11
N ASP A 5 8.19 -12.59 -23.05
CA ASP A 5 8.34 -11.90 -21.77
C ASP A 5 7.31 -10.78 -21.65
N ASP A 6 6.04 -11.15 -21.76
CA ASP A 6 4.95 -10.20 -21.64
C ASP A 6 4.48 -10.13 -20.20
N ASP A 7 3.89 -11.23 -19.74
CA ASP A 7 3.36 -11.35 -18.37
C ASP A 7 2.47 -10.17 -18.00
N ASP A 8 1.19 -10.26 -18.35
CA ASP A 8 0.23 -9.19 -18.11
C ASP A 8 0.10 -8.86 -16.62
N LYS A 9 0.24 -9.87 -15.79
CA LYS A 9 0.04 -9.69 -14.35
C LYS A 9 1.29 -9.10 -13.70
N ASN A 10 2.35 -8.98 -14.50
CA ASN A 10 3.61 -8.37 -14.08
C ASN A 10 4.24 -9.14 -12.92
N ARG A 11 3.94 -10.44 -12.86
CA ARG A 11 4.44 -11.33 -11.81
C ARG A 11 4.20 -10.75 -10.41
N ALA A 12 3.01 -10.20 -10.20
CA ALA A 12 2.66 -9.63 -8.90
C ALA A 12 1.82 -10.62 -8.08
N LEU A 13 2.47 -11.73 -7.69
CA LEU A 13 1.82 -12.78 -6.91
C LEU A 13 0.53 -13.22 -7.59
N SER A 14 0.64 -13.65 -8.84
CA SER A 14 -0.50 -14.07 -9.61
C SER A 14 -0.18 -15.36 -10.37
N PRO A 15 -0.23 -16.51 -9.70
CA PRO A 15 0.01 -17.81 -10.32
C PRO A 15 -1.16 -18.21 -11.20
N MET A 16 -2.27 -18.58 -10.57
CA MET A 16 -3.48 -18.90 -11.29
C MET A 16 -4.49 -17.79 -11.11
N VAL A 17 -4.45 -17.17 -9.94
CA VAL A 17 -5.31 -16.06 -9.59
C VAL A 17 -4.58 -15.13 -8.64
N SER A 18 -4.85 -13.84 -8.74
CA SER A 18 -4.17 -12.85 -7.92
C SER A 18 -4.87 -12.74 -6.55
N GLU A 19 -4.57 -13.69 -5.68
CA GLU A 19 -5.16 -13.73 -4.36
C GLU A 19 -4.17 -13.29 -3.28
N PHE A 20 -4.60 -12.35 -2.46
CA PHE A 20 -3.80 -11.84 -1.37
C PHE A 20 -4.51 -12.10 -0.04
N GLU A 21 -4.30 -13.28 0.52
CA GLU A 21 -4.92 -13.65 1.78
C GLU A 21 -4.28 -12.88 2.93
N THR A 22 -3.00 -12.62 2.82
CA THR A 22 -2.26 -11.91 3.84
C THR A 22 -2.25 -10.41 3.58
N ILE A 23 -3.22 -9.72 4.17
CA ILE A 23 -3.33 -8.26 4.03
C ILE A 23 -2.04 -7.57 4.48
N GLU A 24 -1.43 -8.11 5.54
CA GLU A 24 -0.19 -7.59 6.09
C GLU A 24 0.93 -7.62 5.04
N GLN A 25 0.95 -8.66 4.24
CA GLN A 25 1.97 -8.80 3.20
C GLN A 25 1.55 -8.02 1.96
N GLU A 26 0.24 -7.92 1.74
CA GLU A 26 -0.30 -7.15 0.62
C GLU A 26 0.07 -5.68 0.79
N ASN A 27 0.28 -5.27 2.04
CA ASN A 27 0.66 -3.89 2.35
C ASN A 27 2.00 -3.56 1.70
N SER A 28 2.86 -4.56 1.56
CA SER A 28 4.16 -4.36 0.93
C SER A 28 3.99 -4.15 -0.57
N TYR A 29 2.96 -4.76 -1.14
CA TYR A 29 2.64 -4.57 -2.55
C TYR A 29 2.02 -3.18 -2.75
N ASN A 30 1.21 -2.78 -1.80
CA ASN A 30 0.59 -1.45 -1.81
C ASN A 30 1.65 -0.38 -1.55
N GLU A 31 2.74 -0.78 -0.94
CA GLU A 31 3.85 0.12 -0.67
C GLU A 31 4.49 0.57 -1.98
N TRP A 32 4.60 -0.36 -2.92
CA TRP A 32 5.14 -0.03 -4.23
C TRP A 32 4.13 0.78 -5.04
N LEU A 33 2.85 0.58 -4.73
CA LEU A 33 1.78 1.32 -5.38
C LEU A 33 1.75 2.77 -4.90
N ARG A 34 2.51 3.07 -3.86
CA ARG A 34 2.65 4.44 -3.39
C ARG A 34 3.40 5.28 -4.42
N ALA A 35 4.41 4.69 -5.03
CA ALA A 35 5.19 5.38 -6.05
C ALA A 35 4.55 5.21 -7.42
N LYS A 36 3.94 4.05 -7.61
CA LYS A 36 3.29 3.72 -8.87
C LYS A 36 1.88 4.31 -8.93
N VAL A 37 1.50 5.06 -7.91
CA VAL A 37 0.16 5.62 -7.78
C VAL A 37 -0.28 6.39 -9.03
N ALA A 38 0.68 6.93 -9.77
CA ALA A 38 0.38 7.69 -10.97
C ALA A 38 -0.11 6.80 -12.09
N THR A 39 0.23 5.52 -11.99
CA THR A 39 -0.15 4.55 -12.99
C THR A 39 -0.92 3.40 -12.32
N SER A 40 -2.16 3.68 -11.94
CA SER A 40 -2.94 2.72 -11.17
C SER A 40 -3.67 1.72 -12.06
N LEU A 41 -3.03 0.58 -12.31
CA LEU A 41 -3.68 -0.53 -12.99
C LEU A 41 -4.34 -1.43 -11.96
N ALA A 42 -3.71 -1.54 -10.80
CA ALA A 42 -4.26 -2.33 -9.71
C ALA A 42 -5.02 -1.44 -8.75
N ASP A 43 -6.16 -0.94 -9.20
CA ASP A 43 -6.96 -0.01 -8.41
C ASP A 43 -7.68 -0.75 -7.29
N PRO A 44 -7.81 -0.12 -6.11
CA PRO A 44 -8.48 -0.70 -4.96
C PRO A 44 -9.99 -0.47 -4.96
N ARG A 45 -10.57 -0.41 -6.17
CA ARG A 45 -12.01 -0.22 -6.36
C ARG A 45 -12.46 1.11 -5.75
N PRO A 46 -12.16 2.23 -6.42
CA PRO A 46 -12.54 3.57 -5.93
C PRO A 46 -14.04 3.80 -6.03
N ALA A 47 -14.59 4.49 -5.04
CA ALA A 47 -16.01 4.83 -4.99
C ALA A 47 -16.88 3.60 -5.17
N ILE A 48 -16.80 2.68 -4.22
CA ILE A 48 -17.62 1.49 -4.27
C ILE A 48 -19.06 1.82 -3.89
N PRO A 49 -20.03 1.29 -4.66
CA PRO A 49 -21.45 1.51 -4.44
C PRO A 49 -21.87 1.18 -3.00
N HIS A 50 -22.83 1.93 -2.49
CA HIS A 50 -23.24 1.84 -1.09
C HIS A 50 -23.78 0.45 -0.77
N ASP A 51 -24.31 -0.22 -1.78
CA ASP A 51 -24.79 -1.59 -1.63
C ASP A 51 -23.63 -2.55 -1.43
N GLU A 52 -22.55 -2.32 -2.16
CA GLU A 52 -21.36 -3.17 -2.06
C GLU A 52 -20.65 -2.92 -0.73
N VAL A 53 -20.66 -1.66 -0.29
CA VAL A 53 -20.11 -1.29 1.00
C VAL A 53 -20.84 -2.04 2.11
N GLU A 54 -22.16 -2.04 2.02
CA GLU A 54 -23.02 -2.66 3.02
C GLU A 54 -22.79 -4.16 3.09
N ARG A 55 -22.37 -4.75 1.98
CA ARG A 55 -22.10 -6.18 1.93
C ARG A 55 -20.69 -6.48 2.42
N ARG A 56 -19.70 -5.82 1.83
CA ARG A 56 -18.30 -6.13 2.09
C ARG A 56 -17.75 -5.36 3.29
N MET A 57 -17.79 -4.03 3.21
CA MET A 57 -17.14 -3.20 4.23
C MET A 57 -17.86 -3.27 5.57
N ALA A 58 -19.10 -3.70 5.57
CA ALA A 58 -19.86 -3.84 6.81
C ALA A 58 -19.13 -4.78 7.77
N GLU A 59 -18.70 -5.92 7.25
CA GLU A 59 -18.01 -6.91 8.06
C GLU A 59 -16.64 -6.39 8.48
N ARG A 60 -16.06 -5.55 7.65
CA ARG A 60 -14.74 -4.99 7.94
C ARG A 60 -14.85 -3.85 8.94
N PHE A 61 -15.95 -3.10 8.90
CA PHE A 61 -16.17 -2.02 9.84
C PHE A 61 -16.34 -2.59 11.24
N ALA A 62 -17.03 -3.73 11.32
CA ALA A 62 -17.18 -4.44 12.58
C ALA A 62 -15.83 -4.97 13.05
N LYS A 63 -14.95 -5.22 12.09
CA LYS A 63 -13.61 -5.70 12.37
C LYS A 63 -12.72 -4.54 12.81
N MET A 64 -13.06 -3.33 12.35
CA MET A 64 -12.30 -2.13 12.70
C MET A 64 -12.38 -1.85 14.18
N ARG A 65 -13.35 -2.48 14.84
CA ARG A 65 -13.50 -2.37 16.29
C ARG A 65 -12.22 -2.85 16.97
N LYS A 66 -11.60 -3.87 16.38
CA LYS A 66 -10.37 -4.44 16.87
C LYS A 66 -9.74 -5.29 15.77
N GLU A 67 -9.10 -4.64 14.81
CA GLU A 67 -8.51 -5.35 13.68
C GLU A 67 -7.02 -5.53 13.90
N ARG A 68 -6.50 -4.82 14.90
CA ARG A 68 -5.09 -4.89 15.27
C ARG A 68 -4.21 -4.47 14.08
N SER A 69 -4.69 -3.53 13.29
CA SER A 69 -3.97 -3.07 12.12
C SER A 69 -4.28 -1.60 11.86
N LYS A 70 -3.31 -0.88 11.33
CA LYS A 70 -3.45 0.56 11.11
C LYS A 70 -3.92 0.83 9.69
N GLN A 71 -5.23 0.77 9.50
CA GLN A 71 -5.86 0.97 8.19
C GLN A 71 -5.47 -0.14 7.22
N MET A 1 -2.63 -20.68 -2.86
CA MET A 1 -3.76 -20.38 -1.95
C MET A 1 -4.76 -19.43 -2.62
N ASP A 2 -4.89 -19.53 -3.93
CA ASP A 2 -5.82 -18.68 -4.66
C ASP A 2 -7.11 -19.42 -4.94
N TYR A 3 -8.02 -18.79 -5.68
CA TYR A 3 -9.31 -19.38 -5.98
C TYR A 3 -9.14 -20.69 -6.76
N LYS A 4 -9.91 -21.70 -6.36
CA LYS A 4 -9.83 -23.02 -6.97
C LYS A 4 -8.40 -23.56 -6.86
N ASP A 5 -7.85 -23.43 -5.66
CA ASP A 5 -6.49 -23.88 -5.37
C ASP A 5 -6.30 -24.03 -3.87
N ASP A 6 -6.72 -23.00 -3.14
CA ASP A 6 -6.61 -23.01 -1.67
C ASP A 6 -7.44 -24.13 -1.08
N ASP A 7 -8.77 -23.97 -1.16
CA ASP A 7 -9.75 -24.99 -0.75
C ASP A 7 -9.69 -25.32 0.74
N ASP A 8 -8.76 -24.69 1.45
CA ASP A 8 -8.66 -24.88 2.89
C ASP A 8 -9.49 -23.83 3.61
N LYS A 9 -9.06 -22.58 3.50
CA LYS A 9 -9.79 -21.48 4.11
C LYS A 9 -10.77 -20.88 3.10
N ASN A 10 -10.45 -21.03 1.82
CA ASN A 10 -11.30 -20.54 0.76
C ASN A 10 -11.92 -21.71 0.00
N ARG A 11 -13.13 -22.09 0.37
CA ARG A 11 -13.81 -23.21 -0.27
C ARG A 11 -14.90 -22.70 -1.21
N ALA A 12 -14.46 -22.10 -2.32
CA ALA A 12 -15.37 -21.56 -3.32
C ALA A 12 -16.29 -20.48 -2.73
N LEU A 13 -17.32 -20.11 -3.50
CA LEU A 13 -18.32 -19.12 -3.08
C LEU A 13 -17.70 -17.73 -2.92
N SER A 14 -16.43 -17.59 -3.28
CA SER A 14 -15.72 -16.33 -3.11
C SER A 14 -14.36 -16.38 -3.78
N PRO A 15 -14.25 -15.80 -4.98
CA PRO A 15 -12.96 -15.64 -5.65
C PRO A 15 -12.08 -14.63 -4.89
N MET A 16 -12.66 -13.47 -4.62
CA MET A 16 -11.98 -12.45 -3.84
C MET A 16 -13.01 -11.56 -3.15
N VAL A 17 -13.96 -12.19 -2.47
CA VAL A 17 -15.00 -11.47 -1.77
C VAL A 17 -14.73 -11.48 -0.27
N SER A 18 -14.09 -10.41 0.21
CA SER A 18 -13.76 -10.28 1.62
C SER A 18 -12.79 -11.36 2.09
N GLU A 19 -11.96 -11.83 1.16
CA GLU A 19 -10.95 -12.82 1.48
C GLU A 19 -9.65 -12.12 1.85
N PHE A 20 -9.45 -11.89 3.14
CA PHE A 20 -8.30 -11.15 3.59
C PHE A 20 -7.19 -12.07 4.09
N GLU A 21 -6.23 -12.32 3.23
CA GLU A 21 -5.07 -13.13 3.58
C GLU A 21 -3.80 -12.39 3.17
N THR A 22 -2.63 -12.94 3.52
CA THR A 22 -1.35 -12.29 3.26
C THR A 22 -1.38 -10.82 3.63
N ILE A 23 -1.64 -10.54 4.90
CA ILE A 23 -1.85 -9.18 5.37
C ILE A 23 -0.59 -8.33 5.25
N GLU A 24 0.55 -8.94 5.52
CA GLU A 24 1.83 -8.23 5.43
C GLU A 24 2.13 -7.88 3.97
N GLN A 25 1.88 -8.84 3.09
CA GLN A 25 2.11 -8.66 1.66
C GLN A 25 1.18 -7.61 1.08
N GLU A 26 -0.06 -7.61 1.57
CA GLU A 26 -1.06 -6.68 1.08
C GLU A 26 -0.62 -5.24 1.30
N ASN A 27 -0.11 -4.96 2.49
CA ASN A 27 0.32 -3.62 2.84
C ASN A 27 1.61 -3.23 2.11
N SER A 28 2.55 -4.17 2.04
CA SER A 28 3.83 -3.90 1.40
C SER A 28 3.65 -3.66 -0.09
N TYR A 29 2.69 -4.35 -0.69
CA TYR A 29 2.42 -4.19 -2.11
C TYR A 29 1.74 -2.85 -2.38
N ASN A 30 0.84 -2.45 -1.48
CA ASN A 30 0.16 -1.17 -1.61
C ASN A 30 1.15 -0.01 -1.50
N GLU A 31 2.18 -0.20 -0.69
CA GLU A 31 3.24 0.80 -0.56
C GLU A 31 3.96 0.98 -1.90
N TRP A 32 4.17 -0.12 -2.60
CA TRP A 32 4.81 -0.07 -3.91
C TRP A 32 3.87 0.56 -4.93
N LEU A 33 2.58 0.25 -4.82
CA LEU A 33 1.57 0.82 -5.71
C LEU A 33 1.61 2.34 -5.66
N ARG A 34 1.75 2.87 -4.44
CA ARG A 34 1.83 4.31 -4.23
C ARG A 34 3.15 4.87 -4.76
N ALA A 35 4.18 4.04 -4.77
CA ALA A 35 5.50 4.47 -5.23
C ALA A 35 5.59 4.41 -6.76
N LYS A 36 4.89 3.45 -7.35
CA LYS A 36 4.89 3.27 -8.80
C LYS A 36 4.08 4.37 -9.49
N VAL A 37 2.95 4.72 -8.88
CA VAL A 37 2.07 5.75 -9.45
C VAL A 37 2.70 7.14 -9.31
N ALA A 38 3.81 7.19 -8.59
CA ALA A 38 4.57 8.43 -8.41
C ALA A 38 6.05 8.15 -8.55
N THR A 39 6.40 7.36 -9.55
CA THR A 39 7.78 6.94 -9.76
C THR A 39 8.57 8.00 -10.54
N SER A 40 7.85 8.95 -11.11
CA SER A 40 8.47 9.98 -11.93
C SER A 40 7.83 11.33 -11.65
N LEU A 41 8.58 12.41 -11.87
CA LEU A 41 8.06 13.75 -11.69
C LEU A 41 8.10 14.49 -13.01
N ALA A 42 7.54 13.86 -14.04
CA ALA A 42 7.46 14.46 -15.36
C ALA A 42 6.29 15.43 -15.42
N ASP A 43 6.32 16.42 -14.55
CA ASP A 43 5.24 17.37 -14.41
C ASP A 43 5.60 18.69 -15.07
N PRO A 44 4.80 19.11 -16.07
CA PRO A 44 5.02 20.36 -16.80
C PRO A 44 4.23 21.53 -16.22
N ARG A 45 3.82 21.43 -14.97
CA ARG A 45 3.00 22.46 -14.35
C ARG A 45 3.88 23.51 -13.67
N PRO A 46 3.54 24.79 -13.82
CA PRO A 46 4.22 25.89 -13.12
C PRO A 46 3.93 25.85 -11.62
N ALA A 47 4.86 25.26 -10.87
CA ALA A 47 4.74 25.13 -9.41
C ALA A 47 3.59 24.22 -9.01
N ILE A 48 3.92 23.01 -8.59
CA ILE A 48 2.93 22.08 -8.06
C ILE A 48 2.34 22.65 -6.78
N PRO A 49 1.00 22.74 -6.70
CA PRO A 49 0.31 23.26 -5.51
C PRO A 49 0.80 22.59 -4.23
N HIS A 50 1.39 23.39 -3.35
CA HIS A 50 1.96 22.84 -2.12
C HIS A 50 0.95 22.86 -1.00
N ASP A 51 -0.09 23.69 -1.15
CA ASP A 51 -1.09 23.84 -0.09
C ASP A 51 -1.79 22.52 0.21
N GLU A 52 -2.03 21.73 -0.83
CA GLU A 52 -2.68 20.43 -0.65
C GLU A 52 -1.70 19.42 -0.06
N VAL A 53 -0.42 19.76 -0.06
CA VAL A 53 0.61 18.92 0.54
C VAL A 53 0.83 19.31 2.01
N GLU A 54 0.98 20.61 2.23
CA GLU A 54 1.23 21.16 3.57
C GLU A 54 0.16 20.69 4.56
N ARG A 55 -1.08 20.61 4.09
CA ARG A 55 -2.20 20.19 4.93
C ARG A 55 -1.97 18.79 5.50
N ARG A 56 -1.29 17.94 4.73
CA ARG A 56 -1.03 16.58 5.16
C ARG A 56 0.17 16.54 6.09
N MET A 57 1.22 17.28 5.70
CA MET A 57 2.45 17.33 6.48
C MET A 57 2.19 17.88 7.88
N ALA A 58 1.18 18.72 8.00
CA ALA A 58 0.79 19.29 9.28
C ALA A 58 0.52 18.19 10.31
N GLU A 59 -0.22 17.18 9.89
CA GLU A 59 -0.56 16.07 10.77
C GLU A 59 0.62 15.11 10.90
N ARG A 60 1.50 15.14 9.91
CA ARG A 60 2.64 14.23 9.89
C ARG A 60 3.75 14.74 10.81
N PHE A 61 3.71 16.03 11.14
CA PHE A 61 4.72 16.64 12.01
C PHE A 61 4.77 15.94 13.36
N ALA A 62 3.64 15.41 13.81
CA ALA A 62 3.58 14.68 15.07
C ALA A 62 4.48 13.46 15.00
N LYS A 63 4.46 12.77 13.88
CA LYS A 63 5.25 11.57 13.67
C LYS A 63 6.71 11.93 13.39
N MET A 64 6.93 13.17 12.98
CA MET A 64 8.28 13.66 12.67
C MET A 64 9.09 13.80 13.95
N ARG A 65 8.41 13.87 15.09
CA ARG A 65 9.08 13.88 16.39
C ARG A 65 9.79 12.56 16.60
N LYS A 66 9.24 11.51 16.00
CA LYS A 66 9.86 10.20 16.04
C LYS A 66 10.95 10.15 14.97
N GLU A 67 11.92 9.29 15.17
CA GLU A 67 13.05 9.19 14.25
C GLU A 67 12.74 8.20 13.14
N ARG A 68 11.58 8.38 12.51
CA ARG A 68 11.14 7.53 11.42
C ARG A 68 10.07 8.27 10.63
N SER A 69 10.08 8.13 9.32
CA SER A 69 9.13 8.82 8.48
C SER A 69 8.72 7.92 7.31
N LYS A 70 7.80 8.41 6.49
CA LYS A 70 7.28 7.66 5.35
C LYS A 70 6.69 8.63 4.33
N GLN A 71 7.23 8.59 3.11
CA GLN A 71 6.74 9.44 2.03
C GLN A 71 7.26 8.94 0.68
#